data_7F79
#
_entry.id   7F79
#
_cell.length_a   96.279
_cell.length_b   155.224
_cell.length_c   98.807
_cell.angle_alpha   90.000
_cell.angle_beta   95.500
_cell.angle_gamma   90.000
#
_symmetry.space_group_name_H-M   'P 1 21 1'
#
loop_
_entity.id
_entity.type
_entity.pdbx_description
1 polymer 'Glutamate dehydrogenase'
2 non-polymer 'NADPH DIHYDRO-NICOTINAMIDE-ADENINE-DINUCLEOTIDE PHOSPHATE'
3 non-polymer '2-OXOGLUTARIC ACID'
4 non-polymer GLYCEROL
5 water water
#
_entity_poly.entity_id   1
_entity_poly.type   'polypeptide(L)'
_entity_poly.pdbx_seq_one_letter_code
;MGSSHHHHHHSSGLVPRGSHMVLPHEPEFQQAYDELVSAVEDSTLFKEEPQYKKVIPVVSIPERIIQFRVTWENDKGEIE
VNNGFRVQYNSALGPYKGGLRFHPTVNLSILKFLGFEQIFKNALTGLSMGGGKGGSDFNPKNRSDNEIRRFCVSFMRQLA
RYIGPDTDVPAGDIGVGGREVGFLFGAYKQMRNNWAGVLTGKGLTWGGSLIRPEATGYGCVYYVEKMIEKATNGKETFKG
KRVAISGSGNVAQYAALKVIELGGTVVSLSDSKGSIISKNGITADQVYAIAAAKLKFKSLEEIVADSVQLFSGDHSVEYL
AGVRPWTKVGQVDVALPSATQNEVSGEEAKALVDAGCKFIAEGSNMGSTKEAIEVFEANRDSNGVWYAPGKAANCGGVAV
SGLEMAQNSQRVQWTNEEVDAKLKEIMYTCFENCYKTAQKYSIEKNENGLPSLLKGANIAGFIKVADAMFDQGDVFLEHH
HHHH
;
_entity_poly.pdbx_strand_id   A,B,C,D,E,F
#
loop_
_chem_comp.id
_chem_comp.type
_chem_comp.name
_chem_comp.formula
AKG non-polymer '2-OXOGLUTARIC ACID' 'C5 H6 O5'
GOL non-polymer GLYCEROL 'C3 H8 O3'
NDP non-polymer 'NADPH DIHYDRO-NICOTINAMIDE-ADENINE-DINUCLEOTIDE PHOSPHATE' 'C21 H30 N7 O17 P3'
#
# COMPACT_ATOMS: atom_id res chain seq x y z
N MET A 21 -29.84 23.14 -15.44
CA MET A 21 -30.40 21.90 -15.99
C MET A 21 -29.42 20.73 -15.84
N VAL A 22 -28.15 20.98 -16.15
CA VAL A 22 -27.10 19.95 -16.03
C VAL A 22 -26.40 20.08 -14.70
N LEU A 23 -25.80 21.24 -14.44
CA LEU A 23 -25.13 21.46 -13.14
C LEU A 23 -26.18 21.68 -12.06
N PRO A 24 -26.05 21.03 -10.90
CA PRO A 24 -27.06 21.21 -9.84
C PRO A 24 -26.96 22.58 -9.20
N HIS A 25 -28.10 23.00 -8.64
CA HIS A 25 -28.18 24.30 -7.98
C HIS A 25 -27.43 24.25 -6.65
N GLU A 26 -26.38 25.07 -6.53
CA GLU A 26 -25.54 25.11 -5.32
C GLU A 26 -25.37 26.58 -4.97
N PRO A 27 -26.39 27.19 -4.37
CA PRO A 27 -26.38 28.65 -4.21
C PRO A 27 -25.29 29.18 -3.30
N GLU A 28 -24.98 28.52 -2.19
CA GLU A 28 -23.95 29.05 -1.30
C GLU A 28 -22.58 29.04 -1.97
N PHE A 29 -22.26 27.94 -2.65
CA PHE A 29 -21.03 27.89 -3.43
C PHE A 29 -21.00 29.01 -4.46
N GLN A 30 -22.12 29.20 -5.16
CA GLN A 30 -22.15 30.24 -6.18
C GLN A 30 -21.97 31.62 -5.55
N GLN A 31 -22.46 31.82 -4.33
CA GLN A 31 -22.28 33.10 -3.64
C GLN A 31 -20.81 33.36 -3.39
N ALA A 32 -20.10 32.39 -2.81
CA ALA A 32 -18.68 32.55 -2.55
C ALA A 32 -17.90 32.78 -3.84
N TYR A 33 -18.20 31.95 -4.85
CA TYR A 33 -17.58 32.08 -6.17
C TYR A 33 -17.77 33.48 -6.72
N ASP A 34 -19.01 33.98 -6.68
CA ASP A 34 -19.31 35.30 -7.22
C ASP A 34 -18.57 36.38 -6.46
N GLU A 35 -18.48 36.25 -5.14
CA GLU A 35 -17.75 37.27 -4.37
C GLU A 35 -16.31 37.36 -4.85
N LEU A 36 -15.63 36.21 -4.93
CA LEU A 36 -14.22 36.23 -5.35
C LEU A 36 -14.08 36.71 -6.79
N VAL A 37 -14.92 36.19 -7.69
CA VAL A 37 -14.80 36.52 -9.10
C VAL A 37 -15.01 38.01 -9.33
N SER A 38 -16.08 38.57 -8.76
CA SER A 38 -16.32 39.99 -8.96
C SER A 38 -15.24 40.84 -8.32
N ALA A 39 -14.63 40.35 -7.23
CA ALA A 39 -13.49 41.08 -6.69
C ALA A 39 -12.30 41.05 -7.64
N VAL A 40 -12.12 39.94 -8.38
CA VAL A 40 -10.95 39.84 -9.24
C VAL A 40 -11.16 40.60 -10.55
N GLU A 41 -12.36 40.56 -11.12
CA GLU A 41 -12.58 41.23 -12.39
C GLU A 41 -12.59 42.75 -12.22
N ASP A 42 -13.19 43.23 -11.14
CA ASP A 42 -13.23 44.66 -10.84
CA ASP A 42 -13.23 44.66 -10.81
C ASP A 42 -11.87 45.08 -10.28
N SER A 43 -10.87 45.01 -11.14
CA SER A 43 -9.49 45.32 -10.77
C SER A 43 -8.64 45.32 -12.04
N THR A 44 -7.42 45.84 -11.90
CA THR A 44 -6.44 45.90 -12.98
C THR A 44 -5.75 44.56 -13.24
N LEU A 45 -6.19 43.47 -12.60
CA LEU A 45 -5.41 42.24 -12.62
C LEU A 45 -5.42 41.58 -14.00
N PHE A 46 -6.60 41.38 -14.58
CA PHE A 46 -6.66 40.73 -15.88
C PHE A 46 -6.05 41.61 -16.98
N LYS A 47 -6.05 42.93 -16.80
CA LYS A 47 -5.40 43.79 -17.79
C LYS A 47 -3.89 43.63 -17.73
N GLU A 48 -3.34 43.60 -16.51
CA GLU A 48 -1.89 43.53 -16.35
C GLU A 48 -1.37 42.14 -16.72
N GLU A 49 -2.10 41.08 -16.36
CA GLU A 49 -1.75 39.72 -16.74
C GLU A 49 -3.03 38.99 -17.14
N PRO A 50 -3.33 38.90 -18.43
CA PRO A 50 -4.56 38.23 -18.85
C PRO A 50 -4.50 36.71 -18.70
N GLN A 51 -3.31 36.15 -18.46
CA GLN A 51 -3.20 34.70 -18.32
C GLN A 51 -4.06 34.20 -17.16
N TYR A 52 -4.21 35.00 -16.11
CA TYR A 52 -5.04 34.62 -14.98
C TYR A 52 -6.46 34.29 -15.39
N LYS A 53 -6.91 34.78 -16.55
CA LYS A 53 -8.26 34.48 -17.01
C LYS A 53 -8.46 32.97 -17.18
N LYS A 54 -7.39 32.24 -17.49
CA LYS A 54 -7.50 30.79 -17.65
C LYS A 54 -7.81 30.08 -16.32
N VAL A 55 -7.53 30.73 -15.19
CA VAL A 55 -7.50 30.04 -13.91
C VAL A 55 -8.89 29.87 -13.29
N ILE A 56 -9.79 30.83 -13.52
CA ILE A 56 -11.08 30.84 -12.82
C ILE A 56 -11.87 29.56 -13.03
N PRO A 57 -12.04 29.04 -14.25
CA PRO A 57 -12.86 27.82 -14.43
C PRO A 57 -12.15 26.54 -14.03
N VAL A 58 -10.87 26.57 -13.68
CA VAL A 58 -10.16 25.37 -13.26
C VAL A 58 -10.19 25.27 -11.75
N VAL A 59 -9.69 26.31 -11.06
CA VAL A 59 -9.58 26.26 -9.61
C VAL A 59 -10.94 26.10 -8.97
N SER A 60 -12.00 26.54 -9.65
CA SER A 60 -13.34 26.50 -9.07
C SER A 60 -13.97 25.11 -9.08
N ILE A 61 -13.43 24.18 -9.85
CA ILE A 61 -13.92 22.79 -9.86
C ILE A 61 -13.02 21.99 -8.94
N PRO A 62 -13.55 21.38 -7.87
CA PRO A 62 -12.70 20.76 -6.86
C PRO A 62 -11.86 19.63 -7.41
N GLU A 63 -10.62 19.54 -6.94
CA GLU A 63 -9.77 18.45 -7.37
C GLU A 63 -10.44 17.11 -7.12
N ARG A 64 -11.21 17.02 -6.02
CA ARG A 64 -11.80 15.75 -5.65
C ARG A 64 -12.91 15.98 -4.63
N ILE A 65 -13.99 15.20 -4.74
CA ILE A 65 -15.02 15.16 -3.71
C ILE A 65 -15.28 13.71 -3.37
N ILE A 66 -15.52 13.43 -2.08
CA ILE A 66 -15.80 12.08 -1.62
C ILE A 66 -17.07 12.14 -0.77
N GLN A 67 -18.13 11.50 -1.25
CA GLN A 67 -19.37 11.34 -0.51
C GLN A 67 -19.46 9.89 -0.07
N PHE A 68 -19.95 9.67 1.15
CA PHE A 68 -20.02 8.33 1.68
C PHE A 68 -21.18 8.19 2.66
N ARG A 69 -21.78 7.02 2.66
CA ARG A 69 -22.77 6.66 3.65
C ARG A 69 -22.11 6.54 5.01
N VAL A 70 -22.69 7.15 6.03
CA VAL A 70 -22.19 6.97 7.39
C VAL A 70 -23.31 6.29 8.15
N THR A 71 -23.13 4.99 8.38
CA THR A 71 -24.07 4.14 9.12
C THR A 71 -23.59 4.03 10.57
N TRP A 72 -24.49 4.32 11.51
CA TRP A 72 -24.13 4.20 12.92
C TRP A 72 -25.35 3.72 13.71
N GLU A 73 -25.16 3.55 15.01
CA GLU A 73 -26.16 2.95 15.88
C GLU A 73 -26.44 3.90 17.03
N ASN A 74 -27.71 4.25 17.22
CA ASN A 74 -28.07 5.14 18.32
C ASN A 74 -28.22 4.33 19.60
N ASP A 75 -28.48 5.02 20.71
CA ASP A 75 -28.50 4.38 22.02
C ASP A 75 -29.61 3.34 22.18
N LYS A 76 -30.67 3.42 21.37
CA LYS A 76 -31.70 2.39 21.41
C LYS A 76 -31.35 1.16 20.57
N GLY A 77 -30.18 1.13 19.95
CA GLY A 77 -29.80 0.05 19.06
C GLY A 77 -30.45 0.07 17.70
N GLU A 78 -30.92 1.22 17.25
CA GLU A 78 -31.49 1.37 15.92
C GLU A 78 -30.44 1.92 14.96
N ILE A 79 -30.61 1.63 13.68
CA ILE A 79 -29.67 2.05 12.65
C ILE A 79 -30.01 3.45 12.19
N GLU A 80 -29.01 4.34 12.18
CA GLU A 80 -29.12 5.70 11.68
C GLU A 80 -28.15 5.86 10.50
N VAL A 81 -28.56 6.67 9.52
CA VAL A 81 -27.78 6.90 8.31
C VAL A 81 -27.67 8.39 8.07
N ASN A 82 -26.46 8.83 7.73
CA ASN A 82 -26.23 10.22 7.37
C ASN A 82 -25.29 10.27 6.18
N ASN A 83 -25.21 11.44 5.57
CA ASN A 83 -24.33 11.68 4.44
C ASN A 83 -23.04 12.31 4.94
N GLY A 84 -21.91 11.78 4.50
CA GLY A 84 -20.60 12.34 4.84
C GLY A 84 -19.91 12.81 3.59
N PHE A 85 -19.24 13.95 3.68
CA PHE A 85 -18.54 14.55 2.56
C PHE A 85 -17.14 14.95 3.00
N ARG A 86 -16.21 14.84 2.07
CA ARG A 86 -14.91 15.50 2.16
C ARG A 86 -14.61 16.09 0.79
N VAL A 87 -14.51 17.42 0.72
CA VAL A 87 -14.21 18.17 -0.48
C VAL A 87 -12.73 18.54 -0.41
N GLN A 88 -11.92 17.92 -1.26
CA GLN A 88 -10.50 18.23 -1.37
C GLN A 88 -10.36 19.13 -2.58
N TYR A 89 -10.33 20.45 -2.33
CA TYR A 89 -10.55 21.42 -3.41
C TYR A 89 -9.27 21.74 -4.16
N ASN A 90 -8.24 22.17 -3.44
CA ASN A 90 -7.02 22.63 -4.09
C ASN A 90 -5.82 22.25 -3.25
N SER A 91 -4.79 21.69 -3.90
CA SER A 91 -3.60 21.21 -3.21
C SER A 91 -2.33 21.88 -3.74
N ALA A 92 -2.45 23.03 -4.40
CA ALA A 92 -1.25 23.65 -4.96
C ALA A 92 -0.29 24.10 -3.86
N LEU A 93 -0.82 24.73 -2.81
CA LEU A 93 0.01 25.30 -1.76
C LEU A 93 0.36 24.32 -0.65
N GLY A 94 -0.20 23.11 -0.66
CA GLY A 94 0.04 22.15 0.39
C GLY A 94 -1.02 21.07 0.41
N PRO A 95 -1.01 20.22 1.43
CA PRO A 95 -2.10 19.25 1.58
C PRO A 95 -3.41 19.96 1.86
N TYR A 96 -4.51 19.29 1.49
CA TYR A 96 -5.83 19.81 1.78
C TYR A 96 -5.97 20.11 3.27
N LYS A 97 -6.48 21.29 3.59
CA LYS A 97 -6.67 21.69 4.98
C LYS A 97 -8.06 22.30 5.14
N GLY A 98 -8.80 21.85 6.14
CA GLY A 98 -10.14 22.36 6.35
C GLY A 98 -10.85 21.67 7.49
N GLY A 99 -11.90 22.32 7.97
CA GLY A 99 -12.66 21.79 9.09
C GLY A 99 -13.75 20.81 8.68
N LEU A 100 -14.40 20.24 9.68
CA LEU A 100 -15.53 19.34 9.49
C LEU A 100 -16.75 19.92 10.20
N ARG A 101 -17.90 19.91 9.52
CA ARG A 101 -19.12 20.51 10.04
C ARG A 101 -20.21 19.44 10.20
N PHE A 102 -20.73 19.31 11.42
CA PHE A 102 -21.85 18.41 11.72
C PHE A 102 -23.08 19.27 11.99
N HIS A 103 -23.98 19.35 11.00
CA HIS A 103 -25.12 20.25 11.11
C HIS A 103 -26.16 19.82 10.09
N PRO A 104 -27.46 19.83 10.43
CA PRO A 104 -28.45 19.22 9.53
C PRO A 104 -28.55 19.91 8.18
N THR A 105 -28.01 21.12 8.03
CA THR A 105 -28.04 21.79 6.73
C THR A 105 -26.93 21.35 5.80
N VAL A 106 -25.98 20.54 6.28
CA VAL A 106 -24.76 20.27 5.53
C VAL A 106 -25.09 19.55 4.23
N ASN A 107 -24.57 20.06 3.13
CA ASN A 107 -24.68 19.39 1.84
C ASN A 107 -23.44 19.73 1.01
N LEU A 108 -23.38 19.18 -0.20
CA LEU A 108 -22.24 19.43 -1.07
C LEU A 108 -22.08 20.90 -1.39
N SER A 109 -23.20 21.64 -1.49
CA SER A 109 -23.13 23.06 -1.84
C SER A 109 -22.44 23.86 -0.73
N ILE A 110 -22.89 23.68 0.51
CA ILE A 110 -22.28 24.39 1.64
C ILE A 110 -20.81 24.03 1.76
N LEU A 111 -20.50 22.73 1.66
CA LEU A 111 -19.12 22.32 1.81
C LEU A 111 -18.25 22.81 0.66
N LYS A 112 -18.83 22.96 -0.53
CA LYS A 112 -18.06 23.53 -1.62
C LYS A 112 -17.77 25.00 -1.37
N PHE A 113 -18.75 25.75 -0.87
CA PHE A 113 -18.48 27.16 -0.57
C PHE A 113 -17.40 27.27 0.50
N LEU A 114 -17.46 26.42 1.52
CA LEU A 114 -16.45 26.47 2.58
C LEU A 114 -15.06 26.10 2.07
N GLY A 115 -14.96 25.05 1.25
CA GLY A 115 -13.64 24.66 0.74
C GLY A 115 -13.06 25.66 -0.24
N PHE A 116 -13.91 26.23 -1.09
CA PHE A 116 -13.46 27.30 -1.98
C PHE A 116 -12.92 28.47 -1.18
N GLU A 117 -13.67 28.92 -0.16
CA GLU A 117 -13.14 29.90 0.78
C GLU A 117 -11.78 29.49 1.31
N GLN A 118 -11.68 28.24 1.78
CA GLN A 118 -10.51 27.78 2.49
C GLN A 118 -9.25 27.87 1.65
N ILE A 119 -9.37 27.61 0.34
CA ILE A 119 -8.21 27.70 -0.55
C ILE A 119 -7.49 29.03 -0.35
N PHE A 120 -8.22 30.14 -0.51
CA PHE A 120 -7.58 31.44 -0.49
C PHE A 120 -7.35 31.95 0.93
N LYS A 121 -8.17 31.56 1.89
CA LYS A 121 -7.82 31.80 3.29
C LYS A 121 -6.45 31.23 3.61
N ASN A 122 -6.26 29.93 3.33
CA ASN A 122 -4.97 29.29 3.57
C ASN A 122 -3.86 30.02 2.82
N ALA A 123 -4.13 30.43 1.57
CA ALA A 123 -3.12 31.22 0.86
C ALA A 123 -2.73 32.46 1.66
N LEU A 124 -3.71 33.07 2.33
CA LEU A 124 -3.44 34.28 3.11
C LEU A 124 -2.67 34.01 4.40
N THR A 125 -2.72 32.78 4.93
CA THR A 125 -1.94 32.54 6.15
C THR A 125 -0.44 32.45 5.91
N GLY A 126 0.01 32.40 4.67
CA GLY A 126 1.42 32.27 4.38
C GLY A 126 2.03 30.92 4.70
N LEU A 127 1.23 29.96 5.16
CA LEU A 127 1.73 28.61 5.42
C LEU A 127 1.36 27.70 4.25
N SER A 128 2.07 26.58 4.14
CA SER A 128 1.85 25.65 3.03
C SER A 128 0.68 24.74 3.33
N MET A 129 -0.52 25.21 3.00
CA MET A 129 -1.76 24.50 3.31
C MET A 129 -2.73 24.65 2.15
N GLY A 130 -3.17 23.51 1.59
CA GLY A 130 -4.20 23.51 0.59
C GLY A 130 -5.60 23.72 1.15
N GLY A 131 -6.57 23.70 0.25
CA GLY A 131 -7.95 24.00 0.59
C GLY A 131 -8.83 22.75 0.55
N GLY A 132 -9.67 22.62 1.57
CA GLY A 132 -10.65 21.55 1.64
C GLY A 132 -11.60 21.81 2.78
N LYS A 133 -12.63 20.98 2.85
CA LYS A 133 -13.65 21.07 3.90
C LYS A 133 -14.48 19.81 3.87
N GLY A 134 -15.05 19.45 5.02
CA GLY A 134 -15.87 18.26 5.04
C GLY A 134 -16.92 18.32 6.12
N GLY A 135 -17.70 17.25 6.22
CA GLY A 135 -18.69 17.18 7.29
C GLY A 135 -19.80 16.20 6.96
N SER A 136 -20.93 16.43 7.59
CA SER A 136 -22.07 15.53 7.52
C SER A 136 -23.32 16.27 7.94
N ASP A 137 -24.46 15.83 7.41
CA ASP A 137 -25.76 16.34 7.84
C ASP A 137 -26.20 15.72 9.16
N PHE A 138 -25.32 14.96 9.80
CA PHE A 138 -25.56 14.47 11.15
C PHE A 138 -25.80 15.64 12.09
N ASN A 139 -26.78 15.48 12.99
CA ASN A 139 -27.10 16.52 13.95
C ASN A 139 -26.65 16.07 15.34
N PRO A 140 -25.64 16.69 15.94
CA PRO A 140 -25.15 16.26 17.25
C PRO A 140 -25.88 16.84 18.45
N LYS A 141 -26.73 17.83 18.25
CA LYS A 141 -27.33 18.52 19.39
C LYS A 141 -28.20 17.59 20.23
N ASN A 142 -28.09 17.77 21.55
CA ASN A 142 -28.89 17.03 22.52
C ASN A 142 -28.68 15.53 22.40
N ARG A 143 -27.50 15.13 21.93
CA ARG A 143 -27.18 13.74 21.72
C ARG A 143 -26.15 13.29 22.75
N SER A 144 -26.24 12.02 23.17
CA SER A 144 -25.33 11.52 24.19
C SER A 144 -23.91 11.43 23.64
N ASP A 145 -22.93 11.52 24.54
CA ASP A 145 -21.55 11.36 24.11
C ASP A 145 -21.32 10.01 23.46
N ASN A 146 -22.08 8.99 23.86
CA ASN A 146 -21.93 7.70 23.21
C ASN A 146 -22.37 7.75 21.75
N GLU A 147 -23.50 8.39 21.46
CA GLU A 147 -23.95 8.51 20.08
C GLU A 147 -22.97 9.34 19.24
N ILE A 148 -22.44 10.42 19.83
CA ILE A 148 -21.45 11.22 19.11
C ILE A 148 -20.22 10.39 18.80
N ARG A 149 -19.78 9.59 19.77
CA ARG A 149 -18.60 8.75 19.59
C ARG A 149 -18.83 7.73 18.48
N ARG A 150 -19.98 7.05 18.51
CA ARG A 150 -20.25 6.07 17.48
C ARG A 150 -20.31 6.72 16.10
N PHE A 151 -20.93 7.90 16.00
CA PHE A 151 -20.98 8.54 14.69
C PHE A 151 -19.60 8.96 14.22
N CYS A 152 -18.81 9.57 15.11
CA CYS A 152 -17.46 9.96 14.74
C CYS A 152 -16.63 8.75 14.31
N VAL A 153 -16.79 7.64 15.01
CA VAL A 153 -16.05 6.43 14.65
C VAL A 153 -16.44 5.96 13.27
N SER A 154 -17.74 5.82 13.02
CA SER A 154 -18.20 5.39 11.69
C SER A 154 -17.73 6.37 10.60
N PHE A 155 -17.89 7.67 10.86
CA PHE A 155 -17.51 8.71 9.91
C PHE A 155 -16.03 8.61 9.57
N MET A 156 -15.18 8.64 10.59
CA MET A 156 -13.74 8.58 10.34
C MET A 156 -13.34 7.24 9.73
N ARG A 157 -14.04 6.15 10.03
CA ARG A 157 -13.72 4.89 9.38
C ARG A 157 -14.03 4.94 7.90
N GLN A 158 -15.05 5.71 7.53
CA GLN A 158 -15.35 5.94 6.12
C GLN A 158 -14.38 6.92 5.46
N LEU A 159 -13.79 7.83 6.23
CA LEU A 159 -12.96 8.92 5.70
C LEU A 159 -11.46 8.61 5.72
N ALA A 160 -11.00 7.72 6.61
CA ALA A 160 -9.59 7.57 6.91
C ALA A 160 -8.76 7.26 5.67
N ARG A 161 -9.29 6.42 4.80
CA ARG A 161 -8.61 6.05 3.57
C ARG A 161 -8.19 7.25 2.72
N TYR A 162 -8.82 8.40 2.90
CA TYR A 162 -8.64 9.51 1.96
C TYR A 162 -7.96 10.72 2.57
N ILE A 163 -7.48 10.62 3.82
CA ILE A 163 -6.80 11.72 4.48
C ILE A 163 -5.48 11.21 5.04
N GLY A 164 -4.64 12.15 5.46
CA GLY A 164 -3.32 11.84 5.97
C GLY A 164 -2.50 13.10 6.20
N PRO A 165 -1.46 12.99 7.04
CA PRO A 165 -0.73 14.20 7.47
C PRO A 165 -0.01 14.92 6.34
N ASP A 166 0.17 14.29 5.19
CA ASP A 166 0.71 14.94 4.00
C ASP A 166 -0.32 15.02 2.89
N THR A 167 -1.56 14.63 3.17
CA THR A 167 -2.59 14.54 2.15
C THR A 167 -3.77 15.45 2.44
N ASP A 168 -4.38 15.30 3.63
CA ASP A 168 -5.59 16.04 3.96
C ASP A 168 -5.71 16.02 5.48
N VAL A 169 -5.68 17.21 6.08
CA VAL A 169 -5.67 17.35 7.54
C VAL A 169 -6.93 18.09 7.97
N PRO A 170 -8.00 17.39 8.32
CA PRO A 170 -9.22 18.06 8.77
C PRO A 170 -9.06 18.63 10.17
N ALA A 171 -10.09 19.35 10.58
CA ALA A 171 -10.17 19.92 11.91
C ALA A 171 -11.64 20.04 12.29
N GLY A 172 -11.93 20.89 13.28
CA GLY A 172 -13.29 21.09 13.73
C GLY A 172 -13.97 22.22 12.97
N ASP A 173 -15.25 22.42 13.31
CA ASP A 173 -16.07 23.51 12.79
C ASP A 173 -17.37 23.51 13.57
N ILE A 174 -18.46 23.92 12.94
CA ILE A 174 -19.76 23.87 13.62
C ILE A 174 -20.09 22.43 13.95
N GLY A 175 -20.32 22.15 15.23
CA GLY A 175 -20.66 20.82 15.66
C GLY A 175 -19.48 19.92 15.92
N VAL A 176 -18.27 20.35 15.58
CA VAL A 176 -17.09 19.51 15.73
C VAL A 176 -16.06 20.29 16.54
N GLY A 177 -15.82 19.85 17.77
CA GLY A 177 -14.84 20.43 18.64
C GLY A 177 -13.89 19.36 19.17
N GLY A 178 -13.29 19.67 20.34
CA GLY A 178 -12.28 18.78 20.88
C GLY A 178 -12.78 17.36 21.09
N ARG A 179 -13.99 17.21 21.61
CA ARG A 179 -14.55 15.88 21.83
C ARG A 179 -14.64 15.10 20.52
N GLU A 180 -15.19 15.75 19.49
CA GLU A 180 -15.36 15.09 18.21
C GLU A 180 -14.01 14.82 17.56
N VAL A 181 -13.08 15.78 17.64
CA VAL A 181 -11.76 15.57 17.08
C VAL A 181 -11.09 14.38 17.76
N GLY A 182 -11.28 14.24 19.08
CA GLY A 182 -10.68 13.12 19.78
C GLY A 182 -11.22 11.79 19.31
N PHE A 183 -12.55 11.68 19.23
CA PHE A 183 -13.14 10.43 18.75
C PHE A 183 -12.65 10.11 17.33
N LEU A 184 -12.61 11.12 16.47
CA LEU A 184 -12.16 10.92 15.09
C LEU A 184 -10.70 10.48 15.05
N PHE A 185 -9.85 11.12 15.84
CA PHE A 185 -8.43 10.75 15.86
C PHE A 185 -8.25 9.31 16.31
N GLY A 186 -8.98 8.91 17.35
CA GLY A 186 -8.88 7.53 17.82
C GLY A 186 -9.31 6.54 16.75
N ALA A 187 -10.44 6.82 16.09
CA ALA A 187 -10.92 5.93 15.03
C ALA A 187 -9.90 5.84 13.90
N TYR A 188 -9.32 6.97 13.51
CA TYR A 188 -8.32 6.96 12.46
C TYR A 188 -7.15 6.09 12.86
N LYS A 189 -6.65 6.27 14.09
CA LYS A 189 -5.47 5.49 14.51
C LYS A 189 -5.78 3.99 14.56
N GLN A 190 -6.99 3.63 14.96
CA GLN A 190 -7.36 2.21 14.97
C GLN A 190 -7.42 1.65 13.56
N MET A 191 -7.84 2.45 12.57
CA MET A 191 -7.97 1.90 11.23
C MET A 191 -6.63 1.89 10.49
N ARG A 192 -5.83 2.94 10.65
CA ARG A 192 -4.64 3.18 9.84
C ARG A 192 -3.33 2.86 10.56
N ASN A 193 -3.36 2.68 11.89
CA ASN A 193 -2.19 2.26 12.66
C ASN A 193 -1.05 3.28 12.52
N ASN A 194 -1.38 4.56 12.59
CA ASN A 194 -0.40 5.63 12.53
C ASN A 194 -0.74 6.67 13.58
N TRP A 195 0.30 7.27 14.16
CA TRP A 195 0.16 8.39 15.09
C TRP A 195 0.87 9.57 14.45
N ALA A 196 0.12 10.53 13.94
CA ALA A 196 0.69 11.66 13.24
C ALA A 196 -0.35 12.77 13.17
N GLY A 197 0.06 13.91 12.60
CA GLY A 197 -0.83 15.06 12.48
C GLY A 197 -1.91 14.92 11.43
N VAL A 198 -2.73 13.88 11.54
CA VAL A 198 -3.83 13.68 10.59
C VAL A 198 -4.98 14.65 10.88
N LEU A 199 -5.02 15.25 12.07
CA LEU A 199 -6.02 16.24 12.42
C LEU A 199 -5.37 17.37 13.20
N THR A 200 -5.97 18.55 13.13
CA THR A 200 -5.58 19.64 14.00
C THR A 200 -6.72 19.93 14.99
N GLY A 201 -6.42 20.75 15.99
CA GLY A 201 -7.34 20.87 17.11
C GLY A 201 -7.32 19.70 18.06
N LYS A 202 -6.21 18.97 18.12
CA LYS A 202 -6.11 17.81 19.01
C LYS A 202 -5.87 18.26 20.45
N GLY A 203 -6.08 17.34 21.38
CA GLY A 203 -5.82 17.63 22.78
C GLY A 203 -4.34 17.85 23.04
N LEU A 204 -4.06 18.72 24.03
CA LEU A 204 -2.68 19.12 24.31
C LEU A 204 -1.78 17.92 24.63
N THR A 205 -2.30 16.88 25.29
CA THR A 205 -1.43 15.76 25.65
C THR A 205 -1.21 14.78 24.49
N TRP A 206 -2.03 14.81 23.44
CA TRP A 206 -1.87 13.90 22.30
C TRP A 206 -1.79 14.69 20.99
N GLY A 207 -0.90 15.68 20.95
CA GLY A 207 -0.53 16.34 19.72
C GLY A 207 -1.19 17.67 19.41
N GLY A 208 -1.86 18.29 20.38
CA GLY A 208 -2.49 19.57 20.15
C GLY A 208 -1.55 20.74 20.31
N SER A 209 -2.09 21.94 20.04
CA SER A 209 -1.38 23.20 20.17
C SER A 209 -2.09 24.11 21.15
N LEU A 210 -1.37 25.09 21.68
CA LEU A 210 -1.86 25.78 22.85
C LEU A 210 -2.88 26.87 22.53
N ILE A 211 -2.74 27.55 21.38
CA ILE A 211 -3.62 28.67 21.07
C ILE A 211 -4.71 28.27 20.06
N ARG A 212 -4.79 26.99 19.71
CA ARG A 212 -5.78 26.58 18.72
C ARG A 212 -7.21 26.88 19.13
N PRO A 213 -7.65 26.67 20.38
CA PRO A 213 -9.02 27.10 20.73
C PRO A 213 -9.24 28.60 20.53
N GLU A 214 -8.33 29.42 21.04
CA GLU A 214 -8.50 30.86 20.94
C GLU A 214 -8.31 31.37 19.53
N ALA A 215 -7.69 30.57 18.66
CA ALA A 215 -7.05 31.06 17.45
C ALA A 215 -7.97 31.94 16.60
N THR A 216 -9.15 31.44 16.24
CA THR A 216 -9.96 32.14 15.25
C THR A 216 -10.39 33.51 15.76
N GLY A 217 -10.98 33.55 16.97
CA GLY A 217 -11.44 34.81 17.53
C GLY A 217 -10.32 35.77 17.86
N TYR A 218 -9.26 35.28 18.52
CA TYR A 218 -8.10 36.13 18.77
C TYR A 218 -7.58 36.72 17.47
N GLY A 219 -7.51 35.93 16.40
CA GLY A 219 -6.98 36.43 15.16
C GLY A 219 -7.88 37.47 14.53
N CYS A 220 -9.19 37.24 14.61
CA CYS A 220 -10.14 38.26 14.12
C CYS A 220 -9.93 39.58 14.84
N VAL A 221 -9.79 39.53 16.16
CA VAL A 221 -9.64 40.77 16.91
C VAL A 221 -8.30 41.42 16.61
N TYR A 222 -7.25 40.62 16.39
CA TYR A 222 -5.96 41.19 16.01
C TYR A 222 -6.07 41.89 14.65
N TYR A 223 -6.77 41.25 13.70
CA TYR A 223 -6.98 41.85 12.40
C TYR A 223 -7.77 43.15 12.50
N VAL A 224 -8.78 43.20 13.37
CA VAL A 224 -9.52 44.44 13.53
C VAL A 224 -8.68 45.48 14.26
N GLU A 225 -7.77 45.06 15.14
CA GLU A 225 -6.78 45.97 15.69
C GLU A 225 -6.04 46.68 14.58
N LYS A 226 -5.47 45.91 13.65
CA LYS A 226 -4.69 46.53 12.60
C LYS A 226 -5.56 47.41 11.71
N MET A 227 -6.81 47.00 11.50
CA MET A 227 -7.76 47.82 10.76
C MET A 227 -7.96 49.17 11.42
N ILE A 228 -8.29 49.17 12.71
CA ILE A 228 -8.51 50.41 13.44
C ILE A 228 -7.27 51.29 13.39
N GLU A 229 -6.09 50.70 13.63
CA GLU A 229 -4.87 51.49 13.62
C GLU A 229 -4.69 52.20 12.28
N LYS A 230 -4.87 51.47 11.18
CA LYS A 230 -4.69 52.11 9.88
C LYS A 230 -5.76 53.18 9.63
N ALA A 231 -6.99 52.92 10.08
CA ALA A 231 -8.10 53.83 9.77
C ALA A 231 -8.02 55.13 10.55
N THR A 232 -7.35 55.14 11.70
CA THR A 232 -7.28 56.30 12.57
C THR A 232 -5.85 56.80 12.79
N ASN A 233 -4.89 56.35 11.99
CA ASN A 233 -3.48 56.71 12.17
C ASN A 233 -3.03 56.47 13.61
N GLY A 234 -3.45 55.35 14.19
CA GLY A 234 -3.05 55.01 15.54
C GLY A 234 -3.71 55.79 16.64
N LYS A 235 -4.74 56.59 16.33
CA LYS A 235 -5.37 57.42 17.35
C LYS A 235 -6.42 56.68 18.15
N GLU A 236 -6.98 55.59 17.62
CA GLU A 236 -7.96 54.79 18.33
C GLU A 236 -7.48 53.34 18.43
N THR A 237 -7.97 52.64 19.44
CA THR A 237 -7.74 51.21 19.58
C THR A 237 -9.08 50.54 19.88
N PHE A 238 -9.03 49.31 20.38
CA PHE A 238 -10.24 48.68 20.88
C PHE A 238 -10.70 49.32 22.19
N LYS A 239 -9.88 50.19 22.78
CA LYS A 239 -10.23 50.92 23.98
C LYS A 239 -11.57 51.64 23.86
N GLY A 240 -12.51 51.25 24.70
CA GLY A 240 -13.79 51.93 24.76
C GLY A 240 -14.66 51.80 23.53
N LYS A 241 -14.49 50.73 22.76
CA LYS A 241 -15.29 50.52 21.57
C LYS A 241 -16.40 49.53 21.85
N ARG A 242 -17.58 49.82 21.31
CA ARG A 242 -18.74 48.96 21.45
C ARG A 242 -18.70 47.91 20.36
N VAL A 243 -18.72 46.64 20.75
CA VAL A 243 -18.52 45.53 19.83
C VAL A 243 -19.74 44.63 19.90
N ALA A 244 -20.39 44.45 18.76
CA ALA A 244 -21.53 43.57 18.62
C ALA A 244 -21.06 42.27 18.00
N ILE A 245 -21.22 41.17 18.73
CA ILE A 245 -20.77 39.86 18.29
C ILE A 245 -21.99 38.97 18.12
N SER A 246 -21.99 38.17 17.06
CA SER A 246 -22.99 37.12 16.87
C SER A 246 -22.35 35.77 17.10
N GLY A 247 -23.19 34.78 17.39
CA GLY A 247 -22.74 33.45 17.74
C GLY A 247 -22.24 33.37 19.18
N SER A 248 -22.10 32.13 19.66
CA SER A 248 -21.59 31.90 21.00
C SER A 248 -20.70 30.65 21.05
N GLY A 249 -20.08 30.30 19.93
CA GLY A 249 -19.20 29.17 19.83
C GLY A 249 -17.75 29.52 20.05
N ASN A 250 -16.87 28.67 19.50
CA ASN A 250 -15.44 28.85 19.68
C ASN A 250 -15.00 30.24 19.21
N VAL A 251 -15.38 30.59 17.97
CA VAL A 251 -15.03 31.88 17.40
C VAL A 251 -15.54 33.00 18.28
N ALA A 252 -16.83 32.97 18.60
CA ALA A 252 -17.44 34.07 19.33
C ALA A 252 -16.91 34.18 20.76
N GLN A 253 -16.83 33.04 21.46
CA GLN A 253 -16.31 33.06 22.83
C GLN A 253 -14.95 33.72 22.88
N TYR A 254 -14.03 33.29 22.01
CA TYR A 254 -12.67 33.80 22.16
C TYR A 254 -12.50 35.19 21.54
N ALA A 255 -13.27 35.53 20.50
CA ALA A 255 -13.29 36.91 20.02
C ALA A 255 -13.77 37.86 21.13
N ALA A 256 -14.84 37.48 21.83
CA ALA A 256 -15.33 38.29 22.93
C ALA A 256 -14.29 38.43 24.02
N LEU A 257 -13.63 37.32 24.39
CA LEU A 257 -12.64 37.39 25.46
C LEU A 257 -11.49 38.31 25.08
N LYS A 258 -11.04 38.26 23.82
CA LYS A 258 -9.98 39.17 23.42
C LYS A 258 -10.45 40.61 23.40
N VAL A 259 -11.69 40.86 22.95
CA VAL A 259 -12.22 42.23 22.97
C VAL A 259 -12.28 42.76 24.40
N ILE A 260 -12.73 41.92 25.34
CA ILE A 260 -12.75 42.30 26.75
C ILE A 260 -11.33 42.60 27.23
N GLU A 261 -10.39 41.70 26.95
CA GLU A 261 -9.01 41.89 27.37
C GLU A 261 -8.41 43.18 26.83
N LEU A 262 -8.80 43.58 25.62
CA LEU A 262 -8.23 44.77 25.00
C LEU A 262 -8.96 46.05 25.40
N GLY A 263 -9.94 45.98 26.31
CA GLY A 263 -10.60 47.18 26.79
C GLY A 263 -11.85 47.59 26.04
N GLY A 264 -12.35 46.75 25.13
CA GLY A 264 -13.60 47.03 24.48
C GLY A 264 -14.77 46.56 25.32
N THR A 265 -15.97 46.88 24.86
CA THR A 265 -17.20 46.46 25.54
C THR A 265 -17.99 45.57 24.59
N VAL A 266 -18.12 44.30 24.95
CA VAL A 266 -18.85 43.34 24.13
C VAL A 266 -20.33 43.46 24.44
N VAL A 267 -21.11 43.98 23.48
CA VAL A 267 -22.51 44.31 23.74
C VAL A 267 -23.47 43.19 23.36
N SER A 268 -23.03 42.16 22.66
CA SER A 268 -24.00 41.14 22.26
C SER A 268 -23.34 39.80 21.97
N LEU A 269 -24.13 38.75 22.15
CA LEU A 269 -23.83 37.43 21.61
C LEU A 269 -25.13 36.86 21.07
N SER A 270 -25.08 35.72 20.40
CA SER A 270 -26.30 35.13 19.86
C SER A 270 -26.12 33.63 19.70
N ASP A 271 -27.19 32.96 19.30
CA ASP A 271 -27.15 31.55 18.93
C ASP A 271 -28.28 31.28 17.94
N SER A 272 -28.62 30.00 17.76
CA SER A 272 -29.63 29.66 16.77
C SER A 272 -31.04 30.06 17.19
N LYS A 273 -31.25 30.40 18.46
CA LYS A 273 -32.58 30.70 18.96
C LYS A 273 -32.81 32.17 19.31
N GLY A 274 -31.78 32.91 19.68
CA GLY A 274 -31.97 34.30 20.01
C GLY A 274 -30.65 35.00 20.24
N SER A 275 -30.75 36.26 20.68
CA SER A 275 -29.59 37.06 21.02
C SER A 275 -29.62 37.44 22.49
N ILE A 276 -28.45 37.83 23.01
CA ILE A 276 -28.33 38.48 24.30
C ILE A 276 -27.63 39.80 24.06
N ILE A 277 -28.17 40.86 24.67
CA ILE A 277 -27.63 42.20 24.53
C ILE A 277 -27.37 42.74 25.93
N SER A 278 -26.28 43.48 26.08
CA SER A 278 -26.03 44.21 27.30
C SER A 278 -25.56 45.60 26.90
N LYS A 279 -25.50 46.49 27.88
CA LYS A 279 -25.09 47.86 27.60
C LYS A 279 -23.76 48.21 28.19
N ASN A 280 -23.37 47.56 29.30
CA ASN A 280 -22.10 47.77 29.94
C ASN A 280 -21.03 46.76 29.53
N GLY A 281 -21.39 45.75 28.75
CA GLY A 281 -20.45 44.75 28.27
C GLY A 281 -20.62 43.41 28.98
N ILE A 282 -20.44 42.33 28.22
CA ILE A 282 -20.47 40.99 28.77
C ILE A 282 -19.16 40.71 29.48
N THR A 283 -19.22 40.02 30.61
CA THR A 283 -18.03 39.75 31.39
C THR A 283 -17.39 38.42 30.99
N ALA A 284 -16.13 38.24 31.39
CA ALA A 284 -15.42 37.02 31.04
C ALA A 284 -16.04 35.81 31.73
N ASP A 285 -16.48 35.97 32.98
CA ASP A 285 -17.12 34.86 33.67
C ASP A 285 -18.37 34.41 32.94
N GLN A 286 -19.12 35.37 32.37
CA GLN A 286 -20.28 35.04 31.57
C GLN A 286 -19.90 34.22 30.34
N VAL A 287 -18.82 34.60 29.66
CA VAL A 287 -18.37 33.82 28.51
C VAL A 287 -17.96 32.42 28.94
N TYR A 288 -17.28 32.30 30.08
CA TYR A 288 -16.87 30.98 30.57
C TYR A 288 -18.08 30.09 30.83
N ALA A 289 -19.09 30.64 31.50
CA ALA A 289 -20.30 29.86 31.78
C ALA A 289 -21.02 29.48 30.50
N ILE A 290 -21.11 30.43 29.55
CA ILE A 290 -21.74 30.14 28.28
C ILE A 290 -21.00 29.02 27.56
N ALA A 291 -19.67 29.06 27.60
CA ALA A 291 -18.89 28.01 26.94
C ALA A 291 -19.14 26.65 27.57
N ALA A 292 -19.05 26.60 28.91
CA ALA A 292 -19.28 25.34 29.60
C ALA A 292 -20.65 24.78 29.29
N ALA A 293 -21.66 25.65 29.25
CA ALA A 293 -23.02 25.16 29.02
C ALA A 293 -23.23 24.79 27.55
N LYS A 294 -22.63 25.55 26.64
CA LYS A 294 -22.77 25.27 25.21
C LYS A 294 -22.12 23.94 24.86
N LEU A 295 -21.10 23.54 25.63
CA LEU A 295 -20.61 22.17 25.52
C LEU A 295 -21.72 21.16 25.75
N LYS A 296 -22.70 21.51 26.58
CA LYS A 296 -23.82 20.65 26.93
C LYS A 296 -25.05 20.95 26.08
N PHE A 297 -24.89 21.70 25.00
CA PHE A 297 -25.94 21.97 24.02
C PHE A 297 -27.09 22.78 24.63
N LYS A 298 -26.74 23.73 25.48
CA LYS A 298 -27.73 24.61 26.08
C LYS A 298 -27.96 25.82 25.20
N SER A 299 -29.20 26.33 25.22
CA SER A 299 -29.54 27.58 24.57
C SER A 299 -29.10 28.75 25.44
N LEU A 300 -28.91 29.91 24.81
CA LEU A 300 -28.64 31.11 25.59
C LEU A 300 -29.78 31.42 26.54
N GLU A 301 -31.01 31.14 26.10
CA GLU A 301 -32.16 31.24 26.99
C GLU A 301 -31.99 30.34 28.21
N GLU A 302 -31.64 29.08 27.98
CA GLU A 302 -31.49 28.17 29.12
C GLU A 302 -30.33 28.57 30.02
N ILE A 303 -29.30 29.20 29.49
CA ILE A 303 -28.15 29.54 30.33
C ILE A 303 -28.42 30.81 31.12
N VAL A 304 -29.11 31.78 30.54
CA VAL A 304 -29.51 32.94 31.33
C VAL A 304 -30.56 32.55 32.35
N ALA A 305 -31.32 31.47 32.10
CA ALA A 305 -32.22 30.95 33.12
C ALA A 305 -31.47 30.23 34.23
N ASP A 306 -30.43 29.45 33.89
CA ASP A 306 -29.77 28.60 34.87
C ASP A 306 -28.87 29.38 35.82
N SER A 307 -28.29 30.48 35.36
CA SER A 307 -27.43 31.33 36.18
C SER A 307 -28.09 32.70 36.30
N VAL A 308 -29.17 32.77 37.08
CA VAL A 308 -29.91 34.03 37.21
C VAL A 308 -29.02 35.13 37.78
N GLN A 309 -28.28 34.81 38.85
CA GLN A 309 -27.42 35.83 39.46
C GLN A 309 -26.35 36.34 38.50
N LEU A 310 -25.78 35.46 37.67
CA LEU A 310 -24.63 35.83 36.85
C LEU A 310 -25.00 36.75 35.70
N PHE A 311 -26.28 36.80 35.33
CA PHE A 311 -26.75 37.56 34.17
C PHE A 311 -27.79 38.60 34.58
N SER A 312 -27.74 39.07 35.83
CA SER A 312 -28.78 39.96 36.33
C SER A 312 -28.29 41.19 37.07
N GLY A 313 -27.02 41.26 37.49
CA GLY A 313 -26.58 42.40 38.27
C GLY A 313 -26.36 43.66 37.47
N ASP A 314 -25.26 44.37 37.76
CA ASP A 314 -24.85 45.46 36.90
C ASP A 314 -24.48 44.96 35.50
N HIS A 315 -24.19 43.67 35.36
CA HIS A 315 -23.93 43.05 34.07
C HIS A 315 -25.12 42.22 33.59
N SER A 316 -26.33 42.70 33.86
CA SER A 316 -27.50 41.99 33.36
C SER A 316 -27.52 42.04 31.84
N VAL A 317 -28.24 41.11 31.25
CA VAL A 317 -28.37 41.02 29.80
C VAL A 317 -29.82 40.72 29.49
N GLU A 318 -30.29 41.26 28.39
CA GLU A 318 -31.64 40.99 27.91
C GLU A 318 -31.57 39.98 26.78
N TYR A 319 -32.36 38.91 26.92
CA TYR A 319 -32.43 37.85 25.93
C TYR A 319 -33.62 38.12 25.01
N LEU A 320 -33.33 38.28 23.72
CA LEU A 320 -34.32 38.54 22.69
C LEU A 320 -34.44 37.30 21.81
N ALA A 321 -35.53 36.56 21.95
CA ALA A 321 -35.71 35.33 21.20
C ALA A 321 -36.02 35.60 19.74
N GLY A 322 -35.49 34.76 18.86
CA GLY A 322 -35.83 34.83 17.46
C GLY A 322 -35.27 36.00 16.69
N VAL A 323 -34.27 36.69 17.24
CA VAL A 323 -33.76 37.93 16.66
C VAL A 323 -32.24 37.90 16.58
N ARG A 324 -31.68 38.46 15.50
CA ARG A 324 -30.25 38.71 15.38
C ARG A 324 -29.88 40.03 16.05
N PRO A 325 -28.69 40.13 16.66
CA PRO A 325 -28.39 41.29 17.52
C PRO A 325 -28.09 42.59 16.78
N TRP A 326 -27.93 42.58 15.46
CA TRP A 326 -27.39 43.75 14.76
C TRP A 326 -28.26 44.99 14.97
N THR A 327 -29.59 44.84 14.88
CA THR A 327 -30.47 45.97 15.07
C THR A 327 -30.78 46.26 16.52
N LYS A 328 -30.39 45.38 17.45
CA LYS A 328 -30.87 45.46 18.83
C LYS A 328 -29.79 45.92 19.80
N VAL A 329 -28.79 46.66 19.32
CA VAL A 329 -27.68 47.09 20.15
C VAL A 329 -27.46 48.59 20.11
N GLY A 330 -28.28 49.33 19.36
CA GLY A 330 -28.12 50.77 19.30
C GLY A 330 -26.80 51.15 18.64
N GLN A 331 -26.20 52.22 19.14
CA GLN A 331 -24.92 52.67 18.60
C GLN A 331 -23.87 51.58 18.82
N VAL A 332 -23.13 51.27 17.75
CA VAL A 332 -22.11 50.24 17.81
C VAL A 332 -20.95 50.64 16.91
N ASP A 333 -19.73 50.32 17.33
CA ASP A 333 -18.53 50.71 16.60
C ASP A 333 -17.95 49.58 15.77
N VAL A 334 -17.95 48.35 16.32
CA VAL A 334 -17.37 47.19 15.67
C VAL A 334 -18.40 46.07 15.66
N ALA A 335 -18.45 45.32 14.56
CA ALA A 335 -19.36 44.17 14.44
C ALA A 335 -18.58 42.96 13.95
N LEU A 336 -18.67 41.86 14.70
CA LEU A 336 -17.92 40.63 14.44
C LEU A 336 -18.90 39.48 14.26
N PRO A 337 -19.50 39.32 13.08
CA PRO A 337 -20.34 38.14 12.84
C PRO A 337 -19.52 36.87 12.97
N SER A 338 -19.90 36.02 13.93
CA SER A 338 -19.09 34.86 14.30
C SER A 338 -19.95 33.63 14.49
N ALA A 339 -20.94 33.42 13.61
CA ALA A 339 -21.87 32.32 13.84
C ALA A 339 -21.96 31.38 12.65
N THR A 340 -22.41 31.88 11.51
CA THR A 340 -22.69 31.05 10.33
C THR A 340 -22.68 31.95 9.10
N GLN A 341 -22.99 31.35 7.96
CA GLN A 341 -23.03 32.09 6.70
C GLN A 341 -24.34 32.86 6.54
N ASN A 342 -24.26 33.98 5.82
CA ASN A 342 -25.42 34.81 5.49
C ASN A 342 -26.23 35.16 6.73
N GLU A 343 -25.54 35.73 7.72
CA GLU A 343 -26.17 36.14 8.96
C GLU A 343 -26.21 37.64 9.13
N VAL A 344 -25.88 38.39 8.09
CA VAL A 344 -25.99 39.85 8.07
C VAL A 344 -26.65 40.23 6.76
N SER A 345 -27.91 40.65 6.82
CA SER A 345 -28.64 41.02 5.62
C SER A 345 -28.32 42.45 5.22
N GLY A 346 -28.76 42.81 4.01
CA GLY A 346 -28.61 44.20 3.58
C GLY A 346 -29.26 45.17 4.54
N GLU A 347 -30.45 44.81 5.04
CA GLU A 347 -31.14 45.66 6.02
C GLU A 347 -30.31 45.82 7.30
N GLU A 348 -29.77 44.70 7.79
CA GLU A 348 -28.95 44.74 8.99
C GLU A 348 -27.65 45.51 8.76
N ALA A 349 -27.11 45.43 7.56
CA ALA A 349 -25.92 46.21 7.22
C ALA A 349 -26.19 47.70 7.25
N LYS A 350 -27.29 48.12 6.61
CA LYS A 350 -27.66 49.53 6.61
C LYS A 350 -27.92 50.01 8.04
N ALA A 351 -28.58 49.17 8.84
CA ALA A 351 -28.81 49.52 10.24
C ALA A 351 -27.49 49.70 10.97
N LEU A 352 -26.51 48.84 10.70
CA LEU A 352 -25.21 48.97 11.35
C LEU A 352 -24.54 50.27 10.96
N VAL A 353 -24.57 50.61 9.67
CA VAL A 353 -23.97 51.88 9.23
C VAL A 353 -24.65 53.05 9.92
N ASP A 354 -25.98 53.03 9.97
CA ASP A 354 -26.72 54.10 10.64
C ASP A 354 -26.41 54.15 12.12
N ALA A 355 -26.14 53.01 12.75
CA ALA A 355 -25.76 52.97 14.16
C ALA A 355 -24.30 53.37 14.41
N GLY A 356 -23.59 53.85 13.39
CA GLY A 356 -22.23 54.33 13.55
C GLY A 356 -21.15 53.30 13.44
N CYS A 357 -21.48 52.10 12.96
CA CYS A 357 -20.49 51.03 12.87
C CYS A 357 -19.48 51.36 11.79
N LYS A 358 -18.20 51.30 12.13
CA LYS A 358 -17.16 51.63 11.19
C LYS A 358 -16.21 50.47 10.89
N PHE A 359 -16.33 49.36 11.63
CA PHE A 359 -15.49 48.19 11.41
C PHE A 359 -16.37 46.94 11.48
N ILE A 360 -16.35 46.14 10.42
CA ILE A 360 -17.08 44.87 10.37
C ILE A 360 -16.13 43.83 9.81
N ALA A 361 -15.87 42.79 10.57
CA ALA A 361 -14.97 41.74 10.14
C ALA A 361 -15.54 40.39 10.50
N GLU A 362 -15.62 39.49 9.53
CA GLU A 362 -16.27 38.20 9.71
C GLU A 362 -15.35 37.23 10.46
N GLY A 363 -15.79 36.81 11.66
CA GLY A 363 -15.19 35.64 12.28
C GLY A 363 -15.76 34.37 11.70
N SER A 364 -17.00 34.42 11.23
CA SER A 364 -17.62 33.29 10.58
C SER A 364 -17.28 33.28 9.10
N ASN A 365 -17.49 32.13 8.47
CA ASN A 365 -17.18 31.98 7.04
C ASN A 365 -18.33 32.49 6.21
N MET A 366 -18.06 33.52 5.40
CA MET A 366 -19.09 34.15 4.56
C MET A 366 -20.27 34.60 5.42
N GLY A 367 -19.96 35.32 6.50
CA GLY A 367 -21.00 35.74 7.42
C GLY A 367 -21.95 36.78 6.84
N SER A 368 -21.49 37.58 5.89
CA SER A 368 -22.28 38.66 5.33
C SER A 368 -22.84 38.28 3.97
N THR A 369 -24.10 38.67 3.75
CA THR A 369 -24.75 38.51 2.46
C THR A 369 -24.14 39.46 1.42
N LYS A 370 -24.39 39.16 0.15
CA LYS A 370 -23.90 40.03 -0.91
C LYS A 370 -24.39 41.46 -0.71
N GLU A 371 -25.64 41.61 -0.24
CA GLU A 371 -26.20 42.93 0.00
C GLU A 371 -25.47 43.65 1.13
N ALA A 372 -25.15 42.92 2.20
CA ALA A 372 -24.41 43.53 3.30
C ALA A 372 -23.06 44.04 2.82
N ILE A 373 -22.38 43.25 1.99
CA ILE A 373 -21.08 43.67 1.47
C ILE A 373 -21.25 44.87 0.56
N GLU A 374 -22.31 44.89 -0.26
CA GLU A 374 -22.55 46.05 -1.12
C GLU A 374 -22.71 47.31 -0.30
N VAL A 375 -23.49 47.23 0.79
CA VAL A 375 -23.71 48.37 1.67
C VAL A 375 -22.38 48.82 2.28
N PHE A 376 -21.63 47.88 2.87
CA PHE A 376 -20.38 48.24 3.55
C PHE A 376 -19.40 48.90 2.57
N GLU A 377 -19.19 48.29 1.40
CA GLU A 377 -18.25 48.84 0.45
C GLU A 377 -18.71 50.18 -0.10
N ALA A 378 -20.02 50.35 -0.33
CA ALA A 378 -20.53 51.62 -0.81
C ALA A 378 -20.39 52.72 0.24
N ASN A 379 -20.35 52.35 1.51
CA ASN A 379 -20.11 53.30 2.57
C ASN A 379 -18.64 53.45 2.91
N ARG A 380 -17.76 52.67 2.27
CA ARG A 380 -16.34 52.76 2.56
C ARG A 380 -15.77 54.15 2.29
N ASP A 381 -15.73 54.56 1.02
CA ASP A 381 -15.02 55.78 0.67
C ASP A 381 -15.71 57.04 1.15
N SER A 382 -16.96 56.94 1.63
CA SER A 382 -17.73 58.11 2.07
C SER A 382 -17.81 58.21 3.58
N ASN A 383 -18.20 57.13 4.26
CA ASN A 383 -18.33 57.12 5.71
C ASN A 383 -17.17 56.42 6.41
N GLY A 384 -16.11 56.07 5.68
CA GLY A 384 -15.00 55.37 6.30
C GLY A 384 -15.40 54.06 6.93
N VAL A 385 -16.40 53.38 6.36
CA VAL A 385 -16.88 52.12 6.89
C VAL A 385 -16.05 51.02 6.23
N TRP A 386 -15.35 50.23 7.05
CA TRP A 386 -14.34 49.30 6.55
C TRP A 386 -14.78 47.87 6.82
N TYR A 387 -14.93 47.09 5.75
CA TYR A 387 -15.35 45.69 5.83
C TYR A 387 -14.16 44.80 5.48
N ALA A 388 -13.96 43.76 6.28
CA ALA A 388 -12.94 42.74 6.03
C ALA A 388 -13.60 41.37 5.90
N PRO A 389 -13.35 40.64 4.81
CA PRO A 389 -14.03 39.35 4.63
C PRO A 389 -13.47 38.28 5.56
N GLY A 390 -14.24 37.22 5.72
CA GLY A 390 -13.85 36.17 6.64
C GLY A 390 -12.55 35.48 6.23
N LYS A 391 -12.36 35.26 4.93
CA LYS A 391 -11.15 34.57 4.48
C LYS A 391 -9.88 35.29 4.86
N ALA A 392 -9.96 36.58 5.20
CA ALA A 392 -8.84 37.33 5.76
C ALA A 392 -8.91 37.43 7.26
N ALA A 393 -10.08 37.72 7.82
CA ALA A 393 -10.20 38.07 9.23
C ALA A 393 -10.15 36.84 10.14
N ASN A 394 -10.71 35.70 9.72
CA ASN A 394 -10.77 34.52 10.59
C ASN A 394 -9.70 33.48 10.27
N CYS A 395 -8.71 33.82 9.44
CA CYS A 395 -7.73 32.81 9.07
C CYS A 395 -6.81 32.42 10.22
N GLY A 396 -6.96 33.00 11.41
CA GLY A 396 -6.15 32.60 12.53
C GLY A 396 -6.37 31.15 12.92
N GLY A 397 -7.61 30.67 12.79
CA GLY A 397 -7.89 29.29 13.16
C GLY A 397 -7.09 28.30 12.34
N VAL A 398 -7.14 28.43 11.02
CA VAL A 398 -6.34 27.54 10.19
C VAL A 398 -4.86 27.85 10.34
N ALA A 399 -4.52 29.10 10.68
CA ALA A 399 -3.13 29.45 10.88
C ALA A 399 -2.52 28.66 12.04
N VAL A 400 -3.20 28.66 13.18
CA VAL A 400 -2.71 27.92 14.33
C VAL A 400 -2.88 26.43 14.12
N SER A 401 -3.84 26.01 13.30
CA SER A 401 -3.88 24.60 12.91
C SER A 401 -2.60 24.21 12.17
N GLY A 402 -2.19 25.04 11.21
CA GLY A 402 -0.93 24.79 10.53
C GLY A 402 0.26 24.82 11.48
N LEU A 403 0.18 25.67 12.50
CA LEU A 403 1.23 25.65 13.51
C LEU A 403 1.22 24.36 14.32
N GLU A 404 0.04 23.80 14.57
CA GLU A 404 -0.05 22.48 15.18
C GLU A 404 0.58 21.42 14.29
N MET A 405 0.34 21.51 12.99
CA MET A 405 1.00 20.59 12.07
C MET A 405 2.52 20.75 12.14
N ALA A 406 2.99 21.99 12.26
CA ALA A 406 4.43 22.22 12.36
C ALA A 406 5.00 21.62 13.63
N GLN A 407 4.31 21.81 14.76
CA GLN A 407 4.76 21.21 16.01
C GLN A 407 4.74 19.68 15.94
N ASN A 408 3.69 19.10 15.35
CA ASN A 408 3.63 17.65 15.23
C ASN A 408 4.77 17.13 14.36
N SER A 409 4.99 17.74 13.21
CA SER A 409 6.05 17.29 12.33
C SER A 409 7.42 17.43 12.98
N GLN A 410 7.61 18.50 13.78
CA GLN A 410 8.87 18.69 14.49
C GLN A 410 8.97 17.87 15.78
N ARG A 411 7.86 17.28 16.23
CA ARG A 411 7.79 16.53 17.49
C ARG A 411 8.18 17.41 18.68
N VAL A 412 7.62 18.62 18.69
CA VAL A 412 7.83 19.61 19.74
C VAL A 412 6.46 20.18 20.07
N GLN A 413 6.35 20.82 21.23
CA GLN A 413 5.15 21.58 21.56
C GLN A 413 5.57 22.95 22.08
N TRP A 414 5.02 24.00 21.47
CA TRP A 414 5.44 25.35 21.79
C TRP A 414 4.67 25.91 22.98
N THR A 415 5.20 26.99 23.54
CA THR A 415 4.55 27.65 24.66
C THR A 415 3.38 28.49 24.17
N ASN A 416 2.55 28.91 25.14
CA ASN A 416 1.43 29.79 24.83
C ASN A 416 1.92 31.04 24.11
N GLU A 417 2.95 31.69 24.65
CA GLU A 417 3.41 32.96 24.10
C GLU A 417 3.92 32.79 22.68
N GLU A 418 4.61 31.68 22.41
CA GLU A 418 5.18 31.45 21.09
C GLU A 418 4.09 31.34 20.04
N VAL A 419 3.06 30.54 20.31
CA VAL A 419 1.99 30.37 19.33
C VAL A 419 1.20 31.66 19.19
N ASP A 420 0.92 32.33 20.32
CA ASP A 420 0.17 33.58 20.25
C ASP A 420 0.92 34.62 19.42
N ALA A 421 2.25 34.69 19.58
CA ALA A 421 3.03 35.67 18.83
C ALA A 421 3.03 35.35 17.35
N LYS A 422 3.18 34.07 16.99
CA LYS A 422 3.11 33.69 15.59
C LYS A 422 1.73 34.00 15.01
N LEU A 423 0.68 33.79 15.79
CA LEU A 423 -0.67 34.12 15.33
C LEU A 423 -0.81 35.61 15.07
N LYS A 424 -0.33 36.43 16.01
CA LYS A 424 -0.39 37.88 15.87
C LYS A 424 0.34 38.33 14.61
N GLU A 425 1.55 37.80 14.41
CA GLU A 425 2.34 38.18 13.25
C GLU A 425 1.68 37.74 11.95
N ILE A 426 1.04 36.56 11.94
CA ILE A 426 0.35 36.10 10.74
C ILE A 426 -0.85 36.99 10.43
N MET A 427 -1.64 37.35 11.44
CA MET A 427 -2.81 38.20 11.21
C MET A 427 -2.38 39.58 10.71
N TYR A 428 -1.36 40.17 11.33
CA TYR A 428 -0.92 41.49 10.90
C TYR A 428 -0.39 41.45 9.47
N THR A 429 0.40 40.43 9.13
CA THR A 429 0.88 40.30 7.75
C THR A 429 -0.29 40.14 6.78
N CYS A 430 -1.32 39.39 7.19
CA CYS A 430 -2.46 39.23 6.29
C CYS A 430 -3.14 40.56 6.05
N PHE A 431 -3.28 41.37 7.10
CA PHE A 431 -3.88 42.69 6.92
C PHE A 431 -3.04 43.55 5.96
N GLU A 432 -1.72 43.58 6.18
CA GLU A 432 -0.87 44.39 5.31
C GLU A 432 -0.92 43.90 3.87
N ASN A 433 -1.02 42.58 3.67
CA ASN A 433 -1.11 42.02 2.33
C ASN A 433 -2.41 42.43 1.65
N CYS A 434 -3.53 42.34 2.39
CA CYS A 434 -4.81 42.81 1.86
C CYS A 434 -4.75 44.27 1.45
N TYR A 435 -4.26 45.13 2.35
CA TYR A 435 -4.20 46.58 2.10
C TYR A 435 -3.33 46.90 0.90
N LYS A 436 -2.08 46.42 0.89
CA LYS A 436 -1.17 46.76 -0.20
C LYS A 436 -1.64 46.18 -1.52
N THR A 437 -2.22 44.97 -1.49
CA THR A 437 -2.70 44.36 -2.73
C THR A 437 -3.90 45.13 -3.27
N ALA A 438 -4.84 45.49 -2.39
CA ALA A 438 -5.97 46.31 -2.79
C ALA A 438 -5.51 47.62 -3.43
N GLN A 439 -4.46 48.23 -2.88
CA GLN A 439 -3.94 49.45 -3.49
C GLN A 439 -3.33 49.18 -4.86
N LYS A 440 -2.59 48.07 -4.98
CA LYS A 440 -1.85 47.80 -6.22
C LYS A 440 -2.79 47.57 -7.41
N TYR A 441 -3.98 47.01 -7.16
CA TYR A 441 -4.87 46.62 -8.25
C TYR A 441 -6.18 47.40 -8.22
N SER A 442 -6.18 48.58 -7.62
CA SER A 442 -7.38 49.42 -7.62
C SER A 442 -7.49 50.14 -8.95
N ILE A 443 -8.73 50.25 -9.45
CA ILE A 443 -8.94 50.94 -10.71
C ILE A 443 -8.76 52.44 -10.53
N GLU A 444 -9.47 53.03 -9.56
CA GLU A 444 -9.28 54.43 -9.18
C GLU A 444 -8.88 54.45 -7.71
N LYS A 445 -7.62 54.82 -7.43
CA LYS A 445 -7.12 54.87 -6.06
C LYS A 445 -7.57 56.16 -5.41
N ASN A 446 -8.73 56.12 -4.76
CA ASN A 446 -9.27 57.27 -4.05
C ASN A 446 -8.41 57.55 -2.83
N GLU A 447 -7.55 58.57 -2.93
CA GLU A 447 -6.71 58.92 -1.80
C GLU A 447 -7.54 59.65 -0.74
N ASN A 448 -6.98 59.73 0.47
CA ASN A 448 -7.70 60.10 1.69
C ASN A 448 -8.84 59.13 2.00
N GLY A 449 -8.88 57.98 1.32
CA GLY A 449 -9.90 56.97 1.56
C GLY A 449 -9.26 55.62 1.84
N LEU A 450 -10.11 54.69 2.28
CA LEU A 450 -9.70 53.36 2.66
C LEU A 450 -9.82 52.42 1.46
N PRO A 451 -8.78 51.65 1.14
CA PRO A 451 -8.86 50.68 0.06
C PRO A 451 -9.66 49.45 0.49
N SER A 452 -10.16 48.72 -0.50
CA SER A 452 -11.07 47.61 -0.28
C SER A 452 -10.31 46.38 0.25
N LEU A 453 -10.52 46.05 1.52
CA LEU A 453 -9.92 44.84 2.05
C LEU A 453 -10.53 43.60 1.41
N LEU A 454 -11.80 43.66 1.03
CA LEU A 454 -12.44 42.56 0.31
C LEU A 454 -11.66 42.22 -0.94
N LYS A 455 -11.52 43.21 -1.84
CA LYS A 455 -10.77 43.01 -3.07
C LYS A 455 -9.33 42.62 -2.77
N GLY A 456 -8.73 43.23 -1.75
CA GLY A 456 -7.35 42.93 -1.43
C GLY A 456 -7.14 41.47 -1.10
N ALA A 457 -7.93 40.95 -0.16
CA ALA A 457 -7.82 39.57 0.25
C ALA A 457 -8.08 38.63 -0.93
N ASN A 458 -9.17 38.86 -1.66
CA ASN A 458 -9.51 37.96 -2.75
C ASN A 458 -8.40 37.93 -3.80
N ILE A 459 -7.82 39.10 -4.12
CA ILE A 459 -6.80 39.15 -5.16
C ILE A 459 -5.50 38.54 -4.68
N ALA A 460 -5.10 38.81 -3.43
CA ALA A 460 -3.86 38.22 -2.94
C ALA A 460 -3.94 36.70 -2.93
N GLY A 461 -5.01 36.15 -2.36
CA GLY A 461 -5.16 34.71 -2.35
C GLY A 461 -5.19 34.14 -3.75
N PHE A 462 -5.98 34.76 -4.64
CA PHE A 462 -6.06 34.25 -6.00
C PHE A 462 -4.71 34.24 -6.69
N ILE A 463 -3.94 35.33 -6.56
CA ILE A 463 -2.66 35.39 -7.25
C ILE A 463 -1.73 34.29 -6.74
N LYS A 464 -1.67 34.09 -5.42
CA LYS A 464 -0.78 33.04 -4.92
C LYS A 464 -1.18 31.68 -5.46
N VAL A 465 -2.47 31.33 -5.34
CA VAL A 465 -2.92 30.01 -5.78
C VAL A 465 -2.70 29.84 -7.27
N ALA A 466 -2.99 30.88 -8.06
CA ALA A 466 -2.89 30.76 -9.51
C ALA A 466 -1.44 30.65 -9.97
N ASP A 467 -0.53 31.44 -9.38
CA ASP A 467 0.88 31.30 -9.71
C ASP A 467 1.37 29.89 -9.42
N ALA A 468 1.01 29.35 -8.25
CA ALA A 468 1.41 27.98 -7.94
C ALA A 468 0.81 26.99 -8.94
N MET A 469 -0.46 27.20 -9.31
CA MET A 469 -1.10 26.28 -10.25
C MET A 469 -0.39 26.31 -11.60
N PHE A 470 0.00 27.49 -12.07
CA PHE A 470 0.76 27.56 -13.31
C PHE A 470 2.07 26.81 -13.17
N ASP A 471 2.81 27.09 -12.09
CA ASP A 471 4.11 26.47 -11.90
C ASP A 471 4.01 24.96 -11.93
N GLN A 472 2.97 24.40 -11.33
CA GLN A 472 2.86 22.96 -11.20
C GLN A 472 2.14 22.32 -12.38
N GLY A 473 1.73 23.10 -13.38
CA GLY A 473 1.09 22.55 -14.54
C GLY A 473 -0.37 22.20 -14.38
N ASP A 474 -1.03 22.70 -13.33
CA ASP A 474 -2.47 22.50 -13.21
C ASP A 474 -3.25 23.37 -14.18
N VAL A 475 -2.63 24.44 -14.70
CA VAL A 475 -3.21 25.30 -15.73
C VAL A 475 -2.13 25.65 -16.74
N PHE A 476 -2.52 25.79 -18.00
CA PHE A 476 -1.57 26.15 -19.05
C PHE A 476 -2.19 26.92 -20.22
N SER B 19 -32.71 22.06 8.46
CA SER B 19 -33.34 20.74 8.31
C SER B 19 -34.14 20.59 7.01
N HIS B 20 -34.26 21.67 6.24
CA HIS B 20 -35.14 21.72 5.08
C HIS B 20 -34.36 21.84 3.77
N MET B 21 -34.81 21.09 2.76
CA MET B 21 -34.29 21.17 1.39
C MET B 21 -32.77 21.11 1.35
N VAL B 22 -32.21 20.20 2.16
CA VAL B 22 -30.77 20.04 2.21
C VAL B 22 -30.28 19.20 1.05
N LEU B 23 -30.91 18.05 0.83
CA LEU B 23 -30.50 17.14 -0.24
C LEU B 23 -30.63 17.82 -1.60
N PRO B 24 -29.69 17.63 -2.50
CA PRO B 24 -29.77 18.27 -3.82
C PRO B 24 -30.88 17.67 -4.67
N HIS B 25 -31.36 18.47 -5.63
CA HIS B 25 -32.41 18.03 -6.53
C HIS B 25 -31.86 17.02 -7.52
N GLU B 26 -32.37 15.78 -7.47
CA GLU B 26 -31.90 14.67 -8.30
C GLU B 26 -33.09 13.96 -8.91
N PRO B 27 -33.69 14.52 -9.96
CA PRO B 27 -34.97 13.98 -10.44
C PRO B 27 -34.89 12.56 -10.99
N GLU B 28 -33.86 12.25 -11.77
CA GLU B 28 -33.75 10.90 -12.35
C GLU B 28 -33.55 9.85 -11.26
N PHE B 29 -32.68 10.16 -10.29
CA PHE B 29 -32.49 9.25 -9.18
C PHE B 29 -33.80 9.02 -8.43
N GLN B 30 -34.54 10.10 -8.17
CA GLN B 30 -35.81 9.95 -7.45
C GLN B 30 -36.81 9.16 -8.27
N GLN B 31 -36.78 9.29 -9.61
CA GLN B 31 -37.68 8.49 -10.43
C GLN B 31 -37.40 7.00 -10.26
N ALA B 32 -36.13 6.61 -10.38
CA ALA B 32 -35.77 5.20 -10.21
C ALA B 32 -36.11 4.72 -8.80
N TYR B 33 -35.76 5.52 -7.79
CA TYR B 33 -36.07 5.20 -6.40
C TYR B 33 -37.57 4.99 -6.20
N ASP B 34 -38.39 5.93 -6.68
CA ASP B 34 -39.83 5.83 -6.49
C ASP B 34 -40.39 4.61 -7.20
N GLU B 35 -39.91 4.32 -8.41
CA GLU B 35 -40.40 3.12 -9.08
C GLU B 35 -40.13 1.88 -8.25
N LEU B 36 -38.88 1.72 -7.79
CA LEU B 36 -38.54 0.54 -6.99
C LEU B 36 -39.34 0.49 -5.70
N VAL B 37 -39.40 1.61 -4.99
CA VAL B 37 -40.09 1.64 -3.70
C VAL B 37 -41.57 1.31 -3.88
N SER B 38 -42.22 1.96 -4.84
CA SER B 38 -43.65 1.71 -5.05
C SER B 38 -43.91 0.29 -5.55
N ALA B 39 -42.95 -0.32 -6.26
CA ALA B 39 -43.11 -1.74 -6.58
C ALA B 39 -42.97 -2.61 -5.34
N VAL B 40 -42.12 -2.22 -4.38
CA VAL B 40 -41.92 -3.06 -3.20
C VAL B 40 -43.05 -2.88 -2.20
N GLU B 41 -43.59 -1.66 -2.07
CA GLU B 41 -44.65 -1.40 -1.10
C GLU B 41 -45.96 -2.05 -1.52
N ASP B 42 -46.30 -1.98 -2.81
CA ASP B 42 -47.55 -2.55 -3.29
C ASP B 42 -47.43 -4.07 -3.46
N SER B 43 -47.00 -4.75 -2.40
CA SER B 43 -46.85 -6.20 -2.40
C SER B 43 -46.99 -6.70 -0.97
N THR B 44 -47.12 -8.02 -0.84
CA THR B 44 -47.21 -8.64 0.48
C THR B 44 -45.87 -8.71 1.19
N LEU B 45 -44.84 -8.07 0.64
CA LEU B 45 -43.49 -8.25 1.16
C LEU B 45 -43.34 -7.56 2.53
N PHE B 46 -43.71 -6.29 2.62
CA PHE B 46 -43.56 -5.58 3.90
C PHE B 46 -44.46 -6.15 4.99
N LYS B 47 -45.61 -6.72 4.63
CA LYS B 47 -46.45 -7.36 5.64
C LYS B 47 -45.91 -8.72 6.04
N GLU B 48 -45.42 -9.52 5.09
CA GLU B 48 -44.94 -10.85 5.44
C GLU B 48 -43.66 -10.78 6.24
N GLU B 49 -42.76 -9.86 5.90
CA GLU B 49 -41.54 -9.62 6.68
C GLU B 49 -41.29 -8.13 6.75
N PRO B 50 -41.69 -7.47 7.84
CA PRO B 50 -41.54 -6.01 7.94
C PRO B 50 -40.10 -5.56 8.12
N GLN B 51 -39.17 -6.47 8.40
CA GLN B 51 -37.78 -6.06 8.58
C GLN B 51 -37.25 -5.35 7.33
N TYR B 52 -37.73 -5.76 6.15
CA TYR B 52 -37.31 -5.13 4.90
C TYR B 52 -37.58 -3.63 4.90
N LYS B 53 -38.52 -3.14 5.72
CA LYS B 53 -38.78 -1.71 5.76
C LYS B 53 -37.53 -0.94 6.17
N LYS B 54 -36.66 -1.55 7.00
CA LYS B 54 -35.44 -0.88 7.45
C LYS B 54 -34.45 -0.65 6.33
N VAL B 55 -34.55 -1.39 5.22
CA VAL B 55 -33.49 -1.40 4.22
C VAL B 55 -33.59 -0.23 3.26
N ILE B 56 -34.80 0.25 2.97
CA ILE B 56 -34.99 1.26 1.93
C ILE B 56 -34.13 2.51 2.19
N PRO B 57 -34.13 3.09 3.39
CA PRO B 57 -33.34 4.32 3.60
C PRO B 57 -31.84 4.10 3.75
N VAL B 58 -31.38 2.85 3.80
CA VAL B 58 -29.95 2.58 3.87
C VAL B 58 -29.41 2.34 2.47
N VAL B 59 -29.98 1.36 1.77
CA VAL B 59 -29.48 0.97 0.45
C VAL B 59 -29.58 2.13 -0.53
N SER B 60 -30.51 3.05 -0.33
CA SER B 60 -30.73 4.14 -1.26
C SER B 60 -29.66 5.23 -1.19
N ILE B 61 -28.82 5.22 -0.15
CA ILE B 61 -27.72 6.16 -0.02
C ILE B 61 -26.45 5.44 -0.48
N PRO B 62 -25.76 5.94 -1.51
CA PRO B 62 -24.63 5.17 -2.08
C PRO B 62 -23.52 4.98 -1.07
N GLU B 63 -22.92 3.80 -1.06
CA GLU B 63 -21.83 3.51 -0.15
C GLU B 63 -20.71 4.53 -0.31
N ARG B 64 -20.45 4.95 -1.55
CA ARG B 64 -19.32 5.82 -1.82
C ARG B 64 -19.54 6.52 -3.16
N ILE B 65 -19.20 7.80 -3.22
CA ILE B 65 -19.21 8.57 -4.46
C ILE B 65 -17.88 9.29 -4.56
N ILE B 66 -17.33 9.36 -5.77
CA ILE B 66 -16.08 10.06 -6.01
C ILE B 66 -16.28 11.00 -7.18
N GLN B 67 -16.13 12.29 -6.93
CA GLN B 67 -16.15 13.32 -7.96
C GLN B 67 -14.73 13.86 -8.12
N PHE B 68 -14.33 14.14 -9.36
CA PHE B 68 -12.98 14.63 -9.57
C PHE B 68 -12.90 15.50 -10.81
N ARG B 69 -12.04 16.52 -10.73
CA ARG B 69 -11.73 17.34 -11.88
C ARG B 69 -10.99 16.49 -12.91
N VAL B 70 -11.39 16.58 -14.18
CA VAL B 70 -10.70 15.91 -15.28
C VAL B 70 -10.17 17.01 -16.19
N THR B 71 -8.89 17.30 -16.09
CA THR B 71 -8.24 18.29 -16.92
C THR B 71 -7.53 17.61 -18.07
N TRP B 72 -7.79 18.08 -19.28
CA TRP B 72 -7.16 17.52 -20.47
C TRP B 72 -6.85 18.65 -21.44
N GLU B 73 -6.28 18.30 -22.59
CA GLU B 73 -5.76 19.26 -23.55
C GLU B 73 -6.36 18.99 -24.91
N ASN B 74 -6.93 20.01 -25.54
CA ASN B 74 -7.51 19.81 -26.85
C ASN B 74 -6.41 19.90 -27.92
N ASP B 75 -6.78 19.67 -29.17
CA ASP B 75 -5.78 19.56 -30.23
C ASP B 75 -5.05 20.88 -30.46
N LYS B 76 -5.63 22.01 -30.06
CA LYS B 76 -4.94 23.31 -30.16
C LYS B 76 -4.00 23.56 -29.00
N GLY B 77 -3.86 22.61 -28.07
CA GLY B 77 -3.06 22.84 -26.89
C GLY B 77 -3.72 23.73 -25.84
N GLU B 78 -5.04 23.82 -25.85
CA GLU B 78 -5.78 24.58 -24.87
C GLU B 78 -6.22 23.66 -23.74
N ILE B 79 -6.43 24.24 -22.57
CA ILE B 79 -6.86 23.47 -21.40
C ILE B 79 -8.37 23.32 -21.42
N GLU B 80 -8.83 22.09 -21.27
CA GLU B 80 -10.24 21.77 -21.18
C GLU B 80 -10.49 21.13 -19.82
N VAL B 81 -11.66 21.39 -19.24
CA VAL B 81 -12.01 20.95 -17.91
C VAL B 81 -13.37 20.28 -17.94
N ASN B 82 -13.48 19.11 -17.29
CA ASN B 82 -14.76 18.43 -17.16
C ASN B 82 -14.89 17.84 -15.78
N ASN B 83 -16.10 17.44 -15.42
CA ASN B 83 -16.39 16.78 -14.16
C ASN B 83 -16.45 15.27 -14.39
N GLY B 84 -15.81 14.51 -13.52
CA GLY B 84 -15.85 13.05 -13.58
C GLY B 84 -16.44 12.49 -12.30
N PHE B 85 -17.25 11.44 -12.45
CA PHE B 85 -17.93 10.81 -11.34
C PHE B 85 -17.74 9.31 -11.42
N ARG B 86 -17.65 8.69 -10.25
CA ARG B 86 -17.83 7.25 -10.11
C ARG B 86 -18.64 7.04 -8.84
N VAL B 87 -19.85 6.53 -8.99
CA VAL B 87 -20.77 6.23 -7.91
C VAL B 87 -20.68 4.73 -7.66
N GLN B 88 -20.10 4.37 -6.52
CA GLN B 88 -19.98 2.98 -6.08
C GLN B 88 -21.10 2.79 -5.06
N TYR B 89 -22.21 2.21 -5.51
CA TYR B 89 -23.47 2.27 -4.77
C TYR B 89 -23.60 1.18 -3.71
N ASN B 90 -23.46 -0.08 -4.11
CA ASN B 90 -23.71 -1.19 -3.21
C ASN B 90 -22.71 -2.29 -3.53
N SER B 91 -22.07 -2.86 -2.51
CA SER B 91 -21.07 -3.89 -2.71
C SER B 91 -21.42 -5.20 -1.99
N ALA B 92 -22.69 -5.40 -1.66
CA ALA B 92 -23.09 -6.59 -0.91
C ALA B 92 -22.91 -7.85 -1.74
N LEU B 93 -23.38 -7.85 -2.98
CA LEU B 93 -23.36 -9.06 -3.81
C LEU B 93 -22.06 -9.23 -4.57
N GLY B 94 -21.15 -8.27 -4.51
CA GLY B 94 -19.90 -8.36 -5.22
C GLY B 94 -19.23 -7.00 -5.34
N PRO B 95 -18.13 -6.95 -6.07
CA PRO B 95 -17.49 -5.66 -6.31
C PRO B 95 -18.40 -4.76 -7.13
N TYR B 96 -18.24 -3.45 -6.95
CA TYR B 96 -19.02 -2.50 -7.72
C TYR B 96 -18.88 -2.76 -9.21
N LYS B 97 -20.01 -2.81 -9.91
CA LYS B 97 -20.03 -3.08 -11.34
C LYS B 97 -20.96 -2.08 -12.03
N GLY B 98 -20.47 -1.45 -13.09
CA GLY B 98 -21.27 -0.46 -13.81
C GLY B 98 -20.47 0.21 -14.92
N GLY B 99 -21.22 0.78 -15.86
CA GLY B 99 -20.62 1.41 -17.01
C GLY B 99 -20.25 2.87 -16.75
N LEU B 100 -19.61 3.46 -17.76
CA LEU B 100 -19.20 4.86 -17.76
C LEU B 100 -19.88 5.57 -18.93
N ARG B 101 -20.42 6.75 -18.66
CA ARG B 101 -21.16 7.52 -19.66
C ARG B 101 -20.47 8.85 -19.91
N PHE B 102 -20.12 9.13 -21.15
CA PHE B 102 -19.55 10.41 -21.56
C PHE B 102 -20.64 11.13 -22.36
N HIS B 103 -21.28 12.11 -21.74
CA HIS B 103 -22.40 12.78 -22.39
C HIS B 103 -22.62 14.10 -21.69
N PRO B 104 -22.91 15.18 -22.41
CA PRO B 104 -22.94 16.50 -21.77
C PRO B 104 -24.00 16.67 -20.69
N THR B 105 -24.98 15.76 -20.63
CA THR B 105 -26.01 15.82 -19.60
C THR B 105 -25.59 15.19 -18.29
N VAL B 106 -24.41 14.55 -18.24
CA VAL B 106 -24.03 13.76 -17.07
C VAL B 106 -23.90 14.65 -15.84
N ASN B 107 -24.53 14.23 -14.75
CA ASN B 107 -24.38 14.85 -13.44
C ASN B 107 -24.55 13.77 -12.38
N LEU B 108 -24.41 14.17 -11.12
CA LEU B 108 -24.53 13.20 -10.02
C LEU B 108 -25.89 12.52 -10.02
N SER B 109 -26.95 13.23 -10.42
CA SER B 109 -28.30 12.68 -10.38
C SER B 109 -28.47 11.51 -11.35
N ILE B 110 -28.07 11.71 -12.61
CA ILE B 110 -28.20 10.67 -13.61
C ILE B 110 -27.38 9.45 -13.21
N LEU B 111 -26.14 9.67 -12.76
CA LEU B 111 -25.30 8.54 -12.41
C LEU B 111 -25.80 7.83 -11.15
N LYS B 112 -26.43 8.57 -10.24
CA LYS B 112 -27.04 7.92 -9.07
C LYS B 112 -28.21 7.06 -9.48
N PHE B 113 -29.05 7.54 -10.41
CA PHE B 113 -30.15 6.71 -10.89
C PHE B 113 -29.62 5.45 -11.56
N LEU B 114 -28.58 5.61 -12.38
CA LEU B 114 -28.03 4.46 -13.10
C LEU B 114 -27.43 3.44 -12.12
N GLY B 115 -26.69 3.90 -11.12
CA GLY B 115 -26.09 2.96 -10.16
C GLY B 115 -27.12 2.29 -9.27
N PHE B 116 -28.13 3.06 -8.82
CA PHE B 116 -29.21 2.46 -8.05
C PHE B 116 -29.91 1.38 -8.85
N GLU B 117 -30.25 1.67 -10.11
CA GLU B 117 -30.75 0.62 -11.00
C GLU B 117 -29.80 -0.57 -11.02
N GLN B 118 -28.50 -0.29 -11.21
CA GLN B 118 -27.54 -1.34 -11.46
C GLN B 118 -27.46 -2.34 -10.33
N ILE B 119 -27.64 -1.88 -9.09
CA ILE B 119 -27.61 -2.80 -7.94
C ILE B 119 -28.55 -3.98 -8.19
N PHE B 120 -29.81 -3.69 -8.45
CA PHE B 120 -30.81 -4.74 -8.53
C PHE B 120 -30.80 -5.43 -9.90
N LYS B 121 -30.42 -4.72 -10.96
CA LYS B 121 -30.15 -5.39 -12.23
C LYS B 121 -29.11 -6.49 -12.06
N ASN B 122 -27.95 -6.12 -11.51
CA ASN B 122 -26.89 -7.08 -11.27
C ASN B 122 -27.38 -8.21 -10.37
N ALA B 123 -28.20 -7.89 -9.36
CA ALA B 123 -28.79 -8.93 -8.52
C ALA B 123 -29.59 -9.92 -9.37
N LEU B 124 -30.31 -9.42 -10.37
CA LEU B 124 -31.11 -10.31 -11.20
C LEU B 124 -30.26 -11.18 -12.11
N THR B 125 -29.03 -10.76 -12.43
CA THR B 125 -28.25 -11.67 -13.27
C THR B 125 -27.74 -12.91 -12.55
N GLY B 126 -27.88 -12.98 -11.22
CA GLY B 126 -27.39 -14.14 -10.49
C GLY B 126 -25.90 -14.26 -10.34
N LEU B 127 -25.13 -13.26 -10.78
CA LEU B 127 -23.68 -13.25 -10.62
C LEU B 127 -23.28 -12.38 -9.44
N SER B 128 -22.05 -12.55 -8.97
CA SER B 128 -21.54 -11.78 -7.83
C SER B 128 -21.01 -10.44 -8.33
N MET B 129 -21.90 -9.46 -8.41
CA MET B 129 -21.57 -8.15 -8.94
C MET B 129 -22.32 -7.10 -8.12
N GLY B 130 -21.58 -6.16 -7.52
CA GLY B 130 -22.19 -5.03 -6.87
C GLY B 130 -22.68 -3.99 -7.87
N GLY B 131 -23.19 -2.89 -7.32
CA GLY B 131 -23.80 -1.83 -8.11
C GLY B 131 -22.90 -0.62 -8.17
N GLY B 132 -22.77 -0.05 -9.37
CA GLY B 132 -22.02 1.18 -9.55
C GLY B 132 -22.25 1.73 -10.94
N LYS B 133 -21.73 2.93 -11.15
CA LYS B 133 -21.85 3.64 -12.43
C LYS B 133 -20.91 4.84 -12.40
N GLY B 134 -20.51 5.31 -13.57
CA GLY B 134 -19.64 6.47 -13.61
C GLY B 134 -19.76 7.22 -14.92
N GLY B 135 -18.97 8.27 -15.05
CA GLY B 135 -18.90 8.97 -16.32
C GLY B 135 -18.41 10.41 -16.14
N SER B 136 -18.78 11.24 -17.12
CA SER B 136 -18.31 12.60 -17.17
C SER B 136 -19.21 13.39 -18.12
N ASP B 137 -19.30 14.70 -17.90
CA ASP B 137 -19.99 15.57 -18.86
C ASP B 137 -19.14 15.89 -20.08
N PHE B 138 -17.98 15.25 -20.22
CA PHE B 138 -17.20 15.34 -21.45
C PHE B 138 -18.06 14.89 -22.63
N ASN B 139 -17.98 15.62 -23.73
CA ASN B 139 -18.74 15.29 -24.93
C ASN B 139 -17.79 14.80 -26.01
N PRO B 140 -17.85 13.53 -26.40
CA PRO B 140 -16.93 13.02 -27.43
C PRO B 140 -17.41 13.23 -28.86
N LYS B 141 -18.62 13.76 -29.07
CA LYS B 141 -19.16 13.86 -30.42
C LYS B 141 -18.27 14.72 -31.31
N ASN B 142 -18.02 14.23 -32.54
CA ASN B 142 -17.26 14.95 -33.56
C ASN B 142 -15.88 15.36 -33.09
N ARG B 143 -15.33 14.62 -32.14
CA ARG B 143 -14.06 14.94 -31.53
C ARG B 143 -13.02 13.95 -32.04
N SER B 144 -11.78 14.43 -32.19
CA SER B 144 -10.72 13.57 -32.71
C SER B 144 -10.40 12.45 -31.73
N ASP B 145 -9.92 11.33 -32.26
CA ASP B 145 -9.49 10.25 -31.39
C ASP B 145 -8.40 10.71 -30.44
N ASN B 146 -7.60 11.70 -30.83
CA ASN B 146 -6.57 12.23 -29.95
C ASN B 146 -7.19 12.89 -28.72
N GLU B 147 -8.22 13.71 -28.93
CA GLU B 147 -8.89 14.33 -27.79
C GLU B 147 -9.55 13.28 -26.91
N ILE B 148 -10.16 12.26 -27.51
CA ILE B 148 -10.77 11.19 -26.73
C ILE B 148 -9.69 10.46 -25.91
N ARG B 149 -8.55 10.20 -26.52
CA ARG B 149 -7.47 9.49 -25.84
C ARG B 149 -6.96 10.31 -24.66
N ARG B 150 -6.69 11.59 -24.90
CA ARG B 150 -6.20 12.46 -23.84
C ARG B 150 -7.22 12.53 -22.70
N PHE B 151 -8.50 12.65 -23.03
CA PHE B 151 -9.50 12.73 -21.98
C PHE B 151 -9.58 11.43 -21.18
N CYS B 152 -9.62 10.29 -21.88
CA CYS B 152 -9.69 9.02 -21.18
C CYS B 152 -8.49 8.85 -20.26
N VAL B 153 -7.30 9.27 -20.72
CA VAL B 153 -6.13 9.14 -19.88
C VAL B 153 -6.28 9.99 -18.63
N SER B 154 -6.66 11.26 -18.80
CA SER B 154 -6.84 12.12 -17.62
C SER B 154 -7.89 11.54 -16.68
N PHE B 155 -9.01 11.08 -17.25
CA PHE B 155 -10.10 10.51 -16.48
C PHE B 155 -9.63 9.32 -15.65
N MET B 156 -9.06 8.32 -16.33
CA MET B 156 -8.63 7.12 -15.64
C MET B 156 -7.50 7.40 -14.66
N ARG B 157 -6.68 8.42 -14.93
CA ARG B 157 -5.64 8.73 -13.96
C ARG B 157 -6.26 9.29 -12.70
N GLN B 158 -7.37 10.03 -12.82
CA GLN B 158 -8.04 10.49 -11.61
C GLN B 158 -8.80 9.37 -10.92
N LEU B 159 -9.23 8.36 -11.67
CA LEU B 159 -10.13 7.32 -11.16
C LEU B 159 -9.45 6.04 -10.65
N ALA B 160 -8.29 5.67 -11.20
CA ALA B 160 -7.75 4.32 -11.01
C ALA B 160 -7.56 3.96 -9.54
N ARG B 161 -7.09 4.92 -8.76
CA ARG B 161 -6.84 4.71 -7.34
C ARG B 161 -8.05 4.11 -6.62
N TYR B 162 -9.25 4.19 -7.22
CA TYR B 162 -10.49 3.83 -6.54
C TYR B 162 -11.17 2.61 -7.15
N ILE B 163 -10.54 1.95 -8.11
CA ILE B 163 -11.13 0.79 -8.75
C ILE B 163 -10.10 -0.33 -8.77
N GLY B 164 -10.57 -1.51 -9.14
CA GLY B 164 -9.74 -2.69 -9.16
C GLY B 164 -10.58 -3.90 -9.44
N PRO B 165 -9.96 -4.97 -9.90
CA PRO B 165 -10.74 -6.14 -10.33
C PRO B 165 -11.51 -6.80 -9.19
N ASP B 166 -11.18 -6.49 -7.95
CA ASP B 166 -11.96 -6.96 -6.80
C ASP B 166 -12.67 -5.84 -6.08
N THR B 167 -12.60 -4.61 -6.60
CA THR B 167 -13.18 -3.45 -5.94
C THR B 167 -14.27 -2.80 -6.78
N ASP B 168 -13.95 -2.46 -8.04
CA ASP B 168 -14.88 -1.76 -8.90
C ASP B 168 -14.43 -2.00 -10.35
N VAL B 169 -15.31 -2.57 -11.15
CA VAL B 169 -15.00 -2.93 -12.53
C VAL B 169 -15.88 -2.09 -13.44
N PRO B 170 -15.41 -0.93 -13.90
CA PRO B 170 -16.25 -0.11 -14.78
C PRO B 170 -16.30 -0.71 -16.17
N ALA B 171 -17.18 -0.15 -16.99
CA ALA B 171 -17.30 -0.55 -18.39
C ALA B 171 -17.84 0.63 -19.18
N GLY B 172 -18.35 0.36 -20.38
CA GLY B 172 -18.87 1.40 -21.24
C GLY B 172 -20.34 1.72 -21.03
N ASP B 173 -20.80 2.72 -21.79
CA ASP B 173 -22.19 3.16 -21.81
C ASP B 173 -22.32 4.19 -22.92
N ILE B 174 -23.25 5.15 -22.78
CA ILE B 174 -23.39 6.18 -23.81
C ILE B 174 -22.09 6.96 -23.91
N GLY B 175 -21.54 7.03 -25.11
CA GLY B 175 -20.32 7.75 -25.36
C GLY B 175 -19.05 6.98 -25.08
N VAL B 176 -19.16 5.79 -24.48
CA VAL B 176 -17.99 4.99 -24.09
C VAL B 176 -18.16 3.58 -24.67
N GLY B 177 -17.38 3.28 -25.69
CA GLY B 177 -17.37 1.96 -26.32
C GLY B 177 -15.97 1.36 -26.34
N GLY B 178 -15.71 0.45 -27.29
CA GLY B 178 -14.45 -0.26 -27.27
C GLY B 178 -13.23 0.64 -27.31
N ARG B 179 -13.28 1.70 -28.13
CA ARG B 179 -12.16 2.62 -28.22
C ARG B 179 -11.89 3.29 -26.87
N GLU B 180 -12.94 3.81 -26.24
CA GLU B 180 -12.77 4.50 -24.96
C GLU B 180 -12.36 3.52 -23.87
N VAL B 181 -12.93 2.32 -23.87
CA VAL B 181 -12.53 1.30 -22.90
C VAL B 181 -11.05 0.96 -23.06
N GLY B 182 -10.57 0.90 -24.31
CA GLY B 182 -9.16 0.63 -24.54
C GLY B 182 -8.26 1.73 -24.00
N PHE B 183 -8.59 2.99 -24.30
CA PHE B 183 -7.81 4.10 -23.78
C PHE B 183 -7.79 4.09 -22.26
N LEU B 184 -8.95 3.85 -21.64
CA LEU B 184 -9.04 3.81 -20.18
C LEU B 184 -8.19 2.69 -19.61
N PHE B 185 -8.25 1.50 -20.22
CA PHE B 185 -7.44 0.38 -19.76
C PHE B 185 -5.96 0.70 -19.84
N GLY B 186 -5.52 1.33 -20.93
CA GLY B 186 -4.12 1.70 -21.03
C GLY B 186 -3.68 2.66 -19.94
N ALA B 187 -4.50 3.69 -19.69
CA ALA B 187 -4.17 4.65 -18.63
C ALA B 187 -4.10 3.95 -17.28
N TYR B 188 -5.05 3.05 -17.01
CA TYR B 188 -5.03 2.31 -15.75
C TYR B 188 -3.76 1.50 -15.61
N LYS B 189 -3.39 0.76 -16.66
CA LYS B 189 -2.20 -0.08 -16.56
C LYS B 189 -0.95 0.74 -16.36
N GLN B 190 -0.88 1.93 -16.97
CA GLN B 190 0.29 2.77 -16.76
C GLN B 190 0.35 3.31 -15.33
N MET B 191 -0.80 3.58 -14.71
CA MET B 191 -0.75 4.15 -13.37
C MET B 191 -0.54 3.08 -12.30
N ARG B 192 -1.21 1.93 -12.41
CA ARG B 192 -1.22 0.95 -11.34
C ARG B 192 -0.29 -0.24 -11.57
N ASN B 193 0.25 -0.42 -12.78
CA ASN B 193 1.25 -1.43 -13.09
C ASN B 193 0.73 -2.85 -12.84
N ASN B 194 -0.53 -3.09 -13.17
CA ASN B 194 -1.09 -4.43 -13.10
C ASN B 194 -2.01 -4.62 -14.28
N TRP B 195 -2.08 -5.86 -14.75
CA TRP B 195 -2.90 -6.27 -15.89
C TRP B 195 -3.98 -7.20 -15.38
N ALA B 196 -5.21 -6.74 -15.35
CA ALA B 196 -6.28 -7.55 -14.79
C ALA B 196 -7.62 -7.04 -15.30
N GLY B 197 -8.67 -7.78 -14.94
CA GLY B 197 -10.03 -7.45 -15.33
C GLY B 197 -10.55 -6.25 -14.58
N VAL B 198 -9.84 -5.12 -14.69
CA VAL B 198 -10.30 -3.90 -14.06
C VAL B 198 -11.45 -3.27 -14.81
N LEU B 199 -11.62 -3.65 -16.08
CA LEU B 199 -12.72 -3.15 -16.91
C LEU B 199 -13.25 -4.31 -17.73
N THR B 200 -14.53 -4.24 -18.08
CA THR B 200 -15.12 -5.18 -19.02
C THR B 200 -15.46 -4.46 -20.31
N GLY B 201 -15.83 -5.24 -21.32
CA GLY B 201 -15.93 -4.67 -22.66
C GLY B 201 -14.59 -4.42 -23.28
N LYS B 202 -13.57 -5.19 -22.88
CA LYS B 202 -12.23 -5.04 -23.40
C LYS B 202 -12.13 -5.67 -24.79
N GLY B 203 -11.06 -5.31 -25.51
CA GLY B 203 -10.82 -5.92 -26.81
C GLY B 203 -10.51 -7.40 -26.68
N LEU B 204 -10.90 -8.17 -27.70
CA LEU B 204 -10.79 -9.64 -27.64
C LEU B 204 -9.36 -10.12 -27.36
N THR B 205 -8.34 -9.40 -27.84
CA THR B 205 -6.99 -9.90 -27.64
C THR B 205 -6.43 -9.57 -26.26
N TRP B 206 -7.02 -8.63 -25.54
CA TRP B 206 -6.53 -8.27 -24.21
C TRP B 206 -7.65 -8.37 -23.17
N GLY B 207 -8.30 -9.54 -23.12
CA GLY B 207 -9.18 -9.88 -22.02
C GLY B 207 -10.66 -9.67 -22.24
N GLY B 208 -11.12 -9.46 -23.48
CA GLY B 208 -12.53 -9.30 -23.73
C GLY B 208 -13.26 -10.63 -23.92
N SER B 209 -14.58 -10.54 -24.05
CA SER B 209 -15.43 -11.70 -24.22
C SER B 209 -16.17 -11.58 -25.56
N LEU B 210 -16.65 -12.73 -26.06
CA LEU B 210 -17.08 -12.79 -27.46
C LEU B 210 -18.47 -12.23 -27.70
N ILE B 211 -19.37 -12.33 -26.73
CA ILE B 211 -20.74 -11.84 -26.91
C ILE B 211 -20.95 -10.49 -26.24
N ARG B 212 -19.90 -9.89 -25.67
CA ARG B 212 -20.08 -8.63 -24.97
C ARG B 212 -20.65 -7.52 -25.85
N PRO B 213 -20.20 -7.31 -27.10
CA PRO B 213 -20.86 -6.29 -27.94
C PRO B 213 -22.35 -6.56 -28.14
N GLU B 214 -22.69 -7.80 -28.48
CA GLU B 214 -24.07 -8.20 -28.75
C GLU B 214 -24.92 -8.28 -27.48
N ALA B 215 -24.29 -8.32 -26.31
CA ALA B 215 -24.92 -8.83 -25.09
C ALA B 215 -26.26 -8.19 -24.78
N THR B 216 -26.31 -6.86 -24.74
CA THR B 216 -27.50 -6.18 -24.21
C THR B 216 -28.73 -6.39 -25.10
N GLY B 217 -28.59 -6.12 -26.39
CA GLY B 217 -29.73 -6.30 -27.29
C GLY B 217 -30.14 -7.75 -27.44
N TYR B 218 -29.15 -8.64 -27.61
CA TYR B 218 -29.45 -10.08 -27.64
C TYR B 218 -30.23 -10.49 -26.41
N GLY B 219 -29.82 -10.02 -25.23
CA GLY B 219 -30.50 -10.42 -24.02
C GLY B 219 -31.90 -9.85 -23.93
N CYS B 220 -32.08 -8.61 -24.37
CA CYS B 220 -33.42 -8.04 -24.41
C CYS B 220 -34.33 -8.87 -25.30
N VAL B 221 -33.83 -9.28 -26.46
CA VAL B 221 -34.66 -10.07 -27.37
C VAL B 221 -34.93 -11.46 -26.78
N TYR B 222 -33.97 -12.04 -26.06
CA TYR B 222 -34.21 -13.32 -25.43
C TYR B 222 -35.28 -13.21 -24.36
N TYR B 223 -35.23 -12.13 -23.57
CA TYR B 223 -36.25 -11.90 -22.55
C TYR B 223 -37.63 -11.73 -23.18
N VAL B 224 -37.71 -10.99 -24.30
CA VAL B 224 -39.01 -10.83 -24.95
C VAL B 224 -39.46 -12.12 -25.63
N GLU B 225 -38.51 -12.96 -26.08
CA GLU B 225 -38.86 -14.31 -26.51
C GLU B 225 -39.62 -15.04 -25.42
N LYS B 226 -39.05 -15.07 -24.21
CA LYS B 226 -39.71 -15.80 -23.13
C LYS B 226 -41.03 -15.12 -22.74
N MET B 227 -41.09 -13.79 -22.81
CA MET B 227 -42.34 -13.06 -22.55
C MET B 227 -43.44 -13.50 -23.51
N ILE B 228 -43.17 -13.42 -24.82
CA ILE B 228 -44.15 -13.82 -25.82
C ILE B 228 -44.57 -15.28 -25.61
N GLU B 229 -43.59 -16.16 -25.36
CA GLU B 229 -43.92 -17.56 -25.15
C GLU B 229 -44.90 -17.73 -23.99
N LYS B 230 -44.66 -17.04 -22.88
CA LYS B 230 -45.55 -17.18 -21.74
C LYS B 230 -46.92 -16.56 -22.03
N ALA B 231 -46.95 -15.45 -22.78
CA ALA B 231 -48.19 -14.73 -23.02
C ALA B 231 -49.11 -15.45 -24.01
N THR B 232 -48.55 -16.31 -24.86
CA THR B 232 -49.33 -16.98 -25.90
C THR B 232 -49.32 -18.50 -25.77
N ASN B 233 -48.90 -19.03 -24.62
CA ASN B 233 -48.77 -20.48 -24.40
C ASN B 233 -47.99 -21.14 -25.52
N GLY B 234 -46.92 -20.48 -25.95
CA GLY B 234 -46.04 -21.01 -26.98
C GLY B 234 -46.58 -20.95 -28.39
N LYS B 235 -47.73 -20.28 -28.60
CA LYS B 235 -48.34 -20.23 -29.92
C LYS B 235 -47.76 -19.14 -30.81
N GLU B 236 -47.15 -18.10 -30.24
CA GLU B 236 -46.52 -17.05 -31.01
C GLU B 236 -45.04 -16.98 -30.63
N THR B 237 -44.23 -16.50 -31.58
CA THR B 237 -42.82 -16.22 -31.34
C THR B 237 -42.53 -14.84 -31.90
N PHE B 238 -41.25 -14.53 -32.07
CA PHE B 238 -40.91 -13.30 -32.76
C PHE B 238 -41.23 -13.38 -34.25
N LYS B 239 -41.56 -14.57 -34.75
CA LYS B 239 -41.93 -14.77 -36.15
C LYS B 239 -43.00 -13.78 -36.59
N GLY B 240 -42.67 -12.97 -37.59
CA GLY B 240 -43.65 -12.08 -38.17
C GLY B 240 -44.11 -10.96 -37.27
N LYS B 241 -43.30 -10.54 -36.30
CA LYS B 241 -43.70 -9.46 -35.41
C LYS B 241 -43.07 -8.15 -35.87
N ARG B 242 -43.86 -7.08 -35.78
CA ARG B 242 -43.38 -5.75 -36.07
C ARG B 242 -42.78 -5.18 -34.79
N VAL B 243 -41.50 -4.80 -34.86
CA VAL B 243 -40.73 -4.40 -33.69
C VAL B 243 -40.19 -2.99 -33.92
N ALA B 244 -40.57 -2.06 -33.06
CA ALA B 244 -40.12 -0.68 -33.13
C ALA B 244 -39.00 -0.47 -32.11
N ILE B 245 -37.82 -0.12 -32.61
CA ILE B 245 -36.65 0.08 -31.77
C ILE B 245 -36.25 1.55 -31.84
N SER B 246 -35.85 2.11 -30.70
CA SER B 246 -35.28 3.44 -30.66
C SER B 246 -33.78 3.36 -30.43
N GLY B 247 -33.10 4.44 -30.79
CA GLY B 247 -31.65 4.46 -30.74
C GLY B 247 -31.05 3.68 -31.89
N SER B 248 -29.75 3.89 -32.09
CA SER B 248 -29.00 3.18 -33.12
C SER B 248 -27.60 2.88 -32.62
N GLY B 249 -27.44 2.76 -31.30
CA GLY B 249 -26.17 2.46 -30.70
C GLY B 249 -25.99 0.97 -30.50
N ASN B 250 -25.09 0.64 -29.56
CA ASN B 250 -24.72 -0.75 -29.34
C ASN B 250 -25.96 -1.60 -29.04
N VAL B 251 -26.74 -1.16 -28.04
CA VAL B 251 -27.94 -1.89 -27.64
C VAL B 251 -28.89 -2.03 -28.81
N ALA B 252 -29.23 -0.91 -29.46
CA ALA B 252 -30.22 -0.93 -30.52
C ALA B 252 -29.74 -1.71 -31.72
N GLN B 253 -28.47 -1.52 -32.12
CA GLN B 253 -27.92 -2.27 -33.26
C GLN B 253 -28.10 -3.77 -33.05
N TYR B 254 -27.66 -4.28 -31.90
CA TYR B 254 -27.67 -5.72 -31.79
C TYR B 254 -29.04 -6.27 -31.44
N ALA B 255 -29.89 -5.48 -30.78
CA ALA B 255 -31.28 -5.89 -30.66
C ALA B 255 -31.92 -6.06 -32.03
N ALA B 256 -31.71 -5.08 -32.93
CA ALA B 256 -32.26 -5.17 -34.27
C ALA B 256 -31.73 -6.40 -35.01
N LEU B 257 -30.42 -6.65 -34.92
CA LEU B 257 -29.85 -7.78 -35.62
C LEU B 257 -30.43 -9.11 -35.12
N LYS B 258 -30.63 -9.23 -33.80
CA LYS B 258 -31.22 -10.45 -33.27
C LYS B 258 -32.68 -10.59 -33.72
N VAL B 259 -33.42 -9.48 -33.73
CA VAL B 259 -34.81 -9.54 -34.20
C VAL B 259 -34.84 -10.02 -35.64
N ILE B 260 -33.93 -9.51 -36.48
CA ILE B 260 -33.86 -9.95 -37.87
C ILE B 260 -33.59 -11.44 -37.94
N GLU B 261 -32.58 -11.91 -37.21
CA GLU B 261 -32.24 -13.32 -37.20
C GLU B 261 -33.42 -14.20 -36.77
N LEU B 262 -34.29 -13.69 -35.89
CA LEU B 262 -35.40 -14.45 -35.37
C LEU B 262 -36.68 -14.31 -36.20
N GLY B 263 -36.62 -13.64 -37.34
CA GLY B 263 -37.77 -13.56 -38.24
C GLY B 263 -38.69 -12.40 -38.04
N GLY B 264 -38.34 -11.44 -37.20
CA GLY B 264 -39.13 -10.24 -37.04
C GLY B 264 -38.77 -9.18 -38.07
N THR B 265 -39.55 -8.10 -38.06
CA THR B 265 -39.34 -6.98 -38.96
C THR B 265 -39.05 -5.73 -38.12
N VAL B 266 -37.85 -5.19 -38.26
CA VAL B 266 -37.44 -4.00 -37.52
C VAL B 266 -37.98 -2.79 -38.28
N VAL B 267 -38.94 -2.09 -37.69
CA VAL B 267 -39.62 -1.02 -38.41
C VAL B 267 -39.03 0.36 -38.17
N SER B 268 -38.14 0.52 -37.19
CA SER B 268 -37.62 1.86 -36.93
C SER B 268 -36.31 1.80 -36.16
N LEU B 269 -35.50 2.83 -36.35
CA LEU B 269 -34.40 3.16 -35.45
C LEU B 269 -34.40 4.67 -35.25
N SER B 270 -33.56 5.17 -34.36
CA SER B 270 -33.50 6.61 -34.13
C SER B 270 -32.13 7.00 -33.60
N ASP B 271 -31.93 8.30 -33.45
CA ASP B 271 -30.76 8.86 -32.78
C ASP B 271 -31.16 10.21 -32.20
N SER B 272 -30.18 11.04 -31.86
CA SER B 272 -30.50 12.29 -31.18
C SER B 272 -31.15 13.33 -32.10
N LYS B 273 -31.16 13.11 -33.41
CA LYS B 273 -31.71 14.10 -34.33
C LYS B 273 -33.02 13.69 -34.98
N GLY B 274 -33.27 12.40 -35.17
CA GLY B 274 -34.52 11.99 -35.78
C GLY B 274 -34.67 10.48 -35.77
N SER B 275 -35.72 10.02 -36.44
CA SER B 275 -35.98 8.59 -36.58
C SER B 275 -35.91 8.19 -38.05
N ILE B 276 -35.74 6.88 -38.26
CA ILE B 276 -35.88 6.26 -39.58
C ILE B 276 -36.92 5.16 -39.46
N ILE B 277 -37.83 5.11 -40.43
CA ILE B 277 -38.94 4.15 -40.45
C ILE B 277 -38.90 3.39 -41.76
N SER B 278 -39.23 2.10 -41.70
CA SER B 278 -39.42 1.30 -42.91
C SER B 278 -40.66 0.45 -42.72
N LYS B 279 -41.13 -0.14 -43.83
CA LYS B 279 -42.31 -0.98 -43.80
C LYS B 279 -42.03 -2.44 -44.13
N ASN B 280 -40.93 -2.73 -44.84
CA ASN B 280 -40.52 -4.11 -45.08
C ASN B 280 -39.53 -4.61 -44.04
N GLY B 281 -39.07 -3.74 -43.15
CA GLY B 281 -38.12 -4.11 -42.14
C GLY B 281 -36.73 -3.62 -42.48
N ILE B 282 -35.97 -3.21 -41.48
CA ILE B 282 -34.59 -2.81 -41.70
C ILE B 282 -33.76 -4.07 -41.87
N THR B 283 -32.80 -4.03 -42.80
CA THR B 283 -31.97 -5.20 -43.11
C THR B 283 -30.70 -5.21 -42.26
N ALA B 284 -30.03 -6.36 -42.26
CA ALA B 284 -28.80 -6.52 -41.49
C ALA B 284 -27.66 -5.65 -42.04
N ASP B 285 -27.56 -5.55 -43.37
CA ASP B 285 -26.53 -4.70 -43.96
C ASP B 285 -26.72 -3.24 -43.56
N GLN B 286 -27.97 -2.81 -43.46
CA GLN B 286 -28.26 -1.46 -42.99
C GLN B 286 -27.77 -1.24 -41.57
N VAL B 287 -27.98 -2.21 -40.68
CA VAL B 287 -27.48 -2.08 -39.32
C VAL B 287 -25.96 -2.02 -39.32
N TYR B 288 -25.31 -2.85 -40.14
CA TYR B 288 -23.86 -2.82 -40.20
C TYR B 288 -23.34 -1.46 -40.64
N ALA B 289 -23.97 -0.88 -41.67
CA ALA B 289 -23.56 0.43 -42.14
C ALA B 289 -23.81 1.50 -41.08
N ILE B 290 -24.95 1.44 -40.41
CA ILE B 290 -25.25 2.41 -39.36
C ILE B 290 -24.21 2.32 -38.24
N ALA B 291 -23.82 1.11 -37.86
CA ALA B 291 -22.82 0.94 -36.80
C ALA B 291 -21.48 1.53 -37.22
N ALA B 292 -21.02 1.17 -38.43
CA ALA B 292 -19.75 1.70 -38.92
C ALA B 292 -19.78 3.22 -38.97
N ALA B 293 -20.90 3.80 -39.39
CA ALA B 293 -20.96 5.25 -39.51
C ALA B 293 -21.09 5.93 -38.15
N LYS B 294 -21.83 5.32 -37.21
CA LYS B 294 -21.96 5.89 -35.87
C LYS B 294 -20.64 5.87 -35.14
N LEU B 295 -19.75 4.92 -35.47
CA LEU B 295 -18.40 4.98 -34.95
C LEU B 295 -17.71 6.31 -35.24
N LYS B 296 -18.06 6.94 -36.37
CA LYS B 296 -17.49 8.23 -36.73
C LYS B 296 -18.42 9.41 -36.43
N PHE B 297 -19.43 9.20 -35.59
CA PHE B 297 -20.31 10.29 -35.11
C PHE B 297 -21.17 10.88 -36.25
N LYS B 298 -21.65 10.02 -37.15
CA LYS B 298 -22.54 10.45 -38.22
C LYS B 298 -23.98 10.40 -37.75
N SER B 299 -24.78 11.33 -38.26
CA SER B 299 -26.21 11.31 -37.99
C SER B 299 -26.88 10.28 -38.90
N LEU B 300 -28.03 9.78 -38.45
CA LEU B 300 -28.80 8.89 -39.31
C LEU B 300 -29.18 9.59 -40.61
N GLU B 301 -29.49 10.89 -40.53
CA GLU B 301 -29.71 11.68 -41.75
C GLU B 301 -28.51 11.56 -42.68
N GLU B 302 -27.31 11.81 -42.14
CA GLU B 302 -26.10 11.73 -42.94
C GLU B 302 -25.82 10.31 -43.39
N ILE B 303 -26.32 9.31 -42.66
CA ILE B 303 -26.03 7.92 -43.02
C ILE B 303 -26.90 7.46 -44.18
N VAL B 304 -28.18 7.83 -44.17
CA VAL B 304 -29.04 7.54 -45.33
C VAL B 304 -28.64 8.40 -46.52
N ALA B 305 -28.03 9.56 -46.29
CA ALA B 305 -27.52 10.35 -47.41
C ALA B 305 -26.25 9.72 -47.99
N ASP B 306 -25.34 9.24 -47.14
CA ASP B 306 -24.06 8.73 -47.62
C ASP B 306 -24.18 7.37 -48.28
N SER B 307 -25.19 6.58 -47.91
CA SER B 307 -25.42 5.26 -48.49
C SER B 307 -26.77 5.28 -49.22
N VAL B 308 -26.84 6.01 -50.33
CA VAL B 308 -28.09 6.11 -51.08
C VAL B 308 -28.50 4.74 -51.62
N GLN B 309 -27.54 3.99 -52.16
CA GLN B 309 -27.86 2.66 -52.70
C GLN B 309 -28.47 1.76 -51.65
N LEU B 310 -27.94 1.79 -50.43
CA LEU B 310 -28.31 0.85 -49.39
C LEU B 310 -29.68 1.12 -48.75
N PHE B 311 -30.22 2.33 -48.90
CA PHE B 311 -31.44 2.73 -48.20
C PHE B 311 -32.55 3.18 -49.16
N SER B 312 -32.58 2.64 -50.38
CA SER B 312 -33.51 3.16 -51.38
C SER B 312 -34.31 2.11 -52.15
N GLY B 313 -33.93 0.83 -52.12
CA GLY B 313 -34.65 -0.13 -52.93
C GLY B 313 -35.99 -0.51 -52.31
N ASP B 314 -36.30 -1.80 -52.33
CA ASP B 314 -37.43 -2.29 -51.54
C ASP B 314 -37.22 -2.06 -50.06
N HIS B 315 -35.98 -1.82 -49.63
CA HIS B 315 -35.64 -1.55 -48.23
C HIS B 315 -35.43 -0.05 -48.00
N SER B 316 -36.21 0.79 -48.64
CA SER B 316 -36.09 2.23 -48.41
C SER B 316 -36.53 2.58 -46.99
N VAL B 317 -36.08 3.74 -46.53
CA VAL B 317 -36.39 4.24 -45.19
C VAL B 317 -36.71 5.72 -45.30
N GLU B 318 -37.66 6.16 -44.48
CA GLU B 318 -38.02 7.57 -44.40
C GLU B 318 -37.44 8.17 -43.12
N TYR B 319 -36.72 9.28 -43.27
CA TYR B 319 -36.11 9.97 -42.14
C TYR B 319 -37.02 11.10 -41.69
N LEU B 320 -37.45 11.05 -40.44
CA LEU B 320 -38.31 12.04 -39.83
C LEU B 320 -37.49 12.81 -38.81
N ALA B 321 -37.17 14.05 -39.13
CA ALA B 321 -36.31 14.86 -38.28
C ALA B 321 -37.04 15.28 -37.01
N GLY B 322 -36.32 15.24 -35.89
CA GLY B 322 -36.85 15.75 -34.64
C GLY B 322 -37.95 14.93 -34.01
N VAL B 323 -38.11 13.68 -34.42
CA VAL B 323 -39.27 12.88 -34.02
C VAL B 323 -38.81 11.51 -33.50
N ARG B 324 -39.51 11.00 -32.38
CA ARG B 324 -39.34 9.64 -31.90
C ARG B 324 -40.27 8.67 -32.65
N PRO B 325 -39.84 7.41 -32.83
CA PRO B 325 -40.55 6.51 -33.74
C PRO B 325 -41.87 5.96 -33.24
N TRP B 326 -42.22 6.17 -31.97
CA TRP B 326 -43.35 5.46 -31.38
C TRP B 326 -44.67 5.76 -32.10
N THR B 327 -44.92 7.02 -32.44
CA THR B 327 -46.16 7.37 -33.12
C THR B 327 -46.09 7.24 -34.63
N LYS B 328 -44.90 7.02 -35.21
CA LYS B 328 -44.68 7.12 -36.65
C LYS B 328 -44.49 5.76 -37.31
N VAL B 329 -45.06 4.71 -36.75
CA VAL B 329 -44.86 3.36 -37.25
C VAL B 329 -46.14 2.59 -37.50
N GLY B 330 -47.30 3.20 -37.28
CA GLY B 330 -48.55 2.48 -37.51
C GLY B 330 -48.69 1.31 -36.55
N GLN B 331 -49.27 0.22 -37.04
CA GLN B 331 -49.45 -0.97 -36.21
C GLN B 331 -48.10 -1.55 -35.82
N VAL B 332 -47.94 -1.85 -34.53
CA VAL B 332 -46.69 -2.35 -33.96
C VAL B 332 -47.01 -3.37 -32.89
N ASP B 333 -46.21 -4.43 -32.81
CA ASP B 333 -46.43 -5.47 -31.82
C ASP B 333 -45.46 -5.38 -30.64
N VAL B 334 -44.18 -5.10 -30.88
CA VAL B 334 -43.17 -5.05 -29.84
C VAL B 334 -42.43 -3.72 -29.91
N ALA B 335 -42.06 -3.17 -28.76
CA ALA B 335 -41.30 -1.92 -28.68
C ALA B 335 -40.10 -2.12 -27.77
N LEU B 336 -38.91 -1.78 -28.28
CA LEU B 336 -37.65 -1.94 -27.56
C LEU B 336 -36.93 -0.59 -27.49
N PRO B 337 -37.31 0.30 -26.57
CA PRO B 337 -36.53 1.53 -26.38
C PRO B 337 -35.12 1.21 -25.94
N SER B 338 -34.15 1.60 -26.76
CA SER B 338 -32.76 1.20 -26.58
C SER B 338 -31.83 2.39 -26.77
N ALA B 339 -32.25 3.56 -26.27
CA ALA B 339 -31.50 4.79 -26.52
C ALA B 339 -31.12 5.50 -25.24
N THR B 340 -32.09 5.96 -24.44
CA THR B 340 -31.78 6.78 -23.28
C THR B 340 -32.97 6.70 -22.31
N GLN B 341 -32.86 7.43 -21.21
CA GLN B 341 -33.90 7.48 -20.21
C GLN B 341 -35.02 8.44 -20.62
N ASN B 342 -36.24 8.13 -20.17
CA ASN B 342 -37.41 8.97 -20.38
C ASN B 342 -37.60 9.32 -21.86
N GLU B 343 -37.61 8.27 -22.69
CA GLU B 343 -37.79 8.42 -24.13
C GLU B 343 -39.13 7.87 -24.60
N VAL B 344 -40.03 7.54 -23.68
CA VAL B 344 -41.38 7.09 -23.98
C VAL B 344 -42.35 7.85 -23.09
N SER B 345 -43.11 8.77 -23.67
CA SER B 345 -44.04 9.57 -22.89
C SER B 345 -45.35 8.81 -22.67
N GLY B 346 -46.16 9.35 -21.74
CA GLY B 346 -47.47 8.78 -21.52
C GLY B 346 -48.32 8.78 -22.80
N GLU B 347 -48.26 9.87 -23.55
CA GLU B 347 -48.98 9.94 -24.81
C GLU B 347 -48.43 8.93 -25.82
N GLU B 348 -47.09 8.82 -25.90
CA GLU B 348 -46.50 7.85 -26.82
C GLU B 348 -46.80 6.42 -26.37
N ALA B 349 -46.92 6.18 -25.06
CA ALA B 349 -47.36 4.88 -24.57
C ALA B 349 -48.79 4.58 -25.00
N LYS B 350 -49.68 5.57 -24.89
CA LYS B 350 -51.05 5.40 -25.39
C LYS B 350 -51.05 5.14 -26.89
N ALA B 351 -50.19 5.83 -27.64
CA ALA B 351 -50.10 5.61 -29.08
C ALA B 351 -49.66 4.18 -29.39
N LEU B 352 -48.70 3.65 -28.63
CA LEU B 352 -48.30 2.26 -28.84
C LEU B 352 -49.42 1.31 -28.51
N VAL B 353 -50.12 1.54 -27.39
CA VAL B 353 -51.25 0.69 -27.02
C VAL B 353 -52.31 0.71 -28.10
N ASP B 354 -52.64 1.90 -28.60
CA ASP B 354 -53.64 2.04 -29.64
C ASP B 354 -53.19 1.31 -30.91
N ALA B 355 -51.89 1.32 -31.19
CA ALA B 355 -51.33 0.64 -32.33
C ALA B 355 -51.18 -0.87 -32.11
N GLY B 356 -51.69 -1.40 -31.01
CA GLY B 356 -51.70 -2.84 -30.81
C GLY B 356 -50.48 -3.43 -30.14
N CYS B 357 -49.65 -2.60 -29.49
CA CYS B 357 -48.43 -3.12 -28.89
C CYS B 357 -48.74 -3.97 -27.66
N LYS B 358 -48.18 -5.17 -27.62
CA LYS B 358 -48.42 -6.10 -26.52
C LYS B 358 -47.17 -6.44 -25.72
N PHE B 359 -45.98 -6.09 -26.21
CA PHE B 359 -44.72 -6.38 -25.53
C PHE B 359 -43.83 -5.16 -25.58
N ILE B 360 -43.37 -4.71 -24.41
CA ILE B 360 -42.46 -3.58 -24.28
C ILE B 360 -41.36 -3.94 -23.31
N ALA B 361 -40.10 -3.89 -23.77
CA ALA B 361 -38.97 -4.19 -22.92
C ALA B 361 -37.87 -3.17 -23.19
N GLU B 362 -37.38 -2.55 -22.13
CA GLU B 362 -36.39 -1.48 -22.24
C GLU B 362 -35.00 -2.06 -22.45
N GLY B 363 -34.38 -1.74 -23.59
CA GLY B 363 -32.95 -1.97 -23.70
C GLY B 363 -32.16 -0.86 -23.02
N SER B 364 -32.71 0.35 -22.97
CA SER B 364 -32.08 1.46 -22.28
C SER B 364 -32.47 1.47 -20.81
N ASN B 365 -31.69 2.20 -20.02
CA ASN B 365 -31.92 2.28 -18.58
C ASN B 365 -32.98 3.32 -18.28
N MET B 366 -34.09 2.86 -17.68
CA MET B 366 -35.23 3.70 -17.35
C MET B 366 -35.75 4.40 -18.61
N GLY B 367 -35.98 3.61 -19.66
CA GLY B 367 -36.39 4.17 -20.93
C GLY B 367 -37.78 4.76 -20.91
N SER B 368 -38.65 4.27 -20.01
CA SER B 368 -40.03 4.71 -19.95
C SER B 368 -40.23 5.71 -18.82
N THR B 369 -41.02 6.74 -19.08
CA THR B 369 -41.40 7.65 -18.03
C THR B 369 -42.39 6.96 -17.08
N LYS B 370 -42.57 7.55 -15.89
CA LYS B 370 -43.52 6.99 -14.95
C LYS B 370 -44.91 6.89 -15.57
N GLU B 371 -45.26 7.89 -16.38
CA GLU B 371 -46.57 7.90 -17.03
C GLU B 371 -46.72 6.74 -18.00
N ALA B 372 -45.68 6.46 -18.79
CA ALA B 372 -45.72 5.33 -19.72
C ALA B 372 -45.88 4.01 -18.99
N ILE B 373 -45.19 3.85 -17.86
CA ILE B 373 -45.31 2.62 -17.07
C ILE B 373 -46.72 2.50 -16.51
N GLU B 374 -47.30 3.63 -16.08
CA GLU B 374 -48.68 3.64 -15.62
C GLU B 374 -49.64 3.18 -16.72
N VAL B 375 -49.43 3.68 -17.94
CA VAL B 375 -50.26 3.29 -19.08
C VAL B 375 -50.16 1.78 -19.35
N PHE B 376 -48.94 1.28 -19.48
CA PHE B 376 -48.74 -0.15 -19.78
C PHE B 376 -49.33 -1.03 -18.69
N GLU B 377 -49.07 -0.70 -17.43
CA GLU B 377 -49.60 -1.51 -16.35
C GLU B 377 -51.12 -1.44 -16.30
N ALA B 378 -51.71 -0.26 -16.60
CA ALA B 378 -53.16 -0.14 -16.61
C ALA B 378 -53.78 -0.95 -17.75
N ASN B 379 -53.02 -1.19 -18.82
CA ASN B 379 -53.49 -2.06 -19.89
C ASN B 379 -53.06 -3.51 -19.73
N ARG B 380 -52.31 -3.83 -18.67
CA ARG B 380 -51.86 -5.19 -18.46
C ARG B 380 -53.00 -6.20 -18.41
N ASP B 381 -53.84 -6.14 -17.37
CA ASP B 381 -54.86 -7.19 -17.23
C ASP B 381 -55.98 -7.08 -18.26
N SER B 382 -56.12 -5.96 -18.95
CA SER B 382 -57.26 -5.78 -19.84
C SER B 382 -56.90 -5.97 -21.31
N ASN B 383 -55.88 -5.29 -21.81
CA ASN B 383 -55.46 -5.41 -23.19
C ASN B 383 -54.22 -6.28 -23.35
N GLY B 384 -53.79 -6.94 -22.28
CA GLY B 384 -52.63 -7.80 -22.33
C GLY B 384 -51.34 -7.11 -22.74
N VAL B 385 -51.19 -5.83 -22.39
CA VAL B 385 -49.98 -5.09 -22.72
C VAL B 385 -48.97 -5.35 -21.62
N TRP B 386 -47.82 -5.92 -21.97
CA TRP B 386 -46.85 -6.43 -21.01
C TRP B 386 -45.57 -5.60 -21.09
N TYR B 387 -45.23 -4.95 -19.98
CA TYR B 387 -44.05 -4.11 -19.87
C TYR B 387 -42.99 -4.80 -19.03
N ALA B 388 -41.75 -4.77 -19.51
CA ALA B 388 -40.60 -5.31 -18.80
C ALA B 388 -39.59 -4.20 -18.54
N PRO B 389 -39.21 -3.93 -17.29
CA PRO B 389 -38.27 -2.83 -17.02
C PRO B 389 -36.86 -3.19 -17.44
N GLY B 390 -36.04 -2.13 -17.58
CA GLY B 390 -34.68 -2.31 -18.05
C GLY B 390 -33.83 -3.15 -17.13
N LYS B 391 -34.02 -2.99 -15.81
CA LYS B 391 -33.21 -3.72 -14.85
C LYS B 391 -33.34 -5.23 -15.00
N ALA B 392 -34.38 -5.70 -15.72
CA ALA B 392 -34.49 -7.10 -16.10
C ALA B 392 -34.05 -7.37 -17.54
N ALA B 393 -34.49 -6.55 -18.50
CA ALA B 393 -34.34 -6.90 -19.91
C ALA B 393 -32.94 -6.63 -20.44
N ASN B 394 -32.29 -5.56 -20.02
CA ASN B 394 -31.00 -5.22 -20.59
C ASN B 394 -29.84 -5.72 -19.75
N CYS B 395 -30.11 -6.55 -18.76
CA CYS B 395 -29.07 -7.04 -17.87
C CYS B 395 -28.11 -8.00 -18.56
N GLY B 396 -28.34 -8.32 -19.83
CA GLY B 396 -27.41 -9.18 -20.53
C GLY B 396 -26.02 -8.57 -20.67
N GLY B 397 -25.96 -7.26 -20.85
CA GLY B 397 -24.67 -6.60 -20.97
C GLY B 397 -23.81 -6.76 -19.73
N VAL B 398 -24.37 -6.44 -18.56
CA VAL B 398 -23.59 -6.58 -17.33
C VAL B 398 -23.36 -8.06 -17.00
N ALA B 399 -24.29 -8.93 -17.40
CA ALA B 399 -24.09 -10.36 -17.18
C ALA B 399 -22.88 -10.86 -17.99
N VAL B 400 -22.79 -10.47 -19.25
CA VAL B 400 -21.66 -10.88 -20.06
C VAL B 400 -20.39 -10.17 -19.63
N SER B 401 -20.53 -8.97 -19.03
CA SER B 401 -19.39 -8.35 -18.37
C SER B 401 -18.86 -9.22 -17.25
N GLY B 402 -19.76 -9.72 -16.40
CA GLY B 402 -19.35 -10.65 -15.36
C GLY B 402 -18.75 -11.93 -15.91
N LEU B 403 -19.26 -12.40 -17.06
CA LEU B 403 -18.66 -13.56 -17.70
C LEU B 403 -17.26 -13.24 -18.21
N GLU B 404 -17.05 -12.01 -18.68
CA GLU B 404 -15.71 -11.54 -19.02
C GLU B 404 -14.81 -11.53 -17.80
N MET B 405 -15.34 -11.05 -16.67
CA MET B 405 -14.59 -11.06 -15.42
C MET B 405 -14.21 -12.48 -15.01
N ALA B 406 -15.14 -13.42 -15.18
CA ALA B 406 -14.87 -14.81 -14.84
C ALA B 406 -13.81 -15.38 -15.76
N GLN B 407 -13.89 -15.08 -17.06
CA GLN B 407 -12.86 -15.52 -18.00
C GLN B 407 -11.50 -14.95 -17.63
N ASN B 408 -11.46 -13.67 -17.26
CA ASN B 408 -10.22 -13.03 -16.82
C ASN B 408 -9.66 -13.72 -15.58
N SER B 409 -10.52 -13.94 -14.59
CA SER B 409 -10.09 -14.58 -13.34
C SER B 409 -9.57 -15.99 -13.59
N GLN B 410 -10.18 -16.72 -14.53
CA GLN B 410 -9.78 -18.08 -14.86
C GLN B 410 -8.65 -18.13 -15.87
N ARG B 411 -8.30 -16.99 -16.48
CA ARG B 411 -7.29 -16.92 -17.53
C ARG B 411 -7.67 -17.80 -18.74
N VAL B 412 -8.94 -17.70 -19.14
CA VAL B 412 -9.47 -18.42 -20.30
C VAL B 412 -10.33 -17.44 -21.11
N GLN B 413 -10.56 -17.80 -22.37
CA GLN B 413 -11.49 -17.09 -23.23
C GLN B 413 -12.43 -18.12 -23.86
N TRP B 414 -13.73 -17.90 -23.70
CA TRP B 414 -14.73 -18.86 -24.13
C TRP B 414 -15.14 -18.65 -25.59
N THR B 415 -15.79 -19.65 -26.16
CA THR B 415 -16.25 -19.58 -27.54
C THR B 415 -17.52 -18.72 -27.62
N ASN B 416 -17.89 -18.39 -28.86
CA ASN B 416 -19.12 -17.64 -29.09
C ASN B 416 -20.31 -18.33 -28.44
N GLU B 417 -20.48 -19.63 -28.74
CA GLU B 417 -21.68 -20.35 -28.31
C GLU B 417 -21.75 -20.47 -26.80
N GLU B 418 -20.59 -20.66 -26.14
CA GLU B 418 -20.59 -20.79 -24.69
C GLU B 418 -21.11 -19.52 -24.03
N VAL B 419 -20.60 -18.37 -24.45
CA VAL B 419 -21.05 -17.11 -23.86
C VAL B 419 -22.50 -16.83 -24.25
N ASP B 420 -22.86 -17.10 -25.51
CA ASP B 420 -24.22 -16.87 -25.96
C ASP B 420 -25.22 -17.71 -25.17
N ALA B 421 -24.86 -18.96 -24.89
CA ALA B 421 -25.73 -19.85 -24.13
C ALA B 421 -25.85 -19.39 -22.68
N LYS B 422 -24.72 -18.99 -22.07
CA LYS B 422 -24.81 -18.49 -20.70
C LYS B 422 -25.68 -17.23 -20.64
N LEU B 423 -25.56 -16.35 -21.64
CA LEU B 423 -26.43 -15.19 -21.69
C LEU B 423 -27.88 -15.59 -21.79
N LYS B 424 -28.18 -16.56 -22.66
CA LYS B 424 -29.55 -17.02 -22.87
C LYS B 424 -30.13 -17.56 -21.56
N GLU B 425 -29.38 -18.43 -20.88
CA GLU B 425 -29.90 -19.03 -19.65
C GLU B 425 -30.07 -17.98 -18.56
N ILE B 426 -29.17 -17.01 -18.49
CA ILE B 426 -29.32 -15.96 -17.49
C ILE B 426 -30.59 -15.15 -17.78
N MET B 427 -30.82 -14.81 -19.06
CA MET B 427 -32.02 -14.03 -19.39
C MET B 427 -33.28 -14.80 -19.08
N TYR B 428 -33.31 -16.09 -19.42
CA TYR B 428 -34.49 -16.91 -19.15
C TYR B 428 -34.73 -17.07 -17.65
N THR B 429 -33.65 -17.33 -16.88
CA THR B 429 -33.80 -17.41 -15.43
C THR B 429 -34.32 -16.11 -14.87
N CYS B 430 -33.86 -14.98 -15.43
CA CYS B 430 -34.35 -13.67 -14.99
C CYS B 430 -35.85 -13.54 -15.25
N PHE B 431 -36.30 -13.97 -16.42
CA PHE B 431 -37.73 -13.89 -16.72
C PHE B 431 -38.54 -14.74 -15.75
N GLU B 432 -38.08 -15.98 -15.53
CA GLU B 432 -38.80 -16.87 -14.62
C GLU B 432 -38.82 -16.32 -13.20
N ASN B 433 -37.72 -15.70 -12.77
CA ASN B 433 -37.67 -15.13 -11.43
C ASN B 433 -38.61 -13.94 -11.30
N CYS B 434 -38.62 -13.05 -12.31
CA CYS B 434 -39.57 -11.94 -12.32
C CYS B 434 -41.00 -12.45 -12.23
N TYR B 435 -41.34 -13.44 -13.06
CA TYR B 435 -42.69 -13.97 -13.11
C TYR B 435 -43.11 -14.56 -11.77
N LYS B 436 -42.30 -15.49 -11.23
CA LYS B 436 -42.67 -16.15 -9.98
C LYS B 436 -42.73 -15.16 -8.83
N THR B 437 -41.81 -14.20 -8.81
CA THR B 437 -41.81 -13.22 -7.72
C THR B 437 -42.99 -12.27 -7.83
N ALA B 438 -43.31 -11.82 -9.05
CA ALA B 438 -44.50 -10.99 -9.23
C ALA B 438 -45.76 -11.71 -8.74
N GLN B 439 -45.88 -13.00 -9.04
CA GLN B 439 -47.05 -13.74 -8.58
C GLN B 439 -47.03 -13.95 -7.07
N LYS B 440 -45.87 -14.28 -6.51
CA LYS B 440 -45.77 -14.68 -5.11
C LYS B 440 -46.18 -13.55 -4.16
N TYR B 441 -45.96 -12.29 -4.54
CA TYR B 441 -46.21 -11.19 -3.63
C TYR B 441 -47.31 -10.28 -4.13
N SER B 442 -48.20 -10.79 -4.98
CA SER B 442 -49.32 -9.99 -5.47
C SER B 442 -50.45 -10.01 -4.43
N GLY B 449 -54.76 -12.97 -15.11
CA GLY B 449 -54.08 -12.28 -16.19
C GLY B 449 -52.56 -12.49 -16.18
N LEU B 450 -51.86 -11.60 -16.86
CA LEU B 450 -50.40 -11.60 -16.84
C LEU B 450 -49.89 -10.87 -15.61
N PRO B 451 -48.95 -11.45 -14.86
CA PRO B 451 -48.42 -10.75 -13.69
C PRO B 451 -47.47 -9.62 -14.09
N SER B 452 -47.33 -8.66 -13.20
CA SER B 452 -46.54 -7.47 -13.46
C SER B 452 -45.06 -7.78 -13.31
N LEU B 453 -44.34 -7.84 -14.44
CA LEU B 453 -42.91 -8.08 -14.40
C LEU B 453 -42.15 -6.93 -13.75
N LEU B 454 -42.69 -5.72 -13.82
CA LEU B 454 -42.07 -4.58 -13.13
C LEU B 454 -41.89 -4.89 -11.65
N LYS B 455 -43.01 -5.17 -10.98
CA LYS B 455 -42.96 -5.53 -9.57
C LYS B 455 -42.11 -6.77 -9.35
N GLY B 456 -42.19 -7.74 -10.26
CA GLY B 456 -41.41 -8.95 -10.10
C GLY B 456 -39.92 -8.69 -10.04
N ALA B 457 -39.40 -7.96 -11.03
CA ALA B 457 -37.98 -7.65 -11.07
C ALA B 457 -37.57 -6.85 -9.84
N ASN B 458 -38.31 -5.77 -9.54
CA ASN B 458 -37.91 -4.93 -8.43
C ASN B 458 -37.85 -5.72 -7.13
N ILE B 459 -38.86 -6.57 -6.90
CA ILE B 459 -38.94 -7.27 -5.63
C ILE B 459 -37.90 -8.38 -5.53
N ALA B 460 -37.67 -9.13 -6.63
CA ALA B 460 -36.66 -10.18 -6.58
C ALA B 460 -35.28 -9.61 -6.29
N GLY B 461 -34.87 -8.59 -7.08
CA GLY B 461 -33.58 -7.97 -6.85
C GLY B 461 -33.46 -7.37 -5.45
N PHE B 462 -34.49 -6.66 -5.02
CA PHE B 462 -34.48 -6.06 -3.70
C PHE B 462 -34.29 -7.11 -2.62
N ILE B 463 -35.00 -8.24 -2.72
CA ILE B 463 -34.90 -9.27 -1.69
C ILE B 463 -33.48 -9.82 -1.61
N LYS B 464 -32.90 -10.15 -2.77
CA LYS B 464 -31.54 -10.71 -2.76
C LYS B 464 -30.55 -9.73 -2.14
N VAL B 465 -30.59 -8.48 -2.60
CA VAL B 465 -29.65 -7.48 -2.11
C VAL B 465 -29.85 -7.26 -0.61
N ALA B 466 -31.11 -7.18 -0.16
CA ALA B 466 -31.39 -6.86 1.22
C ALA B 466 -31.00 -8.01 2.15
N ASP B 467 -31.26 -9.26 1.74
CA ASP B 467 -30.78 -10.37 2.55
C ASP B 467 -29.27 -10.31 2.71
N ALA B 468 -28.54 -10.03 1.63
CA ALA B 468 -27.09 -9.95 1.74
C ALA B 468 -26.67 -8.80 2.67
N MET B 469 -27.36 -7.67 2.59
CA MET B 469 -27.02 -6.54 3.46
C MET B 469 -27.29 -6.88 4.92
N PHE B 470 -28.40 -7.58 5.20
CA PHE B 470 -28.65 -8.03 6.56
C PHE B 470 -27.55 -8.96 7.03
N ASP B 471 -27.21 -9.95 6.20
CA ASP B 471 -26.19 -10.92 6.58
C ASP B 471 -24.88 -10.23 6.92
N GLN B 472 -24.51 -9.21 6.15
CA GLN B 472 -23.21 -8.56 6.31
C GLN B 472 -23.23 -7.41 7.30
N GLY B 473 -24.36 -7.14 7.95
CA GLY B 473 -24.42 -6.07 8.93
C GLY B 473 -24.55 -4.69 8.35
N ASP B 474 -24.90 -4.56 7.07
CA ASP B 474 -25.16 -3.23 6.52
C ASP B 474 -26.48 -2.66 6.99
N VAL B 475 -27.41 -3.52 7.46
CA VAL B 475 -28.68 -3.11 8.03
C VAL B 475 -28.97 -4.01 9.23
N PHE B 476 -29.60 -3.45 10.26
CA PHE B 476 -30.03 -4.24 11.42
C PHE B 476 -31.24 -3.63 12.12
N SER C 19 -12.45 -17.76 34.87
CA SER C 19 -11.54 -18.13 33.78
C SER C 19 -10.12 -17.61 34.03
N HIS C 20 -9.55 -18.00 35.18
CA HIS C 20 -8.15 -17.74 35.50
C HIS C 20 -7.22 -18.83 35.00
N MET C 21 -7.74 -20.03 34.74
CA MET C 21 -7.00 -21.08 34.04
C MET C 21 -7.17 -20.97 32.51
N VAL C 22 -7.53 -19.79 32.02
CA VAL C 22 -7.53 -19.52 30.60
C VAL C 22 -6.34 -18.66 30.22
N LEU C 23 -6.19 -17.52 30.87
CA LEU C 23 -5.06 -16.64 30.60
C LEU C 23 -3.77 -17.34 30.99
N PRO C 24 -2.73 -17.28 30.15
CA PRO C 24 -1.48 -17.97 30.47
C PRO C 24 -0.74 -17.32 31.63
N HIS C 25 0.09 -18.12 32.28
CA HIS C 25 0.87 -17.64 33.41
C HIS C 25 1.93 -16.67 32.92
N GLU C 26 1.83 -15.42 33.36
CA GLU C 26 2.74 -14.35 32.95
C GLU C 26 3.21 -13.67 34.22
N PRO C 27 4.16 -14.28 34.94
CA PRO C 27 4.50 -13.76 36.28
C PRO C 27 5.10 -12.37 36.27
N GLU C 28 6.00 -12.07 35.33
CA GLU C 28 6.62 -10.75 35.31
C GLU C 28 5.58 -9.69 34.97
N PHE C 29 4.75 -9.95 33.96
CA PHE C 29 3.68 -9.04 33.63
C PHE C 29 2.73 -8.86 34.81
N GLN C 30 2.39 -9.96 35.49
CA GLN C 30 1.51 -9.85 36.64
C GLN C 30 2.13 -9.01 37.73
N GLN C 31 3.45 -9.09 37.90
CA GLN C 31 4.14 -8.27 38.89
C GLN C 31 4.00 -6.79 38.56
N ALA C 32 4.35 -6.41 37.33
CA ALA C 32 4.24 -5.00 36.94
C ALA C 32 2.81 -4.51 37.05
N TYR C 33 1.87 -5.33 36.56
CA TYR C 33 0.45 -5.04 36.67
C TYR C 33 0.04 -4.79 38.11
N ASP C 34 0.43 -5.70 39.01
CA ASP C 34 0.01 -5.59 40.41
C ASP C 34 0.58 -4.35 41.08
N GLU C 35 1.86 -4.04 40.84
CA GLU C 35 2.41 -2.83 41.46
C GLU C 35 1.68 -1.59 40.97
N LEU C 36 1.46 -1.46 39.65
CA LEU C 36 0.74 -0.28 39.17
C LEU C 36 -0.67 -0.23 39.73
N VAL C 37 -1.39 -1.36 39.71
CA VAL C 37 -2.76 -1.38 40.18
C VAL C 37 -2.83 -0.99 41.65
N SER C 38 -1.99 -1.61 42.48
CA SER C 38 -2.03 -1.30 43.90
C SER C 38 -1.60 0.13 44.18
N ALA C 39 -0.73 0.71 43.34
CA ALA C 39 -0.43 2.12 43.50
C ALA C 39 -1.63 2.99 43.19
N VAL C 40 -2.46 2.58 42.23
CA VAL C 40 -3.61 3.40 41.89
C VAL C 40 -4.75 3.20 42.90
N GLU C 41 -4.94 1.96 43.38
CA GLU C 41 -6.03 1.70 44.32
C GLU C 41 -5.75 2.32 45.68
N ASP C 42 -4.48 2.29 46.11
CA ASP C 42 -4.08 2.89 47.39
C ASP C 42 -3.88 4.39 47.26
N SER C 43 -4.96 5.08 46.85
CA SER C 43 -4.90 6.53 46.67
C SER C 43 -6.32 7.05 46.57
N THR C 44 -6.45 8.38 46.65
CA THR C 44 -7.73 9.04 46.51
C THR C 44 -8.20 9.13 45.06
N LEU C 45 -7.52 8.48 44.11
CA LEU C 45 -7.82 8.73 42.71
C LEU C 45 -9.19 8.20 42.34
N PHE C 46 -9.46 6.92 42.63
CA PHE C 46 -10.76 6.36 42.30
C PHE C 46 -11.88 7.03 43.06
N LYS C 47 -11.58 7.63 44.22
CA LYS C 47 -12.60 8.37 44.94
C LYS C 47 -12.92 9.69 44.24
N GLU C 48 -11.89 10.39 43.76
CA GLU C 48 -12.13 11.70 43.17
C GLU C 48 -12.80 11.58 41.80
N GLU C 49 -12.36 10.62 40.98
CA GLU C 49 -13.01 10.36 39.71
C GLU C 49 -13.09 8.86 39.44
N PRO C 50 -14.24 8.24 39.71
CA PRO C 50 -14.34 6.78 39.55
C PRO C 50 -14.29 6.33 38.10
N GLN C 51 -14.37 7.25 37.14
CA GLN C 51 -14.32 6.85 35.74
C GLN C 51 -13.03 6.10 35.41
N TYR C 52 -11.93 6.48 36.05
CA TYR C 52 -10.66 5.81 35.83
C TYR C 52 -10.75 4.31 36.10
N LYS C 53 -11.71 3.86 36.92
CA LYS C 53 -11.82 2.44 37.19
C LYS C 53 -12.02 1.63 35.92
N LYS C 54 -12.68 2.22 34.91
CA LYS C 54 -12.91 1.50 33.66
C LYS C 54 -11.62 1.21 32.89
N VAL C 55 -10.54 1.95 33.19
CA VAL C 55 -9.38 1.97 32.31
C VAL C 55 -8.48 0.76 32.53
N ILE C 56 -8.40 0.26 33.78
CA ILE C 56 -7.42 -0.78 34.07
C ILE C 56 -7.63 -2.03 33.23
N PRO C 57 -8.84 -2.59 33.09
CA PRO C 57 -8.98 -3.83 32.31
C PRO C 57 -8.88 -3.64 30.81
N VAL C 58 -8.80 -2.40 30.32
CA VAL C 58 -8.63 -2.15 28.90
C VAL C 58 -7.15 -1.96 28.61
N VAL C 59 -6.51 -1.00 29.28
CA VAL C 59 -5.13 -0.64 29.01
C VAL C 59 -4.18 -1.80 29.28
N SER C 60 -4.54 -2.71 30.17
CA SER C 60 -3.65 -3.80 30.53
C SER C 60 -3.59 -4.89 29.48
N ILE C 61 -4.50 -4.89 28.51
CA ILE C 61 -4.46 -5.81 27.38
C ILE C 61 -3.85 -5.10 26.18
N PRO C 62 -2.72 -5.58 25.63
CA PRO C 62 -2.00 -4.81 24.62
C PRO C 62 -2.83 -4.59 23.37
N GLU C 63 -2.66 -3.42 22.76
CA GLU C 63 -3.35 -3.15 21.51
C GLU C 63 -3.07 -4.24 20.48
N ARG C 64 -1.83 -4.72 20.46
CA ARG C 64 -1.44 -5.66 19.41
C ARG C 64 -0.18 -6.37 19.86
N ILE C 65 -0.09 -7.67 19.55
CA ILE C 65 1.12 -8.44 19.76
C ILE C 65 1.43 -9.16 18.46
N ILE C 66 2.70 -9.26 18.12
CA ILE C 66 3.14 -9.98 16.93
C ILE C 66 4.24 -10.94 17.36
N GLN C 67 3.98 -12.23 17.22
CA GLN C 67 4.98 -13.28 17.42
C GLN C 67 5.35 -13.85 16.07
N PHE C 68 6.63 -14.13 15.87
CA PHE C 68 7.05 -14.64 14.57
C PHE C 68 8.25 -15.54 14.73
N ARG C 69 8.30 -16.58 13.90
CA ARG C 69 9.48 -17.41 13.80
C ARG C 69 10.64 -16.64 13.17
N VAL C 70 11.82 -16.75 13.76
CA VAL C 70 13.03 -16.14 13.23
C VAL C 70 13.95 -17.29 12.84
N THR C 71 14.04 -17.54 11.55
CA THR C 71 14.91 -18.56 10.98
C THR C 71 16.19 -17.86 10.53
N TRP C 72 17.34 -18.37 10.95
CA TRP C 72 18.61 -17.79 10.54
C TRP C 72 19.65 -18.90 10.40
N GLU C 73 20.87 -18.52 10.04
CA GLU C 73 21.93 -19.45 9.71
C GLU C 73 23.18 -19.13 10.51
N ASN C 74 23.72 -20.12 11.24
CA ASN C 74 24.93 -19.90 12.01
C ASN C 74 26.18 -20.11 11.15
N ASP C 75 27.36 -19.93 11.75
CA ASP C 75 28.59 -19.98 10.99
C ASP C 75 28.87 -21.36 10.41
N LYS C 76 28.30 -22.42 10.99
CA LYS C 76 28.45 -23.76 10.44
C LYS C 76 27.48 -24.04 9.29
N GLY C 77 26.70 -23.05 8.87
CA GLY C 77 25.73 -23.31 7.83
C GLY C 77 24.55 -24.13 8.30
N GLU C 78 24.28 -24.14 9.60
CA GLU C 78 23.16 -24.86 10.17
C GLU C 78 21.99 -23.90 10.35
N ILE C 79 20.78 -24.46 10.34
CA ILE C 79 19.57 -23.67 10.51
C ILE C 79 19.30 -23.52 12.01
N GLU C 80 19.09 -22.27 12.44
CA GLU C 80 18.74 -21.93 13.81
C GLU C 80 17.35 -21.31 13.82
N VAL C 81 16.60 -21.58 14.89
CA VAL C 81 15.22 -21.13 15.01
C VAL C 81 15.07 -20.43 16.35
N ASN C 82 14.43 -19.25 16.33
CA ASN C 82 14.16 -18.52 17.55
C ASN C 82 12.76 -17.91 17.49
N ASN C 83 12.27 -17.46 18.64
CA ASN C 83 11.00 -16.76 18.71
C ASN C 83 11.26 -15.25 18.78
N GLY C 84 10.53 -14.48 17.97
CA GLY C 84 10.63 -13.04 17.99
C GLY C 84 9.28 -12.43 18.33
N PHE C 85 9.31 -11.35 19.09
CA PHE C 85 8.09 -10.71 19.56
C PHE C 85 8.19 -9.21 19.36
N ARG C 86 7.04 -8.60 19.07
CA ARG C 86 6.86 -7.16 19.23
C ARG C 86 5.50 -6.92 19.84
N VAL C 87 5.48 -6.36 21.05
CA VAL C 87 4.27 -6.01 21.78
C VAL C 87 4.05 -4.52 21.59
N GLN C 88 3.03 -4.17 20.83
CA GLN C 88 2.64 -2.77 20.63
C GLN C 88 1.48 -2.53 21.59
N TYR C 89 1.80 -1.98 22.76
CA TYR C 89 0.88 -2.05 23.89
C TYR C 89 -0.15 -0.94 23.84
N ASN C 90 0.30 0.31 23.80
CA ASN C 90 -0.59 1.45 23.87
C ASN C 90 -0.02 2.57 23.02
N SER C 91 -0.86 3.17 22.17
CA SER C 91 -0.42 4.21 21.26
C SER C 91 -1.21 5.50 21.45
N ALA C 92 -1.85 5.68 22.61
CA ALA C 92 -2.68 6.86 22.82
C ALA C 92 -1.85 8.15 22.76
N LEU C 93 -0.69 8.15 23.42
CA LEU C 93 0.14 9.33 23.51
C LEU C 93 1.10 9.48 22.35
N GLY C 94 1.19 8.48 21.47
CA GLY C 94 2.12 8.51 20.36
C GLY C 94 2.33 7.14 19.75
N PRO C 95 3.24 7.05 18.78
CA PRO C 95 3.56 5.74 18.20
C PRO C 95 4.23 4.86 19.24
N TYR C 96 4.07 3.55 19.07
CA TYR C 96 4.70 2.60 19.99
C TYR C 96 6.19 2.89 20.11
N LYS C 97 6.69 2.94 21.34
CA LYS C 97 8.09 3.22 21.59
C LYS C 97 8.59 2.23 22.62
N GLY C 98 9.73 1.60 22.33
CA GLY C 98 10.30 0.63 23.23
C GLY C 98 11.52 -0.03 22.62
N GLY C 99 12.32 -0.63 23.50
CA GLY C 99 13.52 -1.29 23.07
C GLY C 99 13.27 -2.72 22.63
N LEU C 100 14.36 -3.35 22.20
CA LEU C 100 14.41 -4.75 21.82
C LEU C 100 15.41 -5.50 22.71
N ARG C 101 15.01 -6.68 23.18
CA ARG C 101 15.81 -7.47 24.12
C ARG C 101 16.15 -8.82 23.50
N PHE C 102 17.45 -9.12 23.40
CA PHE C 102 17.94 -10.43 22.96
C PHE C 102 18.53 -11.15 24.16
N HIS C 103 17.77 -12.10 24.70
CA HIS C 103 18.17 -12.80 25.90
C HIS C 103 17.41 -14.11 25.97
N PRO C 104 18.05 -15.21 26.37
CA PRO C 104 17.39 -16.52 26.25
C PRO C 104 16.15 -16.65 27.11
N THR C 105 15.97 -15.78 28.10
CA THR C 105 14.78 -15.84 28.94
C THR C 105 13.56 -15.19 28.30
N VAL C 106 13.73 -14.53 27.15
CA VAL C 106 12.68 -13.70 26.60
C VAL C 106 11.46 -14.54 26.25
N ASN C 107 10.30 -14.09 26.73
CA ASN C 107 9.03 -14.70 26.39
C ASN C 107 7.97 -13.59 26.38
N LEU C 108 6.75 -13.97 26.03
CA LEU C 108 5.67 -12.99 25.96
C LEU C 108 5.45 -12.33 27.30
N SER C 109 5.65 -13.06 28.41
CA SER C 109 5.41 -12.50 29.74
C SER C 109 6.38 -11.37 30.05
N ILE C 110 7.68 -11.63 29.87
CA ILE C 110 8.70 -10.62 30.15
C ILE C 110 8.48 -9.39 29.27
N LEU C 111 8.23 -9.61 27.98
CA LEU C 111 8.04 -8.48 27.08
C LEU C 111 6.74 -7.74 27.38
N LYS C 112 5.72 -8.44 27.86
CA LYS C 112 4.49 -7.75 28.25
C LYS C 112 4.73 -6.87 29.46
N PHE C 113 5.50 -7.35 30.44
CA PHE C 113 5.81 -6.49 31.56
C PHE C 113 6.59 -5.27 31.10
N LEU C 114 7.56 -5.46 30.20
CA LEU C 114 8.37 -4.33 29.73
C LEU C 114 7.53 -3.31 28.97
N GLY C 115 6.64 -3.77 28.09
CA GLY C 115 5.83 -2.83 27.32
C GLY C 115 4.79 -2.12 28.17
N PHE C 116 4.15 -2.86 29.09
CA PHE C 116 3.21 -2.25 30.01
C PHE C 116 3.89 -1.15 30.82
N GLU C 117 5.05 -1.45 31.40
CA GLU C 117 5.86 -0.43 32.05
C GLU C 117 6.12 0.75 31.11
N GLN C 118 6.52 0.44 29.88
CA GLN C 118 6.96 1.47 28.95
C GLN C 118 5.88 2.50 28.70
N ILE C 119 4.61 2.06 28.67
CA ILE C 119 3.51 3.02 28.45
C ILE C 119 3.64 4.21 29.39
N PHE C 120 3.66 3.92 30.69
CA PHE C 120 3.60 5.00 31.67
C PHE C 120 4.96 5.66 31.88
N LYS C 121 6.06 4.92 31.69
CA LYS C 121 7.37 5.58 31.63
C LYS C 121 7.39 6.67 30.57
N ASN C 122 7.03 6.29 29.33
CA ASN C 122 6.96 7.25 28.23
C ASN C 122 6.02 8.40 28.57
N ALA C 123 4.89 8.08 29.21
CA ALA C 123 3.98 9.13 29.68
C ALA C 123 4.70 10.10 30.60
N LEU C 124 5.60 9.59 31.44
CA LEU C 124 6.33 10.47 32.36
C LEU C 124 7.37 11.33 31.66
N THR C 125 7.85 10.92 30.48
CA THR C 125 8.85 11.76 29.82
C THR C 125 8.28 13.05 29.23
N GLY C 126 6.96 13.23 29.21
CA GLY C 126 6.37 14.41 28.63
C GLY C 126 6.45 14.49 27.11
N LEU C 127 6.97 13.47 26.43
CA LEU C 127 7.03 13.43 24.97
C LEU C 127 5.91 12.55 24.41
N SER C 128 5.64 12.72 23.12
CA SER C 128 4.58 11.95 22.47
C SER C 128 5.11 10.60 22.03
N MET C 129 5.03 9.61 22.92
CA MET C 129 5.57 8.28 22.66
C MET C 129 4.64 7.25 23.26
N GLY C 130 4.14 6.32 22.44
CA GLY C 130 3.39 5.20 22.95
C GLY C 130 4.29 4.15 23.58
N GLY C 131 3.66 3.09 24.05
CA GLY C 131 4.35 2.03 24.77
C GLY C 131 4.43 0.76 23.94
N GLY C 132 5.61 0.15 23.95
CA GLY C 132 5.79 -1.13 23.29
C GLY C 132 7.13 -1.71 23.68
N LYS C 133 7.34 -2.95 23.27
CA LYS C 133 8.59 -3.63 23.57
C LYS C 133 8.68 -4.89 22.72
N GLY C 134 9.89 -5.31 22.39
CA GLY C 134 10.06 -6.51 21.60
C GLY C 134 11.37 -7.19 21.89
N GLY C 135 11.61 -8.29 21.20
CA GLY C 135 12.88 -8.98 21.34
C GLY C 135 12.76 -10.43 20.90
N SER C 136 13.66 -11.25 21.44
CA SER C 136 13.76 -12.63 21.02
C SER C 136 14.54 -13.40 22.07
N ASP C 137 14.27 -14.70 22.16
CA ASP C 137 15.05 -15.56 23.04
C ASP C 137 16.40 -15.92 22.43
N PHE C 138 16.75 -15.30 21.32
CA PHE C 138 18.09 -15.44 20.74
C PHE C 138 19.12 -14.99 21.76
N ASN C 139 20.21 -15.74 21.85
CA ASN C 139 21.29 -15.44 22.79
C ASN C 139 22.50 -14.96 22.01
N PRO C 140 22.88 -13.69 22.11
CA PRO C 140 24.03 -13.20 21.34
C PRO C 140 25.38 -13.44 22.00
N LYS C 141 25.41 -13.96 23.23
CA LYS C 141 26.66 -14.06 23.98
C LYS C 141 27.67 -14.92 23.25
N ASN C 142 28.91 -14.44 23.18
CA ASN C 142 30.01 -15.20 22.59
C ASN C 142 29.74 -15.61 21.15
N ARG C 143 28.92 -14.84 20.46
CA ARG C 143 28.53 -15.16 19.10
C ARG C 143 29.22 -14.21 18.13
N SER C 144 29.55 -14.71 16.95
CA SER C 144 30.30 -13.90 16.00
C SER C 144 29.47 -12.73 15.49
N ASP C 145 30.16 -11.65 15.08
CA ASP C 145 29.45 -10.53 14.48
C ASP C 145 28.68 -10.98 13.26
N ASN C 146 29.16 -12.01 12.55
CA ASN C 146 28.42 -12.53 11.42
C ASN C 146 27.11 -13.16 11.85
N GLU C 147 27.15 -13.96 12.93
CA GLU C 147 25.93 -14.57 13.43
C GLU C 147 24.95 -13.51 13.92
N ILE C 148 25.48 -12.48 14.58
CA ILE C 148 24.67 -11.37 15.07
C ILE C 148 24.00 -10.65 13.91
N ARG C 149 24.77 -10.42 12.83
CA ARG C 149 24.22 -9.75 11.65
C ARG C 149 23.14 -10.58 10.99
N ARG C 150 23.39 -11.88 10.80
CA ARG C 150 22.40 -12.72 10.15
C ARG C 150 21.12 -12.76 10.95
N PHE C 151 21.23 -12.87 12.29
CA PHE C 151 20.02 -12.93 13.11
C PHE C 151 19.27 -11.61 13.06
N CYS C 152 19.97 -10.49 13.20
CA CYS C 152 19.29 -9.21 13.11
C CYS C 152 18.60 -9.07 11.76
N VAL C 153 19.23 -9.53 10.69
CA VAL C 153 18.63 -9.41 9.36
C VAL C 153 17.32 -10.18 9.31
N SER C 154 17.35 -11.45 9.71
CA SER C 154 16.13 -12.24 9.68
C SER C 154 15.06 -11.61 10.55
N PHE C 155 15.44 -11.19 11.76
CA PHE C 155 14.51 -10.63 12.71
C PHE C 155 13.81 -9.40 12.15
N MET C 156 14.60 -8.41 11.71
CA MET C 156 14.02 -7.18 11.20
C MET C 156 13.21 -7.42 9.94
N ARG C 157 13.59 -8.41 9.11
CA ARG C 157 12.77 -8.66 7.93
C ARG C 157 11.43 -9.25 8.32
N GLN C 158 11.38 -10.01 9.42
CA GLN C 158 10.08 -10.48 9.89
C GLN C 158 9.27 -9.36 10.54
N LEU C 159 9.95 -8.34 11.07
CA LEU C 159 9.28 -7.31 11.87
C LEU C 159 8.90 -6.06 11.06
N ALA C 160 9.63 -5.77 9.98
CA ALA C 160 9.58 -4.45 9.33
C ALA C 160 8.16 -4.07 8.90
N ARG C 161 7.42 -5.03 8.38
CA ARG C 161 6.04 -4.78 7.94
C ARG C 161 5.18 -4.12 9.02
N TYR C 162 5.60 -4.19 10.29
CA TYR C 162 4.76 -3.81 11.43
C TYR C 162 5.27 -2.60 12.19
N ILE C 163 6.32 -1.94 11.71
CA ILE C 163 6.88 -0.77 12.36
C ILE C 163 7.04 0.35 11.34
N GLY C 164 7.37 1.53 11.83
CA GLY C 164 7.53 2.70 11.00
C GLY C 164 7.71 3.96 11.84
N PRO C 165 8.27 5.02 11.25
CA PRO C 165 8.61 6.20 12.05
C PRO C 165 7.39 6.91 12.64
N ASP C 166 6.20 6.63 12.14
CA ASP C 166 4.97 7.15 12.75
C ASP C 166 4.10 6.04 13.32
N THR C 167 4.60 4.81 13.33
CA THR C 167 3.83 3.66 13.80
C THR C 167 4.49 3.00 14.98
N ASP C 168 5.76 2.64 14.88
CA ASP C 168 6.42 1.89 15.94
C ASP C 168 7.91 2.08 15.77
N VAL C 169 8.57 2.62 16.80
CA VAL C 169 9.99 2.94 16.73
C VAL C 169 10.77 2.14 17.77
N PRO C 170 11.27 0.96 17.43
CA PRO C 170 12.04 0.19 18.42
C PRO C 170 13.42 0.77 18.64
N ALA C 171 14.10 0.22 19.65
CA ALA C 171 15.48 0.59 19.96
C ALA C 171 16.13 -0.60 20.67
N GLY C 172 17.24 -0.34 21.36
CA GLY C 172 17.97 -1.38 22.03
C GLY C 172 17.52 -1.65 23.46
N ASP C 173 18.16 -2.65 24.06
CA ASP C 173 17.92 -3.06 25.44
C ASP C 173 18.97 -4.09 25.82
N ILE C 174 18.64 -5.03 26.70
CA ILE C 174 19.58 -6.08 27.08
C ILE C 174 19.92 -6.92 25.85
N GLY C 175 21.20 -7.02 25.55
CA GLY C 175 21.65 -7.80 24.43
C GLY C 175 21.61 -7.09 23.10
N VAL C 176 21.03 -5.89 23.04
CA VAL C 176 20.88 -5.15 21.79
C VAL C 176 21.45 -3.75 22.02
N GLY C 177 22.60 -3.47 21.41
CA GLY C 177 23.24 -2.18 21.48
C GLY C 177 23.50 -1.58 20.12
N GLY C 178 24.52 -0.71 20.01
CA GLY C 178 24.71 0.02 18.78
C GLY C 178 24.89 -0.88 17.56
N ARG C 179 25.66 -1.95 17.70
CA ARG C 179 25.88 -2.86 16.59
C ARG C 179 24.59 -3.50 16.12
N GLU C 180 23.80 -4.03 17.06
CA GLU C 180 22.57 -4.72 16.68
C GLU C 180 21.57 -3.76 16.10
N VAL C 181 21.48 -2.55 16.67
CA VAL C 181 20.60 -1.53 16.09
C VAL C 181 21.03 -1.19 14.68
N GLY C 182 22.34 -1.15 14.43
CA GLY C 182 22.81 -0.87 13.09
C GLY C 182 22.40 -1.93 12.09
N PHE C 183 22.63 -3.20 12.45
CA PHE C 183 22.22 -4.30 11.58
C PHE C 183 20.71 -4.27 11.34
N LEU C 184 19.93 -3.99 12.39
CA LEU C 184 18.48 -3.92 12.25
C LEU C 184 18.07 -2.79 11.31
N PHE C 185 18.72 -1.62 11.46
CA PHE C 185 18.40 -0.49 10.59
C PHE C 185 18.69 -0.82 9.14
N GLY C 186 19.84 -1.45 8.88
CA GLY C 186 20.16 -1.83 7.52
C GLY C 186 19.14 -2.77 6.93
N ALA C 187 18.76 -3.78 7.71
CA ALA C 187 17.77 -4.74 7.21
C ALA C 187 16.44 -4.05 6.91
N TYR C 188 15.98 -3.18 7.80
CA TYR C 188 14.73 -2.48 7.55
C TYR C 188 14.83 -1.64 6.28
N LYS C 189 15.91 -0.88 6.12
CA LYS C 189 16.02 -0.03 4.94
C LYS C 189 16.07 -0.87 3.67
N GLN C 190 16.65 -2.06 3.72
CA GLN C 190 16.59 -2.93 2.55
C GLN C 190 15.18 -3.45 2.27
N MET C 191 14.38 -3.70 3.30
CA MET C 191 13.07 -4.27 3.00
C MET C 191 12.07 -3.20 2.60
N ARG C 192 12.08 -2.03 3.26
CA ARG C 192 11.02 -1.04 3.03
C ARG C 192 11.46 0.11 2.15
N ASN C 193 12.74 0.24 1.84
CA ASN C 193 13.24 1.23 0.88
C ASN C 193 12.93 2.66 1.31
N ASN C 194 13.07 2.93 2.61
CA ASN C 194 12.95 4.29 3.12
C ASN C 194 13.94 4.46 4.26
N TRP C 195 14.45 5.69 4.40
CA TRP C 195 15.41 6.08 5.44
C TRP C 195 14.75 7.07 6.39
N ALA C 196 14.46 6.63 7.61
CA ALA C 196 13.76 7.47 8.57
C ALA C 196 13.99 6.93 9.98
N GLY C 197 13.47 7.66 10.96
CA GLY C 197 13.62 7.26 12.34
C GLY C 197 12.79 6.05 12.72
N VAL C 198 12.99 4.94 12.02
CA VAL C 198 12.30 3.70 12.37
C VAL C 198 12.94 3.08 13.61
N LEU C 199 14.15 3.50 13.97
CA LEU C 199 14.81 3.04 15.18
C LEU C 199 15.53 4.21 15.83
N THR C 200 15.68 4.13 17.14
CA THR C 200 16.52 5.05 17.89
C THR C 200 17.73 4.29 18.43
N GLY C 201 18.67 5.04 18.99
CA GLY C 201 19.96 4.46 19.32
C GLY C 201 20.82 4.22 18.11
N LYS C 202 20.56 4.95 17.02
CA LYS C 202 21.28 4.81 15.77
C LYS C 202 22.65 5.47 15.88
N GLY C 203 23.53 5.10 14.95
CA GLY C 203 24.85 5.72 14.90
C GLY C 203 24.78 7.19 14.57
N LEU C 204 25.73 7.95 15.12
CA LEU C 204 25.73 9.40 14.95
C LEU C 204 25.74 9.79 13.48
N THR C 205 26.37 8.97 12.64
CA THR C 205 26.55 9.29 11.22
C THR C 205 25.30 9.03 10.41
N TRP C 206 24.36 8.24 10.90
CA TRP C 206 23.12 7.96 10.18
C TRP C 206 21.90 8.17 11.07
N GLY C 207 21.81 9.35 11.70
CA GLY C 207 20.59 9.77 12.34
C GLY C 207 20.48 9.56 13.84
N GLY C 208 21.57 9.25 14.53
CA GLY C 208 21.54 9.10 15.97
C GLY C 208 21.72 10.42 16.70
N SER C 209 21.61 10.36 18.02
CA SER C 209 21.71 11.52 18.91
C SER C 209 22.89 11.36 19.86
N LEU C 210 23.30 12.50 20.46
CA LEU C 210 24.59 12.56 21.12
C LEU C 210 24.59 12.00 22.54
N ILE C 211 23.50 12.13 23.28
CA ILE C 211 23.50 11.68 24.67
C ILE C 211 22.80 10.33 24.83
N ARG C 212 22.38 9.71 23.73
CA ARG C 212 21.63 8.46 23.83
C ARG C 212 22.37 7.35 24.56
N PRO C 213 23.67 7.10 24.31
CA PRO C 213 24.37 6.11 25.16
C PRO C 213 24.36 6.46 26.64
N GLU C 214 24.71 7.71 26.96
CA GLU C 214 24.76 8.17 28.34
C GLU C 214 23.38 8.38 28.96
N ALA C 215 22.33 8.40 28.12
CA ALA C 215 21.05 8.95 28.53
C ALA C 215 20.49 8.29 29.78
N THR C 216 20.40 6.95 29.78
CA THR C 216 19.69 6.26 30.84
C THR C 216 20.40 6.41 32.18
N GLY C 217 21.70 6.12 32.21
CA GLY C 217 22.43 6.22 33.46
C GLY C 217 22.53 7.64 33.96
N TYR C 218 22.83 8.58 33.07
CA TYR C 218 22.84 9.98 33.45
C TYR C 218 21.49 10.39 34.04
N GLY C 219 20.40 9.97 33.42
CA GLY C 219 19.09 10.39 33.89
C GLY C 219 18.76 9.81 35.24
N CYS C 220 19.13 8.55 35.45
CA CYS C 220 18.94 7.96 36.77
C CYS C 220 19.67 8.77 37.83
N VAL C 221 20.92 9.14 37.55
CA VAL C 221 21.65 9.92 38.53
C VAL C 221 21.04 11.31 38.72
N TYR C 222 20.51 11.90 37.65
CA TYR C 222 19.84 13.20 37.80
C TYR C 222 18.60 13.09 38.68
N TYR C 223 17.83 12.02 38.48
CA TYR C 223 16.66 11.80 39.31
C TYR C 223 17.05 11.63 40.77
N VAL C 224 18.17 10.93 41.02
CA VAL C 224 18.61 10.80 42.40
C VAL C 224 19.16 12.11 42.92
N GLU C 225 19.74 12.94 42.06
CA GLU C 225 20.10 14.31 42.45
C GLU C 225 18.90 15.00 43.08
N LYS C 226 17.78 15.02 42.36
CA LYS C 226 16.60 15.72 42.90
C LYS C 226 16.05 15.01 44.13
N MET C 227 16.15 13.69 44.19
CA MET C 227 15.71 12.95 45.37
C MET C 227 16.49 13.39 46.60
N ILE C 228 17.82 13.34 46.52
CA ILE C 228 18.67 13.75 47.63
C ILE C 228 18.37 15.18 48.03
N GLU C 229 18.26 16.07 47.03
CA GLU C 229 18.00 17.48 47.32
C GLU C 229 16.72 17.65 48.12
N LYS C 230 15.64 16.97 47.72
CA LYS C 230 14.39 17.12 48.45
C LYS C 230 14.48 16.50 49.83
N ALA C 231 15.22 15.39 49.95
CA ALA C 231 15.27 14.69 51.23
C ALA C 231 16.12 15.40 52.26
N THR C 232 17.11 16.20 51.83
CA THR C 232 18.01 16.85 52.77
C THR C 232 17.95 18.37 52.67
N ASN C 233 16.95 18.92 52.00
CA ASN C 233 16.81 20.36 51.84
C ASN C 233 18.09 20.99 51.33
N GLY C 234 18.73 20.33 50.36
CA GLY C 234 19.92 20.85 49.73
C GLY C 234 21.18 20.77 50.56
N LYS C 235 21.13 20.10 51.72
CA LYS C 235 22.30 20.04 52.59
C LYS C 235 23.28 18.96 52.17
N GLU C 236 22.81 17.95 51.44
CA GLU C 236 23.64 16.89 50.91
C GLU C 236 23.47 16.82 49.40
N THR C 237 24.51 16.35 48.71
CA THR C 237 24.46 16.07 47.29
C THR C 237 25.07 14.68 47.09
N PHE C 238 25.42 14.35 45.84
CA PHE C 238 26.14 13.10 45.59
C PHE C 238 27.59 13.15 46.08
N LYS C 239 28.08 14.33 46.44
CA LYS C 239 29.43 14.50 46.96
C LYS C 239 29.69 13.59 48.17
N GLY C 240 30.68 12.71 48.02
CA GLY C 240 31.11 11.83 49.11
C GLY C 240 30.13 10.75 49.52
N LYS C 241 29.23 10.33 48.64
CA LYS C 241 28.26 9.29 48.96
C LYS C 241 28.73 7.96 48.39
N ARG C 242 28.48 6.89 49.14
CA ARG C 242 28.79 5.54 48.68
C ARG C 242 27.63 5.02 47.86
N VAL C 243 27.91 4.64 46.61
CA VAL C 243 26.88 4.26 45.65
C VAL C 243 27.16 2.85 45.16
N ALA C 244 26.21 1.95 45.37
CA ALA C 244 26.30 0.56 44.94
C ALA C 244 25.51 0.37 43.66
N ILE C 245 26.19 -0.07 42.60
CA ILE C 245 25.59 -0.28 41.29
C ILE C 245 25.67 -1.77 40.95
N SER C 246 24.60 -2.29 40.36
CA SER C 246 24.58 -3.62 39.79
C SER C 246 24.55 -3.52 38.27
N GLY C 247 24.93 -4.62 37.63
CA GLY C 247 25.09 -4.63 36.19
C GLY C 247 26.36 -3.92 35.76
N SER C 248 26.73 -4.15 34.51
CA SER C 248 27.89 -3.48 33.94
C SER C 248 27.66 -3.17 32.48
N GLY C 249 26.39 -2.99 32.09
CA GLY C 249 26.02 -2.67 30.73
C GLY C 249 25.91 -1.18 30.54
N ASN C 250 25.14 -0.80 29.52
CA ASN C 250 25.01 0.62 29.15
C ASN C 250 24.51 1.46 30.32
N VAL C 251 23.39 1.04 30.92
CA VAL C 251 22.82 1.80 32.03
C VAL C 251 23.82 1.91 33.16
N ALA C 252 24.38 0.77 33.59
CA ALA C 252 25.27 0.77 34.75
C ALA C 252 26.57 1.52 34.46
N GLN C 253 27.15 1.31 33.26
CA GLN C 253 28.36 2.04 32.91
C GLN C 253 28.16 3.54 33.04
N TYR C 254 27.10 4.07 32.42
CA TYR C 254 27.00 5.53 32.41
C TYR C 254 26.45 6.07 33.73
N ALA C 255 25.67 5.27 34.46
CA ALA C 255 25.32 5.63 35.83
C ALA C 255 26.59 5.81 36.67
N ALA C 256 27.50 4.83 36.58
CA ALA C 256 28.75 4.91 37.31
C ALA C 256 29.54 6.14 36.89
N LEU C 257 29.65 6.38 35.58
CA LEU C 257 30.42 7.52 35.13
C LEU C 257 29.84 8.84 35.64
N LYS C 258 28.51 8.96 35.65
CA LYS C 258 27.91 10.20 36.14
C LYS C 258 28.09 10.34 37.64
N VAL C 259 27.96 9.25 38.40
CA VAL C 259 28.21 9.32 39.84
C VAL C 259 29.63 9.78 40.11
N ILE C 260 30.58 9.26 39.34
CA ILE C 260 31.96 9.70 39.47
C ILE C 260 32.08 11.20 39.20
N GLU C 261 31.49 11.66 38.09
CA GLU C 261 31.58 13.09 37.75
C GLU C 261 31.00 13.98 38.85
N LEU C 262 29.97 13.52 39.55
CA LEU C 262 29.32 14.34 40.56
C LEU C 262 29.98 14.26 41.92
N GLY C 263 31.10 13.55 42.04
CA GLY C 263 31.82 13.48 43.28
C GLY C 263 31.46 12.33 44.19
N GLY C 264 30.64 11.38 43.73
CA GLY C 264 30.37 10.18 44.50
C GLY C 264 31.42 9.11 44.26
N THR C 265 31.35 8.05 45.06
CA THR C 265 32.28 6.93 44.92
C THR C 265 31.47 5.67 44.62
N VAL C 266 31.68 5.10 43.44
CA VAL C 266 30.96 3.90 43.03
C VAL C 266 31.66 2.70 43.68
N VAL C 267 30.96 2.02 44.59
CA VAL C 267 31.60 0.95 45.36
C VAL C 267 31.43 -0.42 44.73
N SER C 268 30.59 -0.59 43.70
CA SER C 268 30.41 -1.94 43.15
C SER C 268 29.85 -1.88 41.73
N LEU C 269 30.11 -2.96 41.00
CA LEU C 269 29.40 -3.30 39.77
C LEU C 269 29.12 -4.80 39.79
N SER C 270 28.37 -5.31 38.82
CA SER C 270 28.13 -6.75 38.74
C SER C 270 27.82 -7.11 37.30
N ASP C 271 27.67 -8.41 37.07
CA ASP C 271 27.18 -8.93 35.79
C ASP C 271 26.54 -10.28 36.08
N SER C 272 26.33 -11.10 35.03
CA SER C 272 25.59 -12.34 35.22
C SER C 272 26.39 -13.40 35.97
N LYS C 273 27.70 -13.20 36.19
CA LYS C 273 28.51 -14.20 36.86
C LYS C 273 28.95 -13.79 38.26
N GLY C 274 29.09 -12.51 38.54
CA GLY C 274 29.50 -12.10 39.86
C GLY C 274 29.46 -10.60 40.02
N SER C 275 29.96 -10.15 41.17
CA SER C 275 30.07 -8.73 41.49
C SER C 275 31.53 -8.35 41.63
N ILE C 276 31.81 -7.06 41.53
CA ILE C 276 33.09 -6.50 41.90
C ILE C 276 32.84 -5.38 42.89
N ILE C 277 33.65 -5.34 43.96
CA ILE C 277 33.51 -4.36 45.03
C ILE C 277 34.85 -3.65 45.19
N SER C 278 34.79 -2.35 45.50
CA SER C 278 35.97 -1.59 45.87
C SER C 278 35.63 -0.74 47.09
N LYS C 279 36.66 -0.15 47.70
CA LYS C 279 36.46 0.67 48.86
C LYS C 279 36.77 2.14 48.65
N ASN C 280 37.65 2.46 47.70
CA ASN C 280 37.93 3.85 47.37
C ASN C 280 37.13 4.34 46.17
N GLY C 281 36.40 3.47 45.50
CA GLY C 281 35.57 3.85 44.36
C GLY C 281 36.16 3.40 43.03
N ILE C 282 35.28 3.00 42.12
CA ILE C 282 35.69 2.60 40.78
C ILE C 282 36.01 3.84 39.97
N THR C 283 37.06 3.76 39.16
CA THR C 283 37.51 4.88 38.35
C THR C 283 36.85 4.87 36.98
N ALA C 284 36.96 6.02 36.29
CA ALA C 284 36.42 6.14 34.95
C ALA C 284 37.17 5.25 33.97
N ASP C 285 38.50 5.13 34.15
CA ASP C 285 39.28 4.25 33.28
C ASP C 285 38.82 2.81 33.40
N GLN C 286 38.50 2.38 34.62
CA GLN C 286 37.99 1.03 34.81
C GLN C 286 36.66 0.84 34.09
N VAL C 287 35.76 1.82 34.17
CA VAL C 287 34.47 1.70 33.50
C VAL C 287 34.65 1.69 31.99
N TYR C 288 35.52 2.53 31.46
CA TYR C 288 35.75 2.52 30.01
C TYR C 288 36.27 1.16 29.56
N ALA C 289 37.23 0.59 30.31
CA ALA C 289 37.75 -0.73 29.96
C ALA C 289 36.67 -1.79 30.06
N ILE C 290 35.85 -1.72 31.11
CA ILE C 290 34.75 -2.68 31.28
C ILE C 290 33.80 -2.59 30.08
N ALA C 291 33.51 -1.37 29.62
CA ALA C 291 32.62 -1.20 28.48
C ALA C 291 33.22 -1.81 27.22
N ALA C 292 34.48 -1.48 26.95
CA ALA C 292 35.15 -2.02 25.77
C ALA C 292 35.13 -3.53 25.79
N ALA C 293 35.39 -4.12 26.95
CA ALA C 293 35.47 -5.58 27.03
C ALA C 293 34.07 -6.21 26.97
N LYS C 294 33.07 -5.55 27.54
CA LYS C 294 31.71 -6.07 27.51
C LYS C 294 31.17 -6.09 26.09
N LEU C 295 31.65 -5.17 25.24
CA LEU C 295 31.34 -5.30 23.82
C LEU C 295 31.77 -6.65 23.27
N LYS C 296 32.86 -7.23 23.80
CA LYS C 296 33.33 -8.53 23.36
C LYS C 296 32.90 -9.66 24.28
N PHE C 297 31.91 -9.44 25.14
CA PHE C 297 31.30 -10.50 25.94
C PHE C 297 32.26 -11.08 26.96
N LYS C 298 33.07 -10.23 27.57
CA LYS C 298 33.98 -10.65 28.63
C LYS C 298 33.28 -10.61 29.97
N SER C 299 33.65 -11.54 30.85
CA SER C 299 33.15 -11.48 32.21
C SER C 299 33.93 -10.43 32.99
N LEU C 300 33.32 -9.93 34.06
CA LEU C 300 34.04 -9.04 34.94
C LEU C 300 35.29 -9.72 35.49
N GLU C 301 35.19 -11.02 35.78
CA GLU C 301 36.37 -11.81 36.15
C GLU C 301 37.44 -11.72 35.07
N GLU C 302 37.05 -11.97 33.82
CA GLU C 302 38.02 -11.93 32.73
C GLU C 302 38.58 -10.52 32.55
N ILE C 303 37.81 -9.49 32.93
CA ILE C 303 38.27 -8.12 32.71
C ILE C 303 39.24 -7.69 33.79
N VAL C 304 39.00 -8.08 35.04
CA VAL C 304 39.97 -7.77 36.10
C VAL C 304 41.23 -8.59 35.90
N ALA C 305 41.13 -9.75 35.25
CA ALA C 305 42.34 -10.49 34.90
C ALA C 305 43.07 -9.84 33.73
N ASP C 306 42.33 -9.38 32.72
CA ASP C 306 42.94 -8.85 31.51
C ASP C 306 43.47 -7.44 31.70
N SER C 307 42.88 -6.68 32.61
CA SER C 307 43.31 -5.31 32.87
C SER C 307 43.88 -5.23 34.28
N VAL C 308 45.00 -5.91 34.48
CA VAL C 308 45.66 -5.88 35.79
C VAL C 308 46.12 -4.48 36.12
N GLN C 309 46.65 -3.76 35.13
CA GLN C 309 47.14 -2.40 35.36
C GLN C 309 46.03 -1.53 35.95
N LEU C 310 44.81 -1.68 35.46
CA LEU C 310 43.69 -0.84 35.87
C LEU C 310 43.06 -1.27 37.19
N PHE C 311 43.26 -2.50 37.64
CA PHE C 311 42.54 -3.05 38.77
C PHE C 311 43.44 -3.52 39.89
N SER C 312 44.62 -2.92 40.09
CA SER C 312 45.52 -3.46 41.10
C SER C 312 46.17 -2.46 42.05
N GLY C 313 46.25 -1.18 41.70
CA GLY C 313 46.92 -0.25 42.59
C GLY C 313 46.08 0.16 43.77
N ASP C 314 46.03 1.48 44.00
CA ASP C 314 45.03 2.04 44.89
C ASP C 314 43.62 1.72 44.38
N HIS C 315 43.50 1.33 43.10
CA HIS C 315 42.23 0.98 42.49
C HIS C 315 42.05 -0.52 42.37
N SER C 316 42.57 -1.30 43.30
CA SER C 316 42.34 -2.74 43.27
C SER C 316 40.86 -3.03 43.54
N VAL C 317 40.43 -4.23 43.17
CA VAL C 317 39.03 -4.61 43.25
C VAL C 317 38.92 -6.05 43.74
N GLU C 318 37.88 -6.34 44.52
CA GLU C 318 37.57 -7.70 44.98
C GLU C 318 36.44 -8.27 44.14
N TYR C 319 36.67 -9.42 43.50
CA TYR C 319 35.66 -10.07 42.66
C TYR C 319 34.99 -11.19 43.44
N LEU C 320 33.66 -11.10 43.60
CA LEU C 320 32.87 -12.11 44.30
C LEU C 320 32.00 -12.84 43.28
N ALA C 321 32.35 -14.09 42.98
CA ALA C 321 31.63 -14.84 41.96
C ALA C 321 30.25 -15.28 42.47
N GLY C 322 29.26 -15.23 41.57
CA GLY C 322 27.94 -15.76 41.85
C GLY C 322 27.11 -14.97 42.84
N VAL C 323 27.48 -13.73 43.12
CA VAL C 323 26.87 -12.96 44.20
C VAL C 323 26.51 -11.57 43.68
N ARG C 324 25.39 -11.05 44.18
CA ARG C 324 24.94 -9.68 43.97
C ARG C 324 25.64 -8.76 44.97
N PRO C 325 25.94 -7.52 44.57
CA PRO C 325 26.84 -6.68 45.39
C PRO C 325 26.21 -6.09 46.65
N TRP C 326 24.89 -6.22 46.83
CA TRP C 326 24.19 -5.46 47.87
C TRP C 326 24.67 -5.78 49.28
N THR C 327 24.91 -7.06 49.58
CA THR C 327 25.38 -7.39 50.92
C THR C 327 26.88 -7.22 51.05
N LYS C 328 27.60 -7.01 49.94
CA LYS C 328 29.05 -7.14 49.93
C LYS C 328 29.77 -5.81 49.81
N VAL C 329 29.12 -4.72 50.22
CA VAL C 329 29.68 -3.38 50.06
C VAL C 329 29.76 -2.63 51.38
N GLY C 330 29.37 -3.27 52.49
CA GLY C 330 29.42 -2.59 53.77
C GLY C 330 28.46 -1.43 53.80
N GLN C 331 28.86 -0.34 54.43
CA GLN C 331 28.03 0.84 54.49
C GLN C 331 27.83 1.40 53.08
N VAL C 332 26.57 1.69 52.75
CA VAL C 332 26.24 2.22 51.42
C VAL C 332 25.08 3.20 51.55
N ASP C 333 25.15 4.29 50.78
CA ASP C 333 24.17 5.35 50.83
C ASP C 333 23.13 5.27 49.72
N VAL C 334 23.54 4.94 48.51
CA VAL C 334 22.68 4.91 47.34
C VAL C 334 22.79 3.55 46.67
N ALA C 335 21.68 3.05 46.14
CA ALA C 335 21.68 1.78 45.41
C ALA C 335 20.98 1.99 44.07
N LEU C 336 21.68 1.62 42.98
CA LEU C 336 21.19 1.82 41.62
C LEU C 336 21.16 0.47 40.90
N PRO C 337 20.14 -0.34 41.14
CA PRO C 337 19.99 -1.57 40.35
C PRO C 337 19.86 -1.24 38.88
N SER C 338 20.83 -1.70 38.09
CA SER C 338 20.96 -1.28 36.69
C SER C 338 21.26 -2.47 35.80
N ALA C 339 20.66 -3.62 36.07
CA ALA C 339 21.02 -4.83 35.35
C ALA C 339 19.82 -5.51 34.71
N THR C 340 18.89 -6.01 35.52
CA THR C 340 17.79 -6.80 35.01
C THR C 340 16.65 -6.74 36.01
N GLN C 341 15.57 -7.46 35.71
CA GLN C 341 14.42 -7.47 36.59
C GLN C 341 14.64 -8.41 37.78
N ASN C 342 14.01 -8.05 38.90
CA ASN C 342 14.03 -8.85 40.11
C ASN C 342 15.45 -9.20 40.55
N GLU C 343 16.30 -8.18 40.65
CA GLU C 343 17.69 -8.34 41.05
C GLU C 343 17.96 -7.77 42.43
N VAL C 344 16.92 -7.41 43.18
CA VAL C 344 17.06 -6.99 44.57
C VAL C 344 15.99 -7.74 45.36
N SER C 345 16.41 -8.69 46.18
CA SER C 345 15.51 -9.49 46.98
C SER C 345 15.13 -8.77 48.25
N GLY C 346 14.08 -9.29 48.92
CA GLY C 346 13.70 -8.74 50.21
C GLY C 346 14.83 -8.76 51.22
N GLU C 347 15.58 -9.87 51.25
CA GLU C 347 16.75 -9.93 52.13
C GLU C 347 17.80 -8.91 51.71
N GLU C 348 18.02 -8.76 50.41
CA GLU C 348 18.98 -7.75 49.97
C GLU C 348 18.48 -6.35 50.29
N ALA C 349 17.16 -6.13 50.26
CA ALA C 349 16.63 -4.84 50.68
C ALA C 349 16.88 -4.60 52.17
N LYS C 350 16.64 -5.62 53.00
CA LYS C 350 16.90 -5.49 54.43
C LYS C 350 18.37 -5.18 54.68
N ALA C 351 19.25 -5.86 53.94
CA ALA C 351 20.69 -5.60 54.07
C ALA C 351 21.01 -4.16 53.69
N LEU C 352 20.40 -3.65 52.61
CA LEU C 352 20.65 -2.28 52.20
C LEU C 352 20.17 -1.28 53.25
N VAL C 353 18.98 -1.51 53.81
CA VAL C 353 18.49 -0.60 54.84
C VAL C 353 19.46 -0.59 56.03
N ASP C 354 19.89 -1.78 56.46
CA ASP C 354 20.83 -1.84 57.59
C ASP C 354 22.15 -1.16 57.25
N ALA C 355 22.59 -1.24 56.00
CA ALA C 355 23.82 -0.58 55.59
C ALA C 355 23.65 0.92 55.42
N GLY C 356 22.50 1.46 55.80
CA GLY C 356 22.30 2.89 55.77
C GLY C 356 21.83 3.43 54.45
N CYS C 357 21.36 2.58 53.55
CA CYS C 357 20.94 3.06 52.24
C CYS C 357 19.68 3.89 52.39
N LYS C 358 19.71 5.09 51.83
CA LYS C 358 18.59 6.01 51.93
C LYS C 358 17.98 6.34 50.57
N PHE C 359 18.66 5.97 49.49
CA PHE C 359 18.19 6.25 48.14
C PHE C 359 18.35 5.00 47.30
N ILE C 360 17.25 4.55 46.70
CA ILE C 360 17.22 3.43 45.79
C ILE C 360 16.43 3.87 44.58
N ALA C 361 17.06 3.85 43.42
CA ALA C 361 16.41 4.24 42.19
C ALA C 361 16.80 3.23 41.14
N GLU C 362 15.80 2.63 40.49
CA GLU C 362 16.07 1.56 39.54
C GLU C 362 16.53 2.15 38.20
N GLY C 363 17.76 1.83 37.80
CA GLY C 363 18.14 2.06 36.43
C GLY C 363 17.63 0.98 35.51
N SER C 364 17.44 -0.24 36.04
CA SER C 364 16.87 -1.34 35.27
C SER C 364 15.34 -1.32 35.38
N ASN C 365 14.71 -2.05 34.46
CA ASN C 365 13.26 -2.10 34.45
C ASN C 365 12.79 -3.14 35.45
N MET C 366 12.01 -2.69 36.44
CA MET C 366 11.52 -3.56 37.53
C MET C 366 12.68 -4.22 38.26
N GLY C 367 13.64 -3.40 38.68
CA GLY C 367 14.84 -3.92 39.32
C GLY C 367 14.60 -4.56 40.66
N SER C 368 13.57 -4.13 41.38
CA SER C 368 13.29 -4.61 42.73
C SER C 368 12.18 -5.64 42.71
N THR C 369 12.33 -6.68 43.54
CA THR C 369 11.25 -7.63 43.76
C THR C 369 10.16 -6.97 44.59
N LYS C 370 8.98 -7.57 44.58
CA LYS C 370 7.88 -7.04 45.38
C LYS C 370 8.27 -6.95 46.85
N GLU C 371 9.01 -7.95 47.35
CA GLU C 371 9.44 -7.94 48.74
C GLU C 371 10.40 -6.79 49.04
N ALA C 372 11.36 -6.55 48.15
CA ALA C 372 12.27 -5.43 48.34
C ALA C 372 11.53 -4.10 48.37
N ILE C 373 10.53 -3.94 47.49
CA ILE C 373 9.76 -2.70 47.46
C ILE C 373 8.96 -2.55 48.75
N GLU C 374 8.36 -3.64 49.25
CA GLU C 374 7.65 -3.57 50.51
C GLU C 374 8.58 -3.15 51.65
N VAL C 375 9.80 -3.69 51.67
CA VAL C 375 10.78 -3.28 52.68
C VAL C 375 11.07 -1.79 52.57
N PHE C 376 11.39 -1.31 51.36
CA PHE C 376 11.73 0.10 51.17
C PHE C 376 10.57 1.00 51.60
N GLU C 377 9.36 0.69 51.16
CA GLU C 377 8.22 1.52 51.52
C GLU C 377 7.96 1.48 53.02
N ALA C 378 8.17 0.31 53.66
CA ALA C 378 8.00 0.21 55.10
C ALA C 378 9.03 1.02 55.86
N ASN C 379 10.19 1.27 55.26
CA ASN C 379 11.17 2.15 55.87
C ASN C 379 11.11 3.60 55.36
N ARG C 380 10.20 3.93 54.46
CA ARG C 380 10.13 5.31 53.98
C ARG C 380 9.92 6.34 55.09
N ASP C 381 8.75 6.33 55.73
CA ASP C 381 8.41 7.38 56.69
C ASP C 381 9.18 7.27 58.01
N SER C 382 9.84 6.14 58.27
CA SER C 382 10.56 5.92 59.52
C SER C 382 12.06 6.09 59.39
N ASN C 383 12.69 5.45 58.39
CA ASN C 383 14.12 5.56 58.15
C ASN C 383 14.46 6.49 56.98
N GLY C 384 13.47 7.19 56.42
CA GLY C 384 13.77 8.04 55.29
C GLY C 384 14.35 7.30 54.12
N VAL C 385 13.96 6.04 53.94
CA VAL C 385 14.47 5.22 52.86
C VAL C 385 13.56 5.49 51.67
N TRP C 386 14.12 6.02 50.59
CA TRP C 386 13.31 6.51 49.47
C TRP C 386 13.60 5.69 48.23
N TYR C 387 12.57 5.02 47.72
CA TYR C 387 12.66 4.18 46.53
C TYR C 387 11.93 4.84 45.38
N ALA C 388 12.57 4.89 44.21
CA ALA C 388 11.98 5.43 42.99
C ALA C 388 11.96 4.32 41.93
N PRO C 389 10.80 4.00 41.37
CA PRO C 389 10.73 2.89 40.40
C PRO C 389 11.40 3.25 39.08
N GLY C 390 11.61 2.21 38.28
CA GLY C 390 12.28 2.39 37.00
C GLY C 390 11.51 3.26 36.02
N LYS C 391 10.18 3.11 35.98
CA LYS C 391 9.40 3.89 35.02
C LYS C 391 9.57 5.39 35.22
N ALA C 392 10.08 5.81 36.37
CA ALA C 392 10.47 7.20 36.58
C ALA C 392 11.96 7.41 36.40
N ALA C 393 12.78 6.54 37.00
CA ALA C 393 14.22 6.80 37.11
C ALA C 393 14.99 6.51 35.82
N ASN C 394 14.58 5.52 35.04
CA ASN C 394 15.32 5.16 33.83
C ASN C 394 14.68 5.72 32.56
N CYS C 395 13.72 6.62 32.68
CA CYS C 395 13.07 7.15 31.48
C CYS C 395 13.96 8.07 30.66
N GLY C 396 15.18 8.34 31.11
CA GLY C 396 16.07 9.18 30.32
C GLY C 396 16.40 8.57 28.98
N GLY C 397 16.55 7.24 28.94
CA GLY C 397 16.85 6.59 27.68
C GLY C 397 15.78 6.77 26.63
N VAL C 398 14.53 6.48 26.99
CA VAL C 398 13.44 6.64 26.03
C VAL C 398 13.18 8.12 25.75
N ALA C 399 13.46 9.00 26.72
CA ALA C 399 13.32 10.43 26.47
C ALA C 399 14.30 10.88 25.38
N VAL C 400 15.57 10.46 25.50
CA VAL C 400 16.54 10.85 24.48
C VAL C 400 16.29 10.11 23.18
N SER C 401 15.67 8.93 23.23
CA SER C 401 15.18 8.31 22.00
C SER C 401 14.16 9.21 21.30
N GLY C 402 13.22 9.76 22.08
CA GLY C 402 12.27 10.70 21.50
C GLY C 402 12.93 11.95 20.96
N LEU C 403 13.99 12.42 21.62
CA LEU C 403 14.76 13.55 21.09
C LEU C 403 15.45 13.18 19.78
N GLU C 404 15.92 11.93 19.68
CA GLU C 404 16.46 11.44 18.41
C GLU C 404 15.38 11.45 17.33
N MET C 405 14.17 11.03 17.68
CA MET C 405 13.08 11.06 16.72
C MET C 405 12.79 12.49 16.27
N ALA C 406 12.83 13.44 17.22
CA ALA C 406 12.60 14.83 16.87
C ALA C 406 13.68 15.36 15.96
N GLN C 407 14.95 15.04 16.25
CA GLN C 407 16.03 15.45 15.36
C GLN C 407 15.87 14.85 13.97
N ASN C 408 15.50 13.56 13.89
CA ASN C 408 15.30 12.93 12.60
C ASN C 408 14.17 13.60 11.82
N SER C 409 13.04 13.83 12.49
CA SER C 409 11.89 14.45 11.84
C SER C 409 12.23 15.85 11.37
N GLN C 410 13.00 16.59 12.16
CA GLN C 410 13.41 17.95 11.81
C GLN C 410 14.59 17.98 10.85
N ARG C 411 15.25 16.84 10.61
CA ARG C 411 16.44 16.78 9.77
C ARG C 411 17.53 17.69 10.32
N VAL C 412 17.74 17.60 11.63
CA VAL C 412 18.76 18.35 12.36
C VAL C 412 19.48 17.38 13.28
N GLN C 413 20.66 17.79 13.74
CA GLN C 413 21.37 17.08 14.80
C GLN C 413 21.84 18.07 15.85
N TRP C 414 21.50 17.80 17.11
CA TRP C 414 21.80 18.75 18.17
C TRP C 414 23.19 18.51 18.75
N THR C 415 23.66 19.49 19.52
CA THR C 415 24.95 19.41 20.19
C THR C 415 24.84 18.58 21.47
N ASN C 416 26.00 18.24 22.04
CA ASN C 416 26.02 17.53 23.32
C ASN C 416 25.22 18.27 24.37
N GLU C 417 25.51 19.56 24.55
CA GLU C 417 24.89 20.32 25.62
C GLU C 417 23.40 20.46 25.44
N GLU C 418 22.94 20.61 24.19
CA GLU C 418 21.50 20.78 23.96
C GLU C 418 20.74 19.54 24.41
N VAL C 419 21.21 18.35 24.00
CA VAL C 419 20.52 17.12 24.36
C VAL C 419 20.67 16.85 25.85
N ASP C 420 21.87 17.08 26.41
CA ASP C 420 22.06 16.85 27.85
C ASP C 420 21.14 17.75 28.67
N ALA C 421 20.98 19.00 28.26
CA ALA C 421 20.12 19.92 28.98
C ALA C 421 18.67 19.50 28.88
N LYS C 422 18.22 19.11 27.68
CA LYS C 422 16.85 18.65 27.53
C LYS C 422 16.60 17.40 28.38
N LEU C 423 17.57 16.49 28.43
CA LEU C 423 17.48 15.31 29.28
C LEU C 423 17.37 15.68 30.75
N LYS C 424 18.21 16.61 31.20
CA LYS C 424 18.17 17.05 32.59
C LYS C 424 16.80 17.63 32.93
N GLU C 425 16.30 18.50 32.06
CA GLU C 425 15.02 19.14 32.31
C GLU C 425 13.91 18.10 32.37
N ILE C 426 14.00 17.08 31.50
CA ILE C 426 13.00 16.03 31.52
C ILE C 426 13.06 15.22 32.81
N MET C 427 14.27 14.85 33.26
CA MET C 427 14.39 14.07 34.48
C MET C 427 13.89 14.86 35.69
N TYR C 428 14.27 16.13 35.79
CA TYR C 428 13.83 16.95 36.92
C TYR C 428 12.32 17.14 36.91
N THR C 429 11.74 17.41 35.74
CA THR C 429 10.29 17.51 35.64
C THR C 429 9.63 16.20 36.06
N CYS C 430 10.22 15.06 35.67
CA CYS C 430 9.65 13.78 36.06
C CYS C 430 9.65 13.62 37.57
N PHE C 431 10.75 14.01 38.22
CA PHE C 431 10.81 13.92 39.68
C PHE C 431 9.74 14.79 40.33
N GLU C 432 9.63 16.04 39.87
CA GLU C 432 8.65 16.94 40.46
C GLU C 432 7.24 16.41 40.24
N ASN C 433 6.98 15.82 39.08
CA ASN C 433 5.66 15.26 38.80
C ASN C 433 5.37 14.08 39.73
N CYS C 434 6.34 13.19 39.91
CA CYS C 434 6.18 12.08 40.85
C CYS C 434 5.86 12.60 42.26
N TYR C 435 6.67 13.55 42.73
CA TYR C 435 6.53 14.09 44.09
C TYR C 435 5.17 14.74 44.29
N LYS C 436 4.83 15.71 43.42
CA LYS C 436 3.59 16.45 43.56
C LYS C 436 2.38 15.54 43.34
N THR C 437 2.45 14.58 42.42
CA THR C 437 1.32 13.69 42.21
C THR C 437 1.13 12.78 43.42
N ALA C 438 2.22 12.25 43.97
CA ALA C 438 2.10 11.45 45.18
C ALA C 438 1.43 12.24 46.29
N GLN C 439 1.81 13.51 46.44
CA GLN C 439 1.19 14.33 47.48
C GLN C 439 -0.28 14.60 47.19
N LYS C 440 -0.63 14.83 45.92
CA LYS C 440 -2.00 15.20 45.59
C LYS C 440 -3.00 14.09 45.88
N TYR C 441 -2.60 12.82 45.73
CA TYR C 441 -3.53 11.70 45.83
C TYR C 441 -3.16 10.78 46.98
N SER C 442 -2.50 11.34 48.00
CA SER C 442 -1.99 10.54 49.11
C SER C 442 -3.13 10.12 50.03
N ILE C 443 -3.43 8.82 50.05
CA ILE C 443 -4.37 8.27 51.01
C ILE C 443 -3.78 8.30 52.41
N GLU C 444 -2.45 8.34 52.53
CA GLU C 444 -1.81 8.50 53.82
C GLU C 444 -2.05 9.91 54.37
N LYS C 445 -1.64 10.93 53.62
CA LYS C 445 -1.78 12.34 53.98
C LYS C 445 -1.10 12.64 55.32
N ASN C 446 0.17 12.23 55.43
CA ASN C 446 1.02 12.47 56.61
C ASN C 446 2.27 13.18 56.12
N GLU C 447 2.13 14.48 55.81
CA GLU C 447 3.17 15.26 55.14
C GLU C 447 4.44 15.47 55.97
N ASN C 448 4.51 14.91 57.19
CA ASN C 448 5.76 14.91 57.94
C ASN C 448 6.66 13.74 57.58
N GLY C 449 6.53 13.22 56.35
CA GLY C 449 7.45 12.23 55.83
C GLY C 449 7.68 12.48 54.35
N LEU C 450 8.41 11.55 53.74
CA LEU C 450 8.65 11.57 52.30
C LEU C 450 7.45 10.99 51.57
N PRO C 451 6.97 11.64 50.52
CA PRO C 451 5.86 11.06 49.76
C PRO C 451 6.37 9.90 48.91
N SER C 452 5.44 9.02 48.56
CA SER C 452 5.80 7.79 47.87
C SER C 452 6.04 8.09 46.39
N LEU C 453 7.30 8.02 45.97
CA LEU C 453 7.59 8.20 44.56
C LEU C 453 7.05 7.05 43.71
N LEU C 454 6.97 5.85 44.27
CA LEU C 454 6.38 4.72 43.56
C LEU C 454 4.96 5.05 43.13
N LYS C 455 4.10 5.36 44.11
CA LYS C 455 2.72 5.76 43.81
C LYS C 455 2.68 7.00 42.93
N GLY C 456 3.57 7.95 43.16
CA GLY C 456 3.56 9.16 42.36
C GLY C 456 3.74 8.88 40.88
N ALA C 457 4.80 8.14 40.55
CA ALA C 457 5.06 7.82 39.15
C ALA C 457 3.90 7.03 38.56
N ASN C 458 3.45 5.98 39.26
CA ASN C 458 2.37 5.18 38.69
C ASN C 458 1.12 6.01 38.45
N ILE C 459 0.78 6.91 39.39
CA ILE C 459 -0.46 7.66 39.26
C ILE C 459 -0.35 8.70 38.16
N ALA C 460 0.80 9.37 38.06
CA ALA C 460 0.97 10.36 37.00
C ALA C 460 0.86 9.72 35.62
N GLY C 461 1.60 8.64 35.40
CA GLY C 461 1.53 7.97 34.11
C GLY C 461 0.14 7.45 33.80
N PHE C 462 -0.50 6.82 34.79
CA PHE C 462 -1.83 6.27 34.57
C PHE C 462 -2.81 7.37 34.19
N ILE C 463 -2.74 8.51 34.87
CA ILE C 463 -3.67 9.60 34.60
C ILE C 463 -3.48 10.12 33.18
N LYS C 464 -2.23 10.36 32.78
CA LYS C 464 -2.00 10.90 31.44
C LYS C 464 -2.52 9.94 30.37
N VAL C 465 -2.13 8.67 30.47
CA VAL C 465 -2.57 7.68 29.49
C VAL C 465 -4.08 7.53 29.50
N ALA C 466 -4.69 7.54 30.69
CA ALA C 466 -6.12 7.30 30.81
C ALA C 466 -6.93 8.45 30.22
N ASP C 467 -6.51 9.70 30.49
CA ASP C 467 -7.16 10.83 29.86
C ASP C 467 -7.06 10.77 28.34
N ALA C 468 -5.86 10.44 27.81
CA ALA C 468 -5.75 10.34 26.36
C ALA C 468 -6.65 9.23 25.82
N MET C 469 -6.75 8.12 26.53
CA MET C 469 -7.62 7.04 26.07
C MET C 469 -9.08 7.46 26.08
N PHE C 470 -9.50 8.20 27.10
CA PHE C 470 -10.88 8.70 27.12
C PHE C 470 -11.13 9.65 25.94
N ASP C 471 -10.22 10.60 25.72
CA ASP C 471 -10.42 11.55 24.63
C ASP C 471 -10.58 10.83 23.29
N GLN C 472 -9.78 9.79 23.07
CA GLN C 472 -9.72 9.15 21.77
C GLN C 472 -10.73 8.02 21.60
N GLY C 473 -11.58 7.79 22.59
CA GLY C 473 -12.59 6.76 22.47
C GLY C 473 -12.09 5.33 22.64
N ASP C 474 -10.89 5.14 23.18
CA ASP C 474 -10.42 3.80 23.51
C ASP C 474 -11.10 3.25 24.75
N VAL C 475 -11.70 4.12 25.57
CA VAL C 475 -12.48 3.73 26.74
C VAL C 475 -13.72 4.61 26.78
N PHE C 476 -14.83 4.06 27.26
CA PHE C 476 -16.05 4.86 27.39
C PHE C 476 -16.97 4.36 28.51
N LEU D 23 9.65 -22.70 28.37
CA LEU D 23 8.45 -22.71 27.54
C LEU D 23 7.20 -22.41 28.36
N PRO D 24 6.30 -21.61 27.81
CA PRO D 24 5.05 -21.31 28.52
C PRO D 24 4.16 -22.54 28.56
N HIS D 25 3.27 -22.55 29.56
CA HIS D 25 2.37 -23.69 29.74
C HIS D 25 1.31 -23.68 28.63
N GLU D 26 1.38 -24.66 27.73
CA GLU D 26 0.45 -24.79 26.61
C GLU D 26 0.05 -26.25 26.47
N PRO D 27 -0.83 -26.74 27.33
CA PRO D 27 -1.09 -28.19 27.36
C PRO D 27 -1.72 -28.73 26.08
N GLU D 28 -2.69 -28.01 25.49
CA GLU D 28 -3.34 -28.51 24.28
C GLU D 28 -2.36 -28.56 23.11
N PHE D 29 -1.59 -27.49 22.92
CA PHE D 29 -0.57 -27.49 21.88
C PHE D 29 0.42 -28.62 22.10
N GLN D 30 0.88 -28.81 23.33
CA GLN D 30 1.85 -29.85 23.60
C GLN D 30 1.25 -31.23 23.36
N GLN D 31 -0.04 -31.41 23.64
CA GLN D 31 -0.71 -32.69 23.38
C GLN D 31 -0.71 -33.00 21.88
N ALA D 32 -1.17 -32.04 21.07
CA ALA D 32 -1.20 -32.26 19.62
C ALA D 32 0.22 -32.47 19.08
N TYR D 33 1.16 -31.63 19.51
CA TYR D 33 2.55 -31.77 19.11
C TYR D 33 3.06 -33.16 19.41
N ASP D 34 2.83 -33.63 20.64
CA ASP D 34 3.33 -34.95 21.04
C ASP D 34 2.71 -36.05 20.20
N GLU D 35 1.41 -35.96 19.91
CA GLU D 35 0.79 -37.00 19.09
C GLU D 35 1.43 -37.07 17.71
N LEU D 36 1.56 -35.94 17.02
CA LEU D 36 2.16 -35.98 15.69
C LEU D 36 3.61 -36.45 15.77
N VAL D 37 4.38 -35.91 16.71
CA VAL D 37 5.80 -36.25 16.80
C VAL D 37 5.97 -37.74 17.07
N SER D 38 5.25 -38.28 18.06
CA SER D 38 5.39 -39.70 18.37
C SER D 38 4.87 -40.59 17.26
N ALA D 39 3.85 -40.15 16.52
CA ALA D 39 3.43 -40.92 15.35
C ALA D 39 4.53 -40.96 14.30
N VAL D 40 5.31 -39.88 14.18
CA VAL D 40 6.38 -39.86 13.19
C VAL D 40 7.58 -40.67 13.69
N GLU D 41 7.88 -40.59 15.00
CA GLU D 41 9.03 -41.29 15.54
C GLU D 41 8.82 -42.81 15.57
N ASP D 42 7.60 -43.24 15.90
CA ASP D 42 7.26 -44.67 15.90
C ASP D 42 6.98 -45.14 14.47
N SER D 43 8.02 -45.07 13.64
CA SER D 43 7.92 -45.43 12.23
C SER D 43 9.32 -45.42 11.64
N THR D 44 9.42 -45.99 10.44
CA THR D 44 10.65 -46.06 9.67
C THR D 44 11.01 -44.76 8.97
N LEU D 45 10.29 -43.67 9.25
CA LEU D 45 10.40 -42.46 8.43
C LEU D 45 11.77 -41.81 8.58
N PHE D 46 12.20 -41.57 9.82
CA PHE D 46 13.52 -40.97 10.04
C PHE D 46 14.64 -41.90 9.60
N LYS D 47 14.38 -43.21 9.59
CA LYS D 47 15.37 -44.19 9.18
C LYS D 47 15.60 -44.15 7.67
N GLU D 48 14.52 -44.08 6.89
CA GLU D 48 14.66 -44.08 5.44
C GLU D 48 15.19 -42.74 4.93
N GLU D 49 14.72 -41.64 5.50
CA GLU D 49 15.22 -40.32 5.15
C GLU D 49 15.36 -39.49 6.42
N PRO D 50 16.58 -39.39 6.97
CA PRO D 50 16.77 -38.67 8.25
C PRO D 50 16.66 -37.16 8.15
N GLN D 51 16.70 -36.59 6.95
CA GLN D 51 16.66 -35.14 6.83
C GLN D 51 15.39 -34.56 7.45
N TYR D 52 14.28 -35.30 7.41
CA TYR D 52 13.04 -34.82 8.02
C TYR D 52 13.21 -34.45 9.49
N LYS D 53 14.21 -35.01 10.18
CA LYS D 53 14.43 -34.65 11.57
C LYS D 53 14.70 -33.16 11.75
N LYS D 54 15.32 -32.51 10.75
CA LYS D 54 15.58 -31.07 10.85
C LYS D 54 14.29 -30.27 10.85
N VAL D 55 13.20 -30.87 10.36
CA VAL D 55 11.98 -30.11 10.10
C VAL D 55 11.18 -29.91 11.37
N ILE D 56 11.25 -30.87 12.29
CA ILE D 56 10.37 -30.85 13.45
C ILE D 56 10.54 -29.58 14.29
N PRO D 57 11.77 -29.13 14.64
CA PRO D 57 11.86 -27.94 15.49
C PRO D 57 11.56 -26.65 14.76
N VAL D 58 11.38 -26.68 13.44
CA VAL D 58 11.06 -25.50 12.65
C VAL D 58 9.55 -25.40 12.47
N VAL D 59 8.95 -26.43 11.88
CA VAL D 59 7.52 -26.39 11.53
C VAL D 59 6.65 -26.19 12.75
N SER D 60 7.13 -26.62 13.92
CA SER D 60 6.33 -26.54 15.14
C SER D 60 6.23 -25.13 15.70
N ILE D 61 7.07 -24.21 15.24
CA ILE D 61 7.03 -22.81 15.66
C ILE D 61 6.29 -22.00 14.62
N PRO D 62 5.17 -21.34 14.96
CA PRO D 62 4.32 -20.73 13.94
C PRO D 62 5.04 -19.64 13.16
N GLU D 63 4.71 -19.55 11.86
CA GLU D 63 5.28 -18.50 11.03
C GLU D 63 5.00 -17.13 11.63
N ARG D 64 3.81 -16.95 12.18
CA ARG D 64 3.39 -15.64 12.67
C ARG D 64 2.20 -15.81 13.60
N ILE D 65 2.15 -15.00 14.65
CA ILE D 65 0.99 -14.95 15.54
C ILE D 65 0.59 -13.48 15.70
N ILE D 66 -0.71 -13.21 15.75
CA ILE D 66 -1.21 -11.87 15.92
C ILE D 66 -2.24 -11.88 17.05
N GLN D 67 -1.92 -11.18 18.14
CA GLN D 67 -2.84 -10.98 19.25
C GLN D 67 -3.29 -9.52 19.26
N PHE D 68 -4.56 -9.31 19.59
CA PHE D 68 -5.07 -7.94 19.58
C PHE D 68 -6.19 -7.78 20.61
N ARG D 69 -6.24 -6.59 21.19
CA ARG D 69 -7.36 -6.21 22.03
C ARG D 69 -8.62 -6.06 21.17
N VAL D 70 -9.73 -6.61 21.63
CA VAL D 70 -11.01 -6.41 20.96
C VAL D 70 -11.91 -5.68 21.94
N THR D 71 -12.08 -4.38 21.72
CA THR D 71 -12.96 -3.53 22.52
C THR D 71 -14.29 -3.40 21.80
N TRP D 72 -15.38 -3.68 22.49
CA TRP D 72 -16.70 -3.57 21.88
C TRP D 72 -17.69 -3.05 22.92
N GLU D 73 -18.94 -2.90 22.50
CA GLU D 73 -19.97 -2.22 23.27
C GLU D 73 -21.18 -3.12 23.41
N ASN D 74 -21.62 -3.37 24.64
CA ASN D 74 -22.78 -4.21 24.86
C ASN D 74 -24.07 -3.40 24.74
N ASP D 75 -25.22 -4.10 24.85
CA ASP D 75 -26.50 -3.46 24.60
C ASP D 75 -26.81 -2.36 25.62
N LYS D 76 -26.19 -2.41 26.80
CA LYS D 76 -26.34 -1.34 27.79
C LYS D 76 -25.40 -0.17 27.54
N GLY D 77 -24.57 -0.23 26.49
CA GLY D 77 -23.58 0.80 26.25
C GLY D 77 -22.37 0.78 27.14
N GLU D 78 -22.03 -0.36 27.73
CA GLU D 78 -20.82 -0.50 28.53
C GLU D 78 -19.70 -1.09 27.69
N ILE D 79 -18.46 -0.80 28.09
CA ILE D 79 -17.29 -1.25 27.34
C ILE D 79 -16.92 -2.66 27.75
N GLU D 80 -16.75 -3.53 26.76
CA GLU D 80 -16.32 -4.91 26.93
C GLU D 80 -14.99 -5.13 26.24
N VAL D 81 -14.15 -5.99 26.80
CA VAL D 81 -12.81 -6.24 26.30
C VAL D 81 -12.58 -7.74 26.22
N ASN D 82 -12.03 -8.20 25.11
CA ASN D 82 -11.65 -9.61 24.95
C ASN D 82 -10.35 -9.70 24.18
N ASN D 83 -9.76 -10.88 24.20
CA ASN D 83 -8.53 -11.16 23.47
C ASN D 83 -8.85 -11.80 22.12
N GLY D 84 -8.19 -11.34 21.07
CA GLY D 84 -8.33 -11.93 19.74
C GLY D 84 -7.00 -12.48 19.27
N PHE D 85 -7.04 -13.63 18.60
CA PHE D 85 -5.84 -14.31 18.12
C PHE D 85 -6.03 -14.72 16.68
N ARG D 86 -4.93 -14.67 15.93
CA ARG D 86 -4.83 -15.34 14.63
C ARG D 86 -3.44 -15.94 14.56
N VAL D 87 -3.37 -17.26 14.53
CA VAL D 87 -2.12 -18.00 14.42
C VAL D 87 -1.99 -18.43 12.97
N GLN D 88 -1.04 -17.81 12.26
CA GLN D 88 -0.74 -18.15 10.88
C GLN D 88 0.48 -19.05 10.95
N TYR D 89 0.24 -20.37 10.93
CA TYR D 89 1.24 -21.34 11.34
C TYR D 89 2.19 -21.72 10.21
N ASN D 90 1.66 -22.16 9.07
CA ASN D 90 2.49 -22.66 7.98
C ASN D 90 1.85 -22.31 6.64
N SER D 91 2.65 -21.75 5.72
CA SER D 91 2.14 -21.32 4.41
C SER D 91 2.87 -22.00 3.25
N ALA D 92 3.48 -23.15 3.50
CA ALA D 92 4.23 -23.84 2.45
C ALA D 92 3.31 -24.29 1.33
N LEU D 93 2.18 -24.88 1.67
CA LEU D 93 1.29 -25.44 0.66
C LEU D 93 0.26 -24.44 0.16
N GLY D 94 0.20 -23.24 0.72
CA GLY D 94 -0.80 -22.29 0.31
C GLY D 94 -0.99 -21.18 1.31
N PRO D 95 -2.01 -20.34 1.10
CA PRO D 95 -2.33 -19.34 2.10
C PRO D 95 -2.82 -20.01 3.38
N TYR D 96 -2.59 -19.33 4.50
CA TYR D 96 -3.10 -19.83 5.78
C TYR D 96 -4.59 -20.09 5.67
N LYS D 97 -5.04 -21.23 6.17
CA LYS D 97 -6.45 -21.57 6.13
C LYS D 97 -6.88 -22.06 7.50
N GLY D 98 -7.99 -21.54 8.02
CA GLY D 98 -8.43 -21.99 9.32
C GLY D 98 -9.65 -21.24 9.79
N GLY D 99 -10.34 -21.85 10.75
CA GLY D 99 -11.54 -21.28 11.31
C GLY D 99 -11.26 -20.33 12.46
N LEU D 100 -12.34 -19.73 12.96
CA LEU D 100 -12.32 -18.85 14.13
C LEU D 100 -13.23 -19.42 15.20
N ARG D 101 -12.77 -19.44 16.45
CA ARG D 101 -13.51 -20.02 17.57
C ARG D 101 -13.82 -18.95 18.61
N PHE D 102 -15.11 -18.77 18.91
CA PHE D 102 -15.56 -17.84 19.96
C PHE D 102 -16.05 -18.66 21.13
N HIS D 103 -15.23 -18.74 22.19
CA HIS D 103 -15.54 -19.56 23.34
C HIS D 103 -14.70 -19.11 24.52
N PRO D 104 -15.25 -19.07 25.74
CA PRO D 104 -14.51 -18.46 26.86
C PRO D 104 -13.22 -19.18 27.22
N THR D 105 -13.00 -20.40 26.75
CA THR D 105 -11.74 -21.09 27.03
C THR D 105 -10.62 -20.70 26.07
N VAL D 106 -10.92 -19.91 25.03
CA VAL D 106 -9.95 -19.68 23.96
C VAL D 106 -8.73 -18.95 24.49
N ASN D 107 -7.55 -19.50 24.19
CA ASN D 107 -6.28 -18.85 24.50
C ASN D 107 -5.27 -19.26 23.42
N LEU D 108 -4.05 -18.73 23.53
CA LEU D 108 -3.04 -19.03 22.51
C LEU D 108 -2.74 -20.53 22.41
N SER D 109 -2.79 -21.26 23.52
CA SER D 109 -2.44 -22.68 23.49
C SER D 109 -3.42 -23.49 22.66
N ILE D 110 -4.71 -23.31 22.91
CA ILE D 110 -5.74 -24.02 22.16
C ILE D 110 -5.61 -23.71 20.68
N LEU D 111 -5.46 -22.42 20.34
CA LEU D 111 -5.40 -22.04 18.94
C LEU D 111 -4.11 -22.52 18.29
N LYS D 112 -3.02 -22.61 19.05
CA LYS D 112 -1.81 -23.18 18.48
C LYS D 112 -1.99 -24.66 18.18
N PHE D 113 -2.66 -25.39 19.08
CA PHE D 113 -2.93 -26.79 18.78
C PHE D 113 -3.81 -26.91 17.54
N LEU D 114 -4.83 -26.07 17.43
CA LEU D 114 -5.75 -26.15 16.29
C LEU D 114 -5.04 -25.82 14.97
N GLY D 115 -4.20 -24.78 14.96
CA GLY D 115 -3.49 -24.43 13.74
C GLY D 115 -2.43 -25.45 13.37
N PHE D 116 -1.73 -25.99 14.37
CA PHE D 116 -0.76 -27.04 14.12
C PHE D 116 -1.44 -28.25 13.48
N GLU D 117 -2.55 -28.71 14.07
CA GLU D 117 -3.35 -29.75 13.44
C GLU D 117 -3.71 -29.37 12.01
N GLN D 118 -4.21 -28.14 11.83
CA GLN D 118 -4.72 -27.71 10.52
C GLN D 118 -3.66 -27.80 9.45
N ILE D 119 -2.39 -27.54 9.80
CA ILE D 119 -1.31 -27.64 8.81
C ILE D 119 -1.43 -28.96 8.04
N PHE D 120 -1.38 -30.06 8.79
CA PHE D 120 -1.32 -31.39 8.20
C PHE D 120 -2.71 -31.89 7.77
N LYS D 121 -3.77 -31.44 8.42
CA LYS D 121 -5.10 -31.70 7.88
C LYS D 121 -5.21 -31.18 6.45
N ASN D 122 -4.96 -29.89 6.26
CA ASN D 122 -5.00 -29.30 4.93
C ASN D 122 -4.07 -30.03 3.99
N ALA D 123 -2.88 -30.42 4.47
CA ALA D 123 -2.00 -31.25 3.65
C ALA D 123 -2.70 -32.53 3.20
N LEU D 124 -3.54 -33.11 4.06
CA LEU D 124 -4.27 -34.32 3.70
C LEU D 124 -5.39 -34.07 2.69
N THR D 125 -5.93 -32.85 2.63
CA THR D 125 -7.01 -32.61 1.67
C THR D 125 -6.50 -32.53 0.23
N GLY D 126 -5.19 -32.52 0.01
CA GLY D 126 -4.64 -32.45 -1.34
C GLY D 126 -4.81 -31.12 -2.04
N LEU D 127 -5.35 -30.11 -1.37
CA LEU D 127 -5.51 -28.78 -1.92
C LEU D 127 -4.39 -27.88 -1.43
N SER D 128 -4.22 -26.74 -2.12
CA SER D 128 -3.19 -25.77 -1.77
C SER D 128 -3.72 -24.86 -0.66
N MET D 129 -3.54 -25.28 0.59
CA MET D 129 -4.00 -24.52 1.74
C MET D 129 -3.00 -24.65 2.88
N GLY D 130 -2.47 -23.52 3.35
CA GLY D 130 -1.64 -23.53 4.53
C GLY D 130 -2.46 -23.65 5.79
N GLY D 131 -1.76 -23.69 6.92
CA GLY D 131 -2.39 -23.95 8.21
C GLY D 131 -2.46 -22.70 9.07
N GLY D 132 -3.62 -22.51 9.69
CA GLY D 132 -3.79 -21.43 10.64
C GLY D 132 -5.10 -21.60 11.37
N LYS D 133 -5.28 -20.76 12.39
CA LYS D 133 -6.48 -20.83 13.21
C LYS D 133 -6.57 -19.56 14.04
N GLY D 134 -7.79 -19.17 14.41
CA GLY D 134 -7.94 -17.97 15.19
C GLY D 134 -9.17 -18.02 16.07
N GLY D 135 -9.40 -16.93 16.79
CA GLY D 135 -10.61 -16.82 17.59
C GLY D 135 -10.45 -15.81 18.71
N SER D 136 -11.27 -16.00 19.74
CA SER D 136 -11.36 -15.06 20.85
C SER D 136 -12.00 -15.72 22.06
N ASP D 137 -11.62 -15.24 23.24
CA ASP D 137 -12.26 -15.71 24.46
C ASP D 137 -13.62 -15.06 24.69
N PHE D 138 -14.09 -14.27 23.73
CA PHE D 138 -15.45 -13.77 23.75
C PHE D 138 -16.44 -14.93 23.79
N ASN D 139 -17.48 -14.78 24.63
CA ASN D 139 -18.52 -15.80 24.79
C ASN D 139 -19.81 -15.32 24.14
N PRO D 140 -20.24 -15.92 23.03
CA PRO D 140 -21.46 -15.46 22.37
C PRO D 140 -22.74 -16.05 22.94
N LYS D 141 -22.65 -16.99 23.88
CA LYS D 141 -23.83 -17.73 24.33
C LYS D 141 -24.89 -16.79 24.89
N ASN D 142 -26.15 -17.03 24.49
CA ASN D 142 -27.31 -16.31 25.02
C ASN D 142 -27.19 -14.80 24.83
N ARG D 143 -26.46 -14.38 23.80
CA ARG D 143 -26.18 -12.99 23.52
C ARG D 143 -27.00 -12.52 22.33
N SER D 144 -27.40 -11.25 22.37
CA SER D 144 -28.24 -10.71 21.30
C SER D 144 -27.45 -10.63 20.01
N ASP D 145 -28.18 -10.67 18.88
CA ASP D 145 -27.53 -10.50 17.59
C ASP D 145 -26.81 -9.17 17.49
N ASN D 146 -27.27 -8.14 18.20
CA ASN D 146 -26.58 -6.86 18.16
C ASN D 146 -25.20 -6.95 18.79
N GLU D 147 -25.10 -7.60 19.95
CA GLU D 147 -23.79 -7.74 20.61
C GLU D 147 -22.85 -8.60 19.77
N ILE D 148 -23.37 -9.69 19.17
CA ILE D 148 -22.55 -10.54 18.32
C ILE D 148 -22.07 -9.76 17.10
N ARG D 149 -22.96 -8.94 16.51
CA ARG D 149 -22.56 -8.14 15.36
C ARG D 149 -21.48 -7.16 15.75
N ARG D 150 -21.66 -6.46 16.87
CA ARG D 150 -20.67 -5.49 17.30
C ARG D 150 -19.31 -6.14 17.56
N PHE D 151 -19.32 -7.32 18.20
CA PHE D 151 -18.06 -7.99 18.46
C PHE D 151 -17.40 -8.43 17.16
N CYS D 152 -18.18 -9.00 16.24
CA CYS D 152 -17.61 -9.41 14.96
C CYS D 152 -16.99 -8.23 14.23
N VAL D 153 -17.66 -7.07 14.27
CA VAL D 153 -17.13 -5.88 13.60
C VAL D 153 -15.80 -5.48 14.23
N SER D 154 -15.78 -5.36 15.56
CA SER D 154 -14.55 -4.95 16.24
C SER D 154 -13.42 -5.94 15.97
N PHE D 155 -13.72 -7.24 16.09
CA PHE D 155 -12.73 -8.29 15.88
C PHE D 155 -12.15 -8.22 14.48
N MET D 156 -13.02 -8.22 13.46
CA MET D 156 -12.54 -8.20 12.08
C MET D 156 -11.81 -6.90 11.77
N ARG D 157 -12.20 -5.79 12.40
CA ARG D 157 -11.44 -4.56 12.14
C ARG D 157 -10.06 -4.63 12.74
N GLN D 158 -9.90 -5.34 13.85
CA GLN D 158 -8.56 -5.54 14.41
C GLN D 158 -7.75 -6.56 13.59
N LEU D 159 -8.42 -7.46 12.86
CA LEU D 159 -7.76 -8.54 12.12
C LEU D 159 -7.52 -8.26 10.64
N ALA D 160 -8.34 -7.39 10.02
CA ALA D 160 -8.44 -7.32 8.55
C ALA D 160 -7.08 -7.06 7.89
N ARG D 161 -6.28 -6.19 8.47
CA ARG D 161 -4.97 -5.85 7.94
C ARG D 161 -4.08 -7.08 7.71
N TYR D 162 -4.39 -8.21 8.34
CA TYR D 162 -3.49 -9.36 8.41
C TYR D 162 -4.01 -10.59 7.67
N ILE D 163 -5.12 -10.47 6.95
CA ILE D 163 -5.69 -11.59 6.22
C ILE D 163 -5.95 -11.16 4.79
N GLY D 164 -6.30 -12.13 3.95
CA GLY D 164 -6.55 -11.87 2.56
C GLY D 164 -6.75 -13.15 1.78
N PRO D 165 -7.39 -13.04 0.61
CA PRO D 165 -7.71 -14.25 -0.16
C PRO D 165 -6.49 -14.98 -0.68
N ASP D 166 -5.32 -14.36 -0.70
CA ASP D 166 -4.08 -15.05 -1.02
C ASP D 166 -3.15 -15.07 0.16
N THR D 167 -3.62 -14.63 1.32
CA THR D 167 -2.81 -14.52 2.52
C THR D 167 -3.32 -15.40 3.65
N ASP D 168 -4.59 -15.26 4.03
CA ASP D 168 -5.14 -15.98 5.17
C ASP D 168 -6.66 -16.02 5.07
N VAL D 169 -7.23 -17.22 5.01
CA VAL D 169 -8.65 -17.41 4.79
C VAL D 169 -9.27 -18.05 6.03
N PRO D 170 -9.85 -17.25 6.92
CA PRO D 170 -10.55 -17.79 8.09
C PRO D 170 -11.91 -18.35 7.70
N ALA D 171 -12.53 -19.00 8.69
CA ALA D 171 -13.86 -19.54 8.56
C ALA D 171 -14.48 -19.63 9.96
N GLY D 172 -15.51 -20.45 10.10
CA GLY D 172 -16.17 -20.63 11.38
C GLY D 172 -15.58 -21.78 12.19
N ASP D 173 -16.14 -21.96 13.39
CA ASP D 173 -15.77 -23.04 14.30
C ASP D 173 -16.76 -23.05 15.46
N ILE D 174 -16.32 -23.45 16.65
CA ILE D 174 -17.20 -23.42 17.81
C ILE D 174 -17.63 -21.99 18.08
N GLY D 175 -18.94 -21.75 18.06
CA GLY D 175 -19.46 -20.42 18.32
C GLY D 175 -19.49 -19.50 17.13
N VAL D 176 -18.93 -19.90 15.99
CA VAL D 176 -18.86 -19.06 14.80
C VAL D 176 -19.48 -19.83 13.63
N GLY D 177 -20.66 -19.41 13.20
CA GLY D 177 -21.34 -20.00 12.07
C GLY D 177 -21.68 -18.95 11.03
N GLY D 178 -22.72 -19.21 10.24
CA GLY D 178 -23.03 -18.34 9.11
C GLY D 178 -23.26 -16.89 9.50
N ARG D 179 -23.97 -16.65 10.61
CA ARG D 179 -24.22 -15.28 11.05
C ARG D 179 -22.92 -14.56 11.36
N GLU D 180 -22.03 -15.20 12.11
CA GLU D 180 -20.77 -14.58 12.48
C GLU D 180 -19.89 -14.39 11.26
N VAL D 181 -19.88 -15.36 10.35
CA VAL D 181 -19.13 -15.22 9.11
C VAL D 181 -19.63 -14.03 8.31
N GLY D 182 -20.95 -13.82 8.30
CA GLY D 182 -21.50 -12.68 7.58
C GLY D 182 -21.09 -11.34 8.17
N PHE D 183 -21.22 -11.22 9.49
CA PHE D 183 -20.80 -9.99 10.14
C PHE D 183 -19.32 -9.71 9.90
N LEU D 184 -18.49 -10.74 10.01
CA LEU D 184 -17.06 -10.57 9.80
C LEU D 184 -16.75 -10.17 8.37
N PHE D 185 -17.41 -10.81 7.40
CA PHE D 185 -17.19 -10.45 5.99
C PHE D 185 -17.59 -9.01 5.72
N GLY D 186 -18.73 -8.59 6.27
CA GLY D 186 -19.14 -7.20 6.10
C GLY D 186 -18.13 -6.22 6.66
N ALA D 187 -17.62 -6.51 7.87
CA ALA D 187 -16.62 -5.64 8.48
C ALA D 187 -15.36 -5.58 7.62
N TYR D 188 -14.89 -6.73 7.12
CA TYR D 188 -13.72 -6.73 6.27
C TYR D 188 -13.94 -5.89 5.02
N LYS D 189 -15.09 -6.08 4.37
CA LYS D 189 -15.39 -5.33 3.15
C LYS D 189 -15.48 -3.84 3.42
N GLN D 190 -15.97 -3.45 4.60
CA GLN D 190 -16.03 -2.03 4.94
C GLN D 190 -14.63 -1.46 5.19
N MET D 191 -13.71 -2.25 5.75
CA MET D 191 -12.39 -1.69 6.06
C MET D 191 -11.45 -1.71 4.86
N ARG D 192 -11.43 -2.80 4.08
CA ARG D 192 -10.43 -2.95 3.04
C ARG D 192 -10.95 -2.65 1.64
N ASN D 193 -12.27 -2.48 1.48
CA ASN D 193 -12.89 -2.04 0.23
C ASN D 193 -12.61 -3.01 -0.91
N ASN D 194 -12.65 -4.32 -0.63
CA ASN D 194 -12.56 -5.32 -1.69
C ASN D 194 -13.50 -6.46 -1.35
N TRP D 195 -14.08 -7.06 -2.38
CA TRP D 195 -15.01 -8.18 -2.28
C TRP D 195 -14.33 -9.40 -2.87
N ALA D 196 -13.94 -10.36 -2.04
CA ALA D 196 -13.23 -11.52 -2.53
C ALA D 196 -13.33 -12.63 -1.50
N GLY D 197 -12.79 -13.79 -1.85
CA GLY D 197 -12.82 -14.94 -0.96
C GLY D 197 -11.92 -14.81 0.25
N VAL D 198 -12.12 -13.79 1.06
CA VAL D 198 -11.33 -13.62 2.28
C VAL D 198 -11.79 -14.58 3.37
N LEU D 199 -13.00 -15.12 3.27
CA LEU D 199 -13.52 -16.07 4.24
C LEU D 199 -14.30 -17.15 3.51
N THR D 200 -14.37 -18.33 4.13
CA THR D 200 -15.24 -19.39 3.66
C THR D 200 -16.37 -19.61 4.68
N GLY D 201 -17.33 -20.45 4.30
CA GLY D 201 -18.54 -20.50 5.08
C GLY D 201 -19.45 -19.32 4.87
N LYS D 202 -19.33 -18.65 3.73
CA LYS D 202 -20.14 -17.49 3.40
C LYS D 202 -21.54 -17.89 2.95
N GLY D 203 -22.44 -16.91 2.94
CA GLY D 203 -23.79 -17.15 2.48
C GLY D 203 -23.84 -17.47 1.00
N LEU D 204 -24.85 -18.26 0.62
CA LEU D 204 -24.95 -18.74 -0.77
C LEU D 204 -25.01 -17.59 -1.77
N THR D 205 -25.67 -16.49 -1.42
CA THR D 205 -25.83 -15.40 -2.40
C THR D 205 -24.62 -14.47 -2.48
N TRP D 206 -23.71 -14.50 -1.49
CA TRP D 206 -22.54 -13.63 -1.51
C TRP D 206 -21.26 -14.45 -1.37
N GLY D 207 -21.11 -15.45 -2.23
CA GLY D 207 -19.85 -16.15 -2.38
C GLY D 207 -19.73 -17.46 -1.65
N GLY D 208 -20.85 -18.02 -1.17
CA GLY D 208 -20.83 -19.27 -0.45
C GLY D 208 -20.87 -20.48 -1.34
N SER D 209 -20.75 -21.65 -0.71
CA SER D 209 -20.78 -22.94 -1.38
C SER D 209 -21.92 -23.78 -0.82
N LEU D 210 -22.35 -24.79 -1.60
CA LEU D 210 -23.61 -25.46 -1.30
C LEU D 210 -23.49 -26.53 -0.24
N ILE D 211 -22.36 -27.23 -0.17
CA ILE D 211 -22.17 -28.35 0.75
C ILE D 211 -21.36 -27.95 1.98
N ARG D 212 -20.98 -26.67 2.11
CA ARG D 212 -20.15 -26.26 3.23
C ARG D 212 -20.79 -26.52 4.60
N PRO D 213 -22.08 -26.25 4.84
CA PRO D 213 -22.65 -26.63 6.15
C PRO D 213 -22.55 -28.11 6.44
N GLU D 214 -22.94 -28.95 5.49
CA GLU D 214 -22.91 -30.40 5.69
C GLU D 214 -21.49 -30.95 5.69
N ALA D 215 -20.53 -30.17 5.18
CA ALA D 215 -19.25 -30.68 4.69
C ALA D 215 -18.54 -31.55 5.73
N THR D 216 -18.34 -31.02 6.94
CA THR D 216 -17.47 -31.71 7.89
C THR D 216 -18.06 -33.05 8.31
N GLY D 217 -19.33 -33.05 8.72
CA GLY D 217 -19.96 -34.29 9.15
C GLY D 217 -20.11 -35.30 8.03
N TYR D 218 -20.56 -34.85 6.86
CA TYR D 218 -20.62 -35.74 5.71
C TYR D 218 -19.26 -36.37 5.47
N GLY D 219 -18.20 -35.57 5.52
CA GLY D 219 -16.88 -36.10 5.22
C GLY D 219 -16.42 -37.10 6.27
N CYS D 220 -16.72 -36.82 7.53
CA CYS D 220 -16.42 -37.79 8.58
C CYS D 220 -17.10 -39.12 8.32
N VAL D 221 -18.38 -39.08 7.98
CA VAL D 221 -19.11 -40.32 7.75
C VAL D 221 -18.60 -41.03 6.50
N TYR D 222 -18.21 -40.28 5.47
CA TYR D 222 -17.64 -40.91 4.28
C TYR D 222 -16.31 -41.59 4.60
N TYR D 223 -15.50 -40.95 5.43
CA TYR D 223 -14.25 -41.56 5.85
C TYR D 223 -14.52 -42.86 6.61
N VAL D 224 -15.55 -42.87 7.45
CA VAL D 224 -15.89 -44.10 8.16
C VAL D 224 -16.52 -45.14 7.22
N GLU D 225 -17.20 -44.69 6.17
CA GLU D 225 -17.64 -45.60 5.12
C GLU D 225 -16.46 -46.40 4.60
N LYS D 226 -15.41 -45.68 4.16
CA LYS D 226 -14.25 -46.38 3.63
C LYS D 226 -13.56 -47.20 4.70
N MET D 227 -13.56 -46.73 5.95
CA MET D 227 -12.99 -47.49 7.06
C MET D 227 -13.66 -48.85 7.20
N ILE D 228 -15.00 -48.86 7.32
CA ILE D 228 -15.74 -50.10 7.44
C ILE D 228 -15.49 -51.00 6.24
N GLU D 229 -15.54 -50.43 5.03
CA GLU D 229 -15.32 -51.25 3.83
C GLU D 229 -13.98 -51.96 3.89
N LYS D 230 -12.92 -51.25 4.27
CA LYS D 230 -11.60 -51.89 4.32
C LYS D 230 -11.53 -52.93 5.44
N ALA D 231 -12.18 -52.67 6.58
CA ALA D 231 -12.00 -53.55 7.73
C ALA D 231 -12.71 -54.89 7.56
N THR D 232 -13.79 -54.94 6.77
CA THR D 232 -14.60 -56.14 6.62
C THR D 232 -14.63 -56.65 5.17
N ASN D 233 -13.71 -56.19 4.33
CA ASN D 233 -13.67 -56.58 2.92
C ASN D 233 -15.02 -56.41 2.26
N GLY D 234 -15.67 -55.28 2.54
CA GLY D 234 -16.93 -54.93 1.92
C GLY D 234 -18.14 -55.68 2.41
N LYS D 235 -18.03 -56.46 3.48
CA LYS D 235 -19.18 -57.24 3.92
C LYS D 235 -20.15 -56.44 4.78
N GLU D 236 -19.69 -55.36 5.43
CA GLU D 236 -20.55 -54.52 6.24
C GLU D 236 -20.54 -53.07 5.74
N THR D 237 -21.64 -52.36 6.04
CA THR D 237 -21.76 -50.94 5.78
C THR D 237 -22.31 -50.22 7.01
N PHE D 238 -22.74 -48.97 6.83
CA PHE D 238 -23.43 -48.26 7.90
C PHE D 238 -24.84 -48.79 8.14
N LYS D 239 -25.32 -49.63 7.24
CA LYS D 239 -26.63 -50.28 7.38
C LYS D 239 -26.72 -51.03 8.70
N GLY D 240 -27.67 -50.62 9.55
CA GLY D 240 -27.94 -51.31 10.80
C GLY D 240 -26.86 -51.20 11.87
N LYS D 241 -26.05 -50.16 11.83
CA LYS D 241 -25.01 -49.94 12.84
C LYS D 241 -25.48 -48.89 13.84
N ARG D 242 -25.16 -49.10 15.11
CA ARG D 242 -25.46 -48.13 16.15
C ARG D 242 -24.32 -47.12 16.24
N VAL D 243 -24.65 -45.84 16.10
CA VAL D 243 -23.67 -44.77 16.05
C VAL D 243 -23.97 -43.77 17.17
N ALA D 244 -23.01 -43.60 18.08
CA ALA D 244 -23.11 -42.67 19.20
C ALA D 244 -22.36 -41.39 18.85
N ILE D 245 -23.08 -40.29 18.83
CA ILE D 245 -22.53 -39.00 18.44
C ILE D 245 -22.58 -38.06 19.65
N SER D 246 -21.50 -37.31 19.83
CA SER D 246 -21.45 -36.25 20.83
C SER D 246 -21.51 -34.89 20.16
N GLY D 247 -21.89 -33.89 20.93
CA GLY D 247 -22.12 -32.56 20.39
C GLY D 247 -23.43 -32.49 19.63
N SER D 248 -23.85 -31.27 19.35
CA SER D 248 -25.07 -31.05 18.58
C SER D 248 -24.92 -29.84 17.66
N GLY D 249 -23.69 -29.56 17.24
CA GLY D 249 -23.41 -28.46 16.34
C GLY D 249 -23.38 -28.89 14.89
N ASN D 250 -22.70 -28.09 14.07
CA ASN D 250 -22.64 -28.34 12.64
C ASN D 250 -22.10 -29.74 12.34
N VAL D 251 -20.93 -30.05 12.93
CA VAL D 251 -20.32 -31.36 12.70
C VAL D 251 -21.26 -32.47 13.13
N ALA D 252 -21.75 -32.39 14.37
CA ALA D 252 -22.56 -33.47 14.91
C ALA D 252 -23.89 -33.57 14.17
N GLN D 253 -24.56 -32.43 13.95
CA GLN D 253 -25.83 -32.47 13.22
C GLN D 253 -25.68 -33.17 11.88
N TYR D 254 -24.70 -32.76 11.08
CA TYR D 254 -24.68 -33.30 9.73
C TYR D 254 -24.05 -34.69 9.68
N ALA D 255 -23.15 -35.02 10.60
CA ALA D 255 -22.74 -36.41 10.74
C ALA D 255 -23.95 -37.29 11.05
N ALA D 256 -24.81 -36.83 11.96
CA ALA D 256 -26.03 -37.57 12.30
C ALA D 256 -26.93 -37.74 11.08
N LEU D 257 -27.13 -36.66 10.31
CA LEU D 257 -28.00 -36.73 9.14
C LEU D 257 -27.46 -37.73 8.12
N LYS D 258 -26.14 -37.74 7.92
CA LYS D 258 -25.57 -38.69 6.96
C LYS D 258 -25.69 -40.12 7.49
N VAL D 259 -25.51 -40.31 8.80
CA VAL D 259 -25.69 -41.63 9.38
C VAL D 259 -27.11 -42.13 9.17
N ILE D 260 -28.09 -41.24 9.38
CA ILE D 260 -29.49 -41.61 9.15
C ILE D 260 -29.70 -42.01 7.69
N GLU D 261 -29.24 -41.17 6.76
CA GLU D 261 -29.43 -41.45 5.34
C GLU D 261 -28.80 -42.78 4.92
N LEU D 262 -27.69 -43.17 5.56
CA LEU D 262 -26.97 -44.39 5.18
C LEU D 262 -27.50 -45.64 5.88
N GLY D 263 -28.60 -45.54 6.61
CA GLY D 263 -29.21 -46.71 7.21
C GLY D 263 -28.71 -47.06 8.59
N GLY D 264 -27.92 -46.18 9.22
CA GLY D 264 -27.50 -46.38 10.59
C GLY D 264 -28.52 -45.86 11.58
N THR D 265 -28.24 -46.12 12.86
CA THR D 265 -29.11 -45.68 13.96
C THR D 265 -28.35 -44.72 14.85
N VAL D 266 -28.83 -43.49 14.95
CA VAL D 266 -28.21 -42.48 15.79
C VAL D 266 -28.75 -42.67 17.20
N VAL D 267 -27.90 -43.17 18.10
CA VAL D 267 -28.32 -43.56 19.44
C VAL D 267 -28.09 -42.48 20.50
N SER D 268 -27.33 -41.44 20.18
CA SER D 268 -27.03 -40.43 21.19
C SER D 268 -26.61 -39.12 20.56
N LEU D 269 -26.85 -38.04 21.30
CA LEU D 269 -26.24 -36.74 21.06
C LEU D 269 -25.84 -36.17 22.42
N SER D 270 -25.15 -35.03 22.40
CA SER D 270 -24.78 -34.35 23.63
C SER D 270 -24.59 -32.87 23.36
N ASP D 271 -24.36 -32.12 24.42
CA ASP D 271 -23.98 -30.71 24.33
C ASP D 271 -23.19 -30.37 25.59
N SER D 272 -23.08 -29.09 25.89
CA SER D 272 -22.25 -28.68 27.02
C SER D 272 -22.88 -29.01 28.37
N LYS D 273 -24.16 -29.37 28.41
CA LYS D 273 -24.86 -29.61 29.66
C LYS D 273 -25.21 -31.06 29.94
N GLY D 274 -25.45 -31.86 28.90
CA GLY D 274 -25.78 -33.25 29.11
C GLY D 274 -25.88 -34.00 27.79
N SER D 275 -26.30 -35.26 27.88
CA SER D 275 -26.48 -36.10 26.71
C SER D 275 -27.95 -36.47 26.55
N ILE D 276 -28.31 -36.87 25.34
CA ILE D 276 -29.61 -37.47 25.05
C ILE D 276 -29.36 -38.82 24.40
N ILE D 277 -30.09 -39.84 24.85
CA ILE D 277 -29.96 -41.19 24.31
C ILE D 277 -31.35 -41.69 23.92
N SER D 278 -31.43 -42.42 22.81
CA SER D 278 -32.64 -43.12 22.40
C SER D 278 -32.26 -44.51 21.94
N LYS D 279 -33.27 -45.35 21.74
CA LYS D 279 -33.05 -46.72 21.29
C LYS D 279 -33.61 -47.02 19.91
N ASN D 280 -34.57 -46.24 19.40
CA ASN D 280 -35.05 -46.44 18.04
C ASN D 280 -34.29 -45.58 17.02
N GLY D 281 -33.41 -44.70 17.48
CA GLY D 281 -32.65 -43.87 16.58
C GLY D 281 -33.20 -42.46 16.54
N ILE D 282 -32.32 -41.47 16.43
CA ILE D 282 -32.77 -40.08 16.31
C ILE D 282 -33.24 -39.83 14.89
N THR D 283 -34.34 -39.11 14.76
CA THR D 283 -34.90 -38.84 13.44
C THR D 283 -34.33 -37.55 12.87
N ALA D 284 -34.51 -37.39 11.55
CA ALA D 284 -34.01 -36.20 10.87
C ALA D 284 -34.76 -34.95 11.33
N ASP D 285 -36.07 -35.06 11.53
CA ASP D 285 -36.85 -33.91 11.98
C ASP D 285 -36.37 -33.42 13.35
N GLN D 286 -35.99 -34.36 14.22
CA GLN D 286 -35.43 -33.99 15.51
C GLN D 286 -34.13 -33.20 15.35
N VAL D 287 -33.25 -33.65 14.44
CA VAL D 287 -32.02 -32.92 14.19
C VAL D 287 -32.31 -31.52 13.62
N TYR D 288 -33.29 -31.42 12.74
CA TYR D 288 -33.65 -30.12 12.19
C TYR D 288 -34.11 -29.18 13.30
N ALA D 289 -34.95 -29.68 14.22
CA ALA D 289 -35.40 -28.86 15.33
C ALA D 289 -34.22 -28.49 16.24
N ILE D 290 -33.31 -29.43 16.47
CA ILE D 290 -32.13 -29.15 17.28
C ILE D 290 -31.32 -28.02 16.67
N ALA D 291 -31.14 -28.05 15.34
CA ALA D 291 -30.38 -26.99 14.67
C ALA D 291 -31.09 -25.65 14.81
N ALA D 292 -32.39 -25.63 14.51
CA ALA D 292 -33.15 -24.38 14.60
C ALA D 292 -33.06 -23.78 15.99
N ALA D 293 -33.14 -24.62 17.03
CA ALA D 293 -33.11 -24.11 18.39
C ALA D 293 -31.69 -23.75 18.85
N LYS D 294 -30.69 -24.54 18.44
CA LYS D 294 -29.31 -24.25 18.80
C LYS D 294 -28.83 -22.95 18.18
N LEU D 295 -29.41 -22.57 17.05
CA LEU D 295 -29.13 -21.23 16.53
C LEU D 295 -29.44 -20.16 17.56
N LYS D 296 -30.44 -20.40 18.42
CA LYS D 296 -30.81 -19.45 19.46
C LYS D 296 -30.25 -19.83 20.83
N PHE D 297 -29.25 -20.71 20.88
CA PHE D 297 -28.52 -21.02 22.11
C PHE D 297 -29.39 -21.74 23.15
N LYS D 298 -30.20 -22.68 22.68
CA LYS D 298 -31.03 -23.51 23.56
C LYS D 298 -30.22 -24.73 24.01
N SER D 299 -30.51 -25.20 25.22
CA SER D 299 -29.92 -26.44 25.70
C SER D 299 -30.69 -27.64 25.17
N LEU D 300 -30.02 -28.80 25.15
CA LEU D 300 -30.73 -30.03 24.79
C LEU D 300 -31.88 -30.30 25.75
N GLU D 301 -31.67 -30.02 27.03
CA GLU D 301 -32.75 -30.04 28.01
C GLU D 301 -33.90 -29.14 27.58
N GLU D 302 -33.58 -27.88 27.24
CA GLU D 302 -34.63 -26.94 26.89
C GLU D 302 -35.34 -27.32 25.60
N ILE D 303 -34.67 -28.01 24.68
CA ILE D 303 -35.32 -28.35 23.42
C ILE D 303 -36.18 -29.61 23.58
N VAL D 304 -35.75 -30.57 24.40
CA VAL D 304 -36.66 -31.71 24.65
C VAL D 304 -37.86 -31.22 25.47
N ALA D 305 -37.70 -30.15 26.23
CA ALA D 305 -38.86 -29.56 26.90
C ALA D 305 -39.75 -28.80 25.93
N ASP D 306 -39.16 -28.05 25.00
CA ASP D 306 -39.95 -27.18 24.14
C ASP D 306 -40.68 -27.92 23.02
N SER D 307 -40.12 -29.02 22.53
CA SER D 307 -40.77 -29.86 21.53
C SER D 307 -41.01 -31.24 22.13
N VAL D 308 -41.92 -31.31 23.09
CA VAL D 308 -42.24 -32.59 23.73
C VAL D 308 -42.80 -33.56 22.71
N GLN D 309 -43.64 -33.07 21.79
CA GLN D 309 -44.24 -33.93 20.79
C GLN D 309 -43.19 -34.69 20.00
N LEU D 310 -42.12 -34.00 19.61
CA LEU D 310 -41.12 -34.54 18.72
C LEU D 310 -40.18 -35.51 19.42
N PHE D 311 -40.12 -35.49 20.75
CA PHE D 311 -39.14 -36.28 21.49
C PHE D 311 -39.78 -37.25 22.47
N SER D 312 -41.03 -37.65 22.23
CA SER D 312 -41.77 -38.46 23.19
C SER D 312 -42.52 -39.65 22.61
N GLY D 313 -42.70 -39.73 21.29
CA GLY D 313 -43.49 -40.81 20.73
C GLY D 313 -42.73 -42.14 20.71
N ASP D 314 -42.84 -42.88 19.60
CA ASP D 314 -42.00 -44.06 19.43
C ASP D 314 -40.51 -43.71 19.38
N HIS D 315 -40.19 -42.44 19.10
CA HIS D 315 -38.83 -41.92 19.04
C HIS D 315 -38.48 -41.11 20.27
N SER D 316 -38.93 -41.57 21.44
CA SER D 316 -38.68 -40.87 22.69
C SER D 316 -37.18 -40.80 22.98
N VAL D 317 -36.81 -39.86 23.84
CA VAL D 317 -35.42 -39.61 24.18
C VAL D 317 -35.31 -39.45 25.69
N GLU D 318 -34.23 -39.99 26.25
CA GLU D 318 -33.89 -39.87 27.66
C GLU D 318 -32.75 -38.86 27.77
N TYR D 319 -32.96 -37.81 28.55
CA TYR D 319 -31.96 -36.78 28.78
C TYR D 319 -31.21 -37.06 30.07
N LEU D 320 -29.89 -37.25 29.97
CA LEU D 320 -29.02 -37.47 31.11
C LEU D 320 -28.13 -36.24 31.28
N ALA D 321 -28.41 -35.45 32.30
CA ALA D 321 -27.67 -34.20 32.50
C ALA D 321 -26.28 -34.48 33.04
N GLY D 322 -25.30 -33.69 32.59
CA GLY D 322 -23.96 -33.70 33.13
C GLY D 322 -23.12 -34.90 32.79
N VAL D 323 -23.52 -35.69 31.79
CA VAL D 323 -22.85 -36.95 31.48
C VAL D 323 -22.58 -36.99 29.98
N ARG D 324 -21.40 -37.56 29.61
CA ARG D 324 -21.09 -37.83 28.21
C ARG D 324 -21.73 -39.16 27.80
N PRO D 325 -22.19 -39.26 26.54
CA PRO D 325 -23.06 -40.39 26.17
C PRO D 325 -22.36 -41.73 26.02
N TRP D 326 -21.02 -41.78 26.03
CA TRP D 326 -20.31 -42.99 25.62
C TRP D 326 -20.66 -44.19 26.48
N THR D 327 -20.76 -44.00 27.79
CA THR D 327 -21.09 -45.11 28.68
C THR D 327 -22.58 -45.37 28.79
N LYS D 328 -23.43 -44.49 28.25
CA LYS D 328 -24.86 -44.54 28.51
C LYS D 328 -25.66 -45.01 27.29
N VAL D 329 -25.03 -45.80 26.42
CA VAL D 329 -25.68 -46.26 25.20
C VAL D 329 -25.59 -47.77 25.01
N GLY D 330 -24.98 -48.49 25.94
CA GLY D 330 -24.93 -49.95 25.80
C GLY D 330 -24.11 -50.36 24.60
N GLN D 331 -24.57 -51.41 23.92
CA GLN D 331 -23.87 -51.86 22.72
C GLN D 331 -23.91 -50.78 21.65
N VAL D 332 -22.74 -50.46 21.11
CA VAL D 332 -22.59 -49.41 20.10
C VAL D 332 -21.49 -49.83 19.14
N ASP D 333 -21.67 -49.50 17.86
CA ASP D 333 -20.76 -49.91 16.79
C ASP D 333 -19.80 -48.81 16.36
N VAL D 334 -20.27 -47.58 16.23
CA VAL D 334 -19.47 -46.45 15.76
C VAL D 334 -19.61 -45.30 16.74
N ALA D 335 -18.51 -44.58 16.97
CA ALA D 335 -18.51 -43.42 17.86
C ALA D 335 -17.89 -42.23 17.13
N LEU D 336 -18.63 -41.12 17.09
CA LEU D 336 -18.23 -39.92 16.36
C LEU D 336 -18.17 -38.73 17.31
N PRO D 337 -17.06 -38.56 18.04
CA PRO D 337 -16.92 -37.34 18.85
C PRO D 337 -16.94 -36.10 17.97
N SER D 338 -17.95 -35.25 18.18
CA SER D 338 -18.21 -34.13 17.29
C SER D 338 -18.52 -32.88 18.09
N ALA D 339 -17.81 -32.66 19.20
CA ALA D 339 -18.12 -31.55 20.11
C ALA D 339 -16.92 -30.65 20.37
N THR D 340 -15.86 -31.17 20.98
CA THR D 340 -14.73 -30.34 21.39
C THR D 340 -13.52 -31.24 21.57
N GLN D 341 -12.42 -30.65 22.04
CA GLN D 341 -11.21 -31.43 22.28
C GLN D 341 -11.31 -32.14 23.62
N ASN D 342 -10.61 -33.28 23.72
CA ASN D 342 -10.50 -34.04 24.96
C ASN D 342 -11.87 -34.36 25.54
N GLU D 343 -12.74 -34.95 24.72
CA GLU D 343 -14.09 -35.29 25.15
C GLU D 343 -14.31 -36.80 25.26
N VAL D 344 -13.26 -37.60 25.14
CA VAL D 344 -13.34 -39.04 25.34
C VAL D 344 -12.14 -39.45 26.18
N SER D 345 -12.41 -39.87 27.42
CA SER D 345 -11.35 -40.26 28.35
C SER D 345 -10.91 -41.71 28.10
N GLY D 346 -9.77 -42.06 28.70
CA GLY D 346 -9.29 -43.44 28.61
C GLY D 346 -10.30 -44.43 29.16
N GLU D 347 -10.94 -44.09 30.28
CA GLU D 347 -11.97 -44.96 30.83
C GLU D 347 -13.16 -45.09 29.89
N GLU D 348 -13.59 -43.96 29.30
CA GLU D 348 -14.65 -44.01 28.32
C GLU D 348 -14.22 -44.78 27.08
N ALA D 349 -12.94 -44.74 26.73
CA ALA D 349 -12.43 -45.52 25.61
C ALA D 349 -12.54 -47.01 25.89
N LYS D 350 -12.12 -47.45 27.08
CA LYS D 350 -12.28 -48.86 27.43
C LYS D 350 -13.76 -49.25 27.46
N ALA D 351 -14.62 -48.37 27.97
CA ALA D 351 -16.05 -48.66 27.98
C ALA D 351 -16.58 -48.84 26.55
N LEU D 352 -16.15 -47.98 25.63
CA LEU D 352 -16.58 -48.11 24.24
C LEU D 352 -16.07 -49.40 23.62
N VAL D 353 -14.80 -49.74 23.85
CA VAL D 353 -14.24 -50.98 23.30
C VAL D 353 -15.01 -52.18 23.82
N ASP D 354 -15.24 -52.22 25.14
CA ASP D 354 -15.97 -53.32 25.75
C ASP D 354 -17.40 -53.41 25.26
N ALA D 355 -18.02 -52.27 24.96
CA ALA D 355 -19.40 -52.24 24.44
C ALA D 355 -19.50 -52.66 22.98
N GLY D 356 -18.43 -53.17 22.40
CA GLY D 356 -18.43 -53.70 21.05
C GLY D 356 -18.15 -52.69 19.96
N CYS D 357 -17.68 -51.50 20.33
CA CYS D 357 -17.41 -50.46 19.36
C CYS D 357 -16.18 -50.81 18.54
N LYS D 358 -16.30 -50.73 17.22
CA LYS D 358 -15.21 -51.08 16.32
C LYS D 358 -14.73 -49.93 15.46
N PHE D 359 -15.46 -48.82 15.40
CA PHE D 359 -15.06 -47.68 14.57
C PHE D 359 -15.24 -46.39 15.34
N ILE D 360 -14.16 -45.63 15.49
CA ILE D 360 -14.18 -44.33 16.16
C ILE D 360 -13.39 -43.35 15.31
N ALA D 361 -14.02 -42.27 14.88
CA ALA D 361 -13.39 -41.25 14.05
C ALA D 361 -13.78 -39.88 14.57
N GLU D 362 -12.78 -39.01 14.76
CA GLU D 362 -13.00 -37.71 15.39
C GLU D 362 -13.67 -36.76 14.40
N GLY D 363 -14.92 -36.38 14.69
CA GLY D 363 -15.54 -35.25 14.01
C GLY D 363 -15.11 -33.93 14.58
N SER D 364 -14.75 -33.90 15.85
CA SER D 364 -14.19 -32.73 16.51
C SER D 364 -12.67 -32.72 16.35
N ASN D 365 -12.07 -31.55 16.61
CA ASN D 365 -10.63 -31.41 16.49
C ASN D 365 -9.96 -31.91 17.78
N MET D 366 -9.16 -32.98 17.65
CA MET D 366 -8.51 -33.63 18.79
C MET D 366 -9.56 -34.03 19.83
N GLY D 367 -10.59 -34.73 19.37
CA GLY D 367 -11.70 -35.08 20.24
C GLY D 367 -11.35 -36.09 21.31
N SER D 368 -10.32 -36.92 21.07
CA SER D 368 -9.94 -38.00 21.98
C SER D 368 -8.73 -37.61 22.81
N THR D 369 -8.73 -37.99 24.08
CA THR D 369 -7.59 -37.81 24.96
C THR D 369 -6.46 -38.77 24.56
N LYS D 370 -5.26 -38.47 25.06
CA LYS D 370 -4.14 -39.36 24.81
C LYS D 370 -4.41 -40.76 25.35
N GLU D 371 -5.08 -40.85 26.51
CA GLU D 371 -5.42 -42.15 27.08
C GLU D 371 -6.40 -42.91 26.20
N ALA D 372 -7.40 -42.20 25.67
CA ALA D 372 -8.34 -42.85 24.76
C ALA D 372 -7.63 -43.38 23.53
N ILE D 373 -6.68 -42.61 22.98
CA ILE D 373 -5.93 -43.06 21.81
C ILE D 373 -5.05 -44.26 22.15
N GLU D 374 -4.42 -44.26 23.32
CA GLU D 374 -3.63 -45.42 23.74
C GLU D 374 -4.50 -46.67 23.84
N VAL D 375 -5.69 -46.51 24.44
CA VAL D 375 -6.64 -47.62 24.55
C VAL D 375 -7.00 -48.13 23.15
N PHE D 376 -7.41 -47.23 22.26
CA PHE D 376 -7.83 -47.63 20.92
C PHE D 376 -6.71 -48.34 20.16
N GLU D 377 -5.52 -47.74 20.14
CA GLU D 377 -4.42 -48.31 19.38
C GLU D 377 -3.96 -49.65 19.96
N ALA D 378 -3.99 -49.82 21.28
CA ALA D 378 -3.60 -51.09 21.87
C ALA D 378 -4.58 -52.20 21.54
N ASN D 379 -5.84 -51.86 21.28
CA ASN D 379 -6.86 -52.83 20.88
C ASN D 379 -7.04 -52.93 19.37
N ARG D 380 -6.24 -52.22 18.57
CA ARG D 380 -6.35 -52.32 17.12
C ARG D 380 -6.07 -53.74 16.65
N ASP D 381 -4.83 -54.20 16.85
CA ASP D 381 -4.35 -55.47 16.29
C ASP D 381 -4.99 -56.69 16.94
N SER D 382 -5.66 -56.55 18.07
CA SER D 382 -6.26 -57.67 18.77
C SER D 382 -7.78 -57.73 18.63
N ASN D 383 -8.48 -56.63 18.91
CA ASN D 383 -9.94 -56.57 18.85
C ASN D 383 -10.47 -55.84 17.61
N GLY D 384 -9.61 -55.50 16.66
CA GLY D 384 -10.08 -54.81 15.46
C GLY D 384 -10.77 -53.49 15.70
N VAL D 385 -10.34 -52.75 16.72
CA VAL D 385 -10.90 -51.43 17.01
C VAL D 385 -10.09 -50.40 16.23
N TRP D 386 -10.79 -49.61 15.40
CA TRP D 386 -10.12 -48.71 14.46
C TRP D 386 -10.45 -47.27 14.82
N TYR D 387 -9.40 -46.50 15.13
CA TYR D 387 -9.51 -45.08 15.47
C TYR D 387 -8.95 -44.26 14.32
N ALA D 388 -9.69 -43.20 13.94
CA ALA D 388 -9.26 -42.28 12.90
C ALA D 388 -9.11 -40.88 13.49
N PRO D 389 -7.95 -40.24 13.38
CA PRO D 389 -7.77 -38.92 14.00
C PRO D 389 -8.54 -37.84 13.27
N GLY D 390 -8.71 -36.71 13.96
CA GLY D 390 -9.48 -35.62 13.40
C GLY D 390 -8.85 -35.01 12.16
N LYS D 391 -7.52 -34.90 12.13
CA LYS D 391 -6.91 -34.28 10.96
C LYS D 391 -7.19 -35.05 9.69
N ALA D 392 -7.59 -36.32 9.78
CA ALA D 392 -8.01 -37.06 8.61
C ALA D 392 -9.53 -37.11 8.46
N ALA D 393 -10.26 -37.39 9.54
CA ALA D 393 -11.67 -37.72 9.41
C ALA D 393 -12.55 -36.49 9.20
N ASN D 394 -12.22 -35.36 9.84
CA ASN D 394 -13.07 -34.18 9.76
C ASN D 394 -12.58 -33.15 8.75
N CYS D 395 -11.59 -33.51 7.92
CA CYS D 395 -11.02 -32.58 6.94
C CYS D 395 -11.97 -32.23 5.81
N GLY D 396 -13.18 -32.79 5.81
CA GLY D 396 -14.14 -32.43 4.78
C GLY D 396 -14.53 -30.96 4.83
N GLY D 397 -14.61 -30.41 6.05
CA GLY D 397 -14.98 -29.01 6.20
C GLY D 397 -13.98 -28.08 5.54
N VAL D 398 -12.69 -28.26 5.83
CA VAL D 398 -11.70 -27.41 5.19
C VAL D 398 -11.59 -27.73 3.71
N ALA D 399 -11.89 -28.98 3.32
CA ALA D 399 -11.88 -29.33 1.90
C ALA D 399 -12.92 -28.53 1.13
N VAL D 400 -14.15 -28.50 1.65
CA VAL D 400 -15.20 -27.75 0.97
C VAL D 400 -14.97 -26.25 1.13
N SER D 401 -14.28 -25.82 2.19
CA SER D 401 -13.85 -24.43 2.26
C SER D 401 -12.89 -24.10 1.13
N GLY D 402 -11.92 -24.97 0.88
CA GLY D 402 -11.03 -24.77 -0.25
C GLY D 402 -11.79 -24.78 -1.57
N LEU D 403 -12.82 -25.60 -1.66
CA LEU D 403 -13.64 -25.58 -2.87
C LEU D 403 -14.41 -24.26 -2.99
N GLU D 404 -14.85 -23.70 -1.85
CA GLU D 404 -15.46 -22.37 -1.87
C GLU D 404 -14.46 -21.33 -2.36
N MET D 405 -13.22 -21.46 -1.91
CA MET D 405 -12.17 -20.55 -2.39
C MET D 405 -11.94 -20.69 -3.89
N ALA D 406 -11.94 -21.93 -4.40
CA ALA D 406 -11.75 -22.14 -5.83
C ALA D 406 -12.90 -21.57 -6.64
N GLN D 407 -14.13 -21.78 -6.18
CA GLN D 407 -15.29 -21.20 -6.85
C GLN D 407 -15.23 -19.68 -6.83
N ASN D 408 -14.81 -19.10 -5.70
CA ASN D 408 -14.63 -17.66 -5.62
C ASN D 408 -13.60 -17.16 -6.62
N SER D 409 -12.47 -17.86 -6.72
CA SER D 409 -11.45 -17.47 -7.69
C SER D 409 -11.96 -17.57 -9.14
N GLN D 410 -12.78 -18.58 -9.43
CA GLN D 410 -13.31 -18.73 -10.79
C GLN D 410 -14.54 -17.86 -11.05
N ARG D 411 -15.11 -17.22 -10.04
CA ARG D 411 -16.34 -16.43 -10.18
C ARG D 411 -17.47 -17.30 -10.72
N VAL D 412 -17.59 -18.50 -10.12
CA VAL D 412 -18.62 -19.46 -10.46
C VAL D 412 -19.16 -20.02 -9.14
N GLN D 413 -20.35 -20.60 -9.19
CA GLN D 413 -20.91 -21.36 -8.07
C GLN D 413 -21.34 -22.72 -8.55
N TRP D 414 -20.86 -23.76 -7.88
CA TRP D 414 -21.10 -25.13 -8.31
C TRP D 414 -22.41 -25.67 -7.72
N THR D 415 -22.85 -26.78 -8.29
CA THR D 415 -24.07 -27.43 -7.83
C THR D 415 -23.81 -28.28 -6.58
N ASN D 416 -24.90 -28.65 -5.91
CA ASN D 416 -24.82 -29.52 -4.74
C ASN D 416 -24.05 -30.79 -5.05
N GLU D 417 -24.43 -31.45 -6.14
CA GLU D 417 -23.87 -32.75 -6.48
C GLU D 417 -22.39 -32.65 -6.81
N GLU D 418 -21.99 -31.56 -7.47
CA GLU D 418 -20.58 -31.38 -7.83
C GLU D 418 -19.72 -31.28 -6.56
N VAL D 419 -20.14 -30.44 -5.62
CA VAL D 419 -19.34 -30.26 -4.41
C VAL D 419 -19.37 -31.52 -3.56
N ASP D 420 -20.53 -32.16 -3.45
CA ASP D 420 -20.61 -33.41 -2.68
C ASP D 420 -19.71 -34.48 -3.27
N ALA D 421 -19.64 -34.56 -4.60
CA ALA D 421 -18.77 -35.55 -5.22
C ALA D 421 -17.31 -35.23 -4.98
N LYS D 422 -16.92 -33.96 -5.11
CA LYS D 422 -15.54 -33.58 -4.85
C LYS D 422 -15.16 -33.84 -3.40
N LEU D 423 -16.09 -33.55 -2.48
CA LEU D 423 -15.88 -33.84 -1.06
C LEU D 423 -15.68 -35.33 -0.81
N LYS D 424 -16.56 -36.15 -1.39
CA LYS D 424 -16.50 -37.59 -1.23
C LYS D 424 -15.16 -38.14 -1.72
N GLU D 425 -14.75 -37.72 -2.92
CA GLU D 425 -13.50 -38.22 -3.46
C GLU D 425 -12.31 -37.74 -2.64
N ILE D 426 -12.38 -36.53 -2.08
CA ILE D 426 -11.29 -36.05 -1.23
C ILE D 426 -11.19 -36.91 0.02
N MET D 427 -12.33 -37.22 0.64
CA MET D 427 -12.31 -38.05 1.85
C MET D 427 -11.79 -39.44 1.55
N TYR D 428 -12.24 -40.06 0.44
CA TYR D 428 -11.78 -41.40 0.11
C TYR D 428 -10.28 -41.41 -0.18
N THR D 429 -9.79 -40.40 -0.90
CA THR D 429 -8.37 -40.27 -1.14
C THR D 429 -7.61 -40.12 0.17
N CYS D 430 -8.16 -39.36 1.12
CA CYS D 430 -7.52 -39.19 2.43
C CYS D 430 -7.42 -40.52 3.17
N PHE D 431 -8.50 -41.31 3.15
CA PHE D 431 -8.47 -42.62 3.79
C PHE D 431 -7.41 -43.52 3.15
N GLU D 432 -7.39 -43.56 1.82
CA GLU D 432 -6.41 -44.41 1.15
C GLU D 432 -5.00 -43.94 1.46
N ASN D 433 -4.79 -42.62 1.57
CA ASN D 433 -3.47 -42.11 1.88
C ASN D 433 -3.05 -42.49 3.29
N CYS D 434 -3.96 -42.35 4.26
CA CYS D 434 -3.68 -42.80 5.63
C CYS D 434 -3.27 -44.26 5.64
N TYR D 435 -4.08 -45.10 4.99
CA TYR D 435 -3.85 -46.54 5.00
C TYR D 435 -2.50 -46.89 4.38
N LYS D 436 -2.27 -46.42 3.14
CA LYS D 436 -1.05 -46.76 2.43
C LYS D 436 0.19 -46.17 3.10
N THR D 437 0.07 -44.97 3.69
CA THR D 437 1.23 -44.38 4.34
C THR D 437 1.57 -45.14 5.62
N ALA D 438 0.56 -45.49 6.42
CA ALA D 438 0.81 -46.31 7.60
C ALA D 438 1.48 -47.62 7.22
N GLN D 439 1.04 -48.24 6.12
CA GLN D 439 1.66 -49.49 5.69
C GLN D 439 3.09 -49.27 5.22
N LYS D 440 3.35 -48.18 4.50
CA LYS D 440 4.68 -47.97 3.94
C LYS D 440 5.72 -47.74 5.02
N TYR D 441 5.32 -47.15 6.15
CA TYR D 441 6.25 -46.74 7.20
C TYR D 441 6.00 -47.46 8.52
N SER D 442 5.43 -48.65 8.49
CA SER D 442 5.17 -49.40 9.72
C SER D 442 6.47 -50.01 10.23
N ILE D 443 6.79 -49.74 11.50
CA ILE D 443 8.08 -50.17 12.05
C ILE D 443 8.11 -51.68 12.24
N GLU D 444 6.97 -52.29 12.51
CA GLU D 444 6.89 -53.75 12.50
C GLU D 444 6.82 -54.24 11.06
N LYS D 445 6.40 -55.48 10.84
CA LYS D 445 6.15 -55.97 9.50
C LYS D 445 4.69 -55.68 9.15
N ASN D 446 4.16 -56.31 8.11
CA ASN D 446 2.74 -56.31 7.83
C ASN D 446 2.21 -57.64 8.34
N GLU D 447 1.70 -57.63 9.57
CA GLU D 447 1.14 -58.84 10.18
C GLU D 447 -0.19 -59.14 9.52
N ASN D 448 -0.53 -58.32 8.53
CA ASN D 448 -1.80 -58.39 7.82
C ASN D 448 -2.97 -58.06 8.74
N GLY D 449 -2.75 -57.14 9.68
CA GLY D 449 -3.80 -56.56 10.49
C GLY D 449 -4.08 -55.12 10.08
N LEU D 450 -5.03 -54.52 10.77
CA LEU D 450 -5.43 -53.16 10.43
C LEU D 450 -4.27 -52.20 10.73
N PRO D 451 -3.85 -51.38 9.77
CA PRO D 451 -2.80 -50.40 10.03
C PRO D 451 -3.33 -49.19 10.78
N SER D 452 -2.40 -48.46 11.40
CA SER D 452 -2.73 -47.32 12.25
C SER D 452 -3.06 -46.11 11.37
N LEU D 453 -4.34 -45.73 11.35
CA LEU D 453 -4.74 -44.54 10.59
C LEU D 453 -4.19 -43.27 11.21
N LEU D 454 -4.04 -43.23 12.53
CA LEU D 454 -3.44 -42.07 13.21
C LEU D 454 -2.04 -41.80 12.67
N LYS D 455 -1.16 -42.79 12.79
CA LYS D 455 0.20 -42.65 12.28
C LYS D 455 0.19 -42.35 10.79
N GLY D 456 -0.72 -42.98 10.04
CA GLY D 456 -0.77 -42.75 8.61
C GLY D 456 -1.04 -41.30 8.25
N ALA D 457 -2.12 -40.74 8.81
CA ALA D 457 -2.45 -39.35 8.53
C ALA D 457 -1.32 -38.42 8.95
N ASN D 458 -0.81 -38.60 10.17
CA ASN D 458 0.24 -37.71 10.65
C ASN D 458 1.47 -37.77 9.76
N ILE D 459 1.85 -38.97 9.32
CA ILE D 459 3.08 -39.08 8.53
C ILE D 459 2.87 -38.51 7.14
N ALA D 460 1.71 -38.77 6.53
CA ALA D 460 1.46 -38.22 5.19
C ALA D 460 1.49 -36.70 5.19
N GLY D 461 0.74 -36.09 6.11
CA GLY D 461 0.75 -34.63 6.21
C GLY D 461 2.13 -34.08 6.48
N PHE D 462 2.85 -34.70 7.42
CA PHE D 462 4.20 -34.23 7.72
C PHE D 462 5.08 -34.31 6.50
N ILE D 463 4.97 -35.39 5.73
CA ILE D 463 5.83 -35.57 4.57
C ILE D 463 5.60 -34.47 3.56
N LYS D 464 4.33 -34.20 3.24
CA LYS D 464 4.03 -33.18 2.25
C LYS D 464 4.54 -31.81 2.68
N VAL D 465 4.20 -31.41 3.91
CA VAL D 465 4.61 -30.08 4.38
C VAL D 465 6.14 -29.99 4.45
N ALA D 466 6.80 -31.06 4.88
CA ALA D 466 8.25 -31.01 5.03
C ALA D 466 8.94 -30.91 3.67
N ASP D 467 8.43 -31.64 2.68
CA ASP D 467 8.96 -31.52 1.33
C ASP D 467 8.85 -30.10 0.82
N ALA D 468 7.67 -29.49 1.00
CA ALA D 468 7.49 -28.12 0.54
C ALA D 468 8.41 -27.15 1.29
N MET D 469 8.57 -27.35 2.61
CA MET D 469 9.44 -26.46 3.38
C MET D 469 10.88 -26.56 2.91
N PHE D 470 11.34 -27.77 2.60
CA PHE D 470 12.68 -27.90 2.02
C PHE D 470 12.74 -27.17 0.68
N ASP D 471 11.75 -27.38 -0.18
CA ASP D 471 11.76 -26.77 -1.50
C ASP D 471 11.87 -25.25 -1.40
N GLN D 472 11.15 -24.64 -0.47
CA GLN D 472 11.05 -23.20 -0.41
C GLN D 472 12.10 -22.54 0.47
N GLY D 473 13.03 -23.31 1.03
CA GLY D 473 14.09 -22.77 1.87
C GLY D 473 13.67 -22.43 3.28
N ASP D 474 12.49 -22.90 3.72
CA ASP D 474 12.06 -22.71 5.10
C ASP D 474 12.82 -23.62 6.05
N VAL D 475 13.42 -24.70 5.54
CA VAL D 475 14.31 -25.59 6.28
C VAL D 475 15.45 -25.98 5.35
N PHE D 476 16.64 -26.14 5.92
CA PHE D 476 17.79 -26.59 5.14
C PHE D 476 18.83 -27.28 6.02
N LEU E 23 30.83 -6.41 -18.28
CA LEU E 23 30.39 -5.04 -18.04
C LEU E 23 30.34 -4.23 -19.33
N PRO E 24 29.28 -3.44 -19.50
CA PRO E 24 29.19 -2.56 -20.68
C PRO E 24 30.15 -1.39 -20.56
N HIS E 25 30.51 -0.83 -21.72
CA HIS E 25 31.44 0.30 -21.78
C HIS E 25 30.77 1.54 -21.21
N GLU E 26 31.30 2.03 -20.09
CA GLU E 26 30.75 3.20 -19.40
C GLU E 26 31.91 4.12 -19.04
N PRO E 27 32.42 4.89 -20.00
CA PRO E 27 33.67 5.63 -19.76
C PRO E 27 33.58 6.68 -18.67
N GLU E 28 32.49 7.46 -18.60
CA GLU E 28 32.39 8.52 -17.59
C GLU E 28 32.33 7.93 -16.18
N PHE E 29 31.52 6.88 -15.99
CA PHE E 29 31.47 6.20 -14.71
C PHE E 29 32.85 5.67 -14.31
N GLN E 30 33.54 5.04 -15.25
CA GLN E 30 34.88 4.52 -14.94
C GLN E 30 35.85 5.64 -14.63
N GLN E 31 35.69 6.80 -15.27
CA GLN E 31 36.56 7.95 -14.96
C GLN E 31 36.38 8.36 -13.50
N ALA E 32 35.13 8.55 -13.08
CA ALA E 32 34.87 8.93 -11.70
C ALA E 32 35.33 7.85 -10.72
N TYR E 33 35.00 6.58 -11.03
CA TYR E 33 35.42 5.47 -10.19
C TYR E 33 36.93 5.44 -10.02
N ASP E 34 37.67 5.52 -11.14
CA ASP E 34 39.12 5.45 -11.07
C ASP E 34 39.68 6.62 -10.26
N GLU E 35 39.11 7.81 -10.44
CA GLU E 35 39.61 8.95 -9.67
C GLU E 35 39.45 8.70 -8.17
N LEU E 36 38.25 8.30 -7.74
CA LEU E 36 38.05 8.09 -6.30
C LEU E 36 38.93 6.96 -5.78
N VAL E 37 38.98 5.83 -6.52
CA VAL E 37 39.75 4.69 -6.05
C VAL E 37 41.22 5.04 -5.94
N SER E 38 41.79 5.69 -6.96
CA SER E 38 43.21 6.04 -6.89
C SER E 38 43.47 7.07 -5.80
N ALA E 39 42.50 7.94 -5.49
CA ALA E 39 42.68 8.85 -4.36
C ALA E 39 42.72 8.08 -3.05
N VAL E 40 41.93 7.02 -2.93
CA VAL E 40 41.90 6.27 -1.67
C VAL E 40 43.12 5.33 -1.56
N GLU E 41 43.52 4.70 -2.66
CA GLU E 41 44.63 3.75 -2.62
C GLU E 41 45.97 4.45 -2.40
N ASP E 42 46.11 5.67 -2.91
CA ASP E 42 47.34 6.44 -2.74
C ASP E 42 47.34 7.14 -1.38
N SER E 43 47.09 6.38 -0.32
CA SER E 43 47.01 6.93 1.03
C SER E 43 47.24 5.79 2.01
N THR E 44 47.47 6.17 3.26
CA THR E 44 47.72 5.24 4.34
C THR E 44 46.45 4.53 4.83
N LEU E 45 45.33 4.69 4.13
CA LEU E 45 44.05 4.25 4.68
C LEU E 45 43.96 2.73 4.74
N PHE E 46 44.23 2.04 3.62
CA PHE E 46 44.11 0.58 3.63
C PHE E 46 45.14 -0.09 4.54
N LYS E 47 46.29 0.53 4.75
CA LYS E 47 47.26 -0.04 5.68
C LYS E 47 46.83 0.14 7.13
N GLU E 48 46.27 1.31 7.46
CA GLU E 48 45.90 1.55 8.84
C GLU E 48 44.72 0.70 9.26
N GLU E 49 43.72 0.56 8.39
CA GLU E 49 42.58 -0.32 8.64
C GLU E 49 42.21 -1.02 7.35
N PRO E 50 42.62 -2.28 7.17
CA PRO E 50 42.40 -2.97 5.89
C PRO E 50 40.95 -3.34 5.62
N GLN E 51 40.04 -3.23 6.60
CA GLN E 51 38.64 -3.60 6.35
C GLN E 51 38.05 -2.80 5.19
N TYR E 52 38.46 -1.54 5.03
CA TYR E 52 37.95 -0.71 3.95
C TYR E 52 38.14 -1.34 2.57
N LYS E 53 39.07 -2.28 2.44
CA LYS E 53 39.26 -2.93 1.14
C LYS E 53 37.98 -3.63 0.67
N LYS E 54 37.16 -4.13 1.61
CA LYS E 54 35.93 -4.81 1.21
C LYS E 54 34.91 -3.88 0.58
N VAL E 55 35.04 -2.56 0.76
CA VAL E 55 33.94 -1.65 0.46
C VAL E 55 33.86 -1.30 -1.04
N ILE E 56 35.01 -1.17 -1.71
CA ILE E 56 35.02 -0.64 -3.07
C ILE E 56 34.16 -1.45 -4.04
N PRO E 57 34.24 -2.78 -4.10
CA PRO E 57 33.42 -3.51 -5.06
C PRO E 57 31.95 -3.60 -4.68
N VAL E 58 31.57 -3.12 -3.50
CA VAL E 58 30.16 -3.10 -3.11
C VAL E 58 29.58 -1.72 -3.43
N VAL E 59 30.21 -0.68 -2.88
CA VAL E 59 29.67 0.67 -2.98
C VAL E 59 29.57 1.14 -4.43
N SER E 60 30.45 0.64 -5.29
CA SER E 60 30.51 1.08 -6.68
C SER E 60 29.40 0.48 -7.55
N ILE E 61 28.69 -0.54 -7.07
CA ILE E 61 27.55 -1.09 -7.78
C ILE E 61 26.29 -0.44 -7.21
N PRO E 62 25.49 0.27 -8.03
CA PRO E 62 24.38 1.04 -7.48
C PRO E 62 23.36 0.14 -6.79
N GLU E 63 22.78 0.65 -5.70
CA GLU E 63 21.75 -0.12 -5.01
C GLU E 63 20.61 -0.47 -5.96
N ARG E 64 20.26 0.46 -6.86
CA ARG E 64 19.12 0.23 -7.72
C ARG E 64 19.18 1.18 -8.91
N ILE E 65 18.80 0.71 -10.09
CA ILE E 65 18.65 1.53 -11.28
C ILE E 65 17.27 1.27 -11.85
N ILE E 66 16.61 2.32 -12.32
CA ILE E 66 15.29 2.21 -12.93
C ILE E 66 15.34 2.91 -14.27
N GLN E 67 15.19 2.14 -15.34
CA GLN E 67 15.06 2.66 -16.69
C GLN E 67 13.63 2.46 -17.14
N PHE E 68 13.10 3.45 -17.86
CA PHE E 68 11.71 3.37 -18.30
C PHE E 68 11.53 4.15 -19.61
N ARG E 69 10.63 3.64 -20.44
CA ARG E 69 10.19 4.40 -21.60
C ARG E 69 9.38 5.60 -21.15
N VAL E 70 9.64 6.75 -21.76
CA VAL E 70 8.87 7.97 -21.52
C VAL E 70 8.22 8.34 -22.85
N THR E 71 6.92 8.08 -22.96
CA THR E 71 6.13 8.39 -24.15
C THR E 71 5.44 9.74 -23.95
N TRP E 72 5.57 10.65 -24.92
CA TRP E 72 4.90 11.93 -24.80
C TRP E 72 4.43 12.36 -26.19
N GLU E 73 3.78 13.51 -26.25
CA GLU E 73 3.12 14.01 -27.45
C GLU E 73 3.59 15.42 -27.76
N ASN E 74 4.08 15.65 -28.98
CA ASN E 74 4.54 16.98 -29.34
C ASN E 74 3.37 17.88 -29.78
N ASP E 75 3.68 19.15 -30.05
CA ASP E 75 2.63 20.11 -30.35
C ASP E 75 1.89 19.77 -31.64
N LYS E 76 2.50 18.97 -32.52
CA LYS E 76 1.86 18.48 -33.73
C LYS E 76 0.98 17.26 -33.46
N GLY E 77 0.86 16.83 -32.21
CA GLY E 77 0.09 15.63 -31.92
C GLY E 77 0.74 14.35 -32.34
N GLU E 78 2.06 14.34 -32.53
CA GLU E 78 2.80 13.14 -32.89
C GLU E 78 3.38 12.49 -31.64
N ILE E 79 3.60 11.18 -31.72
CA ILE E 79 4.12 10.43 -30.58
C ILE E 79 5.63 10.52 -30.59
N GLU E 80 6.20 10.89 -29.45
CA GLU E 80 7.63 10.94 -29.22
C GLU E 80 7.99 9.96 -28.10
N VAL E 81 9.18 9.36 -28.19
CA VAL E 81 9.62 8.38 -27.21
C VAL E 81 11.04 8.73 -26.77
N ASN E 82 11.28 8.69 -25.45
CA ASN E 82 12.60 8.92 -24.89
C ASN E 82 12.87 7.93 -23.76
N ASN E 83 14.13 7.87 -23.35
CA ASN E 83 14.59 7.01 -22.28
C ASN E 83 14.69 7.82 -20.98
N GLY E 84 14.18 7.26 -19.89
CA GLY E 84 14.27 7.90 -18.59
C GLY E 84 14.98 6.98 -17.62
N PHE E 85 15.82 7.56 -16.76
CA PHE E 85 16.63 6.83 -15.81
C PHE E 85 16.51 7.47 -14.43
N ARG E 86 16.57 6.62 -13.39
CA ARG E 86 16.83 7.05 -12.03
C ARG E 86 17.79 6.05 -11.40
N VAL E 87 18.98 6.51 -11.05
CA VAL E 87 20.00 5.71 -10.39
C VAL E 87 19.96 6.06 -8.92
N GLN E 88 19.50 5.12 -8.10
CA GLN E 88 19.48 5.26 -6.66
C GLN E 88 20.71 4.48 -6.17
N TYR E 89 21.81 5.20 -5.94
CA TYR E 89 23.12 4.57 -5.85
C TYR E 89 23.39 4.03 -4.46
N ASN E 90 23.31 4.90 -3.46
CA ASN E 90 23.66 4.54 -2.08
C ASN E 90 22.75 5.27 -1.13
N SER E 91 22.21 4.56 -0.15
CA SER E 91 21.29 5.14 0.82
C SER E 91 21.80 4.98 2.24
N ALA E 92 23.12 4.80 2.42
CA ALA E 92 23.65 4.58 3.76
C ALA E 92 23.44 5.80 4.64
N LEU E 93 23.76 6.98 4.12
CA LEU E 93 23.69 8.18 4.94
C LEU E 93 22.32 8.86 4.93
N GLY E 94 21.38 8.38 4.12
CA GLY E 94 20.08 9.02 4.02
C GLY E 94 19.33 8.61 2.76
N PRO E 95 18.19 9.25 2.50
CA PRO E 95 17.49 8.98 1.24
C PRO E 95 18.32 9.44 0.06
N TYR E 96 18.15 8.75 -1.07
CA TYR E 96 18.84 9.12 -2.30
C TYR E 96 18.59 10.58 -2.64
N LYS E 97 19.67 11.30 -2.96
CA LYS E 97 19.54 12.71 -3.33
C LYS E 97 20.35 12.96 -4.59
N GLY E 98 19.73 13.63 -5.57
CA GLY E 98 20.39 13.89 -6.82
C GLY E 98 19.45 14.60 -7.78
N GLY E 99 20.08 15.26 -8.76
CA GLY E 99 19.33 16.04 -9.72
C GLY E 99 18.84 15.22 -10.89
N LEU E 100 18.08 15.90 -11.75
CA LEU E 100 17.60 15.31 -12.99
C LEU E 100 18.15 16.12 -14.16
N ARG E 101 18.68 15.42 -15.16
CA ARG E 101 19.32 16.03 -16.33
C ARG E 101 18.56 15.62 -17.58
N PHE E 102 18.08 16.60 -18.33
CA PHE E 102 17.42 16.36 -19.62
C PHE E 102 18.39 16.84 -20.69
N HIS E 103 19.06 15.90 -21.37
CA HIS E 103 20.05 16.31 -22.34
C HIS E 103 20.32 15.15 -23.28
N PRO E 104 20.48 15.39 -24.59
CA PRO E 104 20.54 14.28 -25.55
C PRO E 104 21.71 13.35 -25.33
N THR E 105 22.73 13.75 -24.56
CA THR E 105 23.85 12.88 -24.29
C THR E 105 23.58 11.88 -23.16
N VAL E 106 22.45 12.00 -22.47
CA VAL E 106 22.22 11.22 -21.26
C VAL E 106 22.15 9.73 -21.58
N ASN E 107 22.92 8.94 -20.85
CA ASN E 107 22.83 7.48 -20.90
C ASN E 107 23.16 6.96 -19.51
N LEU E 108 23.09 5.63 -19.35
CA LEU E 108 23.34 5.04 -18.05
C LEU E 108 24.74 5.37 -17.53
N SER E 109 25.73 5.47 -18.41
CA SER E 109 27.09 5.74 -17.96
C SER E 109 27.19 7.10 -17.31
N ILE E 110 26.67 8.13 -17.98
CA ILE E 110 26.74 9.48 -17.44
C ILE E 110 26.01 9.56 -16.10
N LEU E 111 24.82 8.98 -16.03
CA LEU E 111 24.07 9.07 -14.78
C LEU E 111 24.74 8.26 -13.66
N LYS E 112 25.41 7.16 -14.00
CA LYS E 112 26.15 6.41 -12.98
C LYS E 112 27.33 7.22 -12.47
N PHE E 113 28.04 7.91 -13.38
CA PHE E 113 29.15 8.76 -12.93
C PHE E 113 28.63 9.85 -12.00
N LEU E 114 27.51 10.46 -12.35
CA LEU E 114 26.97 11.54 -11.53
C LEU E 114 26.49 11.02 -10.17
N GLY E 115 25.79 9.88 -10.13
CA GLY E 115 25.32 9.37 -8.85
C GLY E 115 26.45 8.88 -7.96
N PHE E 116 27.46 8.24 -8.57
CA PHE E 116 28.64 7.83 -7.82
C PHE E 116 29.30 9.05 -7.18
N GLU E 117 29.51 10.11 -7.96
CA GLU E 117 29.97 11.37 -7.41
C GLU E 117 29.09 11.81 -6.25
N GLN E 118 27.77 11.79 -6.48
CA GLN E 118 26.82 12.38 -5.55
C GLN E 118 26.87 11.72 -4.17
N ILE E 119 27.12 10.41 -4.12
CA ILE E 119 27.23 9.72 -2.83
C ILE E 119 28.18 10.47 -1.91
N PHE E 120 29.41 10.67 -2.37
CA PHE E 120 30.44 11.23 -1.52
C PHE E 120 30.33 12.75 -1.41
N LYS E 121 29.80 13.41 -2.43
CA LYS E 121 29.45 14.83 -2.28
C LYS E 121 28.49 15.03 -1.11
N ASN E 122 27.37 14.30 -1.13
CA ASN E 122 26.41 14.38 -0.04
C ASN E 122 27.07 14.05 1.29
N ALA E 123 27.94 13.03 1.30
CA ALA E 123 28.68 12.73 2.52
C ALA E 123 29.44 13.94 3.04
N LEU E 124 30.02 14.73 2.12
CA LEU E 124 30.77 15.91 2.54
C LEU E 124 29.87 17.02 3.05
N THR E 125 28.61 17.06 2.63
CA THR E 125 27.77 18.15 3.12
C THR E 125 27.39 18.02 4.59
N GLY E 126 27.68 16.88 5.24
CA GLY E 126 27.29 16.73 6.63
C GLY E 126 25.81 16.55 6.87
N LEU E 127 25.01 16.43 5.82
CA LEU E 127 23.58 16.18 5.93
C LEU E 127 23.27 14.71 5.68
N SER E 128 22.07 14.29 6.09
CA SER E 128 21.63 12.90 5.92
C SER E 128 21.08 12.75 4.50
N MET E 129 21.97 12.46 3.55
CA MET E 129 21.57 12.38 2.14
C MET E 129 22.34 11.26 1.45
N GLY E 130 21.58 10.32 0.87
CA GLY E 130 22.15 9.31 0.00
C GLY E 130 22.49 9.86 -1.37
N GLY E 131 22.98 8.97 -2.22
CA GLY E 131 23.45 9.34 -3.55
C GLY E 131 22.51 8.84 -4.63
N GLY E 132 22.27 9.69 -5.61
CA GLY E 132 21.50 9.25 -6.76
C GLY E 132 21.53 10.32 -7.82
N LYS E 133 20.99 9.96 -8.99
CA LYS E 133 20.95 10.90 -10.11
C LYS E 133 20.04 10.32 -11.18
N GLY E 134 19.40 11.20 -11.96
CA GLY E 134 18.52 10.70 -12.99
C GLY E 134 18.38 11.65 -14.16
N GLY E 135 17.56 11.25 -15.12
CA GLY E 135 17.32 12.15 -16.23
C GLY E 135 16.79 11.41 -17.45
N SER E 136 17.06 12.00 -18.61
CA SER E 136 16.51 11.53 -19.86
C SER E 136 17.32 12.08 -21.02
N ASP E 137 17.31 11.36 -22.15
CA ASP E 137 17.93 11.85 -23.38
C ASP E 137 17.04 12.86 -24.11
N PHE E 138 15.92 13.22 -23.51
CA PHE E 138 15.06 14.28 -24.01
C PHE E 138 15.84 15.58 -24.12
N ASN E 139 15.62 16.30 -25.21
CA ASN E 139 16.29 17.58 -25.42
C ASN E 139 15.29 18.72 -25.26
N PRO E 140 15.42 19.56 -24.24
CA PRO E 140 14.43 20.63 -24.04
C PRO E 140 14.68 21.86 -24.89
N LYS E 141 15.81 21.91 -25.61
CA LYS E 141 16.20 23.13 -26.32
C LYS E 141 15.16 23.53 -27.36
N ASN E 142 14.87 24.82 -27.40
CA ASN E 142 14.03 25.44 -28.43
C ASN E 142 12.65 24.78 -28.52
N ARG E 143 12.20 24.20 -27.41
CA ARG E 143 10.95 23.49 -27.36
C ARG E 143 9.93 24.32 -26.60
N SER E 144 8.66 24.22 -27.00
CA SER E 144 7.63 25.01 -26.37
C SER E 144 7.43 24.56 -24.93
N ASP E 145 6.97 25.50 -24.09
CA ASP E 145 6.68 25.13 -22.71
C ASP E 145 5.63 24.04 -22.63
N ASN E 146 4.72 23.97 -23.62
CA ASN E 146 3.74 22.88 -23.62
C ASN E 146 4.40 21.53 -23.83
N GLU E 147 5.34 21.44 -24.77
CA GLU E 147 6.04 20.17 -24.97
C GLU E 147 6.85 19.80 -23.74
N ILE E 148 7.50 20.77 -23.11
CA ILE E 148 8.25 20.50 -21.90
C ILE E 148 7.32 20.00 -20.79
N ARG E 149 6.14 20.62 -20.66
CA ARG E 149 5.21 20.20 -19.62
C ARG E 149 4.73 18.79 -19.87
N ARG E 150 4.36 18.49 -21.12
CA ARG E 150 3.92 17.13 -21.43
C ARG E 150 5.02 16.11 -21.14
N PHE E 151 6.27 16.43 -21.48
CA PHE E 151 7.34 15.48 -21.23
C PHE E 151 7.57 15.30 -19.73
N CYS E 152 7.61 16.40 -18.99
CA CYS E 152 7.81 16.29 -17.56
C CYS E 152 6.70 15.46 -16.94
N VAL E 153 5.47 15.65 -17.41
CA VAL E 153 4.35 14.89 -16.86
C VAL E 153 4.55 13.40 -17.13
N SER E 154 4.85 13.05 -18.39
CA SER E 154 5.06 11.63 -18.71
C SER E 154 6.20 11.06 -17.86
N PHE E 155 7.31 11.79 -17.76
CA PHE E 155 8.46 11.34 -17.01
C PHE E 155 8.13 11.11 -15.55
N MET E 156 7.58 12.12 -14.88
CA MET E 156 7.28 11.98 -13.46
C MET E 156 6.22 10.92 -13.21
N ARG E 157 5.27 10.74 -14.14
CA ARG E 157 4.28 9.70 -13.92
C ARG E 157 4.90 8.32 -14.04
N GLN E 158 5.93 8.20 -14.88
CA GLN E 158 6.65 6.93 -14.96
C GLN E 158 7.56 6.72 -13.75
N LEU E 159 8.01 7.79 -13.11
CA LEU E 159 9.02 7.74 -12.06
C LEU E 159 8.48 7.75 -10.63
N ALA E 160 7.30 8.33 -10.40
CA ALA E 160 6.84 8.65 -9.05
C ALA E 160 6.80 7.43 -8.16
N ARG E 161 6.37 6.30 -8.70
CA ARG E 161 6.23 5.07 -7.94
C ARG E 161 7.50 4.70 -7.16
N TYR E 162 8.65 5.24 -7.54
CA TYR E 162 9.93 4.80 -7.00
C TYR E 162 10.63 5.88 -6.20
N ILE E 163 9.98 7.01 -5.94
CA ILE E 163 10.58 8.11 -5.18
C ILE E 163 9.65 8.51 -4.04
N GLY E 164 10.15 9.40 -3.19
CA GLY E 164 9.41 9.84 -2.04
C GLY E 164 10.27 10.68 -1.12
N PRO E 165 9.64 11.44 -0.23
CA PRO E 165 10.40 12.36 0.63
C PRO E 165 11.34 11.65 1.57
N ASP E 166 11.17 10.35 1.78
CA ASP E 166 12.09 9.55 2.57
C ASP E 166 12.79 8.49 1.75
N THR E 167 12.63 8.50 0.43
CA THR E 167 13.22 7.46 -0.42
C THR E 167 14.23 8.01 -1.40
N ASP E 168 13.81 8.99 -2.20
CA ASP E 168 14.63 9.56 -3.27
C ASP E 168 14.04 10.91 -3.58
N VAL E 169 14.84 11.97 -3.43
CA VAL E 169 14.37 13.33 -3.62
C VAL E 169 15.11 13.93 -4.79
N PRO E 170 14.57 13.86 -6.00
CA PRO E 170 15.27 14.43 -7.14
C PRO E 170 15.26 15.94 -7.10
N ALA E 171 16.04 16.52 -8.01
CA ALA E 171 16.09 17.96 -8.18
C ALA E 171 16.50 18.26 -9.62
N GLY E 172 16.95 19.49 -9.86
CA GLY E 172 17.34 19.90 -11.20
C GLY E 172 18.80 19.62 -11.51
N ASP E 173 19.14 19.95 -12.77
CA ASP E 173 20.49 19.83 -13.32
C ASP E 173 20.49 20.51 -14.68
N ILE E 174 21.36 20.07 -15.59
CA ILE E 174 21.39 20.61 -16.94
C ILE E 174 20.08 20.30 -17.64
N GLY E 175 19.39 21.33 -18.12
CA GLY E 175 18.13 21.15 -18.80
C GLY E 175 16.92 21.11 -17.90
N VAL E 176 17.10 21.06 -16.58
CA VAL E 176 16.00 20.98 -15.63
C VAL E 176 16.15 22.10 -14.61
N GLY E 177 15.26 23.09 -14.68
CA GLY E 177 15.24 24.19 -13.74
C GLY E 177 13.90 24.34 -13.07
N GLY E 178 13.61 25.56 -12.58
CA GLY E 178 12.41 25.77 -11.77
C GLY E 178 11.13 25.39 -12.50
N ARG E 179 11.04 25.72 -13.78
CA ARG E 179 9.87 25.38 -14.57
C ARG E 179 9.68 23.86 -14.62
N GLU E 180 10.76 23.14 -14.91
CA GLU E 180 10.68 21.69 -15.02
C GLU E 180 10.41 21.06 -13.66
N VAL E 181 11.04 21.58 -12.61
CA VAL E 181 10.76 21.08 -11.27
C VAL E 181 9.29 21.26 -10.93
N GLY E 182 8.71 22.39 -11.37
CA GLY E 182 7.30 22.62 -11.12
C GLY E 182 6.40 21.64 -11.83
N PHE E 183 6.65 21.42 -13.13
CA PHE E 183 5.85 20.44 -13.88
C PHE E 183 5.95 19.05 -13.26
N LEU E 184 7.17 18.66 -12.86
CA LEU E 184 7.39 17.36 -12.25
C LEU E 184 6.68 17.24 -10.91
N PHE E 185 6.76 18.28 -10.08
CA PHE E 185 6.09 18.25 -8.79
C PHE E 185 4.60 18.09 -8.97
N GLY E 186 4.02 18.81 -9.94
CA GLY E 186 2.61 18.67 -10.22
C GLY E 186 2.24 17.26 -10.64
N ALA E 187 3.04 16.66 -11.52
CA ALA E 187 2.74 15.29 -11.95
C ALA E 187 2.79 14.31 -10.78
N TYR E 188 3.81 14.43 -9.94
CA TYR E 188 3.92 13.55 -8.78
C TYR E 188 2.72 13.71 -7.86
N LYS E 189 2.37 14.95 -7.53
CA LYS E 189 1.25 15.16 -6.62
C LYS E 189 -0.05 14.63 -7.22
N GLN E 190 -0.22 14.76 -8.52
CA GLN E 190 -1.43 14.24 -9.15
C GLN E 190 -1.47 12.72 -9.11
N MET E 191 -0.32 12.04 -9.22
CA MET E 191 -0.35 10.57 -9.22
C MET E 191 -0.43 9.97 -7.83
N ARG E 192 0.31 10.54 -6.88
CA ARG E 192 0.47 9.95 -5.56
C ARG E 192 -0.36 10.61 -4.48
N ASN E 193 -0.98 11.75 -4.77
CA ASN E 193 -1.92 12.41 -3.86
C ASN E 193 -1.24 12.79 -2.54
N ASN E 194 -0.02 13.30 -2.63
CA ASN E 194 0.71 13.76 -1.46
C ASN E 194 1.42 15.06 -1.78
N TRP E 195 1.47 15.94 -0.80
CA TRP E 195 2.21 17.20 -0.91
C TRP E 195 3.32 17.16 0.13
N ALA E 196 4.55 16.95 -0.33
CA ALA E 196 5.68 16.82 0.58
C ALA E 196 6.95 17.10 -0.19
N GLY E 197 8.07 17.12 0.52
CA GLY E 197 9.35 17.40 -0.08
C GLY E 197 9.90 16.29 -0.95
N VAL E 198 9.14 15.90 -1.98
CA VAL E 198 9.60 14.87 -2.89
C VAL E 198 10.63 15.40 -3.87
N LEU E 199 10.71 16.71 -4.06
CA LEU E 199 11.70 17.33 -4.93
C LEU E 199 12.23 18.58 -4.25
N THR E 200 13.47 18.94 -4.59
CA THR E 200 14.04 20.21 -4.15
C THR E 200 14.22 21.12 -5.35
N GLY E 201 14.56 22.37 -5.07
CA GLY E 201 14.51 23.40 -6.09
C GLY E 201 13.11 23.82 -6.44
N LYS E 202 12.17 23.63 -5.52
CA LYS E 202 10.79 23.96 -5.75
C LYS E 202 10.60 25.47 -5.64
N GLY E 203 9.48 25.94 -6.15
CA GLY E 203 9.19 27.36 -6.09
C GLY E 203 8.98 27.86 -4.68
N LEU E 204 9.39 29.10 -4.46
CA LEU E 204 9.36 29.69 -3.12
C LEU E 204 7.96 29.68 -2.52
N THR E 205 6.94 29.81 -3.36
CA THR E 205 5.58 29.87 -2.85
C THR E 205 5.02 28.50 -2.54
N TRP E 206 5.62 27.41 -3.06
CA TRP E 206 5.16 26.04 -2.83
C TRP E 206 6.31 25.16 -2.32
N GLY E 207 6.98 25.59 -1.24
CA GLY E 207 7.91 24.73 -0.52
C GLY E 207 9.37 24.87 -0.87
N GLY E 208 9.77 25.94 -1.55
CA GLY E 208 11.16 26.13 -1.92
C GLY E 208 11.98 26.78 -0.82
N SER E 209 13.28 26.93 -1.11
CA SER E 209 14.23 27.54 -0.19
C SER E 209 14.85 28.76 -0.85
N LEU E 210 15.38 29.67 -0.02
CA LEU E 210 15.68 31.00 -0.50
C LEU E 210 17.02 31.10 -1.25
N ILE E 211 18.02 30.30 -0.88
CA ILE E 211 19.34 30.39 -1.51
C ILE E 211 19.54 29.29 -2.53
N ARG E 212 18.53 28.45 -2.77
CA ARG E 212 18.71 27.32 -3.67
C ARG E 212 19.13 27.71 -5.08
N PRO E 213 18.60 28.77 -5.72
CA PRO E 213 19.14 29.15 -7.03
C PRO E 213 20.62 29.48 -6.97
N GLU E 214 21.02 30.31 -6.00
CA GLU E 214 22.40 30.74 -5.85
C GLU E 214 23.32 29.66 -5.31
N ALA E 215 22.74 28.59 -4.75
CA ALA E 215 23.47 27.72 -3.82
C ALA E 215 24.79 27.23 -4.37
N THR E 216 24.78 26.66 -5.58
CA THR E 216 25.97 25.96 -6.06
C THR E 216 27.12 26.93 -6.33
N GLY E 217 26.85 28.01 -7.08
CA GLY E 217 27.91 28.96 -7.37
C GLY E 217 28.41 29.69 -6.13
N TYR E 218 27.48 30.15 -5.30
CA TYR E 218 27.85 30.77 -4.03
C TYR E 218 28.74 29.83 -3.20
N GLY E 219 28.38 28.55 -3.14
CA GLY E 219 29.15 27.62 -2.33
C GLY E 219 30.53 27.38 -2.92
N CYS E 220 30.62 27.29 -4.25
CA CYS E 220 31.91 27.19 -4.91
C CYS E 220 32.80 28.37 -4.55
N VAL E 221 32.23 29.58 -4.61
CA VAL E 221 33.03 30.77 -4.32
C VAL E 221 33.44 30.81 -2.85
N TYR E 222 32.55 30.39 -1.94
CA TYR E 222 32.91 30.36 -0.53
C TYR E 222 34.03 29.35 -0.27
N TYR E 223 33.96 28.19 -0.92
CA TYR E 223 35.02 27.20 -0.80
C TYR E 223 36.34 27.74 -1.32
N VAL E 224 36.32 28.47 -2.44
CA VAL E 224 37.56 29.03 -2.94
C VAL E 224 38.03 30.18 -2.05
N GLU E 225 37.10 30.88 -1.40
CA GLU E 225 37.48 31.84 -0.35
C GLU E 225 38.38 31.16 0.66
N LYS E 226 37.92 30.04 1.21
CA LYS E 226 38.73 29.35 2.20
C LYS E 226 40.02 28.79 1.60
N MET E 227 39.99 28.35 0.33
CA MET E 227 41.21 27.90 -0.33
C MET E 227 42.25 29.00 -0.38
N ILE E 228 41.87 30.17 -0.90
CA ILE E 228 42.78 31.31 -0.97
C ILE E 228 43.28 31.67 0.42
N GLU E 229 42.36 31.73 1.38
CA GLU E 229 42.70 32.10 2.75
C GLU E 229 43.77 31.16 3.33
N LYS E 230 43.58 29.85 3.17
CA LYS E 230 44.55 28.91 3.70
C LYS E 230 45.87 29.00 2.94
N ALA E 231 45.80 29.24 1.62
CA ALA E 231 47.00 29.23 0.79
C ALA E 231 47.86 30.46 1.02
N THR E 232 47.29 31.57 1.49
CA THR E 232 48.04 32.80 1.71
C THR E 232 48.00 33.27 3.15
N ASN E 233 47.54 32.43 4.08
CA ASN E 233 47.40 32.79 5.49
C ASN E 233 46.62 34.10 5.65
N GLY E 234 45.53 34.23 4.91
CA GLY E 234 44.66 35.38 5.00
C GLY E 234 45.17 36.63 4.34
N LYS E 235 46.27 36.55 3.57
CA LYS E 235 46.84 37.73 2.95
C LYS E 235 46.15 38.11 1.65
N GLU E 236 45.51 37.15 0.97
CA GLU E 236 44.78 37.42 -0.25
C GLU E 236 43.32 36.99 -0.10
N THR E 237 42.45 37.65 -0.87
CA THR E 237 41.04 37.28 -1.00
C THR E 237 40.65 37.24 -2.47
N PHE E 238 39.34 37.22 -2.76
CA PHE E 238 38.91 37.35 -4.15
C PHE E 238 39.09 38.75 -4.69
N LYS E 239 39.41 39.71 -3.83
CA LYS E 239 39.69 41.09 -4.21
C LYS E 239 40.71 41.19 -5.33
N GLY E 240 40.28 41.75 -6.46
CA GLY E 240 41.20 42.04 -7.55
C GLY E 240 41.80 40.84 -8.24
N LYS E 241 41.12 39.69 -8.20
CA LYS E 241 41.60 38.48 -8.84
C LYS E 241 40.87 38.27 -10.17
N ARG E 242 41.60 37.77 -11.15
CA ARG E 242 41.03 37.41 -12.43
C ARG E 242 40.48 35.99 -12.32
N VAL E 243 39.18 35.84 -12.57
CA VAL E 243 38.47 34.58 -12.39
C VAL E 243 37.84 34.20 -13.73
N ALA E 244 38.22 33.03 -14.24
CA ALA E 244 37.72 32.52 -15.50
C ALA E 244 36.63 31.49 -15.24
N ILE E 245 35.43 31.78 -15.73
CA ILE E 245 34.26 30.92 -15.54
C ILE E 245 33.84 30.36 -16.88
N SER E 246 33.47 29.08 -16.90
CA SER E 246 32.86 28.47 -18.07
C SER E 246 31.38 28.23 -17.79
N GLY E 247 30.64 28.04 -18.88
CA GLY E 247 29.20 27.88 -18.78
C GLY E 247 28.50 29.21 -18.51
N SER E 248 27.18 29.20 -18.69
CA SER E 248 26.38 30.38 -18.42
C SER E 248 25.03 30.02 -17.84
N GLY E 249 24.96 28.87 -17.16
CA GLY E 249 23.74 28.41 -16.52
C GLY E 249 23.69 28.84 -15.08
N ASN E 250 22.88 28.12 -14.30
CA ASN E 250 22.67 28.47 -12.89
C ASN E 250 23.99 28.55 -12.14
N VAL E 251 24.82 27.50 -12.27
CA VAL E 251 26.09 27.47 -11.58
C VAL E 251 26.94 28.67 -11.98
N ALA E 252 27.09 28.87 -13.29
CA ALA E 252 27.96 29.93 -13.77
C ALA E 252 27.41 31.30 -13.43
N GLN E 253 26.11 31.50 -13.63
CA GLN E 253 25.49 32.79 -13.32
C GLN E 253 25.78 33.20 -11.88
N TYR E 254 25.50 32.31 -10.93
CA TYR E 254 25.61 32.78 -9.55
C TYR E 254 27.05 32.71 -9.02
N ALA E 255 27.89 31.82 -9.56
CA ALA E 255 29.31 31.93 -9.27
C ALA E 255 29.83 33.29 -9.70
N ALA E 256 29.46 33.73 -10.90
CA ALA E 256 29.85 35.05 -11.38
C ALA E 256 29.32 36.16 -10.47
N LEU E 257 28.05 36.07 -10.09
CA LEU E 257 27.48 37.13 -9.23
C LEU E 257 28.21 37.22 -7.90
N LYS E 258 28.56 36.07 -7.31
CA LYS E 258 29.28 36.11 -6.04
C LYS E 258 30.69 36.65 -6.22
N VAL E 259 31.36 36.27 -7.31
CA VAL E 259 32.69 36.82 -7.58
C VAL E 259 32.62 38.34 -7.74
N ILE E 260 31.60 38.83 -8.45
CA ILE E 260 31.43 40.27 -8.62
C ILE E 260 31.22 40.95 -7.26
N GLU E 261 30.29 40.43 -6.46
CA GLU E 261 29.99 41.02 -5.15
C GLU E 261 31.22 41.05 -4.25
N LEU E 262 32.10 40.06 -4.36
CA LEU E 262 33.28 39.96 -3.52
C LEU E 262 34.49 40.70 -4.08
N GLY E 263 34.32 41.46 -5.17
CA GLY E 263 35.39 42.29 -5.68
C GLY E 263 36.30 41.68 -6.73
N GLY E 264 35.94 40.51 -7.26
CA GLY E 264 36.70 39.92 -8.34
C GLY E 264 36.28 40.44 -9.71
N THR E 265 37.03 40.02 -10.73
CA THR E 265 36.77 40.41 -12.11
C THR E 265 36.47 39.16 -12.92
N VAL E 266 35.25 39.08 -13.45
CA VAL E 266 34.82 37.93 -14.24
C VAL E 266 35.32 38.12 -15.66
N VAL E 267 36.30 37.31 -16.07
CA VAL E 267 36.94 37.51 -17.37
C VAL E 267 36.32 36.69 -18.49
N SER E 268 35.47 35.71 -18.17
CA SER E 268 34.91 34.90 -19.23
C SER E 268 33.63 34.20 -18.78
N LEU E 269 32.80 33.88 -19.76
CA LEU E 269 31.72 32.91 -19.64
C LEU E 269 31.71 32.08 -20.91
N SER E 270 30.87 31.05 -20.95
CA SER E 270 30.80 30.22 -22.15
C SER E 270 29.44 29.55 -22.20
N ASP E 271 29.20 28.83 -23.29
CA ASP E 271 28.05 27.94 -23.40
C ASP E 271 28.40 26.87 -24.43
N SER E 272 27.38 26.19 -24.95
CA SER E 272 27.60 25.06 -25.85
C SER E 272 28.11 25.47 -27.24
N LYS E 273 28.06 26.75 -27.59
CA LYS E 273 28.46 27.20 -28.92
C LYS E 273 29.74 28.01 -28.95
N GLY E 274 30.05 28.74 -27.88
CA GLY E 274 31.27 29.52 -27.87
C GLY E 274 31.49 30.14 -26.50
N SER E 275 32.52 30.98 -26.41
CA SER E 275 32.86 31.68 -25.19
C SER E 275 32.71 33.19 -25.39
N ILE E 276 32.57 33.91 -24.29
CA ILE E 276 32.66 35.36 -24.29
C ILE E 276 33.73 35.78 -23.28
N ILE E 277 34.61 36.70 -23.69
CA ILE E 277 35.71 37.15 -22.85
C ILE E 277 35.69 38.68 -22.79
N SER E 278 35.97 39.23 -21.60
CA SER E 278 36.17 40.65 -21.40
C SER E 278 37.35 40.85 -20.44
N LYS E 279 37.78 42.11 -20.31
CA LYS E 279 38.86 42.46 -19.41
C LYS E 279 38.46 43.38 -18.26
N ASN E 280 37.35 44.12 -18.37
CA ASN E 280 36.90 44.99 -17.29
C ASN E 280 36.01 44.28 -16.29
N GLY E 281 35.62 43.05 -16.58
CA GLY E 281 34.78 42.28 -15.68
C GLY E 281 33.36 42.23 -16.19
N ILE E 282 32.70 41.09 -16.02
CA ILE E 282 31.28 41.01 -16.37
C ILE E 282 30.47 41.68 -15.27
N THR E 283 29.44 42.42 -15.66
CA THR E 283 28.61 43.13 -14.70
C THR E 283 27.41 42.29 -14.30
N ALA E 284 26.74 42.72 -13.22
CA ALA E 284 25.57 42.00 -12.73
C ALA E 284 24.40 42.08 -13.72
N ASP E 285 24.20 43.25 -14.33
CA ASP E 285 23.10 43.40 -15.30
C ASP E 285 23.30 42.49 -16.51
N GLN E 286 24.55 42.32 -16.96
CA GLN E 286 24.81 41.39 -18.05
C GLN E 286 24.43 39.97 -17.67
N VAL E 287 24.78 39.54 -16.46
CA VAL E 287 24.44 38.19 -16.02
C VAL E 287 22.92 38.04 -15.93
N TYR E 288 22.23 39.07 -15.44
CA TYR E 288 20.77 39.00 -15.34
C TYR E 288 20.15 38.82 -16.73
N ALA E 289 20.63 39.58 -17.71
CA ALA E 289 20.11 39.45 -19.07
C ALA E 289 20.43 38.07 -19.65
N ILE E 290 21.65 37.57 -19.42
CA ILE E 290 22.03 36.26 -19.91
C ILE E 290 21.10 35.19 -19.35
N ALA E 291 20.76 35.30 -18.06
CA ALA E 291 19.87 34.33 -17.43
C ALA E 291 18.48 34.41 -18.05
N ALA E 292 17.92 35.63 -18.17
CA ALA E 292 16.61 35.77 -18.76
C ALA E 292 16.56 35.19 -20.16
N ALA E 293 17.62 35.40 -20.95
CA ALA E 293 17.63 34.93 -22.33
C ALA E 293 17.86 33.42 -22.41
N LYS E 294 18.70 32.88 -21.51
CA LYS E 294 18.95 31.45 -21.49
C LYS E 294 17.69 30.69 -21.09
N LEU E 295 16.80 31.33 -20.31
CA LEU E 295 15.47 30.76 -20.08
C LEU E 295 14.72 30.50 -21.38
N LYS E 296 14.97 31.31 -22.41
CA LYS E 296 14.36 31.13 -23.72
C LYS E 296 15.32 30.43 -24.70
N PHE E 297 16.37 29.80 -24.17
CA PHE E 297 17.28 28.94 -24.94
C PHE E 297 18.08 29.73 -25.98
N LYS E 298 18.47 30.96 -25.63
CA LYS E 298 19.26 31.78 -26.53
C LYS E 298 20.74 31.50 -26.32
N SER E 299 21.50 31.54 -27.41
CA SER E 299 22.94 31.39 -27.35
C SER E 299 23.60 32.70 -26.92
N LEU E 300 24.84 32.57 -26.41
CA LEU E 300 25.60 33.75 -26.06
C LEU E 300 25.80 34.66 -27.27
N GLU E 301 26.01 34.07 -28.44
CA GLU E 301 26.03 34.86 -29.68
C GLU E 301 24.73 35.65 -29.83
N GLU E 302 23.60 34.97 -29.68
CA GLU E 302 22.31 35.66 -29.84
C GLU E 302 22.06 36.69 -28.74
N ILE E 303 22.61 36.50 -27.54
CA ILE E 303 22.32 37.46 -26.47
C ILE E 303 23.21 38.69 -26.60
N VAL E 304 24.47 38.53 -27.00
CA VAL E 304 25.31 39.70 -27.26
C VAL E 304 24.85 40.42 -28.52
N ALA E 305 24.16 39.71 -29.44
CA ALA E 305 23.56 40.38 -30.58
C ALA E 305 22.28 41.13 -30.19
N ASP E 306 21.45 40.56 -29.32
CA ASP E 306 20.17 41.18 -29.01
C ASP E 306 20.29 42.37 -28.07
N SER E 307 21.29 42.36 -27.19
CA SER E 307 21.56 43.48 -26.28
C SER E 307 22.94 44.04 -26.58
N VAL E 308 23.06 44.74 -27.71
CA VAL E 308 24.35 45.31 -28.11
C VAL E 308 24.83 46.32 -27.09
N GLN E 309 23.91 47.17 -26.58
CA GLN E 309 24.32 48.17 -25.60
C GLN E 309 24.96 47.52 -24.37
N LEU E 310 24.38 46.42 -23.90
CA LEU E 310 24.85 45.84 -22.65
C LEU E 310 26.17 45.10 -22.81
N PHE E 311 26.51 44.68 -24.03
CA PHE E 311 27.70 43.86 -24.23
C PHE E 311 28.68 44.50 -25.22
N SER E 312 28.56 45.80 -25.42
CA SER E 312 29.40 46.52 -26.36
C SER E 312 29.92 47.84 -25.83
N GLY E 313 29.34 48.37 -24.74
CA GLY E 313 29.70 49.69 -24.26
C GLY E 313 31.04 49.73 -23.55
N ASP E 314 31.09 50.45 -22.43
CA ASP E 314 32.29 50.42 -21.60
C ASP E 314 32.60 49.01 -21.09
N HIS E 315 31.59 48.13 -21.04
CA HIS E 315 31.74 46.74 -20.65
C HIS E 315 31.56 45.79 -21.83
N SER E 316 32.16 46.12 -22.98
CA SER E 316 32.06 45.28 -24.16
C SER E 316 32.67 43.91 -23.92
N VAL E 317 32.25 42.95 -24.74
CA VAL E 317 32.68 41.56 -24.65
C VAL E 317 32.94 41.01 -26.04
N GLU E 318 33.98 40.18 -26.16
CA GLU E 318 34.36 39.54 -27.41
C GLU E 318 33.91 38.08 -27.41
N TYR E 319 33.13 37.69 -28.42
CA TYR E 319 32.61 36.33 -28.54
C TYR E 319 33.49 35.51 -29.49
N LEU E 320 34.05 34.41 -28.98
CA LEU E 320 34.86 33.47 -29.75
C LEU E 320 34.08 32.16 -29.89
N ALA E 321 33.61 31.89 -31.10
CA ALA E 321 32.78 30.72 -31.34
C ALA E 321 33.62 29.44 -31.35
N GLY E 322 33.04 28.37 -30.78
CA GLY E 322 33.61 27.03 -30.84
C GLY E 322 34.84 26.79 -30.01
N VAL E 323 35.15 27.66 -29.06
CA VAL E 323 36.39 27.60 -28.30
C VAL E 323 36.05 27.73 -26.81
N ARG E 324 36.78 26.99 -25.96
CA ARG E 324 36.69 27.10 -24.52
C ARG E 324 37.51 28.30 -24.03
N PRO E 325 37.05 28.98 -22.98
CA PRO E 325 37.66 30.28 -22.62
C PRO E 325 39.02 30.20 -21.95
N TRP E 326 39.46 29.01 -21.53
CA TRP E 326 40.62 28.93 -20.65
C TRP E 326 41.87 29.51 -21.32
N THR E 327 42.07 29.23 -22.61
CA THR E 327 43.24 29.73 -23.32
C THR E 327 43.08 31.15 -23.84
N LYS E 328 41.88 31.72 -23.78
CA LYS E 328 41.61 32.98 -24.46
C LYS E 328 41.40 34.14 -23.49
N VAL E 329 41.98 34.06 -22.31
CA VAL E 329 41.79 35.07 -21.28
C VAL E 329 43.11 35.61 -20.72
N GLY E 330 44.24 35.15 -21.22
CA GLY E 330 45.53 35.64 -20.74
C GLY E 330 45.79 35.27 -19.29
N GLN E 331 46.43 36.18 -18.56
CA GLN E 331 46.76 35.94 -17.16
C GLN E 331 45.49 35.80 -16.34
N VAL E 332 45.43 34.75 -15.53
CA VAL E 332 44.25 34.43 -14.73
C VAL E 332 44.70 33.81 -13.41
N ASP E 333 43.98 34.13 -12.33
CA ASP E 333 44.28 33.66 -10.99
C ASP E 333 43.42 32.48 -10.53
N VAL E 334 42.11 32.51 -10.81
CA VAL E 334 41.19 31.47 -10.35
C VAL E 334 40.40 30.98 -11.57
N ALA E 335 40.14 29.66 -11.60
CA ALA E 335 39.36 29.05 -12.68
C ALA E 335 38.25 28.21 -12.09
N LEU E 336 37.01 28.47 -12.53
CA LEU E 336 35.82 27.81 -12.02
C LEU E 336 35.06 27.16 -13.18
N PRO E 337 35.48 25.97 -13.61
CA PRO E 337 34.71 25.23 -14.61
C PRO E 337 33.31 24.94 -14.09
N SER E 338 32.31 25.50 -14.78
CA SER E 338 30.93 25.50 -14.28
C SER E 338 29.94 25.12 -15.39
N ALA E 339 30.30 24.17 -16.24
CA ALA E 339 29.45 23.89 -17.39
C ALA E 339 29.03 22.43 -17.48
N THR E 340 30.01 21.54 -17.67
CA THR E 340 29.72 20.12 -17.91
C THR E 340 30.97 19.31 -17.58
N GLN E 341 30.91 18.00 -17.81
CA GLN E 341 32.03 17.13 -17.53
C GLN E 341 33.08 17.20 -18.63
N ASN E 342 34.34 16.97 -18.24
CA ASN E 342 35.47 16.91 -19.16
C ASN E 342 35.56 18.15 -20.05
N GLU E 343 35.53 19.32 -19.41
CA GLU E 343 35.57 20.60 -20.10
C GLU E 343 36.88 21.35 -19.91
N VAL E 344 37.90 20.70 -19.35
CA VAL E 344 39.24 21.25 -19.23
C VAL E 344 40.20 20.16 -19.64
N SER E 345 40.87 20.33 -20.79
CA SER E 345 41.80 19.33 -21.30
C SER E 345 43.18 19.52 -20.67
N GLY E 346 44.04 18.51 -20.86
CA GLY E 346 45.41 18.61 -20.38
C GLY E 346 46.12 19.83 -20.95
N GLU E 347 45.91 20.10 -22.24
CA GLU E 347 46.50 21.29 -22.83
C GLU E 347 45.93 22.55 -22.21
N GLU E 348 44.61 22.59 -22.00
CA GLU E 348 44.00 23.74 -21.34
C GLU E 348 44.45 23.86 -19.90
N ALA E 349 44.71 22.73 -19.23
CA ALA E 349 45.23 22.78 -17.87
C ALA E 349 46.61 23.41 -17.84
N LYS E 350 47.49 22.98 -18.76
CA LYS E 350 48.81 23.59 -18.85
C LYS E 350 48.72 25.07 -19.22
N ALA E 351 47.78 25.43 -20.10
CA ALA E 351 47.57 26.83 -20.45
C ALA E 351 47.15 27.65 -19.23
N LEU E 352 46.28 27.10 -18.39
CA LEU E 352 45.87 27.80 -17.17
C LEU E 352 47.03 27.93 -16.20
N VAL E 353 47.80 26.86 -16.01
CA VAL E 353 48.93 26.92 -15.09
C VAL E 353 49.91 27.99 -15.55
N ASP E 354 50.24 27.99 -16.84
CA ASP E 354 51.17 28.97 -17.40
C ASP E 354 50.60 30.37 -17.32
N ALA E 355 49.28 30.52 -17.39
CA ALA E 355 48.64 31.82 -17.27
C ALA E 355 48.59 32.32 -15.83
N GLY E 356 49.25 31.62 -14.90
CA GLY E 356 49.36 32.05 -13.52
C GLY E 356 48.26 31.58 -12.58
N CYS E 357 47.44 30.62 -13.00
CA CYS E 357 46.33 30.16 -12.18
C CYS E 357 46.86 29.31 -11.01
N LYS E 358 46.39 29.62 -9.80
CA LYS E 358 46.81 28.90 -8.60
C LYS E 358 45.66 28.20 -7.88
N PHE E 359 44.41 28.49 -8.25
CA PHE E 359 43.23 27.91 -7.59
C PHE E 359 42.25 27.45 -8.65
N ILE E 360 41.85 26.17 -8.58
CA ILE E 360 40.90 25.57 -9.51
C ILE E 360 39.85 24.82 -8.72
N ALA E 361 38.59 25.20 -8.89
CA ALA E 361 37.49 24.54 -8.20
C ALA E 361 36.34 24.32 -9.17
N GLU E 362 35.89 23.07 -9.27
CA GLU E 362 34.88 22.66 -10.24
C GLU E 362 33.49 23.05 -9.74
N GLY E 363 32.81 23.92 -10.48
CA GLY E 363 31.40 24.11 -10.26
C GLY E 363 30.57 23.01 -10.89
N SER E 364 31.06 22.42 -11.96
CA SER E 364 30.42 21.29 -12.59
C SER E 364 30.91 19.98 -11.99
N ASN E 365 30.15 18.92 -12.24
CA ASN E 365 30.51 17.60 -11.74
C ASN E 365 31.52 16.94 -12.68
N MET E 366 32.71 16.63 -12.16
CA MET E 366 33.81 16.07 -12.94
C MET E 366 34.18 16.99 -14.11
N GLY E 367 34.35 18.27 -13.79
CA GLY E 367 34.59 19.27 -14.83
C GLY E 367 35.95 19.12 -15.51
N SER E 368 36.94 18.59 -14.80
CA SER E 368 38.30 18.46 -15.30
C SER E 368 38.58 17.02 -15.73
N THR E 369 39.28 16.87 -16.85
CA THR E 369 39.72 15.56 -17.31
C THR E 369 40.84 15.00 -16.43
N LYS E 370 41.08 13.70 -16.57
CA LYS E 370 42.18 13.07 -15.84
C LYS E 370 43.50 13.77 -16.14
N GLU E 371 43.70 14.20 -17.39
CA GLU E 371 44.93 14.89 -17.75
C GLU E 371 45.04 16.23 -17.05
N ALA E 372 43.94 17.00 -17.02
CA ALA E 372 43.96 18.28 -16.32
C ALA E 372 44.26 18.11 -14.84
N ILE E 373 43.65 17.09 -14.22
CA ILE E 373 43.88 16.85 -12.80
C ILE E 373 45.32 16.42 -12.55
N GLU E 374 45.88 15.58 -13.44
CA GLU E 374 47.28 15.21 -13.31
C GLU E 374 48.18 16.43 -13.39
N VAL E 375 47.90 17.33 -14.34
CA VAL E 375 48.68 18.56 -14.45
C VAL E 375 48.61 19.37 -13.17
N PHE E 376 47.39 19.61 -12.67
CA PHE E 376 47.21 20.43 -11.48
C PHE E 376 47.94 19.83 -10.29
N GLU E 377 47.76 18.52 -10.05
CA GLU E 377 48.40 17.89 -8.90
C GLU E 377 49.91 17.88 -9.04
N ALA E 378 50.42 17.68 -10.27
CA ALA E 378 51.86 17.64 -10.48
C ALA E 378 52.51 18.99 -10.23
N ASN E 379 51.76 20.08 -10.41
CA ASN E 379 52.25 21.42 -10.13
C ASN E 379 51.85 21.92 -8.74
N ARG E 380 51.17 21.09 -7.95
CA ARG E 380 50.74 21.50 -6.61
C ARG E 380 51.91 21.84 -5.70
N ASP E 381 52.74 20.85 -5.34
CA ASP E 381 53.75 21.04 -4.31
C ASP E 381 54.90 21.94 -4.75
N SER E 382 55.04 22.22 -6.04
CA SER E 382 56.14 23.02 -6.56
C SER E 382 55.73 24.44 -6.92
N ASN E 383 54.65 24.59 -7.71
CA ASN E 383 54.15 25.91 -8.11
C ASN E 383 52.94 26.34 -7.31
N GLY E 384 52.57 25.60 -6.27
CA GLY E 384 51.44 25.97 -5.43
C GLY E 384 50.10 26.10 -6.11
N VAL E 385 49.84 25.32 -7.15
CA VAL E 385 48.55 25.34 -7.84
C VAL E 385 47.62 24.35 -7.13
N TRP E 386 46.46 24.82 -6.71
CA TRP E 386 45.57 24.06 -5.84
C TRP E 386 44.28 23.70 -6.56
N TYR E 387 44.03 22.41 -6.72
CA TYR E 387 42.84 21.90 -7.39
C TYR E 387 41.90 21.29 -6.37
N ALA E 388 40.62 21.66 -6.46
CA ALA E 388 39.56 21.14 -5.62
C ALA E 388 38.49 20.47 -6.47
N PRO E 389 38.16 19.21 -6.21
CA PRO E 389 37.19 18.51 -7.07
C PRO E 389 35.78 19.03 -6.84
N GLY E 390 34.92 18.74 -7.81
CA GLY E 390 33.55 19.24 -7.75
C GLY E 390 32.79 18.72 -6.55
N LYS E 391 32.98 17.44 -6.22
CA LYS E 391 32.25 16.82 -5.13
C LYS E 391 32.48 17.54 -3.80
N ALA E 392 33.52 18.37 -3.71
CA ALA E 392 33.74 19.24 -2.57
C ALA E 392 33.25 20.66 -2.84
N ALA E 393 33.57 21.21 -4.01
CA ALA E 393 33.33 22.62 -4.28
C ALA E 393 31.87 22.92 -4.63
N ASN E 394 31.21 22.02 -5.36
CA ASN E 394 29.85 22.30 -5.81
C ASN E 394 28.79 21.65 -4.92
N CYS E 395 29.19 21.11 -3.77
CA CYS E 395 28.22 20.46 -2.89
C CYS E 395 27.26 21.44 -2.25
N GLY E 396 27.43 22.74 -2.49
CA GLY E 396 26.51 23.71 -1.91
C GLY E 396 25.09 23.57 -2.42
N GLY E 397 24.94 23.22 -3.70
CA GLY E 397 23.61 23.05 -4.26
C GLY E 397 22.83 21.96 -3.57
N VAL E 398 23.44 20.78 -3.45
CA VAL E 398 22.75 19.69 -2.76
C VAL E 398 22.63 19.97 -1.27
N ALA E 399 23.56 20.74 -0.70
CA ALA E 399 23.44 21.12 0.72
C ALA E 399 22.20 21.97 0.94
N VAL E 400 22.00 22.98 0.10
CA VAL E 400 20.82 23.82 0.26
C VAL E 400 19.57 23.07 -0.18
N SER E 401 19.70 22.07 -1.06
CA SER E 401 18.58 21.16 -1.33
C SER E 401 18.17 20.43 -0.06
N GLY E 402 19.15 19.91 0.67
CA GLY E 402 18.86 19.29 1.96
C GLY E 402 18.28 20.26 2.95
N LEU E 403 18.72 21.52 2.91
CA LEU E 403 18.11 22.53 3.79
C LEU E 403 16.66 22.80 3.40
N GLU E 404 16.36 22.76 2.10
CA GLU E 404 14.97 22.81 1.65
C GLU E 404 14.18 21.64 2.19
N MET E 405 14.78 20.44 2.17
CA MET E 405 14.14 19.25 2.73
C MET E 405 13.88 19.44 4.21
N ALA E 406 14.83 20.03 4.93
CA ALA E 406 14.65 20.26 6.36
C ALA E 406 13.51 21.22 6.60
N GLN E 407 13.46 22.31 5.80
CA GLN E 407 12.37 23.26 5.93
C GLN E 407 11.02 22.60 5.66
N ASN E 408 10.94 21.76 4.63
CA ASN E 408 9.68 21.06 4.37
C ASN E 408 9.30 20.16 5.52
N SER E 409 10.24 19.35 6.02
CA SER E 409 9.91 18.42 7.11
C SER E 409 9.46 19.17 8.36
N GLN E 410 10.07 20.33 8.63
CA GLN E 410 9.68 21.13 9.78
C GLN E 410 8.47 22.00 9.53
N ARG E 411 8.01 22.11 8.27
CA ARG E 411 6.91 23.00 7.91
C ARG E 411 7.26 24.45 8.27
N VAL E 412 8.46 24.87 7.85
CA VAL E 412 8.96 26.22 8.06
C VAL E 412 9.62 26.67 6.77
N GLN E 413 9.79 27.98 6.63
CA GLN E 413 10.61 28.57 5.57
C GLN E 413 11.54 29.58 6.21
N TRP E 414 12.84 29.45 5.94
CA TRP E 414 13.85 30.27 6.57
C TRP E 414 14.07 31.57 5.75
N THR E 415 14.75 32.53 6.37
CA THR E 415 15.05 33.78 5.70
C THR E 415 16.25 33.62 4.78
N ASN E 416 16.46 34.61 3.90
CA ASN E 416 17.63 34.60 3.03
C ASN E 416 18.90 34.43 3.85
N GLU E 417 19.06 35.25 4.89
CA GLU E 417 20.31 35.28 5.65
C GLU E 417 20.56 33.94 6.35
N GLU E 418 19.50 33.31 6.87
CA GLU E 418 19.67 32.04 7.58
C GLU E 418 20.24 30.97 6.65
N VAL E 419 19.66 30.85 5.45
CA VAL E 419 20.11 29.82 4.52
C VAL E 419 21.50 30.16 4.00
N ASP E 420 21.77 31.45 3.73
CA ASP E 420 23.11 31.82 3.27
C ASP E 420 24.17 31.50 4.31
N ALA E 421 23.85 31.73 5.60
CA ALA E 421 24.80 31.43 6.65
C ALA E 421 25.03 29.93 6.81
N LYS E 422 23.95 29.14 6.76
CA LYS E 422 24.13 27.70 6.86
C LYS E 422 24.92 27.16 5.66
N LEU E 423 24.67 27.68 4.46
CA LEU E 423 25.44 27.27 3.29
C LEU E 423 26.91 27.61 3.45
N LYS E 424 27.20 28.84 3.90
CA LYS E 424 28.57 29.27 4.11
C LYS E 424 29.28 28.34 5.10
N GLU E 425 28.64 28.08 6.24
CA GLU E 425 29.28 27.25 7.24
C GLU E 425 29.45 25.82 6.75
N ILE E 426 28.51 25.29 5.96
CA ILE E 426 28.66 23.94 5.42
C ILE E 426 29.85 23.88 4.48
N MET E 427 29.99 24.88 3.61
CA MET E 427 31.12 24.89 2.68
C MET E 427 32.44 24.99 3.41
N TYR E 428 32.51 25.86 4.42
CA TYR E 428 33.75 25.99 5.18
C TYR E 428 34.09 24.70 5.93
N THR E 429 33.07 24.05 6.52
CA THR E 429 33.30 22.77 7.15
C THR E 429 33.82 21.75 6.15
N CYS E 430 33.28 21.75 4.94
CA CYS E 430 33.76 20.83 3.92
C CYS E 430 35.22 21.10 3.58
N PHE E 431 35.59 22.37 3.45
CA PHE E 431 36.98 22.72 3.16
C PHE E 431 37.92 22.21 4.26
N GLU E 432 37.55 22.46 5.52
CA GLU E 432 38.37 22.01 6.64
C GLU E 432 38.47 20.50 6.67
N ASN E 433 37.38 19.80 6.33
CA ASN E 433 37.41 18.34 6.31
C ASN E 433 38.35 17.84 5.21
N CYS E 434 38.28 18.44 4.02
CA CYS E 434 39.21 18.08 2.95
C CYS E 434 40.65 18.25 3.40
N TYR E 435 40.98 19.42 3.95
CA TYR E 435 42.35 19.72 4.35
C TYR E 435 42.83 18.73 5.41
N LYS E 436 42.05 18.59 6.50
CA LYS E 436 42.47 17.74 7.61
C LYS E 436 42.58 16.28 7.20
N THR E 437 41.64 15.81 6.37
CA THR E 437 41.67 14.40 5.96
C THR E 437 42.83 14.13 5.02
N ALA E 438 43.06 15.03 4.06
CA ALA E 438 44.22 14.88 3.19
C ALA E 438 45.50 14.81 4.00
N GLN E 439 45.62 15.66 5.02
CA GLN E 439 46.83 15.64 5.85
C GLN E 439 46.93 14.35 6.67
N LYS E 440 45.81 13.85 7.20
CA LYS E 440 45.89 12.69 8.09
C LYS E 440 46.37 11.44 7.37
N TYR E 441 46.06 11.28 6.08
CA TYR E 441 46.35 10.04 5.37
C TYR E 441 47.30 10.26 4.18
N SER E 442 48.09 11.33 4.17
CA SER E 442 48.96 11.58 3.04
C SER E 442 50.24 10.76 3.14
N ILE E 443 51.10 10.89 2.12
CA ILE E 443 52.37 10.17 2.07
C ILE E 443 53.48 11.15 1.69
N LEU E 450 51.03 22.46 0.34
CA LEU E 450 49.59 22.29 0.26
C LEU E 450 49.20 20.83 0.06
N PRO E 451 48.29 20.33 0.89
CA PRO E 451 47.80 18.96 0.73
C PRO E 451 46.78 18.84 -0.40
N SER E 452 46.61 17.60 -0.86
CA SER E 452 45.75 17.33 -2.01
C SER E 452 44.29 17.39 -1.60
N LEU E 453 43.58 18.45 -2.02
CA LEU E 453 42.15 18.56 -1.70
C LEU E 453 41.34 17.48 -2.41
N LEU E 454 41.79 17.04 -3.59
CA LEU E 454 41.14 15.93 -4.28
C LEU E 454 41.10 14.69 -3.39
N LYS E 455 42.28 14.21 -2.98
CA LYS E 455 42.36 13.05 -2.11
C LYS E 455 41.62 13.30 -0.79
N GLY E 456 41.69 14.54 -0.28
CA GLY E 456 41.00 14.84 0.96
C GLY E 456 39.50 14.62 0.86
N ALA E 457 38.87 15.24 -0.15
CA ALA E 457 37.43 15.07 -0.32
C ALA E 457 37.06 13.62 -0.56
N ASN E 458 37.79 12.97 -1.48
CA ASN E 458 37.47 11.58 -1.79
C ASN E 458 37.57 10.68 -0.56
N ILE E 459 38.61 10.88 0.24
CA ILE E 459 38.83 10.02 1.40
C ILE E 459 37.83 10.32 2.51
N ALA E 460 37.51 11.60 2.72
CA ALA E 460 36.53 11.94 3.75
C ALA E 460 35.17 11.30 3.43
N GLY E 461 34.70 11.52 2.20
CA GLY E 461 33.44 10.91 1.80
C GLY E 461 33.50 9.40 1.88
N PHE E 462 34.58 8.79 1.38
CA PHE E 462 34.66 7.34 1.41
C PHE E 462 34.61 6.81 2.84
N ILE E 463 35.34 7.45 3.76
CA ILE E 463 35.35 6.96 5.14
C ILE E 463 33.97 7.05 5.75
N LYS E 464 33.29 8.19 5.59
CA LYS E 464 31.95 8.32 6.17
C LYS E 464 31.00 7.26 5.61
N VAL E 465 30.95 7.17 4.28
CA VAL E 465 30.01 6.24 3.65
C VAL E 465 30.34 4.81 4.03
N ALA E 466 31.63 4.46 4.07
CA ALA E 466 32.03 3.09 4.34
C ALA E 466 31.74 2.69 5.78
N ASP E 467 31.99 3.58 6.73
CA ASP E 467 31.63 3.30 8.11
C ASP E 467 30.13 3.04 8.23
N ALA E 468 29.32 3.90 7.59
CA ALA E 468 27.88 3.70 7.63
C ALA E 468 27.47 2.37 6.99
N MET E 469 28.12 2.00 5.89
CA MET E 469 27.78 0.75 5.23
C MET E 469 28.13 -0.45 6.11
N PHE E 470 29.26 -0.38 6.81
CA PHE E 470 29.62 -1.43 7.75
C PHE E 470 28.59 -1.54 8.87
N ASP E 471 28.22 -0.40 9.46
CA ASP E 471 27.28 -0.41 10.57
C ASP E 471 25.97 -1.07 10.20
N GLN E 472 25.49 -0.83 8.98
CA GLN E 472 24.17 -1.29 8.55
C GLN E 472 24.21 -2.67 7.90
N GLY E 473 25.36 -3.33 7.86
CA GLY E 473 25.42 -4.66 7.28
C GLY E 473 25.43 -4.69 5.77
N ASP E 474 25.70 -3.55 5.12
CA ASP E 474 25.87 -3.55 3.67
C ASP E 474 27.22 -4.12 3.24
N VAL E 475 28.20 -4.15 4.14
CA VAL E 475 29.51 -4.76 3.90
C VAL E 475 29.90 -5.54 5.15
N PHE E 476 30.57 -6.67 4.95
CA PHE E 476 31.08 -7.45 6.09
C PHE E 476 32.28 -8.29 5.70
N VAL F 22 24.63 9.22 -26.41
CA VAL F 22 25.05 8.11 -27.26
C VAL F 22 24.47 6.79 -26.74
N LEU F 23 23.91 5.99 -27.64
CA LEU F 23 23.33 4.72 -27.25
C LEU F 23 24.44 3.70 -26.93
N PRO F 24 24.29 2.92 -25.86
CA PRO F 24 25.29 1.89 -25.55
C PRO F 24 25.24 0.74 -26.54
N HIS F 25 26.38 0.08 -26.69
CA HIS F 25 26.48 -1.06 -27.60
C HIS F 25 25.74 -2.27 -27.04
N GLU F 26 24.72 -2.73 -27.75
CA GLU F 26 23.89 -3.86 -27.33
C GLU F 26 23.71 -4.81 -28.51
N PRO F 27 24.71 -5.64 -28.79
CA PRO F 27 24.68 -6.43 -30.05
C PRO F 27 23.57 -7.46 -30.13
N GLU F 28 23.30 -8.20 -29.04
CA GLU F 28 22.28 -9.25 -29.08
C GLU F 28 20.89 -8.64 -29.28
N PHE F 29 20.58 -7.57 -28.54
CA PHE F 29 19.31 -6.89 -28.73
C PHE F 29 19.18 -6.36 -30.14
N GLN F 30 20.23 -5.74 -30.67
CA GLN F 30 20.17 -5.21 -32.02
C GLN F 30 19.97 -6.33 -33.03
N GLN F 31 20.54 -7.50 -32.74
CA GLN F 31 20.37 -8.67 -33.61
C GLN F 31 18.89 -9.06 -33.69
N ALA F 32 18.26 -9.24 -32.53
CA ALA F 32 16.84 -9.61 -32.52
C ALA F 32 15.99 -8.53 -33.18
N TYR F 33 16.27 -7.26 -32.84
CA TYR F 33 15.58 -6.12 -33.43
C TYR F 33 15.65 -6.16 -34.95
N ASP F 34 16.86 -6.35 -35.50
CA ASP F 34 17.04 -6.37 -36.94
C ASP F 34 16.29 -7.53 -37.56
N GLU F 35 16.31 -8.69 -36.91
CA GLU F 35 15.58 -9.84 -37.43
C GLU F 35 14.10 -9.52 -37.59
N LEU F 36 13.47 -9.02 -36.52
CA LEU F 36 12.04 -8.74 -36.58
C LEU F 36 11.74 -7.62 -37.58
N VAL F 37 12.52 -6.54 -37.53
CA VAL F 37 12.24 -5.40 -38.40
C VAL F 37 12.33 -5.80 -39.85
N SER F 38 13.41 -6.49 -40.23
CA SER F 38 13.56 -6.88 -41.63
C SER F 38 12.49 -7.89 -42.04
N ALA F 39 12.00 -8.71 -41.11
CA ALA F 39 10.90 -9.60 -41.45
C ALA F 39 9.62 -8.81 -41.74
N VAL F 40 9.39 -7.73 -41.00
CA VAL F 40 8.15 -6.98 -41.18
C VAL F 40 8.22 -6.07 -42.41
N GLU F 41 9.39 -5.48 -42.68
CA GLU F 41 9.50 -4.58 -43.83
C GLU F 41 9.40 -5.34 -45.14
N ASP F 42 9.94 -6.56 -45.19
CA ASP F 42 9.87 -7.40 -46.39
C ASP F 42 8.53 -8.14 -46.45
N SER F 43 7.46 -7.37 -46.48
CA SER F 43 6.12 -7.93 -46.50
C SER F 43 5.14 -6.85 -46.93
N THR F 44 3.93 -7.28 -47.27
CA THR F 44 2.87 -6.36 -47.64
C THR F 44 2.26 -5.65 -46.44
N LEU F 45 2.87 -5.79 -45.25
CA LEU F 45 2.20 -5.37 -44.02
C LEU F 45 2.06 -3.85 -43.96
N PHE F 46 3.15 -3.13 -44.12
CA PHE F 46 3.07 -1.67 -44.06
C PHE F 46 2.25 -1.09 -45.21
N LYS F 47 2.13 -1.82 -46.32
CA LYS F 47 1.23 -1.38 -47.38
C LYS F 47 -0.21 -1.62 -46.97
N GLU F 48 -0.49 -2.77 -46.35
CA GLU F 48 -1.84 -3.11 -45.93
C GLU F 48 -2.30 -2.26 -44.75
N GLU F 49 -1.42 -2.05 -43.76
CA GLU F 49 -1.69 -1.15 -42.64
C GLU F 49 -0.45 -0.36 -42.27
N PRO F 50 -0.29 0.86 -42.78
CA PRO F 50 0.92 1.63 -42.50
C PRO F 50 1.00 2.17 -41.08
N GLN F 51 -0.10 2.16 -40.34
CA GLN F 51 -0.09 2.67 -38.97
C GLN F 51 0.92 1.91 -38.12
N TYR F 52 1.13 0.62 -38.42
CA TYR F 52 2.07 -0.21 -37.68
C TYR F 52 3.48 0.36 -37.69
N LYS F 53 3.83 1.17 -38.70
CA LYS F 53 5.18 1.71 -38.73
C LYS F 53 5.47 2.54 -37.49
N LYS F 54 4.44 3.14 -36.89
CA LYS F 54 4.65 3.93 -35.68
C LYS F 54 5.07 3.08 -34.49
N VAL F 55 4.83 1.77 -34.53
CA VAL F 55 4.96 0.95 -33.32
C VAL F 55 6.42 0.56 -33.07
N ILE F 56 7.21 0.39 -34.13
CA ILE F 56 8.57 -0.16 -33.98
C ILE F 56 9.41 0.65 -32.98
N PRO F 57 9.49 1.97 -33.06
CA PRO F 57 10.37 2.69 -32.12
C PRO F 57 9.80 2.80 -30.73
N VAL F 58 8.56 2.38 -30.51
CA VAL F 58 7.96 2.42 -29.17
C VAL F 58 8.17 1.08 -28.49
N VAL F 59 7.65 0.01 -29.10
CA VAL F 59 7.67 -1.30 -28.48
C VAL F 59 9.09 -1.76 -28.22
N SER F 60 10.06 -1.28 -29.01
CA SER F 60 11.44 -1.71 -28.89
C SER F 60 12.17 -1.07 -27.71
N ILE F 61 11.59 -0.06 -27.08
CA ILE F 61 12.14 0.50 -25.85
C ILE F 61 11.35 -0.09 -24.68
N PRO F 62 12.00 -0.76 -23.73
CA PRO F 62 11.25 -1.49 -22.70
C PRO F 62 10.42 -0.56 -21.84
N GLU F 63 9.23 -1.03 -21.47
CA GLU F 63 8.38 -0.24 -20.59
C GLU F 63 9.12 0.12 -19.32
N ARG F 64 9.95 -0.79 -18.82
CA ARG F 64 10.63 -0.59 -17.54
C ARG F 64 11.79 -1.57 -17.43
N ILE F 65 12.91 -1.11 -16.88
CA ILE F 65 14.03 -1.99 -16.53
C ILE F 65 14.42 -1.71 -15.09
N ILE F 66 14.80 -2.77 -14.36
CA ILE F 66 15.19 -2.62 -12.98
C ILE F 66 16.53 -3.31 -12.79
N GLN F 67 17.55 -2.54 -12.40
CA GLN F 67 18.85 -3.06 -12.03
C GLN F 67 19.05 -2.91 -10.53
N PHE F 68 19.64 -3.93 -9.90
CA PHE F 68 19.85 -3.89 -8.46
C PHE F 68 21.08 -4.69 -8.06
N ARG F 69 21.79 -4.16 -7.06
CA ARG F 69 22.90 -4.89 -6.46
C ARG F 69 22.35 -6.10 -5.72
N VAL F 70 22.98 -7.26 -5.91
CA VAL F 70 22.60 -8.46 -5.17
C VAL F 70 23.80 -8.86 -4.32
N THR F 71 23.70 -8.59 -3.01
CA THR F 71 24.73 -8.95 -2.04
C THR F 71 24.33 -10.23 -1.33
N TRP F 72 25.27 -11.18 -1.24
CA TRP F 72 25.02 -12.45 -0.59
C TRP F 72 26.29 -12.89 0.14
N GLU F 73 26.21 -14.04 0.81
CA GLU F 73 27.28 -14.54 1.66
C GLU F 73 27.61 -15.96 1.22
N ASN F 74 28.89 -16.22 0.93
CA ASN F 74 29.29 -17.56 0.50
C ASN F 74 29.54 -18.46 1.71
N ASP F 75 29.93 -19.72 1.44
CA ASP F 75 30.12 -20.69 2.52
C ASP F 75 31.25 -20.32 3.46
N LYS F 76 32.21 -19.49 3.02
CA LYS F 76 33.27 -19.03 3.91
C LYS F 76 32.84 -17.85 4.77
N GLY F 77 31.61 -17.38 4.63
CA GLY F 77 31.19 -16.18 5.34
C GLY F 77 31.72 -14.89 4.77
N GLU F 78 32.12 -14.86 3.50
CA GLU F 78 32.56 -13.65 2.82
C GLU F 78 31.45 -13.04 1.98
N ILE F 79 31.54 -11.73 1.75
CA ILE F 79 30.52 -10.99 1.02
C ILE F 79 30.77 -11.09 -0.48
N GLU F 80 29.75 -11.51 -1.22
CA GLU F 80 29.78 -11.57 -2.67
C GLU F 80 28.74 -10.61 -3.24
N VAL F 81 29.06 -10.02 -4.39
CA VAL F 81 28.22 -9.00 -5.02
C VAL F 81 28.03 -9.36 -6.49
N ASN F 82 26.79 -9.24 -6.97
CA ASN F 82 26.46 -9.49 -8.37
C ASN F 82 25.44 -8.45 -8.85
N ASN F 83 25.23 -8.41 -10.16
CA ASN F 83 24.23 -7.54 -10.75
C ASN F 83 22.97 -8.34 -11.00
N GLY F 84 21.82 -7.78 -10.64
CA GLY F 84 20.53 -8.40 -10.91
C GLY F 84 19.70 -7.50 -11.79
N PHE F 85 18.98 -8.10 -12.73
CA PHE F 85 18.19 -7.36 -13.69
C PHE F 85 16.80 -7.97 -13.77
N ARG F 86 15.81 -7.11 -14.00
CA ARG F 86 14.51 -7.52 -14.50
C ARG F 86 14.07 -6.52 -15.56
N VAL F 87 13.95 -6.98 -16.80
CA VAL F 87 13.50 -6.16 -17.93
C VAL F 87 12.04 -6.49 -18.16
N GLN F 88 11.16 -5.53 -17.85
CA GLN F 88 9.73 -5.63 -18.09
C GLN F 88 9.42 -4.86 -19.37
N TYR F 89 9.32 -5.58 -20.49
CA TYR F 89 9.39 -4.98 -21.81
C TYR F 89 8.04 -4.45 -22.30
N ASN F 90 7.04 -5.34 -22.33
CA ASN F 90 5.74 -5.00 -22.90
C ASN F 90 4.65 -5.70 -22.11
N SER F 91 3.61 -4.95 -21.73
CA SER F 91 2.54 -5.50 -20.92
C SER F 91 1.17 -5.34 -21.58
N ALA F 92 1.15 -5.15 -22.90
CA ALA F 92 -0.12 -4.93 -23.60
C ALA F 92 -0.98 -6.18 -23.56
N LEU F 93 -0.40 -7.35 -23.84
CA LEU F 93 -1.18 -8.58 -23.91
C LEU F 93 -1.34 -9.27 -22.57
N GLY F 94 -0.69 -8.76 -21.52
CA GLY F 94 -0.80 -9.35 -20.20
C GLY F 94 0.31 -8.87 -19.29
N PRO F 95 0.38 -9.40 -18.07
CA PRO F 95 1.49 -9.05 -17.19
C PRO F 95 2.79 -9.57 -17.77
N TYR F 96 3.88 -8.88 -17.44
CA TYR F 96 5.20 -9.28 -17.91
C TYR F 96 5.42 -10.76 -17.58
N LYS F 97 5.87 -11.52 -18.57
CA LYS F 97 6.11 -12.94 -18.43
C LYS F 97 7.49 -13.25 -18.99
N GLY F 98 8.31 -13.98 -18.24
CA GLY F 98 9.65 -14.29 -18.69
C GLY F 98 10.45 -15.02 -17.63
N GLY F 99 11.52 -15.66 -18.11
CA GLY F 99 12.38 -16.44 -17.24
C GLY F 99 13.49 -15.61 -16.63
N LEU F 100 14.26 -16.26 -15.76
CA LEU F 100 15.44 -15.69 -15.10
C LEU F 100 16.67 -16.53 -15.45
N ARG F 101 17.77 -15.86 -15.75
CA ARG F 101 19.00 -16.53 -16.17
C ARG F 101 20.13 -16.21 -15.21
N PHE F 102 20.73 -17.24 -14.61
CA PHE F 102 21.90 -17.08 -13.76
C PHE F 102 23.10 -17.64 -14.54
N HIS F 103 23.91 -16.75 -15.11
CA HIS F 103 25.03 -17.14 -15.95
C HIS F 103 26.00 -15.97 -16.06
N PRO F 104 27.30 -16.21 -15.98
CA PRO F 104 28.23 -15.07 -15.84
C PRO F 104 28.24 -14.10 -17.00
N THR F 105 27.71 -14.47 -18.15
CA THR F 105 27.67 -13.57 -19.30
C THR F 105 26.51 -12.57 -19.26
N VAL F 106 25.61 -12.71 -18.28
CA VAL F 106 24.37 -11.93 -18.26
C VAL F 106 24.66 -10.45 -18.10
N ASN F 107 24.06 -9.64 -18.98
CA ASN F 107 24.08 -8.19 -18.87
C ASN F 107 22.77 -7.64 -19.43
N LEU F 108 22.62 -6.32 -19.40
CA LEU F 108 21.37 -5.72 -19.87
C LEU F 108 21.09 -6.03 -21.33
N SER F 109 22.14 -6.14 -22.17
CA SER F 109 21.95 -6.39 -23.61
C SER F 109 21.33 -7.75 -23.86
N ILE F 110 21.89 -8.79 -23.24
CA ILE F 110 21.36 -10.14 -23.42
C ILE F 110 19.92 -10.22 -22.94
N LEU F 111 19.64 -9.67 -21.76
CA LEU F 111 18.28 -9.74 -21.23
C LEU F 111 17.31 -8.89 -22.03
N LYS F 112 17.76 -7.79 -22.62
CA LYS F 112 16.90 -7.01 -23.48
C LYS F 112 16.54 -7.79 -24.74
N PHE F 113 17.50 -8.49 -25.33
CA PHE F 113 17.17 -9.33 -26.47
C PHE F 113 16.17 -10.41 -26.07
N LEU F 114 16.37 -11.02 -24.89
CA LEU F 114 15.48 -12.09 -24.47
C LEU F 114 14.06 -11.59 -24.22
N GLY F 115 13.92 -10.44 -23.55
CA GLY F 115 12.59 -9.90 -23.29
C GLY F 115 11.89 -9.40 -24.54
N PHE F 116 12.64 -8.77 -25.44
CA PHE F 116 12.09 -8.38 -26.73
C PHE F 116 11.57 -9.60 -27.47
N GLU F 117 12.37 -10.66 -27.55
CA GLU F 117 11.90 -11.94 -28.05
C GLU F 117 10.60 -12.34 -27.38
N GLN F 118 10.59 -12.29 -26.04
CA GLN F 118 9.48 -12.83 -25.26
C GLN F 118 8.17 -12.15 -25.61
N ILE F 119 8.21 -10.84 -25.92
CA ILE F 119 7.00 -10.13 -26.30
C ILE F 119 6.23 -10.90 -27.37
N PHE F 120 6.90 -11.17 -28.48
CA PHE F 120 6.23 -11.76 -29.64
C PHE F 120 6.07 -13.28 -29.51
N LYS F 121 7.00 -13.95 -28.82
CA LYS F 121 6.78 -15.35 -28.47
C LYS F 121 5.46 -15.52 -27.72
N ASN F 122 5.32 -14.80 -26.60
CA ASN F 122 4.08 -14.88 -25.83
C ASN F 122 2.88 -14.50 -26.68
N ALA F 123 3.03 -13.49 -27.55
CA ALA F 123 1.93 -13.15 -28.46
C ALA F 123 1.51 -14.36 -29.28
N LEU F 124 2.48 -15.17 -29.71
CA LEU F 124 2.17 -16.36 -30.50
C LEU F 124 1.52 -17.47 -29.67
N THR F 125 1.75 -17.50 -28.36
CA THR F 125 1.14 -18.58 -27.58
C THR F 125 -0.36 -18.44 -27.44
N GLY F 126 -0.95 -17.32 -27.87
CA GLY F 126 -2.38 -17.12 -27.73
C GLY F 126 -2.87 -16.89 -26.32
N LEU F 127 -1.98 -16.77 -25.35
CA LEU F 127 -2.31 -16.51 -23.95
C LEU F 127 -2.11 -15.04 -23.59
N SER F 128 -2.68 -14.65 -22.46
CA SER F 128 -2.59 -13.28 -21.96
C SER F 128 -1.27 -13.13 -21.21
N MET F 129 -0.20 -12.83 -21.96
CA MET F 129 1.13 -12.75 -21.35
C MET F 129 1.94 -11.63 -22.00
N GLY F 130 2.41 -10.69 -21.18
CA GLY F 130 3.36 -9.69 -21.61
C GLY F 130 4.76 -10.24 -21.76
N GLY F 131 5.69 -9.35 -22.08
CA GLY F 131 7.08 -9.72 -22.34
C GLY F 131 8.01 -9.25 -21.24
N GLY F 132 8.89 -10.13 -20.82
CA GLY F 132 9.91 -9.74 -19.86
C GLY F 132 10.95 -10.83 -19.73
N LYS F 133 12.02 -10.47 -19.01
CA LYS F 133 13.11 -11.40 -18.78
C LYS F 133 14.02 -10.82 -17.70
N GLY F 134 14.67 -11.69 -16.94
CA GLY F 134 15.53 -11.19 -15.89
C GLY F 134 16.63 -12.19 -15.57
N GLY F 135 17.45 -11.83 -14.60
CA GLY F 135 18.50 -12.74 -14.18
C GLY F 135 19.64 -12.00 -13.51
N SER F 136 20.82 -12.60 -13.57
CA SER F 136 21.99 -12.09 -12.86
C SER F 136 23.25 -12.71 -13.47
N ASP F 137 24.35 -11.97 -13.33
CA ASP F 137 25.67 -12.47 -13.71
C ASP F 137 26.25 -13.42 -12.67
N PHE F 138 25.49 -13.75 -11.64
CA PHE F 138 25.87 -14.78 -10.69
C PHE F 138 26.09 -16.10 -11.40
N ASN F 139 27.16 -16.80 -11.01
CA ASN F 139 27.52 -18.08 -11.60
C ASN F 139 27.23 -19.21 -10.63
N PRO F 140 26.22 -20.05 -10.87
CA PRO F 140 25.88 -21.12 -9.94
C PRO F 140 26.66 -22.42 -10.10
N LYS F 141 27.47 -22.56 -11.13
CA LYS F 141 28.10 -23.85 -11.41
C LYS F 141 29.04 -24.27 -10.29
N ASN F 142 28.94 -25.56 -9.92
CA ASN F 142 29.81 -26.19 -8.93
C ASN F 142 29.72 -25.50 -7.57
N ARG F 143 28.59 -24.90 -7.28
CA ARG F 143 28.35 -24.13 -6.06
C ARG F 143 27.43 -24.91 -5.14
N SER F 144 27.61 -24.77 -3.84
CA SER F 144 26.79 -25.55 -2.91
C SER F 144 25.35 -25.06 -2.94
N ASP F 145 24.43 -25.95 -2.59
CA ASP F 145 23.04 -25.57 -2.50
C ASP F 145 22.81 -24.45 -1.50
N ASN F 146 23.65 -24.37 -0.46
CA ASN F 146 23.50 -23.29 0.53
C ASN F 146 23.81 -21.94 -0.10
N GLU F 147 24.87 -21.86 -0.91
CA GLU F 147 25.19 -20.61 -1.59
C GLU F 147 24.09 -20.24 -2.58
N ILE F 148 23.54 -21.24 -3.28
CA ILE F 148 22.44 -20.96 -4.20
C ILE F 148 21.24 -20.41 -3.44
N ARG F 149 20.93 -21.00 -2.29
CA ARG F 149 19.79 -20.54 -1.51
C ARG F 149 20.00 -19.11 -1.03
N ARG F 150 21.19 -18.80 -0.51
CA ARG F 150 21.45 -17.44 -0.06
C ARG F 150 21.32 -16.45 -1.20
N PHE F 151 21.85 -16.80 -2.39
CA PHE F 151 21.76 -15.88 -3.51
C PHE F 151 20.32 -15.70 -3.97
N CYS F 152 19.57 -16.80 -4.08
CA CYS F 152 18.17 -16.68 -4.47
C CYS F 152 17.41 -15.78 -3.50
N VAL F 153 17.68 -15.93 -2.20
CA VAL F 153 16.98 -15.12 -1.23
C VAL F 153 17.31 -13.65 -1.44
N SER F 154 18.59 -13.33 -1.56
CA SER F 154 18.98 -11.93 -1.76
C SER F 154 18.34 -11.37 -3.04
N PHE F 155 18.43 -12.13 -4.13
CA PHE F 155 17.92 -11.70 -5.42
C PHE F 155 16.42 -11.43 -5.35
N MET F 156 15.65 -12.43 -4.92
CA MET F 156 14.20 -12.25 -4.86
C MET F 156 13.84 -11.15 -3.88
N ARG F 157 14.62 -10.93 -2.83
CA ARG F 157 14.24 -9.83 -1.94
C ARG F 157 14.48 -8.49 -2.62
N GLN F 158 15.44 -8.40 -3.51
CA GLN F 158 15.58 -7.15 -4.27
C GLN F 158 14.48 -7.01 -5.33
N LEU F 159 13.96 -8.14 -5.82
CA LEU F 159 13.05 -8.14 -6.96
C LEU F 159 11.57 -8.13 -6.59
N ALA F 160 11.21 -8.67 -5.42
CA ALA F 160 9.83 -8.99 -5.08
C ALA F 160 8.93 -7.78 -5.15
N ARG F 161 9.43 -6.63 -4.70
CA ARG F 161 8.65 -5.39 -4.69
C ARG F 161 8.06 -5.05 -6.05
N TYR F 162 8.60 -5.61 -7.14
CA TYR F 162 8.29 -5.21 -8.51
C TYR F 162 7.59 -6.28 -9.32
N ILE F 163 7.23 -7.42 -8.70
CA ILE F 163 6.59 -8.51 -9.40
C ILE F 163 5.34 -8.92 -8.62
N GLY F 164 4.51 -9.74 -9.25
CA GLY F 164 3.26 -10.16 -8.69
C GLY F 164 2.43 -10.92 -9.69
N PRO F 165 1.45 -11.69 -9.22
CA PRO F 165 0.70 -12.58 -10.13
C PRO F 165 -0.10 -11.83 -11.18
N ASP F 166 -0.31 -10.53 -11.02
CA ASP F 166 -0.95 -9.71 -12.04
C ASP F 166 -0.02 -8.66 -12.61
N THR F 167 1.27 -8.68 -12.23
CA THR F 167 2.22 -7.68 -12.67
C THR F 167 3.37 -8.28 -13.46
N ASP F 168 4.08 -9.27 -12.89
CA ASP F 168 5.27 -9.83 -13.53
C ASP F 168 5.48 -11.21 -12.93
N VAL F 169 5.42 -12.24 -13.78
CA VAL F 169 5.50 -13.62 -13.33
C VAL F 169 6.76 -14.24 -13.91
N PRO F 170 7.89 -14.22 -13.20
CA PRO F 170 9.11 -14.82 -13.72
C PRO F 170 9.06 -16.34 -13.64
N ALA F 171 10.09 -16.95 -14.22
CA ALA F 171 10.28 -18.39 -14.17
C ALA F 171 11.77 -18.66 -14.32
N GLY F 172 12.12 -19.90 -14.67
CA GLY F 172 13.50 -20.28 -14.82
C GLY F 172 14.02 -20.04 -16.23
N ASP F 173 15.30 -20.35 -16.40
CA ASP F 173 16.00 -20.28 -17.67
C ASP F 173 17.36 -20.93 -17.47
N ILE F 174 18.39 -20.52 -18.21
CA ILE F 174 19.72 -21.07 -18.00
C ILE F 174 20.18 -20.73 -16.59
N GLY F 175 20.54 -21.75 -15.82
CA GLY F 175 20.99 -21.55 -14.46
C GLY F 175 19.91 -21.50 -13.40
N VAL F 176 18.64 -21.46 -13.80
CA VAL F 176 17.53 -21.35 -12.85
C VAL F 176 16.55 -22.48 -13.15
N GLY F 177 16.50 -23.47 -12.26
CA GLY F 177 15.56 -24.57 -12.41
C GLY F 177 14.64 -24.72 -11.22
N GLY F 178 14.09 -25.93 -11.03
CA GLY F 178 13.08 -26.11 -10.00
C GLY F 178 13.58 -25.73 -8.61
N ARG F 179 14.82 -26.08 -8.31
CA ARG F 179 15.40 -25.73 -7.01
C ARG F 179 15.49 -24.21 -6.83
N GLU F 180 15.99 -23.51 -7.85
CA GLU F 180 16.12 -22.07 -7.75
C GLU F 180 14.75 -21.40 -7.69
N VAL F 181 13.80 -21.89 -8.48
CA VAL F 181 12.44 -21.37 -8.41
C VAL F 181 11.87 -21.57 -7.01
N GLY F 182 12.20 -22.71 -6.38
CA GLY F 182 11.70 -22.95 -5.02
C GLY F 182 12.26 -21.97 -4.02
N PHE F 183 13.58 -21.77 -4.05
CA PHE F 183 14.19 -20.78 -3.16
C PHE F 183 13.61 -19.39 -3.42
N LEU F 184 13.41 -19.03 -4.69
CA LEU F 184 12.87 -17.74 -5.03
C LEU F 184 11.44 -17.57 -4.53
N PHE F 185 10.61 -18.60 -4.71
CA PHE F 185 9.23 -18.55 -4.25
C PHE F 185 9.18 -18.39 -2.73
N GLY F 186 10.03 -19.14 -2.02
CA GLY F 186 10.08 -19.02 -0.57
C GLY F 186 10.50 -17.63 -0.12
N ALA F 187 11.55 -17.08 -0.73
CA ALA F 187 11.98 -15.73 -0.36
C ALA F 187 10.89 -14.70 -0.64
N TYR F 188 10.23 -14.82 -1.79
CA TYR F 188 9.13 -13.91 -2.11
C TYR F 188 8.01 -14.01 -1.09
N LYS F 189 7.60 -15.24 -0.78
CA LYS F 189 6.51 -15.41 0.17
C LYS F 189 6.87 -14.85 1.53
N GLN F 190 8.16 -14.96 1.91
CA GLN F 190 8.63 -14.39 3.17
C GLN F 190 8.61 -12.87 3.16
N MET F 191 8.87 -12.26 2.00
CA MET F 191 8.92 -10.80 1.97
C MET F 191 7.53 -10.18 1.83
N ARG F 192 6.68 -10.76 0.98
CA ARG F 192 5.42 -10.12 0.64
C ARG F 192 4.21 -10.74 1.32
N ASN F 193 4.36 -11.91 1.96
CA ASN F 193 3.28 -12.51 2.76
C ASN F 193 2.05 -12.84 1.91
N ASN F 194 2.30 -13.39 0.72
CA ASN F 194 1.25 -13.80 -0.20
C ASN F 194 1.60 -15.14 -0.79
N TRP F 195 0.59 -15.98 -1.01
CA TRP F 195 0.78 -17.27 -1.67
C TRP F 195 -0.04 -17.23 -2.95
N ALA F 196 0.64 -17.09 -4.08
CA ALA F 196 -0.04 -16.99 -5.37
C ALA F 196 0.98 -17.29 -6.45
N GLY F 197 0.49 -17.33 -7.70
CA GLY F 197 1.33 -17.64 -8.85
C GLY F 197 2.30 -16.57 -9.28
N VAL F 198 3.18 -16.15 -8.37
CA VAL F 198 4.17 -15.14 -8.71
C VAL F 198 5.29 -15.71 -9.56
N LEU F 199 5.45 -17.03 -9.58
CA LEU F 199 6.45 -17.70 -10.41
C LEU F 199 5.85 -18.97 -11.01
N THR F 200 6.36 -19.37 -12.17
CA THR F 200 6.02 -20.66 -12.75
C THR F 200 7.25 -21.56 -12.74
N GLY F 201 7.04 -22.82 -13.09
CA GLY F 201 8.06 -23.83 -12.84
C GLY F 201 8.13 -24.23 -11.40
N LYS F 202 7.04 -24.06 -10.66
CA LYS F 202 6.98 -24.39 -9.25
C LYS F 202 6.82 -25.90 -9.04
N GLY F 203 7.12 -26.33 -7.83
CA GLY F 203 6.97 -27.72 -7.49
C GLY F 203 5.52 -28.16 -7.56
N LEU F 204 5.32 -29.44 -7.88
CA LEU F 204 3.96 -29.95 -8.09
C LEU F 204 3.08 -29.76 -6.86
N THR F 205 3.66 -29.89 -5.66
CA THR F 205 2.85 -29.84 -4.44
C THR F 205 2.53 -28.42 -3.99
N TRP F 206 3.24 -27.41 -4.49
CA TRP F 206 3.00 -26.01 -4.14
C TRP F 206 2.80 -25.17 -5.38
N GLY F 207 1.85 -25.59 -6.23
CA GLY F 207 1.36 -24.75 -7.29
C GLY F 207 1.99 -24.92 -8.64
N GLY F 208 2.75 -26.00 -8.87
CA GLY F 208 3.36 -26.25 -10.15
C GLY F 208 2.41 -26.98 -11.09
N SER F 209 2.87 -27.16 -12.33
CA SER F 209 2.12 -27.86 -13.34
C SER F 209 2.94 -29.05 -13.83
N LEU F 210 2.25 -30.02 -14.44
CA LEU F 210 2.83 -31.34 -14.66
C LEU F 210 3.72 -31.41 -15.90
N ILE F 211 3.44 -30.63 -16.94
CA ILE F 211 4.19 -30.75 -18.19
C ILE F 211 5.25 -29.67 -18.33
N ARG F 212 5.40 -28.79 -17.34
CA ARG F 212 6.35 -27.69 -17.46
C ARG F 212 7.78 -28.14 -17.71
N PRO F 213 8.34 -29.16 -17.03
CA PRO F 213 9.70 -29.59 -17.39
C PRO F 213 9.84 -30.00 -18.84
N GLU F 214 8.91 -30.82 -19.34
CA GLU F 214 8.99 -31.29 -20.72
C GLU F 214 8.65 -30.21 -21.74
N ALA F 215 8.02 -29.12 -21.27
CA ALA F 215 7.22 -28.24 -22.14
C ALA F 215 7.97 -27.74 -23.37
N THR F 216 9.15 -27.15 -23.19
CA THR F 216 9.81 -26.49 -24.31
C THR F 216 10.21 -27.49 -25.39
N GLY F 217 10.89 -28.57 -24.99
CA GLY F 217 11.33 -29.55 -25.96
C GLY F 217 10.17 -30.30 -26.60
N TYR F 218 9.20 -30.75 -25.80
CA TYR F 218 8.01 -31.36 -26.37
C TYR F 218 7.36 -30.44 -27.38
N GLY F 219 7.23 -29.15 -27.06
CA GLY F 219 6.58 -28.23 -27.98
C GLY F 219 7.39 -27.97 -29.23
N CYS F 220 8.71 -27.88 -29.10
CA CYS F 220 9.57 -27.74 -30.27
C CYS F 220 9.39 -28.91 -31.21
N VAL F 221 9.37 -30.13 -30.65
CA VAL F 221 9.21 -31.30 -31.49
C VAL F 221 7.79 -31.36 -32.07
N TYR F 222 6.78 -30.91 -31.33
CA TYR F 222 5.42 -30.85 -31.88
C TYR F 222 5.36 -29.87 -33.05
N TYR F 223 6.03 -28.72 -32.91
CA TYR F 223 6.10 -27.77 -34.00
C TYR F 223 6.78 -28.39 -35.22
N VAL F 224 7.86 -29.14 -35.01
CA VAL F 224 8.52 -29.77 -36.14
C VAL F 224 7.67 -30.91 -36.71
N GLU F 225 6.85 -31.55 -35.87
CA GLU F 225 5.83 -32.48 -36.37
C GLU F 225 4.99 -31.80 -37.45
N LYS F 226 4.40 -30.66 -37.09
CA LYS F 226 3.55 -29.95 -38.04
C LYS F 226 4.33 -29.46 -39.26
N MET F 227 5.59 -29.08 -39.06
CA MET F 227 6.47 -28.71 -40.18
C MET F 227 6.63 -29.85 -41.17
N ILE F 228 7.01 -31.04 -40.67
CA ILE F 228 7.17 -32.20 -41.53
C ILE F 228 5.85 -32.52 -42.24
N GLU F 229 4.73 -32.49 -41.50
CA GLU F 229 3.44 -32.82 -42.09
C GLU F 229 3.11 -31.91 -43.26
N LYS F 230 3.28 -30.59 -43.07
CA LYS F 230 2.96 -29.67 -44.16
C LYS F 230 3.94 -29.79 -45.31
N ALA F 231 5.23 -30.00 -45.01
CA ALA F 231 6.25 -29.98 -46.06
C ALA F 231 6.21 -31.22 -46.93
N THR F 232 5.72 -32.34 -46.42
CA THR F 232 5.73 -33.60 -47.17
C THR F 232 4.34 -34.18 -47.39
N ASN F 233 3.29 -33.39 -47.17
CA ASN F 233 1.91 -33.86 -47.31
C ASN F 233 1.68 -35.17 -46.54
N GLY F 234 2.21 -35.22 -45.32
CA GLY F 234 2.01 -36.35 -44.44
C GLY F 234 2.77 -37.60 -44.80
N LYS F 235 3.67 -37.54 -45.77
CA LYS F 235 4.37 -38.73 -46.24
C LYS F 235 5.57 -39.10 -45.38
N GLU F 236 6.13 -38.15 -44.65
CA GLU F 236 7.21 -38.43 -43.71
C GLU F 236 6.78 -38.01 -42.31
N THR F 237 7.38 -38.64 -41.30
CA THR F 237 7.21 -38.20 -39.92
C THR F 237 8.57 -38.15 -39.26
N PHE F 238 8.61 -38.07 -37.93
CA PHE F 238 9.91 -38.18 -37.27
C PHE F 238 10.46 -39.60 -37.34
N LYS F 239 9.63 -40.55 -37.77
CA LYS F 239 9.99 -41.95 -37.98
C LYS F 239 11.23 -42.07 -38.86
N GLY F 240 12.29 -42.64 -38.29
CA GLY F 240 13.51 -42.89 -39.04
C GLY F 240 14.29 -41.66 -39.44
N LYS F 241 14.15 -40.55 -38.72
CA LYS F 241 14.85 -39.31 -39.02
C LYS F 241 16.05 -39.14 -38.09
N ARG F 242 17.15 -38.61 -38.63
CA ARG F 242 18.31 -38.26 -37.84
C ARG F 242 18.15 -36.83 -37.32
N VAL F 243 18.22 -36.67 -36.00
CA VAL F 243 17.94 -35.40 -35.34
C VAL F 243 19.16 -35.01 -34.51
N ALA F 244 19.76 -33.87 -34.82
CA ALA F 244 20.91 -33.36 -34.10
C ALA F 244 20.47 -32.28 -33.12
N ILE F 245 20.71 -32.51 -31.83
CA ILE F 245 20.36 -31.57 -30.77
C ILE F 245 21.64 -31.06 -30.14
N SER F 246 21.67 -29.77 -29.84
CA SER F 246 22.76 -29.20 -29.05
C SER F 246 22.26 -28.88 -27.66
N GLY F 247 23.20 -28.69 -26.74
CA GLY F 247 22.85 -28.49 -25.34
C GLY F 247 22.44 -29.77 -24.65
N SER F 248 22.35 -29.70 -23.32
CA SER F 248 21.93 -30.87 -22.55
C SER F 248 21.07 -30.47 -21.35
N GLY F 249 20.38 -29.35 -21.43
CA GLY F 249 19.51 -28.87 -20.36
C GLY F 249 18.08 -29.33 -20.53
N ASN F 250 17.17 -28.61 -19.87
CA ASN F 250 15.75 -28.97 -19.89
C ASN F 250 15.23 -29.06 -21.31
N VAL F 251 15.47 -28.02 -22.10
CA VAL F 251 15.01 -28.01 -23.48
C VAL F 251 15.57 -29.20 -24.22
N ALA F 252 16.90 -29.39 -24.13
CA ALA F 252 17.55 -30.44 -24.90
C ALA F 252 17.11 -31.82 -24.43
N GLN F 253 17.10 -32.04 -23.11
CA GLN F 253 16.70 -33.33 -22.57
C GLN F 253 15.31 -33.74 -23.06
N TYR F 254 14.34 -32.85 -22.91
CA TYR F 254 12.99 -33.31 -23.19
C TYR F 254 12.69 -33.28 -24.68
N ALA F 255 13.34 -32.41 -25.45
CA ALA F 255 13.28 -32.52 -26.90
C ALA F 255 13.79 -33.88 -27.36
N ALA F 256 14.93 -34.31 -26.80
CA ALA F 256 15.48 -35.60 -27.15
C ALA F 256 14.51 -36.73 -26.80
N LEU F 257 13.92 -36.66 -25.60
CA LEU F 257 12.99 -37.71 -25.19
C LEU F 257 11.78 -37.76 -26.10
N LYS F 258 11.27 -36.61 -26.54
CA LYS F 258 10.14 -36.61 -27.46
C LYS F 258 10.54 -37.14 -28.83
N VAL F 259 11.74 -36.80 -29.29
CA VAL F 259 12.22 -37.36 -30.56
C VAL F 259 12.32 -38.87 -30.47
N ILE F 260 12.86 -39.38 -29.37
CA ILE F 260 12.97 -40.82 -29.15
C ILE F 260 11.58 -41.46 -29.16
N GLU F 261 10.66 -40.89 -28.38
CA GLU F 261 9.31 -41.43 -28.30
C GLU F 261 8.65 -41.49 -29.66
N LEU F 262 8.97 -40.55 -30.55
CA LEU F 262 8.38 -40.50 -31.88
C LEU F 262 9.12 -41.35 -32.90
N GLY F 263 10.14 -42.11 -32.47
CA GLY F 263 10.83 -43.03 -33.35
C GLY F 263 12.03 -42.48 -34.08
N GLY F 264 12.49 -41.28 -33.74
CA GLY F 264 13.70 -40.76 -34.33
C GLY F 264 14.95 -41.21 -33.61
N THR F 265 16.09 -40.85 -34.18
CA THR F 265 17.39 -41.18 -33.60
C THR F 265 18.14 -39.88 -33.30
N VAL F 266 18.37 -39.64 -32.01
CA VAL F 266 19.05 -38.43 -31.55
C VAL F 266 20.55 -38.66 -31.69
N VAL F 267 21.19 -37.92 -32.60
CA VAL F 267 22.58 -38.21 -32.92
C VAL F 267 23.59 -37.41 -32.11
N SER F 268 23.16 -36.38 -31.38
CA SER F 268 24.15 -35.59 -30.65
C SER F 268 23.50 -34.82 -29.51
N LEU F 269 24.34 -34.48 -28.54
CA LEU F 269 24.05 -33.45 -27.56
C LEU F 269 25.33 -32.64 -27.35
N SER F 270 25.25 -31.56 -26.59
CA SER F 270 26.45 -30.76 -26.32
C SER F 270 26.30 -30.02 -25.00
N ASP F 271 27.35 -29.31 -24.61
CA ASP F 271 27.27 -28.38 -23.49
C ASP F 271 28.36 -27.33 -23.70
N SER F 272 28.71 -26.62 -22.62
CA SER F 272 29.66 -25.53 -22.72
C SER F 272 31.10 -26.00 -22.93
N LYS F 273 31.39 -27.30 -22.76
CA LYS F 273 32.75 -27.80 -22.91
C LYS F 273 32.94 -28.74 -24.10
N GLY F 274 31.91 -29.44 -24.56
CA GLY F 274 32.09 -30.30 -25.71
C GLY F 274 30.77 -30.88 -26.17
N SER F 275 30.85 -31.77 -27.16
CA SER F 275 29.71 -32.46 -27.72
C SER F 275 29.85 -33.97 -27.51
N ILE F 276 28.71 -34.66 -27.59
CA ILE F 276 28.67 -36.12 -27.63
C ILE F 276 27.90 -36.54 -28.87
N ILE F 277 28.45 -37.51 -29.60
CA ILE F 277 27.88 -37.98 -30.86
C ILE F 277 27.68 -39.48 -30.78
N SER F 278 26.57 -39.95 -31.35
CA SER F 278 26.31 -41.37 -31.51
C SER F 278 25.76 -41.62 -32.90
N LYS F 279 25.68 -42.89 -33.29
CA LYS F 279 25.12 -43.25 -34.59
C LYS F 279 23.84 -44.07 -34.53
N ASN F 280 23.58 -44.78 -33.43
CA ASN F 280 22.31 -45.46 -33.26
C ASN F 280 21.30 -44.64 -32.48
N GLY F 281 21.72 -43.52 -31.92
CA GLY F 281 20.81 -42.68 -31.16
C GLY F 281 21.05 -42.78 -29.67
N ILE F 282 20.87 -41.67 -28.98
CA ILE F 282 20.97 -41.64 -27.53
C ILE F 282 19.69 -42.23 -26.95
N THR F 283 19.82 -43.01 -25.89
CA THR F 283 18.69 -43.69 -25.26
C THR F 283 18.06 -42.81 -24.19
N ALA F 284 16.86 -43.20 -23.78
CA ALA F 284 16.17 -42.44 -22.74
C ALA F 284 16.91 -42.51 -21.41
N ASP F 285 17.46 -43.69 -21.08
CA ASP F 285 18.21 -43.84 -19.85
C ASP F 285 19.46 -42.97 -19.84
N GLN F 286 20.12 -42.84 -21.00
CA GLN F 286 21.25 -41.93 -21.09
C GLN F 286 20.82 -40.49 -20.82
N VAL F 287 19.67 -40.09 -21.36
CA VAL F 287 19.16 -38.74 -21.12
C VAL F 287 18.85 -38.54 -19.65
N TYR F 288 18.24 -39.53 -19.00
CA TYR F 288 17.95 -39.44 -17.57
C TYR F 288 19.23 -39.27 -16.77
N ALA F 289 20.26 -40.06 -17.10
CA ALA F 289 21.52 -39.93 -16.38
C ALA F 289 22.16 -38.58 -16.60
N ILE F 290 22.10 -38.08 -17.85
CA ILE F 290 22.65 -36.75 -18.14
C ILE F 290 21.94 -35.71 -17.31
N ALA F 291 20.60 -35.82 -17.19
CA ALA F 291 19.85 -34.86 -16.40
C ALA F 291 20.23 -34.93 -14.93
N ALA F 292 20.25 -36.15 -14.38
CA ALA F 292 20.60 -36.32 -12.97
C ALA F 292 21.97 -35.75 -12.66
N ALA F 293 22.94 -35.97 -13.57
CA ALA F 293 24.29 -35.49 -13.34
C ALA F 293 24.43 -33.99 -13.58
N LYS F 294 23.70 -33.46 -14.55
CA LYS F 294 23.73 -32.03 -14.82
C LYS F 294 23.12 -31.25 -13.67
N LEU F 295 22.17 -31.88 -12.95
CA LEU F 295 21.69 -31.30 -11.70
C LEU F 295 22.82 -31.07 -10.71
N LYS F 296 23.87 -31.90 -10.77
CA LYS F 296 25.04 -31.77 -9.91
C LYS F 296 26.18 -31.04 -10.60
N PHE F 297 25.92 -30.38 -11.72
CA PHE F 297 26.87 -29.50 -12.41
C PHE F 297 28.03 -30.29 -13.02
N LYS F 298 27.73 -31.47 -13.56
CA LYS F 298 28.73 -32.30 -14.21
C LYS F 298 28.83 -31.96 -15.70
N SER F 299 30.06 -32.07 -16.23
CA SER F 299 30.29 -31.92 -17.66
C SER F 299 29.92 -33.21 -18.39
N LEU F 300 29.67 -33.08 -19.69
CA LEU F 300 29.41 -34.27 -20.50
C LEU F 300 30.61 -35.21 -20.48
N GLU F 301 31.82 -34.65 -20.49
CA GLU F 301 33.01 -35.47 -20.29
C GLU F 301 32.92 -36.23 -18.97
N GLU F 302 32.61 -35.51 -17.89
CA GLU F 302 32.51 -36.13 -16.58
C GLU F 302 31.36 -37.14 -16.48
N ILE F 303 30.27 -36.94 -17.25
CA ILE F 303 29.15 -37.86 -17.14
C ILE F 303 29.40 -39.14 -17.94
N VAL F 304 30.05 -39.04 -19.10
CA VAL F 304 30.41 -40.26 -19.81
C VAL F 304 31.52 -41.00 -19.05
N ALA F 305 32.32 -40.29 -18.26
CA ALA F 305 33.29 -40.97 -17.42
C ALA F 305 32.62 -41.64 -16.21
N ASP F 306 31.65 -40.97 -15.57
CA ASP F 306 31.08 -41.48 -14.33
C ASP F 306 30.11 -42.64 -14.56
N SER F 307 29.45 -42.67 -15.71
CA SER F 307 28.56 -43.76 -16.08
C SER F 307 29.12 -44.43 -17.33
N VAL F 308 30.27 -45.09 -17.19
CA VAL F 308 30.86 -45.80 -18.32
C VAL F 308 29.90 -46.89 -18.80
N GLN F 309 29.21 -47.56 -17.88
CA GLN F 309 28.30 -48.63 -18.23
C GLN F 309 27.26 -48.16 -19.25
N LEU F 310 26.72 -46.95 -19.07
CA LEU F 310 25.63 -46.47 -19.92
C LEU F 310 26.11 -46.00 -21.29
N PHE F 311 27.39 -45.70 -21.45
CA PHE F 311 27.90 -45.04 -22.65
C PHE F 311 28.99 -45.85 -23.34
N SER F 312 28.95 -47.18 -23.23
CA SER F 312 30.03 -48.00 -23.77
C SER F 312 29.59 -49.21 -24.60
N GLY F 313 28.34 -49.65 -24.52
CA GLY F 313 27.95 -50.85 -25.25
C GLY F 313 27.71 -50.61 -26.73
N ASP F 314 26.65 -51.20 -27.27
CA ASP F 314 26.19 -50.83 -28.60
C ASP F 314 25.76 -49.37 -28.65
N HIS F 315 25.54 -48.76 -27.47
CA HIS F 315 25.18 -47.35 -27.35
C HIS F 315 26.38 -46.52 -26.96
N SER F 316 27.55 -46.83 -27.53
CA SER F 316 28.75 -46.04 -27.26
C SER F 316 28.58 -44.63 -27.81
N VAL F 317 29.37 -43.71 -27.26
CA VAL F 317 29.28 -42.30 -27.61
C VAL F 317 30.70 -41.74 -27.72
N GLU F 318 30.91 -40.85 -28.70
CA GLU F 318 32.18 -40.18 -28.87
C GLU F 318 32.08 -38.75 -28.34
N TYR F 319 32.97 -38.39 -27.42
CA TYR F 319 33.02 -37.06 -26.83
C TYR F 319 34.08 -36.23 -27.55
N LEU F 320 33.65 -35.13 -28.17
CA LEU F 320 34.52 -34.20 -28.85
C LEU F 320 34.56 -32.91 -28.04
N ALA F 321 35.68 -32.65 -27.37
CA ALA F 321 35.75 -31.49 -26.50
C ALA F 321 35.86 -30.20 -27.30
N GLY F 322 35.17 -29.16 -26.84
CA GLY F 322 35.32 -27.83 -27.41
C GLY F 322 34.71 -27.63 -28.78
N VAL F 323 33.80 -28.51 -29.20
CA VAL F 323 33.29 -28.53 -30.57
C VAL F 323 31.76 -28.57 -30.53
N ARG F 324 31.13 -27.86 -31.47
CA ARG F 324 29.69 -27.96 -31.67
C ARG F 324 29.36 -29.14 -32.58
N PRO F 325 28.23 -29.81 -32.34
CA PRO F 325 27.96 -31.09 -33.02
C PRO F 325 27.53 -30.97 -34.48
N TRP F 326 27.25 -29.75 -34.98
CA TRP F 326 26.60 -29.62 -36.28
C TRP F 326 27.42 -30.24 -37.41
N THR F 327 28.73 -30.01 -37.41
CA THR F 327 29.59 -30.56 -38.45
C THR F 327 30.02 -32.00 -38.18
N LYS F 328 29.75 -32.53 -36.99
CA LYS F 328 30.35 -33.79 -36.54
C LYS F 328 29.33 -34.93 -36.53
N VAL F 329 28.28 -34.83 -37.35
CA VAL F 329 27.22 -35.83 -37.36
C VAL F 329 26.93 -36.37 -38.75
N GLY F 330 27.62 -35.88 -39.78
CA GLY F 330 27.35 -36.40 -41.11
C GLY F 330 25.94 -36.04 -41.54
N GLN F 331 25.31 -36.96 -42.26
CA GLN F 331 23.94 -36.74 -42.72
C GLN F 331 23.00 -36.62 -41.54
N VAL F 332 22.16 -35.57 -41.57
CA VAL F 332 21.16 -35.31 -40.55
C VAL F 332 19.96 -34.66 -41.21
N ASP F 333 18.76 -35.00 -40.75
CA ASP F 333 17.52 -34.48 -41.32
C ASP F 333 16.94 -33.30 -40.56
N VAL F 334 17.00 -33.34 -39.23
CA VAL F 334 16.41 -32.30 -38.40
C VAL F 334 17.49 -31.80 -37.44
N ALA F 335 17.49 -30.49 -37.19
CA ALA F 335 18.43 -29.88 -36.26
C ALA F 335 17.67 -29.01 -35.27
N LEU F 336 17.90 -29.25 -33.97
CA LEU F 336 17.23 -28.54 -32.88
C LEU F 336 18.28 -27.91 -31.97
N PRO F 337 18.83 -26.75 -32.34
CA PRO F 337 19.74 -26.04 -31.43
C PRO F 337 19.02 -25.68 -30.14
N SER F 338 19.53 -26.21 -29.02
CA SER F 338 18.81 -26.13 -27.75
C SER F 338 19.74 -25.76 -26.61
N ALA F 339 20.68 -24.83 -26.83
CA ALA F 339 21.66 -24.51 -25.81
C ALA F 339 21.68 -23.02 -25.47
N THR F 340 22.06 -22.15 -26.40
CA THR F 340 22.27 -20.74 -26.04
C THR F 340 22.17 -19.93 -27.32
N GLN F 341 22.38 -18.62 -27.21
CA GLN F 341 22.27 -17.76 -28.38
C GLN F 341 23.52 -17.88 -29.25
N ASN F 342 23.32 -17.67 -30.55
CA ASN F 342 24.40 -17.67 -31.53
C ASN F 342 25.22 -18.95 -31.45
N GLU F 343 24.51 -20.09 -31.52
CA GLU F 343 25.14 -21.40 -31.44
C GLU F 343 25.13 -22.15 -32.76
N VAL F 344 24.74 -21.49 -33.85
CA VAL F 344 24.83 -22.04 -35.19
C VAL F 344 25.38 -20.93 -36.09
N SER F 345 26.63 -21.09 -36.52
CA SER F 345 27.26 -20.09 -37.36
C SER F 345 26.86 -20.31 -38.82
N GLY F 346 27.17 -19.31 -39.65
CA GLY F 346 26.92 -19.46 -41.07
C GLY F 346 27.58 -20.69 -41.66
N GLU F 347 28.83 -20.95 -41.25
CA GLU F 347 29.54 -22.13 -41.74
C GLU F 347 28.84 -23.41 -41.29
N GLU F 348 28.40 -23.45 -40.03
CA GLU F 348 27.66 -24.61 -39.53
C GLU F 348 26.31 -24.75 -40.22
N ALA F 349 25.70 -23.63 -40.59
CA ALA F 349 24.47 -23.69 -41.38
C ALA F 349 24.73 -24.31 -42.75
N LYS F 350 25.80 -23.90 -43.42
CA LYS F 350 26.16 -24.50 -44.70
C LYS F 350 26.45 -25.99 -44.54
N ALA F 351 27.16 -26.36 -43.48
CA ALA F 351 27.44 -27.77 -43.23
C ALA F 351 26.16 -28.57 -43.05
N LEU F 352 25.20 -28.02 -42.30
CA LEU F 352 23.93 -28.72 -42.10
C LEU F 352 23.15 -28.82 -43.40
N VAL F 353 23.13 -27.75 -44.21
CA VAL F 353 22.45 -27.83 -45.50
C VAL F 353 23.10 -28.91 -46.37
N ASP F 354 24.44 -28.92 -46.42
CA ASP F 354 25.15 -29.93 -47.20
C ASP F 354 24.90 -31.34 -46.67
N ALA F 355 24.72 -31.49 -45.37
CA ALA F 355 24.42 -32.79 -44.79
C ALA F 355 22.97 -33.21 -44.98
N GLY F 356 22.19 -32.45 -45.76
CA GLY F 356 20.83 -32.84 -46.07
C GLY F 356 19.76 -32.39 -45.10
N CYS F 357 20.05 -31.43 -44.22
CA CYS F 357 19.07 -31.02 -43.23
C CYS F 357 17.95 -30.22 -43.90
N LYS F 358 16.70 -30.61 -43.60
CA LYS F 358 15.53 -29.96 -44.19
C LYS F 358 14.62 -29.30 -43.17
N PHE F 359 14.84 -29.51 -41.88
CA PHE F 359 14.03 -28.90 -40.82
C PHE F 359 14.97 -28.38 -39.75
N ILE F 360 14.87 -27.08 -39.45
CA ILE F 360 15.69 -26.46 -38.42
C ILE F 360 14.77 -25.58 -37.57
N ALA F 361 14.67 -25.89 -36.29
CA ALA F 361 13.81 -25.14 -35.37
C ALA F 361 14.55 -24.91 -34.07
N GLU F 362 14.60 -23.65 -33.63
CA GLU F 362 15.40 -23.28 -32.47
C GLU F 362 14.67 -23.66 -31.18
N GLY F 363 15.31 -24.52 -30.38
CA GLY F 363 14.88 -24.70 -29.01
C GLY F 363 15.38 -23.60 -28.09
N SER F 364 16.54 -23.03 -28.39
CA SER F 364 17.07 -21.91 -27.64
C SER F 364 16.57 -20.58 -28.21
N ASN F 365 16.70 -19.53 -27.41
CA ASN F 365 16.26 -18.20 -27.82
C ASN F 365 17.33 -17.57 -28.69
N MET F 366 16.99 -17.29 -29.95
CA MET F 366 17.94 -16.74 -30.91
C MET F 366 19.15 -17.65 -31.05
N GLY F 367 18.90 -18.94 -31.28
CA GLY F 367 20.00 -19.88 -31.36
C GLY F 367 20.88 -19.68 -32.59
N SER F 368 20.30 -19.18 -33.68
CA SER F 368 21.01 -19.05 -34.94
C SER F 368 21.50 -17.63 -35.14
N THR F 369 22.71 -17.50 -35.65
CA THR F 369 23.21 -16.20 -36.06
C THR F 369 22.47 -15.73 -37.32
N LYS F 370 22.58 -14.42 -37.61
CA LYS F 370 21.97 -13.91 -38.83
C LYS F 370 22.47 -14.66 -40.05
N GLU F 371 23.76 -15.04 -40.05
CA GLU F 371 24.31 -15.74 -41.20
C GLU F 371 23.65 -17.09 -41.42
N ALA F 372 23.44 -17.85 -40.33
CA ALA F 372 22.76 -19.13 -40.44
C ALA F 372 21.34 -18.97 -40.98
N ILE F 373 20.62 -17.95 -40.49
CA ILE F 373 19.26 -17.72 -40.97
C ILE F 373 19.27 -17.34 -42.44
N GLU F 374 20.25 -16.53 -42.84
CA GLU F 374 20.39 -16.18 -44.25
C GLU F 374 20.60 -17.43 -45.10
N VAL F 375 21.44 -18.36 -44.63
CA VAL F 375 21.67 -19.62 -45.34
C VAL F 375 20.36 -20.39 -45.50
N PHE F 376 19.67 -20.61 -44.38
CA PHE F 376 18.44 -21.41 -44.40
C PHE F 376 17.39 -20.78 -45.31
N GLU F 377 17.17 -19.47 -45.16
CA GLU F 377 16.16 -18.81 -45.98
C GLU F 377 16.54 -18.81 -47.45
N ALA F 378 17.84 -18.68 -47.77
CA ALA F 378 18.27 -18.72 -49.16
C ALA F 378 18.07 -20.10 -49.75
N ASN F 379 18.10 -21.15 -48.93
CA ASN F 379 17.84 -22.50 -49.44
C ASN F 379 16.39 -22.94 -49.30
N ARG F 380 15.50 -22.10 -48.75
CA ARG F 380 14.10 -22.49 -48.59
C ARG F 380 13.42 -22.85 -49.91
N ASP F 381 13.27 -21.89 -50.83
CA ASP F 381 12.50 -22.14 -52.05
C ASP F 381 13.21 -23.06 -53.03
N SER F 382 14.50 -23.34 -52.84
CA SER F 382 15.24 -24.16 -53.79
C SER F 382 15.46 -25.59 -53.29
N ASN F 383 15.97 -25.76 -52.07
CA ASN F 383 16.22 -27.07 -51.51
C ASN F 383 15.17 -27.48 -50.50
N GLY F 384 14.09 -26.71 -50.37
CA GLY F 384 13.05 -27.02 -49.39
C GLY F 384 13.54 -27.06 -47.97
N VAL F 385 14.53 -26.23 -47.63
CA VAL F 385 15.10 -26.20 -46.28
C VAL F 385 14.25 -25.23 -45.46
N TRP F 386 13.67 -25.71 -44.36
CA TRP F 386 12.68 -24.95 -43.62
C TRP F 386 13.21 -24.60 -42.24
N TYR F 387 13.34 -23.31 -41.97
CA TYR F 387 13.81 -22.79 -40.69
C TYR F 387 12.64 -22.15 -39.93
N ALA F 388 12.53 -22.46 -38.65
CA ALA F 388 11.53 -21.90 -37.76
C ALA F 388 12.22 -21.18 -36.60
N PRO F 389 11.92 -19.91 -36.35
CA PRO F 389 12.62 -19.18 -35.29
C PRO F 389 12.20 -19.66 -33.92
N GLY F 390 13.03 -19.32 -32.94
CA GLY F 390 12.76 -19.74 -31.58
C GLY F 390 11.47 -19.17 -31.03
N LYS F 391 11.17 -17.91 -31.35
CA LYS F 391 9.98 -17.28 -30.80
C LYS F 391 8.71 -18.01 -31.20
N ALA F 392 8.76 -18.86 -32.23
CA ALA F 392 7.68 -19.76 -32.58
C ALA F 392 7.92 -21.18 -32.05
N ALA F 393 9.14 -21.70 -32.20
CA ALA F 393 9.36 -23.13 -31.97
C ALA F 393 9.43 -23.47 -30.48
N ASN F 394 10.02 -22.61 -29.66
CA ASN F 394 10.21 -22.93 -28.25
C ASN F 394 9.14 -22.30 -27.36
N CYS F 395 8.06 -21.77 -27.92
CA CYS F 395 7.05 -21.12 -27.10
C CYS F 395 6.28 -22.09 -26.23
N GLY F 396 6.54 -23.40 -26.32
CA GLY F 396 5.82 -24.33 -25.48
C GLY F 396 6.09 -24.13 -24.00
N GLY F 397 7.32 -23.77 -23.65
CA GLY F 397 7.65 -23.58 -22.25
C GLY F 397 6.83 -22.48 -21.61
N VAL F 398 6.81 -21.30 -22.24
CA VAL F 398 6.04 -20.20 -21.69
C VAL F 398 4.55 -20.49 -21.81
N ALA F 399 4.13 -21.29 -22.79
CA ALA F 399 2.74 -21.65 -22.91
C ALA F 399 2.29 -22.46 -21.69
N VAL F 400 3.08 -23.45 -21.32
CA VAL F 400 2.72 -24.26 -20.16
C VAL F 400 2.92 -23.46 -18.87
N SER F 401 3.83 -22.49 -18.85
CA SER F 401 3.90 -21.57 -17.72
C SER F 401 2.59 -20.78 -17.58
N GLY F 402 2.05 -20.29 -18.70
CA GLY F 402 0.76 -19.63 -18.65
C GLY F 402 -0.34 -20.55 -18.19
N LEU F 403 -0.26 -21.83 -18.57
CA LEU F 403 -1.21 -22.81 -18.05
C LEU F 403 -1.03 -23.03 -16.55
N GLU F 404 0.20 -22.96 -16.05
CA GLU F 404 0.43 -22.98 -14.62
C GLU F 404 -0.25 -21.79 -13.96
N MET F 405 -0.16 -20.62 -14.57
CA MET F 405 -0.84 -19.44 -14.06
C MET F 405 -2.35 -19.65 -14.05
N ALA F 406 -2.89 -20.28 -15.09
CA ALA F 406 -4.32 -20.53 -15.15
C ALA F 406 -4.75 -21.53 -14.07
N GLN F 407 -3.98 -22.60 -13.89
CA GLN F 407 -4.28 -23.57 -12.84
C GLN F 407 -4.23 -22.95 -11.46
N ASN F 408 -3.22 -22.12 -11.18
CA ASN F 408 -3.14 -21.44 -9.89
C ASN F 408 -4.34 -20.52 -9.70
N SER F 409 -4.66 -19.72 -10.72
CA SER F 409 -5.78 -18.79 -10.62
C SER F 409 -7.10 -19.53 -10.38
N GLN F 410 -7.27 -20.70 -10.98
CA GLN F 410 -8.47 -21.49 -10.77
C GLN F 410 -8.41 -22.34 -9.51
N ARG F 411 -7.26 -22.43 -8.86
CA ARG F 411 -7.08 -23.30 -7.69
C ARG F 411 -7.39 -24.74 -8.07
N VAL F 412 -6.83 -25.15 -9.21
CA VAL F 412 -6.96 -26.50 -9.73
C VAL F 412 -5.56 -26.92 -10.18
N GLN F 413 -5.37 -28.24 -10.29
CA GLN F 413 -4.18 -28.78 -10.93
C GLN F 413 -4.63 -29.84 -11.91
N TRP F 414 -4.18 -29.70 -13.16
CA TRP F 414 -4.63 -30.55 -14.24
C TRP F 414 -3.78 -31.81 -14.34
N THR F 415 -4.31 -32.79 -15.07
CA THR F 415 -3.62 -34.05 -15.25
C THR F 415 -2.50 -33.90 -16.28
N ASN F 416 -1.62 -34.91 -16.29
CA ASN F 416 -0.53 -34.91 -17.27
C ASN F 416 -1.08 -34.75 -18.69
N GLU F 417 -2.09 -35.56 -19.02
CA GLU F 417 -2.64 -35.59 -20.37
C GLU F 417 -3.32 -34.28 -20.74
N GLU F 418 -4.03 -33.67 -19.79
CA GLU F 418 -4.74 -32.44 -20.09
C GLU F 418 -3.78 -31.35 -20.52
N VAL F 419 -2.70 -31.16 -19.75
CA VAL F 419 -1.74 -30.12 -20.08
C VAL F 419 -0.96 -30.48 -21.34
N ASP F 420 -0.60 -31.75 -21.50
CA ASP F 420 0.12 -32.13 -22.72
C ASP F 420 -0.74 -31.85 -23.95
N ALA F 421 -2.05 -32.10 -23.86
CA ALA F 421 -2.93 -31.83 -24.98
C ALA F 421 -3.06 -30.34 -25.25
N LYS F 422 -3.19 -29.52 -24.20
CA LYS F 422 -3.26 -28.09 -24.41
C LYS F 422 -1.97 -27.57 -25.04
N LEU F 423 -0.84 -28.11 -24.62
CA LEU F 423 0.44 -27.74 -25.23
C LEU F 423 0.47 -28.08 -26.71
N LYS F 424 0.02 -29.30 -27.05
CA LYS F 424 -0.01 -29.72 -28.45
C LYS F 424 -0.86 -28.77 -29.29
N GLU F 425 -2.06 -28.45 -28.81
CA GLU F 425 -2.94 -27.56 -29.56
C GLU F 425 -2.34 -26.16 -29.69
N ILE F 426 -1.65 -25.69 -28.65
CA ILE F 426 -1.02 -24.38 -28.72
C ILE F 426 0.08 -24.37 -29.79
N MET F 427 0.91 -25.42 -29.80
CA MET F 427 1.99 -25.47 -30.78
C MET F 427 1.44 -25.58 -32.20
N TYR F 428 0.41 -26.40 -32.40
CA TYR F 428 -0.19 -26.53 -33.72
C TYR F 428 -0.81 -25.21 -34.17
N THR F 429 -1.53 -24.54 -33.26
CA THR F 429 -2.10 -23.23 -33.58
C THR F 429 -1.00 -22.25 -33.98
N CYS F 430 0.14 -22.30 -33.28
CA CYS F 430 1.24 -21.40 -33.61
C CYS F 430 1.79 -21.69 -35.00
N PHE F 431 1.98 -22.95 -35.33
CA PHE F 431 2.48 -23.26 -36.66
C PHE F 431 1.53 -22.77 -37.73
N GLU F 432 0.23 -23.05 -37.56
CA GLU F 432 -0.74 -22.63 -38.56
C GLU F 432 -0.78 -21.12 -38.70
N ASN F 433 -0.65 -20.40 -37.58
CA ASN F 433 -0.65 -18.94 -37.66
C ASN F 433 0.59 -18.44 -38.40
N CYS F 434 1.76 -19.01 -38.10
CA CYS F 434 2.97 -18.63 -38.83
C CYS F 434 2.79 -18.84 -40.33
N TYR F 435 2.30 -20.02 -40.72
CA TYR F 435 2.14 -20.36 -42.12
C TYR F 435 1.19 -19.39 -42.82
N LYS F 436 -0.02 -19.23 -42.27
CA LYS F 436 -1.03 -18.40 -42.91
C LYS F 436 -0.63 -16.93 -42.91
N THR F 437 0.02 -16.45 -41.84
CA THR F 437 0.44 -15.06 -41.80
C THR F 437 1.57 -14.78 -42.79
N ALA F 438 2.56 -15.66 -42.86
CA ALA F 438 3.63 -15.51 -43.86
C ALA F 438 3.05 -15.48 -45.27
N GLN F 439 2.08 -16.35 -45.56
CA GLN F 439 1.50 -16.34 -46.90
C GLN F 439 0.69 -15.07 -47.15
N LYS F 440 -0.06 -14.62 -46.16
CA LYS F 440 -0.95 -13.48 -46.35
C LYS F 440 -0.18 -12.20 -46.67
N TYR F 441 1.04 -12.06 -46.17
CA TYR F 441 1.80 -10.82 -46.31
C TYR F 441 3.10 -11.00 -47.07
N SER F 442 3.23 -12.03 -47.89
CA SER F 442 4.48 -12.27 -48.61
C SER F 442 4.57 -11.40 -49.86
N ILE F 443 5.73 -10.77 -50.08
CA ILE F 443 6.05 -10.14 -51.36
C ILE F 443 6.96 -11.02 -52.20
N GLU F 444 7.20 -12.27 -51.78
CA GLU F 444 7.83 -13.23 -52.68
C GLU F 444 6.82 -13.75 -53.70
N LYS F 445 5.59 -14.05 -53.24
CA LYS F 445 4.47 -14.43 -54.09
C LYS F 445 4.85 -15.54 -55.08
N ASN F 446 5.38 -16.62 -54.54
CA ASN F 446 5.64 -17.84 -55.32
C ASN F 446 4.54 -18.83 -55.02
N GLU F 447 3.75 -19.16 -56.06
CA GLU F 447 2.69 -20.15 -55.90
C GLU F 447 3.21 -21.43 -55.27
N ASN F 448 4.33 -21.93 -55.80
CA ASN F 448 5.02 -23.09 -55.25
C ASN F 448 6.21 -22.63 -54.41
N GLY F 449 6.50 -23.39 -53.36
CA GLY F 449 7.55 -23.04 -52.44
C GLY F 449 7.06 -22.97 -51.00
N LEU F 450 7.99 -23.06 -50.07
CA LEU F 450 7.66 -22.98 -48.64
C LEU F 450 7.63 -21.52 -48.20
N PRO F 451 6.58 -21.09 -47.50
CA PRO F 451 6.55 -19.71 -47.00
C PRO F 451 7.50 -19.56 -45.83
N SER F 452 7.93 -18.33 -45.60
CA SER F 452 8.95 -18.06 -44.59
C SER F 452 8.32 -18.14 -43.21
N LEU F 453 8.64 -19.19 -42.45
CA LEU F 453 8.12 -19.26 -41.09
C LEU F 453 8.71 -18.18 -40.22
N LEU F 454 9.95 -17.76 -40.51
CA LEU F 454 10.55 -16.64 -39.79
C LEU F 454 9.67 -15.39 -39.91
N LYS F 455 9.42 -14.96 -41.14
CA LYS F 455 8.58 -13.80 -41.37
C LYS F 455 7.20 -14.02 -40.80
N GLY F 456 6.67 -15.24 -40.93
CA GLY F 456 5.33 -15.52 -40.41
C GLY F 456 5.23 -15.27 -38.92
N ALA F 457 6.11 -15.89 -38.14
CA ALA F 457 6.09 -15.71 -36.70
C ALA F 457 6.28 -14.26 -36.32
N ASN F 458 7.31 -13.61 -36.90
CA ASN F 458 7.58 -12.23 -36.53
C ASN F 458 6.38 -11.33 -36.84
N ILE F 459 5.75 -11.53 -38.00
CA ILE F 459 4.67 -10.65 -38.41
C ILE F 459 3.41 -10.91 -37.60
N ALA F 460 3.08 -12.18 -37.35
CA ALA F 460 1.89 -12.48 -36.54
C ALA F 460 2.02 -11.90 -35.14
N GLY F 461 3.14 -12.19 -34.47
CA GLY F 461 3.35 -11.63 -33.14
C GLY F 461 3.33 -10.12 -33.14
N PHE F 462 4.02 -9.51 -34.11
CA PHE F 462 4.05 -8.06 -34.18
C PHE F 462 2.65 -7.50 -34.34
N ILE F 463 1.83 -8.12 -35.20
CA ILE F 463 0.49 -7.60 -35.44
C ILE F 463 -0.33 -7.63 -34.17
N LYS F 464 -0.31 -8.76 -33.46
CA LYS F 464 -1.12 -8.83 -32.24
C LYS F 464 -0.68 -7.77 -31.23
N VAL F 465 0.63 -7.69 -30.98
CA VAL F 465 1.12 -6.74 -29.99
C VAL F 465 0.79 -5.32 -30.41
N ALA F 466 0.93 -5.01 -31.70
CA ALA F 466 0.75 -3.63 -32.17
C ALA F 466 -0.72 -3.22 -32.10
N ASP F 467 -1.63 -4.12 -32.48
CA ASP F 467 -3.05 -3.81 -32.32
C ASP F 467 -3.37 -3.53 -30.86
N ALA F 468 -2.85 -4.35 -29.94
CA ALA F 468 -3.11 -4.10 -28.53
C ALA F 468 -2.54 -2.75 -28.09
N MET F 469 -1.36 -2.39 -28.59
CA MET F 469 -0.75 -1.13 -28.19
C MET F 469 -1.57 0.06 -28.69
N PHE F 470 -2.08 -0.03 -29.91
CA PHE F 470 -2.95 1.03 -30.42
C PHE F 470 -4.23 1.13 -29.60
N ASP F 471 -4.90 0.00 -29.33
CA ASP F 471 -6.13 0.03 -28.56
C ASP F 471 -5.92 0.68 -27.20
N GLN F 472 -4.80 0.41 -26.56
CA GLN F 472 -4.58 0.88 -25.20
C GLN F 472 -3.90 2.25 -25.15
N GLY F 473 -3.67 2.88 -26.30
CA GLY F 473 -3.07 4.19 -26.30
C GLY F 473 -1.59 4.22 -26.04
N ASP F 474 -0.90 3.07 -26.14
CA ASP F 474 0.56 3.06 -26.02
C ASP F 474 1.23 3.64 -27.26
N VAL F 475 0.52 3.68 -28.38
CA VAL F 475 0.97 4.31 -29.62
C VAL F 475 -0.22 5.06 -30.21
N PHE F 476 0.06 6.20 -30.84
CA PHE F 476 -1.01 6.97 -31.49
C PHE F 476 -0.51 7.80 -32.69
PA NDP G . -19.55 26.58 16.93
O1A NDP G . -18.53 26.63 18.09
O2A NDP G . -20.06 25.18 16.73
O5B NDP G . -20.75 27.59 17.21
C5B NDP G . -21.40 28.20 16.10
C4B NDP G . -22.35 29.32 16.52
O4B NDP G . -23.18 29.69 15.37
C3B NDP G . -23.30 28.85 17.64
O3B NDP G . -23.65 29.92 18.53
C2B NDP G . -24.52 28.45 16.85
O2B NDP G . -25.70 28.61 17.64
C1B NDP G . -24.53 29.46 15.71
N9A NDP G . -25.27 28.88 14.58
C8A NDP G . -24.89 27.66 14.21
N7A NDP G . -25.68 27.30 13.19
C5A NDP G . -26.54 28.29 12.92
C6A NDP G . -27.54 28.43 11.98
N6A NDP G . -27.79 27.45 11.11
N1A NDP G . -28.26 29.55 11.96
C2A NDP G . -27.99 30.53 12.85
N3A NDP G . -27.02 30.46 13.79
C4A NDP G . -26.29 29.32 13.82
O3 NDP G . -18.85 27.08 15.58
PN NDP G . -17.51 27.87 15.36
O1N NDP G . -16.38 26.90 15.37
O2N NDP G . -17.37 28.89 16.49
O5D NDP G . -17.50 28.63 13.96
C5D NDP G . -18.57 29.46 13.56
C4D NDP G . -18.15 30.11 12.27
O4D NDP G . -16.73 30.40 12.30
C3D NDP G . -18.33 29.15 11.09
O3D NDP G . -18.74 29.91 9.89
C2D NDP G . -16.92 28.56 10.91
O2D NDP G . -16.69 28.06 9.60
C1D NDP G . -16.09 29.81 11.19
N1N NDP G . -14.70 29.40 11.55
C2N NDP G . -14.43 28.50 12.60
C3N NDP G . -13.18 28.05 12.81
C7N NDP G . -12.86 27.24 14.04
O7N NDP G . -11.68 27.04 14.39
N7N NDP G . -13.88 26.76 14.76
C4N NDP G . -12.05 28.49 11.95
C5N NDP G . -12.39 29.64 11.07
C6N NDP G . -13.66 29.93 10.82
P2B NDP G . -26.16 27.40 18.56
O1X NDP G . -25.09 27.12 19.58
O2X NDP G . -27.46 27.66 19.22
O3X NDP G . -26.32 26.20 17.65
C1 AKG H . -11.93 27.27 8.54
O1 AKG H . -13.06 27.42 8.00
O2 AKG H . -10.97 28.02 8.23
C2 AKG H . -11.77 26.21 9.62
O5 AKG H . -12.69 25.48 9.94
C3 AKG H . -10.42 25.90 10.22
C4 AKG H . -9.58 25.30 9.15
C5 AKG H . -8.68 24.31 9.83
O3 AKG H . -8.32 24.52 11.02
O4 AKG H . -8.37 23.26 9.20
C1 GOL I . -10.97 23.51 15.54
O1 GOL I . -10.99 22.22 16.06
C2 GOL I . -11.97 24.39 16.38
O2 GOL I . -12.97 23.65 17.02
C3 GOL I . -11.09 25.25 17.37
O3 GOL I . -10.53 24.40 18.35
PA NDP J . -24.75 4.25 -27.52
O1A NDP J . -24.09 3.12 -28.36
O2A NDP J . -23.70 5.29 -27.20
O5B NDP J . -25.93 4.92 -28.34
C5B NDP J . -27.03 5.48 -27.62
C4B NDP J . -28.12 5.87 -28.61
O4B NDP J . -29.12 6.68 -27.94
C3B NDP J . -27.52 6.72 -29.75
O3B NDP J . -28.18 6.42 -30.99
C2B NDP J . -27.86 8.13 -29.31
O2B NDP J . -28.08 8.99 -30.45
C1B NDP J . -29.17 7.96 -28.54
N9A NDP J . -29.29 9.02 -27.52
C8A NDP J . -28.31 9.05 -26.62
N7A NDP J . -28.57 10.05 -25.78
C5A NDP J . -29.71 10.65 -26.15
C6A NDP J . -30.41 11.70 -25.64
N6A NDP J . -29.94 12.33 -24.55
N1A NDP J . -31.54 12.09 -26.22
C2A NDP J . -31.97 11.43 -27.31
N3A NDP J . -31.34 10.38 -27.87
C4A NDP J . -30.20 9.98 -27.28
O3 NDP J . -25.37 3.66 -26.16
PN NDP J . -25.66 2.18 -25.68
O1N NDP J . -24.41 1.57 -25.13
O2N NDP J . -26.10 1.37 -26.91
O5D NDP J . -26.79 2.13 -24.58
C5D NDP J . -27.83 3.10 -24.58
C4D NDP J . -28.85 2.74 -23.53
O4D NDP J . -28.73 1.34 -23.16
C3D NDP J . -28.55 3.51 -22.24
O3D NDP J . -29.77 3.69 -21.46
C2D NDP J . -27.60 2.54 -21.52
O2D NDP J . -27.56 2.83 -20.13
C1D NDP J . -28.34 1.23 -21.79
N1N NDP J . -27.49 0.01 -21.61
C2N NDP J . -26.24 -0.16 -22.23
C3N NDP J . -25.47 -1.23 -21.92
C7N NDP J . -24.25 -1.56 -22.75
O7N NDP J . -23.72 -2.67 -22.64
N7N NDP J . -23.76 -0.64 -23.58
C4N NDP J . -25.92 -2.24 -20.94
C5N NDP J . -27.34 -2.13 -20.57
C6N NDP J . -27.98 -0.98 -20.78
P2B NDP J . -26.82 9.61 -31.20
O1X NDP J . -25.95 10.26 -30.18
O2X NDP J . -26.05 8.53 -31.90
O3X NDP J . -27.28 10.64 -32.20
C1 AKG K . -26.02 -1.92 -17.52
O1 AKG K . -27.04 -1.23 -17.70
O2 AKG K . -26.08 -3.18 -17.39
C2 AKG K . -24.66 -1.24 -17.58
O5 AKG K . -24.58 -0.04 -17.86
C3 AKG K . -23.43 -2.01 -17.18
C4 AKG K . -22.45 -2.28 -18.29
C5 AKG K . -21.70 -3.53 -17.89
O3 AKG K . -21.17 -3.55 -16.75
O4 AKG K . -21.70 -4.55 -18.63
C1 GOL L . -20.40 -1.08 -24.42
O1 GOL L . -20.57 -1.94 -25.49
C2 GOL L . -19.49 -1.83 -23.42
O2 GOL L . -19.94 -1.69 -22.11
C3 GOL L . -18.06 -1.23 -23.62
O3 GOL L . -17.40 -1.99 -24.61
PA NDP M . 23.18 -4.42 28.66
O1A NDP M . 24.00 -3.21 28.16
O2A NDP M . 22.99 -5.41 27.52
O5B NDP M . 23.89 -5.05 29.93
C5B NDP M . 23.02 -5.65 30.90
C4B NDP M . 23.78 -5.98 32.19
O4B NDP M . 22.92 -6.71 33.11
C3B NDP M . 24.99 -6.86 31.89
O3B NDP M . 26.02 -6.52 32.82
C2B NDP M . 24.42 -8.24 32.14
O2B NDP M . 25.42 -9.18 32.57
C1B NDP M . 23.42 -8.01 33.27
N9A NDP M . 22.33 -8.98 33.19
C8A NDP M . 21.57 -8.93 32.09
N7A NDP M . 20.63 -9.89 32.21
C5A NDP M . 20.81 -10.52 33.38
C6A NDP M . 20.16 -11.55 34.01
N6A NDP M . 19.11 -12.14 33.43
N1A NDP M . 20.59 -11.98 35.20
C2A NDP M . 21.65 -11.37 35.77
N3A NDP M . 22.34 -10.36 35.23
C4A NDP M . 21.92 -9.93 34.02
O3 NDP M . 21.75 -3.96 29.19
PN NDP M . 21.18 -2.50 29.53
O1N NDP M . 20.76 -1.89 28.22
O2N NDP M . 22.25 -1.63 30.16
O5D NDP M . 19.91 -2.58 30.45
C5D NDP M . 19.98 -2.97 31.79
C4D NDP M . 18.62 -2.78 32.41
O4D NDP M . 18.18 -1.41 32.25
C3D NDP M . 17.53 -3.59 31.71
O3D NDP M . 16.52 -3.96 32.70
C2D NDP M . 16.91 -2.61 30.74
O2D NDP M . 15.57 -2.99 30.45
C1D NDP M . 16.90 -1.36 31.61
N1N NDP M . 16.81 -0.13 30.78
C2N NDP M . 17.59 0.04 29.62
C3N NDP M . 17.41 1.11 28.82
C7N NDP M . 18.39 1.41 27.71
O7N NDP M . 18.39 2.51 27.13
N7N NDP M . 19.28 0.48 27.38
C4N NDP M . 16.37 2.11 29.15
C5N NDP M . 15.80 1.97 30.50
C6N NDP M . 15.93 0.84 31.17
P2B NDP M . 26.44 -9.75 31.49
O1X NDP M . 27.27 -8.61 30.95
O2X NDP M . 27.34 -10.77 32.10
O3X NDP M . 25.62 -10.42 30.40
C1 AKG N . 13.34 2.16 27.90
O1 AKG N . 12.37 1.81 28.60
O2 AKG N . 13.69 3.37 27.86
C2 AKG N . 14.08 1.09 27.11
O5 AKG N . 14.58 0.15 27.71
C3 AKG N . 14.18 1.16 25.58
C4 AKG N . 13.12 2.09 25.00
C5 AKG N . 13.79 3.16 24.16
O3 AKG N . 14.75 3.82 24.64
O4 AKG N . 13.40 3.37 22.98
PA NDP O . -20.54 -25.69 17.15
O1A NDP O . -21.55 -25.72 15.99
O2A NDP O . -20.40 -24.28 17.70
O5B NDP O . -21.01 -26.72 18.26
C5B NDP O . -20.02 -27.41 19.02
C4B NDP O . -20.70 -28.51 19.84
O4B NDP O . -19.86 -28.97 20.92
C3B NDP O . -21.99 -27.97 20.45
O3B NDP O . -22.93 -29.04 20.63
C2B NDP O . -21.54 -27.55 21.82
O2B NDP O . -22.66 -27.75 22.71
C1B NDP O . -20.45 -28.56 22.15
N9A NDP O . -19.43 -27.98 23.02
C8A NDP O . -18.92 -26.82 22.61
N7A NDP O . -17.99 -26.46 23.53
C5A NDP O . -17.93 -27.40 24.48
C6A NDP O . -17.18 -27.53 25.64
N6A NDP O . -16.28 -26.61 25.98
N1A NDP O . -17.34 -28.60 26.41
C2A NDP O . -18.25 -29.54 26.05
N3A NDP O . -19.02 -29.48 24.95
C4A NDP O . -18.86 -28.39 24.15
O3 NDP O . -19.13 -26.24 16.67
PN NDP O . -18.78 -27.16 15.44
O1N NDP O . -18.69 -26.33 14.19
O2N NDP O . -19.92 -28.17 15.28
O5D NDP O . -17.42 -27.93 15.67
C5D NDP O . -17.15 -28.47 16.94
C4D NDP O . -15.91 -29.32 16.80
O4D NDP O . -15.79 -29.70 15.40
C3D NDP O . -14.64 -28.53 17.12
O3D NDP O . -13.59 -29.43 17.59
C2D NDP O . -14.27 -28.00 15.74
O2D NDP O . -12.89 -27.63 15.69
C1D NDP O . -14.52 -29.26 14.93
N1N NDP O . -14.58 -28.93 13.47
C2N NDP O . -15.47 -27.96 12.98
C3N NDP O . -15.40 -27.58 11.69
C7N NDP O . -16.67 -27.11 11.03
O7N NDP O . -16.72 -27.04 9.79
N7N NDP O . -17.70 -26.75 11.80
C4N NDP O . -14.38 -28.17 10.77
C5N NDP O . -13.71 -29.37 11.30
C6N NDP O . -13.73 -29.60 12.61
P2B NDP O . -23.37 -26.50 23.36
O1X NDP O . -24.08 -26.95 24.61
O2X NDP O . -24.36 -25.88 22.42
O3X NDP O . -22.31 -25.48 23.70
C1 AKG P . -11.18 -27.32 11.00
O1 AKG P . -11.36 -27.56 12.23
O2 AKG P . -10.54 -28.13 10.28
C2 AKG P . -11.76 -26.07 10.36
O5 AKG P . -12.39 -25.25 11.02
C3 AKG P . -11.61 -25.84 8.88
C4 AKG P . -11.22 -24.39 8.64
C5 AKG P . -11.90 -23.95 7.37
O3 AKG P . -13.00 -24.49 7.08
O4 AKG P . -11.42 -23.05 6.64
C1 GOL Q . -20.00 -23.59 9.57
O1 GOL Q . -20.66 -24.23 8.50
C2 GOL Q . -18.52 -23.42 9.13
O2 GOL Q . -17.63 -23.96 10.06
C3 GOL Q . -18.31 -21.87 8.92
O3 GOL Q . -19.48 -21.34 8.36
C1 GOL R . -3.39 -28.19 -5.94
O1 GOL R . -2.60 -28.53 -4.84
C2 GOL R . -4.89 -28.29 -5.51
O2 GOL R . -5.67 -28.82 -6.51
C3 GOL R . -5.33 -26.83 -5.12
O3 GOL R . -4.45 -25.91 -5.71
PA NDP S . 22.35 24.57 -16.94
O1A NDP S . 21.48 25.68 -16.31
O2A NDP S . 21.46 23.69 -17.78
O5B NDP S . 23.41 25.26 -17.89
C5B NDP S . 24.62 24.56 -18.14
C4B NDP S . 25.57 25.49 -18.88
O4B NDP S . 26.62 24.69 -19.48
C3B NDP S . 24.84 26.20 -20.02
O3B NDP S . 25.52 27.42 -20.36
C2B NDP S . 25.09 25.22 -21.16
O2B NDP S . 25.08 25.95 -22.39
C1B NDP S . 26.49 24.75 -20.88
N9A NDP S . 26.70 23.40 -21.41
C8A NDP S . 25.76 22.51 -21.11
N7A NDP S . 26.13 21.34 -21.67
C5A NDP S . 27.30 21.52 -22.32
C6A NDP S . 28.12 20.69 -23.05
N6A NDP S . 27.78 19.40 -23.23
N1A NDP S . 29.24 21.16 -23.57
C2A NDP S . 29.57 22.45 -23.38
N3A NDP S . 28.82 23.33 -22.68
C4A NDP S . 27.67 22.86 -22.15
O3 NDP S . 23.12 23.68 -15.85
PN NDP S . 23.70 23.94 -14.39
O1N NDP S . 22.56 23.84 -13.41
O2N NDP S . 24.30 25.35 -14.32
O5D NDP S . 24.83 22.90 -13.99
C5D NDP S . 25.90 22.68 -14.87
C4D NDP S . 26.94 21.78 -14.23
O4D NDP S . 27.03 22.08 -12.80
C3D NDP S . 26.54 20.31 -14.32
O3D NDP S . 27.71 19.45 -14.57
C2D NDP S . 25.99 20.03 -12.94
O2D NDP S . 26.10 18.63 -12.65
C1D NDP S . 26.91 20.88 -12.07
N1N NDP S . 26.28 21.15 -10.76
C2N NDP S . 25.05 21.83 -10.68
C3N NDP S . 24.42 21.93 -9.50
C7N NDP S . 23.12 22.66 -9.43
O7N NDP S . 22.66 23.00 -8.32
N7N NDP S . 22.51 22.89 -10.59
C4N NDP S . 25.01 21.37 -8.25
C5N NDP S . 26.41 20.94 -8.40
C6N NDP S . 26.92 20.73 -9.62
P2B NDP S . 23.69 26.12 -23.15
O1X NDP S . 22.73 26.89 -22.28
O2X NDP S . 23.93 26.87 -24.42
O3X NDP S . 23.14 24.75 -23.46
C1 AKG T . 24.60 18.12 -7.61
O1 AKG T . 25.15 18.52 -6.53
O2 AKG T . 25.32 17.82 -8.62
C2 AKG T . 23.09 18.01 -7.72
O5 AKG T . 22.50 18.48 -8.67
C3 AKG T . 22.36 17.26 -6.62
C4 AKG T . 20.85 17.42 -6.68
C5 AKG T . 20.38 18.47 -5.70
O3 AKG T . 19.54 18.17 -4.83
O4 AKG T . 20.86 19.64 -5.78
C1 GOL U . 18.56 23.29 -8.97
O1 GOL U . 17.20 23.03 -8.71
C2 GOL U . 18.62 24.10 -10.31
O2 GOL U . 19.11 25.39 -10.13
C3 GOL U . 19.50 23.26 -11.26
O3 GOL U . 19.74 24.03 -12.41
PA NDP V . 19.68 -25.09 -19.02
O1A NDP V . 18.83 -26.25 -18.48
O2A NDP V . 20.21 -24.25 -17.88
O5B NDP V . 20.88 -25.67 -19.87
C5B NDP V . 21.36 -24.93 -20.98
C4B NDP V . 22.31 -25.83 -21.77
O4B NDP V . 23.08 -25.05 -22.72
C3B NDP V . 23.30 -26.51 -20.82
O3B NDP V . 23.55 -27.84 -21.25
C2B NDP V . 24.57 -25.67 -20.99
O2B NDP V . 25.72 -26.54 -20.88
C1B NDP V . 24.45 -25.08 -22.39
N9A NDP V . 24.98 -23.71 -22.48
C8A NDP V . 24.37 -22.83 -21.68
N7A NDP V . 24.96 -21.64 -21.88
C5A NDP V . 25.93 -21.78 -22.79
C6A NDP V . 26.82 -20.89 -23.35
N6A NDP V . 26.82 -19.60 -22.99
N1A NDP V . 27.70 -21.32 -24.26
C2A NDP V . 27.68 -22.62 -24.60
N3A NDP V . 26.83 -23.54 -24.10
C4A NDP V . 25.95 -23.12 -23.19
O3 NDP V . 18.77 -24.21 -19.98
PN NDP V . 17.45 -24.59 -20.78
O1N NDP V . 16.27 -24.47 -19.84
O2N NDP V . 17.54 -26.02 -21.31
O5D NDP V . 17.30 -23.58 -22.01
C5D NDP V . 18.40 -23.41 -22.89
C4D NDP V . 17.99 -22.54 -24.07
O4D NDP V . 16.57 -22.67 -24.31
C3D NDP V . 18.23 -21.07 -23.75
O3D NDP V . 18.60 -20.30 -24.94
C2D NDP V . 16.87 -20.60 -23.24
O2D NDP V . 16.73 -19.19 -23.47
C1D NDP V . 15.94 -21.42 -24.15
N1N NDP V . 14.60 -21.65 -23.54
C2N NDP V . 14.45 -22.25 -22.27
C3N NDP V . 13.24 -22.30 -21.67
C7N NDP V . 13.02 -23.12 -20.44
O7N NDP V . 11.86 -23.34 -20.04
N7N NDP V . 14.08 -23.64 -19.81
C4N NDP V . 12.04 -21.75 -22.36
C5N NDP V . 12.26 -21.46 -23.80
C6N NDP V . 13.50 -21.28 -24.26
P2B NDP V . 26.24 -26.94 -19.43
O1X NDP V . 25.17 -26.66 -18.41
O2X NDP V . 26.55 -28.40 -19.35
O3X NDP V . 27.48 -26.14 -19.12
C1 AKG W . 11.28 -18.22 -22.13
O1 AKG W . 10.27 -18.31 -22.89
O2 AKG W . 12.26 -17.53 -22.49
C2 AKG W . 11.32 -18.95 -20.79
O5 AKG W . 12.37 -19.31 -20.27
C3 AKG W . 9.98 -19.26 -20.14
C4 AKG W . 9.27 -17.99 -19.74
C5 AKG W . 8.38 -18.28 -18.54
O3 AKG W . 7.95 -17.32 -17.84
O4 AKG W . 8.11 -19.48 -18.25
#